data_6WHL
#
_entry.id   6WHL
#
_cell.length_a   80.222
_cell.length_b   178.196
_cell.length_c   143.749
_cell.angle_alpha   90.000
_cell.angle_beta   97.038
_cell.angle_gamma   90.000
#
_symmetry.space_group_name_H-M   'P 1 21 1'
#
loop_
_entity.id
_entity.type
_entity.pdbx_description
1 polymer Beta-lactamase
2 non-polymer GLYCEROL
3 water water
#
_entity_poly.entity_id   1
_entity_poly.type   'polypeptide(L)'
_entity_poly.pdbx_seq_one_letter_code
;SNAQDTCFLAKENQTVLKREGNDCDQRYSPASTF(KCX)IALSL(MSE)GFDSGILKDELHPEWPYKKEYELYLNVWKYP
QNPHTWIRDSCVWYSQALTRQLG(MSE)KRFKGYVDAFHYGNQDVSGDKGQNNGLTHAWLSSSLSISPTEQIQFLQKIIY
KKLPVSQKAYT(MSE)TKNI(MSE)YIQELPGGWKLYGKTGTGRQLTKDKSQKLPLQHGWFVGWIEKDERVITFAKHIAD
SKENTTFASFRAKNDTLIQLFNLINELEK
;
_entity_poly.pdbx_strand_id   A,B,C,D,E,F,G,H,I,J,K,L
#
loop_
_chem_comp.id
_chem_comp.type
_chem_comp.name
_chem_comp.formula
GOL non-polymer GLYCEROL 'C3 H8 O3'
#
# COMPACT_ATOMS: atom_id res chain seq x y z
N GLN A 4 -2.88 -40.18 29.67
CA GLN A 4 -1.97 -41.01 30.45
C GLN A 4 -2.58 -41.42 31.81
N ASP A 5 -3.43 -42.44 31.80
CA ASP A 5 -4.05 -42.99 33.00
C ASP A 5 -3.29 -44.25 33.41
N THR A 6 -2.77 -44.26 34.64
CA THR A 6 -1.98 -45.41 35.07
C THR A 6 -2.33 -45.75 36.52
N CYS A 7 -1.72 -46.84 36.98
CA CYS A 7 -1.93 -47.34 38.34
C CYS A 7 -0.86 -48.38 38.68
N PHE A 8 -0.16 -48.17 39.80
CA PHE A 8 0.72 -49.20 40.36
C PHE A 8 0.32 -49.47 41.81
N LEU A 9 0.09 -50.75 42.13
CA LEU A 9 -0.24 -51.22 43.47
C LEU A 9 0.69 -52.36 43.84
N ALA A 10 1.24 -52.31 45.05
CA ALA A 10 1.97 -53.44 45.62
C ALA A 10 1.57 -53.57 47.08
N LYS A 11 1.44 -54.81 47.53
CA LYS A 11 0.81 -55.11 48.81
C LYS A 11 1.39 -56.38 49.39
N GLU A 12 1.87 -56.30 50.63
CA GLU A 12 2.38 -57.43 51.39
C GLU A 12 1.43 -57.74 52.53
N ASN A 13 0.82 -58.93 52.47
CA ASN A 13 -0.19 -59.34 53.45
C ASN A 13 -1.31 -58.31 53.49
N GLN A 14 -1.43 -57.56 54.57
CA GLN A 14 -2.50 -56.56 54.66
C GLN A 14 -2.01 -55.13 54.46
N THR A 15 -0.71 -54.94 54.26
CA THR A 15 -0.10 -53.63 54.15
C THR A 15 0.10 -53.28 52.68
N VAL A 16 -0.25 -52.05 52.30
CA VAL A 16 -0.02 -51.54 50.95
C VAL A 16 1.35 -50.85 50.96
N LEU A 17 2.31 -51.42 50.23
CA LEU A 17 3.66 -50.85 50.20
C LEU A 17 3.79 -49.72 49.17
N LYS A 18 3.00 -49.74 48.10
CA LYS A 18 3.08 -48.74 47.03
C LYS A 18 1.69 -48.56 46.45
N ARG A 19 1.38 -47.31 46.07
CA ARG A 19 0.09 -46.99 45.45
C ARG A 19 0.31 -45.72 44.63
N GLU A 20 0.47 -45.87 43.31
CA GLU A 20 0.78 -44.77 42.42
C GLU A 20 -0.26 -44.67 41.31
N GLY A 21 -0.58 -43.45 40.93
CA GLY A 21 -1.51 -43.20 39.83
C GLY A 21 -2.91 -42.92 40.32
N ASN A 22 -3.78 -42.65 39.35
CA ASN A 22 -5.14 -42.21 39.61
C ASN A 22 -6.20 -43.25 39.33
N ASP A 23 -5.85 -44.38 38.73
CA ASP A 23 -6.83 -45.32 38.19
C ASP A 23 -6.95 -46.61 38.99
N CYS A 24 -6.61 -46.57 40.29
CA CYS A 24 -6.56 -47.79 41.08
C CYS A 24 -7.92 -48.48 41.16
N ASP A 25 -9.01 -47.71 41.10
CA ASP A 25 -10.35 -48.26 41.28
C ASP A 25 -11.17 -48.26 40.00
N GLN A 26 -10.57 -47.92 38.86
CA GLN A 26 -11.25 -47.97 37.58
C GLN A 26 -11.18 -49.38 37.01
N ARG A 27 -12.31 -49.88 36.53
CA ARG A 27 -12.35 -51.23 35.99
C ARG A 27 -12.05 -51.23 34.50
N TYR A 28 -11.27 -52.21 34.07
CA TYR A 28 -10.97 -52.47 32.67
C TYR A 28 -11.06 -53.97 32.39
N SER A 29 -11.34 -54.31 31.13
CA SER A 29 -11.15 -55.66 30.63
C SER A 29 -9.87 -56.29 31.16
N PRO A 30 -9.91 -57.52 31.66
CA PRO A 30 -8.67 -58.16 32.15
C PRO A 30 -7.73 -58.53 31.03
N ALA A 31 -8.23 -58.61 29.79
CA ALA A 31 -7.46 -59.12 28.67
C ALA A 31 -6.82 -60.46 29.04
N SER A 32 -5.55 -60.67 28.71
CA SER A 32 -4.96 -61.98 28.98
C SER A 32 -4.68 -62.23 30.45
N THR A 33 -4.85 -61.24 31.34
CA THR A 33 -4.60 -61.56 32.74
C THR A 33 -5.67 -62.49 33.29
N PHE A 34 -6.79 -62.64 32.57
CA PHE A 34 -7.81 -63.61 32.91
C PHE A 34 -7.31 -65.04 32.84
N KCX A 35 -6.19 -65.26 32.16
CA KCX A 35 -5.65 -66.61 32.04
CB KCX A 35 -4.46 -66.65 31.10
CG KCX A 35 -4.82 -66.60 29.62
CD KCX A 35 -3.56 -66.76 28.75
CE KCX A 35 -3.67 -66.08 27.37
NZ KCX A 35 -5.00 -66.34 26.92
C KCX A 35 -5.28 -67.16 33.42
O KCX A 35 -5.32 -68.36 33.63
CX KCX A 35 -5.86 -65.41 26.52
OQ1 KCX A 35 -5.59 -64.20 26.42
OQ2 KCX A 35 -6.97 -65.84 26.23
N ILE A 36 -4.97 -66.27 34.37
CA ILE A 36 -4.74 -66.73 35.73
C ILE A 36 -6.00 -67.40 36.26
N ALA A 37 -7.15 -66.73 36.10
CA ALA A 37 -8.41 -67.34 36.53
C ALA A 37 -8.72 -68.60 35.71
N LEU A 38 -8.40 -68.59 34.41
CA LEU A 38 -8.67 -69.77 33.58
C LEU A 38 -7.80 -70.95 34.01
N SER A 39 -6.55 -70.69 34.42
CA SER A 39 -5.71 -71.78 34.91
C SER A 39 -6.31 -72.42 36.17
N LEU A 40 -6.82 -71.59 37.08
CA LEU A 40 -7.41 -72.13 38.31
C LEU A 40 -8.65 -72.96 38.00
N MSE A 41 -9.51 -72.48 37.10
CA MSE A 41 -10.66 -73.28 36.67
C MSE A 41 -10.24 -74.57 35.96
O MSE A 41 -10.82 -75.62 36.18
CB MSE A 41 -11.55 -72.49 35.73
CG MSE A 41 -11.96 -71.15 36.19
SE MSE A 41 -13.01 -70.36 34.75
CE MSE A 41 -13.00 -68.54 35.46
N GLY A 42 -9.26 -74.46 35.05
CA GLY A 42 -8.87 -75.63 34.27
C GLY A 42 -8.33 -76.76 35.12
N PHE A 43 -7.43 -76.44 36.05
CA PHE A 43 -6.85 -77.48 36.89
C PHE A 43 -7.82 -77.92 37.97
N ASP A 44 -8.74 -77.04 38.40
CA ASP A 44 -9.69 -77.47 39.42
C ASP A 44 -10.77 -78.37 38.83
N SER A 45 -11.19 -78.10 37.59
CA SER A 45 -12.20 -78.93 36.91
C SER A 45 -11.63 -80.23 36.37
N GLY A 46 -10.30 -80.37 36.31
CA GLY A 46 -9.68 -81.58 35.80
C GLY A 46 -9.41 -81.60 34.31
N ILE A 47 -9.73 -80.53 33.59
CA ILE A 47 -9.49 -80.46 32.15
C ILE A 47 -8.02 -80.28 31.85
N LEU A 48 -7.34 -79.46 32.65
CA LEU A 48 -5.89 -79.38 32.61
C LEU A 48 -5.32 -80.33 33.64
N LYS A 49 -4.28 -81.09 33.26
CA LYS A 49 -3.77 -82.17 34.11
C LYS A 49 -2.49 -81.79 34.82
N ASP A 50 -1.52 -81.21 34.10
CA ASP A 50 -0.27 -80.74 34.70
C ASP A 50 0.33 -79.71 33.74
N GLU A 51 1.59 -79.34 33.97
CA GLU A 51 2.16 -78.24 33.20
C GLU A 51 2.27 -78.57 31.71
N LEU A 52 2.43 -79.86 31.37
CA LEU A 52 2.64 -80.25 29.98
C LEU A 52 1.43 -80.97 29.37
N HIS A 53 0.31 -81.05 30.09
CA HIS A 53 -0.84 -81.83 29.62
C HIS A 53 -2.14 -81.14 30.02
N PRO A 54 -3.14 -81.13 29.14
CA PRO A 54 -3.11 -81.76 27.82
C PRO A 54 -2.44 -80.86 26.76
N GLU A 55 -1.88 -81.48 25.73
CA GLU A 55 -1.35 -80.77 24.58
C GLU A 55 -2.38 -80.81 23.47
N TRP A 56 -2.69 -79.65 22.90
CA TRP A 56 -3.75 -79.59 21.90
C TRP A 56 -3.19 -79.06 20.59
N PRO A 57 -3.66 -79.56 19.46
CA PRO A 57 -3.06 -79.19 18.17
C PRO A 57 -3.59 -77.87 17.67
N TYR A 58 -2.76 -77.19 16.88
CA TYR A 58 -3.22 -76.00 16.19
C TYR A 58 -4.16 -76.40 15.05
N LYS A 59 -5.28 -75.68 14.93
CA LYS A 59 -6.23 -75.85 13.84
C LYS A 59 -6.16 -74.63 12.93
N LYS A 60 -6.32 -74.84 11.62
CA LYS A 60 -6.25 -73.74 10.67
C LYS A 60 -7.31 -72.67 10.93
N GLU A 61 -8.41 -73.04 11.59
CA GLU A 61 -9.48 -72.08 11.84
C GLU A 61 -9.09 -71.03 12.86
N TYR A 62 -8.15 -71.34 13.74
CA TYR A 62 -7.72 -70.40 14.77
C TYR A 62 -7.00 -69.21 14.16
N GLU A 63 -7.43 -68.00 14.51
CA GLU A 63 -6.72 -66.80 14.09
C GLU A 63 -5.28 -66.81 14.60
N LEU A 64 -4.34 -66.56 13.69
CA LEU A 64 -2.90 -66.66 13.97
C LEU A 64 -2.33 -65.25 14.09
N TYR A 65 -2.76 -64.55 15.15
CA TYR A 65 -2.32 -63.18 15.37
C TYR A 65 -0.84 -63.12 15.74
N LEU A 66 -0.33 -64.13 16.42
CA LEU A 66 1.10 -64.28 16.69
C LEU A 66 1.55 -65.60 16.11
N ASN A 67 2.68 -65.56 15.40
CA ASN A 67 3.14 -66.75 14.70
C ASN A 67 3.47 -67.91 15.64
N VAL A 68 3.93 -67.62 16.86
CA VAL A 68 4.22 -68.72 17.76
C VAL A 68 2.97 -69.50 18.16
N TRP A 69 1.78 -68.99 17.86
CA TRP A 69 0.56 -69.75 18.16
C TRP A 69 0.31 -70.89 17.19
N LYS A 70 1.17 -71.09 16.19
CA LYS A 70 0.97 -72.16 15.21
C LYS A 70 1.43 -73.53 15.70
N TYR A 71 2.20 -73.60 16.79
CA TYR A 71 2.75 -74.79 17.43
C TYR A 71 1.73 -75.43 18.39
N PRO A 72 1.81 -76.76 18.60
CA PRO A 72 0.96 -77.38 19.61
C PRO A 72 1.16 -76.68 20.95
N GLN A 73 0.08 -76.59 21.73
CA GLN A 73 0.08 -75.81 22.96
C GLN A 73 -0.29 -76.72 24.13
N ASN A 74 0.37 -76.46 25.27
CA ASN A 74 0.07 -77.08 26.55
C ASN A 74 -0.02 -75.98 27.59
N PRO A 75 -0.40 -76.29 28.84
CA PRO A 75 -0.60 -75.18 29.81
C PRO A 75 0.61 -74.28 29.99
N HIS A 76 1.82 -74.86 30.00
CA HIS A 76 3.03 -74.08 30.13
C HIS A 76 3.19 -73.09 28.97
N THR A 77 3.12 -73.57 27.73
CA THR A 77 3.25 -72.68 26.58
C THR A 77 2.05 -71.73 26.47
N TRP A 78 0.90 -72.15 26.98
CA TRP A 78 -0.29 -71.31 26.94
C TRP A 78 -0.04 -70.00 27.66
N ILE A 79 0.44 -70.06 28.90
CA ILE A 79 0.77 -68.84 29.62
C ILE A 79 1.90 -68.09 28.92
N ARG A 80 2.99 -68.80 28.63
CA ARG A 80 4.18 -68.15 28.09
C ARG A 80 3.91 -67.46 26.75
N ASP A 81 3.14 -68.10 25.87
CA ASP A 81 2.84 -67.51 24.58
C ASP A 81 1.56 -66.70 24.59
N SER A 82 0.82 -66.72 25.70
CA SER A 82 -0.48 -66.04 25.82
C SER A 82 -1.41 -66.44 24.68
N CYS A 83 -1.56 -67.75 24.51
CA CYS A 83 -2.22 -68.31 23.34
C CYS A 83 -3.73 -68.20 23.51
N VAL A 84 -4.37 -67.32 22.74
CA VAL A 84 -5.81 -67.10 22.90
C VAL A 84 -6.60 -68.36 22.57
N TRP A 85 -6.25 -69.07 21.51
CA TRP A 85 -7.11 -70.18 21.10
C TRP A 85 -7.10 -71.33 22.12
N TYR A 86 -6.00 -71.47 22.86
CA TYR A 86 -5.97 -72.46 23.93
C TYR A 86 -6.99 -72.13 25.01
N SER A 87 -7.05 -70.84 25.41
CA SER A 87 -8.07 -70.39 26.35
C SER A 87 -9.48 -70.70 25.85
N GLN A 88 -9.73 -70.45 24.57
CA GLN A 88 -11.07 -70.69 24.06
C GLN A 88 -11.38 -72.18 23.96
N ALA A 89 -10.38 -73.01 23.65
CA ALA A 89 -10.66 -74.45 23.67
C ALA A 89 -11.01 -74.90 25.08
N LEU A 90 -10.38 -74.30 26.08
CA LEU A 90 -10.61 -74.68 27.47
C LEU A 90 -12.02 -74.30 27.92
N THR A 91 -12.43 -73.05 27.66
CA THR A 91 -13.77 -72.63 28.10
C THR A 91 -14.87 -73.41 27.39
N ARG A 92 -14.68 -73.77 26.12
CA ARG A 92 -15.68 -74.58 25.44
C ARG A 92 -15.86 -75.93 26.12
N GLN A 93 -14.80 -76.48 26.70
CA GLN A 93 -14.95 -77.71 27.48
C GLN A 93 -15.58 -77.47 28.84
N LEU A 94 -15.30 -76.33 29.47
CA LEU A 94 -15.94 -76.01 30.73
C LEU A 94 -17.45 -75.92 30.56
N GLY A 95 -17.90 -75.29 29.48
CA GLY A 95 -19.29 -74.94 29.30
C GLY A 95 -19.67 -73.66 30.04
N MSE A 96 -20.81 -73.10 29.65
CA MSE A 96 -21.22 -71.81 30.21
C MSE A 96 -21.57 -71.90 31.70
O MSE A 96 -21.28 -70.99 32.47
CB MSE A 96 -22.39 -71.21 29.43
CG MSE A 96 -22.83 -69.82 29.95
SE MSE A 96 -21.36 -68.50 30.20
CE MSE A 96 -21.48 -67.55 28.50
N LYS A 97 -22.20 -73.02 32.09
CA LYS A 97 -22.62 -73.19 33.48
C LYS A 97 -21.41 -73.15 34.43
N ARG A 98 -20.40 -73.98 34.14
CA ARG A 98 -19.25 -74.04 35.03
C ARG A 98 -18.42 -72.76 34.95
N PHE A 99 -18.33 -72.19 33.76
CA PHE A 99 -17.55 -70.97 33.58
C PHE A 99 -18.15 -69.81 34.37
N LYS A 100 -19.47 -69.63 34.28
CA LYS A 100 -20.13 -68.62 35.10
C LYS A 100 -19.99 -68.94 36.58
N GLY A 101 -20.05 -70.23 36.94
CA GLY A 101 -19.93 -70.60 38.34
C GLY A 101 -18.61 -70.20 38.93
N TYR A 102 -17.50 -70.48 38.23
CA TYR A 102 -16.18 -70.09 38.73
C TYR A 102 -16.03 -68.58 38.78
N VAL A 103 -16.48 -67.88 37.73
CA VAL A 103 -16.38 -66.42 37.71
C VAL A 103 -17.11 -65.82 38.92
N ASP A 104 -18.28 -66.37 39.25
CA ASP A 104 -18.99 -65.89 40.44
C ASP A 104 -18.32 -66.35 41.72
N ALA A 105 -17.90 -67.61 41.80
CA ALA A 105 -17.24 -68.09 43.02
C ALA A 105 -15.94 -67.33 43.28
N PHE A 106 -15.21 -66.96 42.23
CA PHE A 106 -14.00 -66.16 42.36
C PHE A 106 -14.29 -64.70 42.70
N HIS A 107 -15.54 -64.26 42.57
CA HIS A 107 -15.93 -62.85 42.72
C HIS A 107 -15.05 -61.95 41.87
N TYR A 108 -14.93 -62.33 40.60
CA TYR A 108 -13.96 -61.72 39.69
C TYR A 108 -14.55 -60.46 39.09
N GLY A 109 -14.19 -59.31 39.65
CA GLY A 109 -14.60 -58.04 39.04
C GLY A 109 -16.11 -57.91 38.90
N ASN A 110 -16.54 -57.34 37.78
CA ASN A 110 -17.98 -57.15 37.56
C ASN A 110 -18.73 -58.44 37.28
N GLN A 111 -18.02 -59.54 37.04
CA GLN A 111 -18.59 -60.88 36.85
C GLN A 111 -19.48 -60.99 35.61
N ASP A 112 -19.36 -60.07 34.66
CA ASP A 112 -20.20 -60.04 33.47
C ASP A 112 -19.56 -60.90 32.39
N VAL A 113 -20.20 -62.02 32.04
CA VAL A 113 -19.66 -62.88 30.99
C VAL A 113 -20.61 -62.97 29.80
N SER A 114 -21.34 -61.89 29.50
CA SER A 114 -22.25 -61.92 28.36
C SER A 114 -21.55 -61.80 27.01
N GLY A 115 -20.37 -61.20 26.96
CA GLY A 115 -19.64 -61.09 25.70
C GLY A 115 -19.87 -59.78 24.97
N ASP A 116 -19.43 -59.77 23.70
CA ASP A 116 -19.68 -58.64 22.81
C ASP A 116 -21.19 -58.43 22.61
N LYS A 117 -21.64 -57.20 22.79
CA LYS A 117 -23.05 -56.85 22.61
C LYS A 117 -23.58 -57.37 21.28
N GLY A 118 -24.58 -58.24 21.34
CA GLY A 118 -25.19 -58.77 20.15
C GLY A 118 -24.69 -60.12 19.65
N GLN A 119 -23.80 -60.79 20.38
CA GLN A 119 -23.43 -62.15 20.04
C GLN A 119 -23.34 -62.95 21.32
N ASN A 120 -23.92 -64.16 21.32
CA ASN A 120 -23.76 -65.07 22.45
C ASN A 120 -22.37 -65.73 22.33
N ASN A 121 -21.35 -64.89 22.53
CA ASN A 121 -19.96 -65.34 22.44
C ASN A 121 -19.22 -65.12 23.76
N GLY A 122 -19.95 -64.91 24.85
CA GLY A 122 -19.31 -64.62 26.12
C GLY A 122 -18.40 -65.73 26.60
N LEU A 123 -18.69 -66.97 26.22
CA LEU A 123 -17.91 -68.09 26.71
C LEU A 123 -16.48 -68.04 26.18
N THR A 124 -16.29 -67.49 24.98
CA THR A 124 -14.98 -67.46 24.36
C THR A 124 -14.43 -66.05 24.14
N HIS A 125 -15.15 -65.01 24.57
CA HIS A 125 -14.75 -63.64 24.31
C HIS A 125 -14.95 -62.70 25.49
N ALA A 126 -15.53 -63.15 26.61
CA ALA A 126 -15.88 -62.24 27.70
C ALA A 126 -14.68 -61.46 28.22
N TRP A 127 -13.50 -62.08 28.26
CA TRP A 127 -12.32 -61.39 28.78
C TRP A 127 -11.54 -60.61 27.73
N LEU A 128 -11.88 -60.73 26.44
CA LEU A 128 -11.12 -60.11 25.35
C LEU A 128 -11.76 -58.79 24.95
N SER A 129 -11.56 -57.78 25.80
CA SER A 129 -12.11 -56.43 25.59
C SER A 129 -13.61 -56.50 25.29
N SER A 130 -14.35 -57.14 26.19
CA SER A 130 -15.80 -57.30 26.13
C SER A 130 -16.43 -56.88 27.44
N SER A 131 -17.29 -57.76 27.96
CA SER A 131 -18.13 -57.44 29.11
C SER A 131 -17.35 -57.51 30.42
N LEU A 132 -16.52 -58.53 30.58
CA LEU A 132 -15.81 -58.73 31.83
C LEU A 132 -14.88 -57.55 32.12
N SER A 133 -14.88 -57.11 33.37
CA SER A 133 -14.16 -55.89 33.72
C SER A 133 -13.69 -55.99 35.16
N ILE A 134 -12.51 -55.44 35.46
CA ILE A 134 -11.94 -55.58 36.80
C ILE A 134 -10.95 -54.45 37.02
N SER A 135 -10.82 -54.02 38.27
CA SER A 135 -9.93 -52.91 38.60
C SER A 135 -8.61 -53.42 39.14
N PRO A 136 -7.56 -52.58 39.15
CA PRO A 136 -6.31 -52.99 39.79
C PRO A 136 -6.46 -53.37 41.25
N THR A 137 -7.25 -52.61 42.01
CA THR A 137 -7.52 -52.96 43.41
C THR A 137 -8.14 -54.34 43.52
N GLU A 138 -9.08 -54.66 42.62
CA GLU A 138 -9.68 -55.99 42.61
C GLU A 138 -8.68 -57.06 42.16
N GLN A 139 -7.79 -56.75 41.20
CA GLN A 139 -6.75 -57.70 40.83
C GLN A 139 -5.89 -58.08 42.03
N ILE A 140 -5.55 -57.10 42.87
CA ILE A 140 -4.81 -57.38 44.10
C ILE A 140 -5.61 -58.30 45.00
N GLN A 141 -6.89 -57.98 45.21
CA GLN A 141 -7.72 -58.86 46.04
C GLN A 141 -7.71 -60.27 45.48
N PHE A 142 -7.93 -60.41 44.17
CA PHE A 142 -8.00 -61.75 43.58
C PHE A 142 -6.67 -62.49 43.70
N LEU A 143 -5.55 -61.81 43.48
CA LEU A 143 -4.25 -62.46 43.64
C LEU A 143 -3.99 -62.82 45.10
N GLN A 144 -4.42 -61.99 46.04
CA GLN A 144 -4.23 -62.32 47.45
C GLN A 144 -5.03 -63.56 47.83
N LYS A 145 -6.22 -63.74 47.27
CA LYS A 145 -6.97 -64.96 47.49
C LYS A 145 -6.27 -66.19 46.90
N ILE A 146 -5.36 -65.99 45.95
CA ILE A 146 -4.56 -67.11 45.46
C ILE A 146 -3.42 -67.39 46.42
N ILE A 147 -2.77 -66.35 46.92
CA ILE A 147 -1.60 -66.54 47.76
C ILE A 147 -2.00 -67.16 49.10
N TYR A 148 -3.16 -66.76 49.63
CA TYR A 148 -3.63 -67.23 50.93
C TYR A 148 -4.67 -68.34 50.82
N LYS A 149 -4.86 -68.88 49.60
CA LYS A 149 -5.70 -70.05 49.36
C LYS A 149 -7.11 -69.84 49.91
N LYS A 150 -7.70 -68.71 49.55
CA LYS A 150 -9.05 -68.34 49.98
C LYS A 150 -10.10 -68.52 48.89
N LEU A 151 -9.76 -69.22 47.80
CA LEU A 151 -10.68 -69.52 46.70
C LEU A 151 -11.18 -70.95 46.79
N PRO A 152 -12.35 -71.26 46.21
CA PRO A 152 -12.88 -72.63 46.26
C PRO A 152 -12.35 -73.52 45.14
N VAL A 153 -11.03 -73.76 45.14
CA VAL A 153 -10.39 -74.68 44.21
C VAL A 153 -9.47 -75.61 45.00
N SER A 154 -8.97 -76.65 44.32
CA SER A 154 -8.17 -77.67 44.97
C SER A 154 -6.70 -77.25 45.10
N GLN A 155 -5.96 -78.00 45.92
CA GLN A 155 -4.52 -77.75 46.10
C GLN A 155 -3.77 -77.84 44.78
N LYS A 156 -4.10 -78.83 43.95
CA LYS A 156 -3.44 -78.98 42.66
C LYS A 156 -3.63 -77.76 41.77
N ALA A 157 -4.77 -77.09 41.87
CA ALA A 157 -4.98 -75.90 41.05
C ALA A 157 -4.07 -74.75 41.49
N TYR A 158 -3.93 -74.54 42.80
CA TYR A 158 -2.95 -73.57 43.29
C TYR A 158 -1.55 -73.92 42.82
N THR A 159 -1.15 -75.19 42.98
CA THR A 159 0.23 -75.57 42.67
C THR A 159 0.53 -75.42 41.18
N MSE A 160 -0.35 -75.94 40.31
CA MSE A 160 -0.11 -75.90 38.87
C MSE A 160 -0.18 -74.49 38.27
O MSE A 160 0.64 -74.12 37.42
CB MSE A 160 -1.12 -76.82 38.17
CG MSE A 160 -0.89 -78.29 38.45
SE MSE A 160 0.90 -78.95 37.86
CE MSE A 160 1.84 -78.98 39.56
N THR A 161 -1.16 -73.69 38.71
CA THR A 161 -1.24 -72.31 38.25
C THR A 161 0.01 -71.53 38.64
N LYS A 162 0.49 -71.72 39.86
CA LYS A 162 1.73 -71.06 40.26
C LYS A 162 2.90 -71.48 39.37
N ASN A 163 2.99 -72.78 39.07
CA ASN A 163 4.12 -73.28 38.27
C ASN A 163 4.19 -72.63 36.89
N ILE A 164 3.04 -72.51 36.20
CA ILE A 164 3.06 -71.97 34.84
C ILE A 164 3.01 -70.45 34.78
N MSE A 165 2.90 -69.76 35.91
CA MSE A 165 2.99 -68.29 35.91
C MSE A 165 4.39 -67.81 36.21
O MSE A 165 4.62 -66.60 36.23
CB MSE A 165 2.03 -67.70 36.94
CG MSE A 165 0.56 -67.71 36.53
SE MSE A 165 -0.49 -67.09 38.06
CE MSE A 165 0.16 -65.23 38.01
N TYR A 166 5.32 -68.73 36.50
CA TYR A 166 6.70 -68.35 36.80
C TYR A 166 7.37 -67.67 35.60
N ILE A 167 8.04 -66.54 35.85
CA ILE A 167 8.73 -65.78 34.78
C ILE A 167 10.25 -65.83 34.95
N GLN A 168 10.76 -65.39 36.09
CA GLN A 168 12.21 -65.26 36.22
C GLN A 168 12.57 -64.99 37.67
N GLU A 169 13.87 -64.98 37.92
CA GLU A 169 14.43 -64.63 39.22
C GLU A 169 14.92 -63.19 39.18
N LEU A 170 14.56 -62.41 40.17
CA LEU A 170 14.93 -60.99 40.29
C LEU A 170 16.11 -60.83 41.25
N PRO A 171 16.74 -59.65 41.28
CA PRO A 171 17.91 -59.49 42.16
C PRO A 171 17.54 -59.75 43.60
N GLY A 172 18.52 -60.27 44.36
CA GLY A 172 18.25 -60.72 45.70
C GLY A 172 17.54 -62.06 45.82
N GLY A 173 17.23 -62.70 44.70
CA GLY A 173 16.60 -64.01 44.75
C GLY A 173 15.10 -63.99 44.87
N TRP A 174 14.47 -62.84 44.66
CA TRP A 174 13.02 -62.80 44.61
C TRP A 174 12.54 -63.43 43.32
N LYS A 175 11.59 -64.35 43.42
CA LYS A 175 11.06 -64.99 42.22
C LYS A 175 9.83 -64.24 41.72
N LEU A 176 9.76 -64.03 40.41
CA LEU A 176 8.67 -63.29 39.80
C LEU A 176 7.64 -64.24 39.17
N TYR A 177 6.38 -64.08 39.54
CA TYR A 177 5.25 -64.78 38.96
C TYR A 177 4.28 -63.74 38.41
N GLY A 178 3.70 -63.97 37.23
CA GLY A 178 2.81 -62.95 36.72
C GLY A 178 2.26 -63.29 35.36
N LYS A 179 1.51 -62.33 34.82
CA LYS A 179 0.87 -62.47 33.52
C LYS A 179 0.60 -61.08 32.93
N THR A 180 0.96 -60.88 31.66
CA THR A 180 0.63 -59.64 30.97
C THR A 180 -0.73 -59.75 30.28
N GLY A 181 -1.27 -58.59 29.89
CA GLY A 181 -2.50 -58.56 29.11
C GLY A 181 -2.68 -57.23 28.39
N THR A 182 -2.99 -57.30 27.09
CA THR A 182 -3.21 -56.11 26.26
C THR A 182 -4.62 -56.17 25.70
N GLY A 183 -5.38 -55.10 25.90
CA GLY A 183 -6.72 -54.99 25.38
C GLY A 183 -6.92 -53.71 24.61
N ARG A 184 -8.12 -53.55 24.07
CA ARG A 184 -8.49 -52.37 23.31
C ARG A 184 -9.66 -51.70 24.02
N GLN A 185 -9.56 -50.38 24.19
CA GLN A 185 -10.65 -49.62 24.77
C GLN A 185 -11.84 -49.64 23.83
N LEU A 186 -13.01 -49.30 24.39
CA LEU A 186 -14.25 -49.45 23.69
C LEU A 186 -14.98 -48.12 23.61
N THR A 187 -15.82 -47.97 22.60
CA THR A 187 -16.72 -46.83 22.55
C THR A 187 -17.84 -47.01 23.57
N LYS A 188 -18.35 -45.89 24.09
CA LYS A 188 -19.40 -45.97 25.10
C LYS A 188 -20.75 -46.37 24.50
N ASP A 189 -21.05 -45.94 23.28
CA ASP A 189 -22.30 -46.30 22.60
C ASP A 189 -22.04 -47.39 21.57
N LYS A 190 -22.78 -48.50 21.67
CA LYS A 190 -22.63 -49.72 20.88
C LYS A 190 -21.43 -50.56 21.32
N SER A 191 -20.45 -49.94 21.99
CA SER A 191 -19.38 -50.65 22.70
C SER A 191 -18.46 -51.44 21.75
N GLN A 192 -17.80 -50.70 20.85
CA GLN A 192 -16.93 -51.26 19.82
C GLN A 192 -15.46 -51.01 20.15
N LYS A 193 -14.57 -51.85 19.59
CA LYS A 193 -13.17 -51.82 19.98
C LYS A 193 -12.42 -50.74 19.21
N LEU A 194 -11.67 -49.92 19.93
CA LEU A 194 -10.89 -48.82 19.41
C LEU A 194 -9.45 -49.25 19.16
N PRO A 195 -8.68 -48.48 18.38
CA PRO A 195 -7.23 -48.73 18.31
C PRO A 195 -6.48 -48.30 19.55
N LEU A 196 -7.08 -47.48 20.41
CA LEU A 196 -6.46 -47.15 21.69
C LEU A 196 -6.26 -48.40 22.54
N GLN A 197 -5.07 -48.55 23.09
CA GLN A 197 -4.71 -49.73 23.86
C GLN A 197 -4.79 -49.45 25.35
N HIS A 198 -4.91 -50.53 26.13
CA HIS A 198 -4.63 -50.51 27.55
C HIS A 198 -3.97 -51.83 27.89
N GLY A 199 -3.15 -51.84 28.94
CA GLY A 199 -2.35 -53.02 29.20
C GLY A 199 -2.06 -53.23 30.67
N TRP A 200 -1.89 -54.50 31.03
CA TRP A 200 -1.69 -54.94 32.40
C TRP A 200 -0.41 -55.73 32.57
N PHE A 201 0.12 -55.70 33.79
CA PHE A 201 1.03 -56.73 34.29
C PHE A 201 0.69 -56.90 35.76
N VAL A 202 0.29 -58.11 36.15
CA VAL A 202 -0.06 -58.38 37.54
C VAL A 202 0.65 -59.67 37.96
N GLY A 203 0.76 -59.86 39.27
CA GLY A 203 1.37 -61.07 39.80
C GLY A 203 1.93 -60.83 41.19
N TRP A 204 3.03 -61.51 41.49
CA TRP A 204 3.63 -61.39 42.80
C TRP A 204 5.12 -61.74 42.71
N ILE A 205 5.87 -61.30 43.71
CA ILE A 205 7.26 -61.71 43.89
C ILE A 205 7.34 -62.41 45.23
N GLU A 206 8.31 -63.32 45.35
CA GLU A 206 8.29 -64.27 46.45
C GLU A 206 9.72 -64.53 46.85
N LYS A 207 9.99 -64.53 48.16
CA LYS A 207 11.30 -64.97 48.66
C LYS A 207 11.12 -65.44 50.08
N ASP A 208 11.56 -66.66 50.35
CA ASP A 208 11.45 -67.26 51.70
C ASP A 208 9.96 -67.20 52.06
N GLU A 209 9.59 -66.71 53.24
CA GLU A 209 8.20 -66.71 53.62
C GLU A 209 7.39 -65.56 53.02
N ARG A 210 8.04 -64.61 52.35
CA ARG A 210 7.43 -63.32 52.00
C ARG A 210 6.87 -63.31 50.59
N VAL A 211 5.69 -62.71 50.44
CA VAL A 211 5.03 -62.56 49.14
C VAL A 211 4.47 -61.15 49.05
N ILE A 212 4.79 -60.46 47.96
CA ILE A 212 4.27 -59.13 47.65
C ILE A 212 3.54 -59.25 46.32
N THR A 213 2.23 -59.03 46.33
CA THR A 213 1.46 -59.00 45.09
C THR A 213 1.49 -57.61 44.51
N PHE A 214 1.36 -57.52 43.18
CA PHE A 214 1.39 -56.22 42.52
C PHE A 214 0.40 -56.20 41.36
N ALA A 215 -0.02 -55.00 40.97
CA ALA A 215 -0.81 -54.83 39.75
C ALA A 215 -0.47 -53.49 39.13
N LYS A 216 -0.13 -53.52 37.84
CA LYS A 216 0.18 -52.35 37.04
C LYS A 216 -0.79 -52.26 35.87
N HIS A 217 -1.30 -51.06 35.61
CA HIS A 217 -2.20 -50.86 34.47
C HIS A 217 -1.89 -49.54 33.80
N ILE A 218 -2.02 -49.53 32.47
CA ILE A 218 -1.80 -48.34 31.65
C ILE A 218 -2.91 -48.24 30.61
N ALA A 219 -3.49 -47.05 30.48
CA ALA A 219 -4.47 -46.74 29.43
C ALA A 219 -3.92 -45.60 28.60
N ASP A 220 -3.78 -45.82 27.29
CA ASP A 220 -3.23 -44.80 26.40
C ASP A 220 -4.30 -43.80 25.97
N SER A 221 -3.87 -42.56 25.72
CA SER A 221 -4.73 -41.55 25.10
C SER A 221 -4.57 -41.50 23.60
N LYS A 222 -3.39 -41.83 23.09
CA LYS A 222 -3.11 -41.85 21.67
C LYS A 222 -2.66 -43.25 21.27
N GLU A 223 -2.66 -43.49 19.96
CA GLU A 223 -2.14 -44.75 19.46
C GLU A 223 -0.67 -44.89 19.84
N ASN A 224 -0.16 -46.11 19.70
CA ASN A 224 1.20 -46.40 20.15
C ASN A 224 1.67 -47.67 19.43
N THR A 225 2.88 -47.60 18.86
CA THR A 225 3.39 -48.72 18.09
C THR A 225 3.83 -49.91 18.95
N THR A 226 3.72 -49.84 20.27
CA THR A 226 4.16 -50.91 21.16
C THR A 226 2.99 -51.42 21.99
N PHE A 227 2.96 -52.73 22.24
CA PHE A 227 1.87 -53.26 23.06
C PHE A 227 1.90 -52.59 24.44
N ALA A 228 0.71 -52.22 24.91
CA ALA A 228 0.59 -51.63 26.23
C ALA A 228 1.04 -52.56 27.34
N SER A 229 0.86 -53.88 27.16
CA SER A 229 1.26 -54.80 28.22
C SER A 229 2.77 -54.80 28.42
N PHE A 230 3.53 -54.64 27.34
CA PHE A 230 4.99 -54.63 27.46
C PHE A 230 5.45 -53.38 28.19
N ARG A 231 4.86 -52.23 27.86
CA ARG A 231 5.18 -51.02 28.60
C ARG A 231 4.77 -51.16 30.05
N ALA A 232 3.61 -51.79 30.29
CA ALA A 232 3.18 -52.05 31.66
C ALA A 232 4.19 -52.94 32.39
N LYS A 233 4.63 -54.01 31.73
CA LYS A 233 5.56 -54.93 32.38
C LYS A 233 6.93 -54.29 32.54
N ASN A 234 7.35 -53.50 31.56
CA ASN A 234 8.68 -52.88 31.60
C ASN A 234 8.77 -51.85 32.72
N ASP A 235 7.72 -51.06 32.92
CA ASP A 235 7.69 -50.17 34.08
C ASP A 235 7.68 -50.96 35.38
N THR A 236 6.85 -52.00 35.46
CA THR A 236 6.73 -52.78 36.69
C THR A 236 8.08 -53.31 37.17
N LEU A 237 8.90 -53.84 36.26
CA LEU A 237 10.18 -54.39 36.69
C LEU A 237 11.06 -53.34 37.33
N ILE A 238 10.93 -52.08 36.89
CA ILE A 238 11.71 -51.00 37.49
C ILE A 238 11.19 -50.68 38.89
N GLN A 239 9.87 -50.59 39.06
CA GLN A 239 9.27 -50.42 40.39
C GLN A 239 9.68 -51.53 41.34
N LEU A 240 9.58 -52.79 40.90
CA LEU A 240 9.94 -53.93 41.74
C LEU A 240 11.43 -53.96 42.07
N PHE A 241 12.29 -53.56 41.12
CA PHE A 241 13.71 -53.49 41.41
C PHE A 241 14.00 -52.50 42.53
N ASN A 242 13.36 -51.32 42.48
CA ASN A 242 13.52 -50.33 43.54
C ASN A 242 12.83 -50.77 44.82
N LEU A 243 11.69 -51.45 44.71
CA LEU A 243 11.01 -51.96 45.90
C LEU A 243 11.85 -53.01 46.62
N ILE A 244 12.44 -53.94 45.86
CA ILE A 244 13.33 -54.94 46.45
C ILE A 244 14.48 -54.26 47.20
N ASN A 245 15.02 -53.19 46.64
CA ASN A 245 16.14 -52.51 47.28
C ASN A 245 15.71 -51.90 48.61
N GLU A 246 14.47 -51.42 48.69
CA GLU A 246 13.96 -50.90 49.96
C GLU A 246 13.72 -52.02 50.95
N LEU A 247 13.10 -53.13 50.50
CA LEU A 247 12.80 -54.24 51.39
C LEU A 247 14.07 -54.88 51.94
N GLU A 248 15.14 -54.89 51.16
CA GLU A 248 16.38 -55.56 51.54
C GLU A 248 17.30 -54.67 52.37
N LYS A 249 16.88 -53.44 52.68
CA LYS A 249 17.66 -52.54 53.51
C LYS A 249 17.65 -52.98 54.98
N GLN B 4 18.37 -39.08 20.95
CA GLN B 4 19.37 -39.84 21.71
C GLN B 4 20.24 -40.70 20.79
N ASP B 5 21.47 -40.94 21.23
CA ASP B 5 22.36 -41.87 20.56
C ASP B 5 22.04 -43.29 21.03
N THR B 6 21.59 -44.12 20.11
CA THR B 6 21.22 -45.50 20.40
C THR B 6 21.79 -46.39 19.32
N CYS B 7 21.71 -47.69 19.59
CA CYS B 7 22.11 -48.71 18.64
C CYS B 7 21.47 -50.04 19.03
N PHE B 8 20.94 -50.75 18.04
CA PHE B 8 20.50 -52.13 18.24
C PHE B 8 21.02 -52.97 17.08
N LEU B 9 21.73 -54.04 17.42
CA LEU B 9 22.26 -55.00 16.46
C LEU B 9 21.74 -56.40 16.81
N ALA B 10 21.33 -57.13 15.80
CA ALA B 10 21.00 -58.53 15.97
C ALA B 10 21.60 -59.26 14.78
N LYS B 11 22.25 -60.39 15.06
CA LYS B 11 23.03 -61.08 14.05
C LYS B 11 22.93 -62.58 14.26
N GLU B 12 22.62 -63.32 13.19
CA GLU B 12 22.59 -64.78 13.23
C GLU B 12 23.76 -65.30 12.41
N ASN B 13 24.78 -65.81 13.08
CA ASN B 13 25.98 -66.33 12.42
C ASN B 13 26.56 -65.17 11.64
N GLN B 14 26.60 -65.23 10.31
CA GLN B 14 27.23 -64.17 9.55
C GLN B 14 26.25 -63.11 9.09
N THR B 15 24.96 -63.28 9.37
CA THR B 15 23.93 -62.46 8.76
C THR B 15 23.37 -61.49 9.78
N VAL B 16 23.47 -60.20 9.49
CA VAL B 16 22.87 -59.14 10.28
C VAL B 16 21.36 -59.19 10.05
N LEU B 17 20.59 -59.53 11.10
CA LEU B 17 19.13 -59.49 11.00
C LEU B 17 18.55 -58.12 11.27
N LYS B 18 19.20 -57.32 12.12
CA LYS B 18 18.69 -56.00 12.44
C LYS B 18 19.86 -55.06 12.71
N ARG B 19 19.73 -53.82 12.25
CA ARG B 19 20.68 -52.76 12.61
C ARG B 19 19.93 -51.44 12.55
N GLU B 20 19.79 -50.80 13.70
CA GLU B 20 19.14 -49.51 13.85
C GLU B 20 20.04 -48.62 14.69
N GLY B 21 19.90 -47.31 14.50
CA GLY B 21 20.58 -46.35 15.35
C GLY B 21 21.80 -45.76 14.68
N ASN B 22 22.39 -44.80 15.37
CA ASN B 22 23.47 -43.97 14.83
C ASN B 22 24.80 -44.19 15.54
N ASP B 23 24.88 -45.16 16.45
CA ASP B 23 26.02 -45.25 17.35
C ASP B 23 26.64 -46.64 17.39
N CYS B 24 26.42 -47.46 16.35
CA CYS B 24 26.84 -48.85 16.38
C CYS B 24 28.35 -49.00 16.51
N ASP B 25 29.12 -48.03 16.00
CA ASP B 25 30.58 -48.18 15.96
C ASP B 25 31.29 -47.30 16.97
N GLN B 26 30.55 -46.57 17.80
CA GLN B 26 31.16 -45.81 18.88
C GLN B 26 31.48 -46.73 20.05
N ARG B 27 32.69 -46.58 20.60
CA ARG B 27 33.12 -47.33 21.77
C ARG B 27 32.66 -46.68 23.06
N TYR B 28 32.17 -47.49 23.99
CA TYR B 28 31.76 -47.03 25.31
C TYR B 28 32.31 -48.00 26.34
N SER B 29 32.36 -47.55 27.59
CA SER B 29 32.69 -48.46 28.68
C SER B 29 31.72 -49.64 28.67
N PRO B 30 32.19 -50.87 28.89
CA PRO B 30 31.25 -52.00 28.92
C PRO B 30 30.39 -52.04 30.18
N ALA B 31 30.81 -51.36 31.26
CA ALA B 31 30.13 -51.41 32.54
C ALA B 31 29.96 -52.87 32.97
N SER B 32 28.83 -53.22 33.57
CA SER B 32 28.70 -54.59 34.05
C SER B 32 28.63 -55.62 32.94
N THR B 33 28.62 -55.25 31.66
CA THR B 33 28.65 -56.32 30.66
C THR B 33 30.01 -56.98 30.61
N PHE B 34 31.02 -56.39 31.24
CA PHE B 34 32.33 -56.99 31.27
C PHE B 34 32.30 -58.27 32.12
N KCX B 35 31.30 -58.39 32.99
CA KCX B 35 31.16 -59.59 33.79
CB KCX B 35 29.94 -59.50 34.71
CG KCX B 35 30.16 -58.63 35.97
CD KCX B 35 28.96 -58.72 36.96
CE KCX B 35 28.73 -57.39 37.71
NZ KCX B 35 30.08 -56.89 38.01
C KCX B 35 31.05 -60.84 32.92
O KCX B 35 31.39 -61.93 33.37
CX KCX B 35 30.55 -55.69 37.72
OQ1 KCX B 35 29.87 -54.79 37.19
OQ2 KCX B 35 31.73 -55.49 38.02
N ILE B 36 30.59 -60.69 31.67
CA ILE B 36 30.63 -61.81 30.74
C ILE B 36 32.08 -62.23 30.50
N ALA B 37 32.95 -61.27 30.27
CA ALA B 37 34.36 -61.61 30.05
C ALA B 37 35.01 -62.06 31.36
N LEU B 38 34.67 -61.42 32.47
CA LEU B 38 35.15 -61.84 33.78
C LEU B 38 34.80 -63.29 34.07
N SER B 39 33.59 -63.70 33.73
CA SER B 39 33.16 -65.07 34.01
C SER B 39 34.02 -66.08 33.25
N LEU B 40 34.30 -65.83 31.97
CA LEU B 40 35.17 -66.71 31.20
C LEU B 40 36.55 -66.83 31.83
N MSE B 41 37.13 -65.72 32.29
CA MSE B 41 38.44 -65.75 32.95
C MSE B 41 38.36 -66.55 34.23
O MSE B 41 39.27 -67.32 34.54
CB MSE B 41 38.93 -64.35 33.31
CG MSE B 41 38.94 -63.35 32.19
SE MSE B 41 39.62 -61.68 32.94
CE MSE B 41 38.94 -60.50 31.56
N GLY B 42 37.29 -66.31 34.97
CA GLY B 42 37.13 -66.93 36.27
C GLY B 42 36.99 -68.44 36.20
N PHE B 43 36.19 -68.95 35.25
CA PHE B 43 36.02 -70.39 35.17
C PHE B 43 37.19 -71.06 34.46
N ASP B 44 37.86 -70.33 33.56
CA ASP B 44 39.02 -70.90 32.90
C ASP B 44 40.24 -70.92 33.81
N SER B 45 40.40 -69.92 34.67
CA SER B 45 41.53 -69.94 35.60
C SER B 45 41.32 -70.85 36.79
N GLY B 46 40.11 -71.32 37.03
CA GLY B 46 39.84 -72.18 38.16
C GLY B 46 39.43 -71.47 39.43
N ILE B 47 39.56 -70.14 39.49
CA ILE B 47 39.08 -69.40 40.66
C ILE B 47 37.59 -69.65 40.87
N LEU B 48 36.78 -69.55 39.81
CA LEU B 48 35.37 -69.91 39.88
C LEU B 48 35.19 -71.38 39.53
N LYS B 49 34.35 -72.07 40.30
CA LYS B 49 34.21 -73.53 40.20
C LYS B 49 32.93 -73.97 39.52
N ASP B 50 31.77 -73.48 39.95
CA ASP B 50 30.54 -73.75 39.24
C ASP B 50 29.54 -72.67 39.63
N GLU B 51 28.29 -72.83 39.21
CA GLU B 51 27.28 -71.80 39.40
C GLU B 51 27.18 -71.32 40.84
N LEU B 52 27.42 -72.19 41.83
CA LEU B 52 27.26 -71.80 43.23
C LEU B 52 28.57 -71.77 44.02
N HIS B 53 29.72 -71.98 43.38
CA HIS B 53 31.01 -72.02 44.10
C HIS B 53 32.10 -71.30 43.31
N PRO B 54 32.94 -70.49 43.97
CA PRO B 54 32.91 -70.32 45.43
C PRO B 54 31.90 -69.28 45.91
N GLU B 55 31.48 -69.39 47.16
CA GLU B 55 30.61 -68.42 47.80
C GLU B 55 31.43 -67.54 48.73
N TRP B 56 31.43 -66.21 48.46
CA TRP B 56 32.26 -65.25 49.20
C TRP B 56 31.38 -64.39 50.09
N PRO B 57 31.86 -64.05 51.28
CA PRO B 57 31.03 -63.30 52.23
C PRO B 57 31.14 -61.79 52.03
N TYR B 58 30.07 -61.11 52.40
CA TYR B 58 30.10 -59.65 52.39
C TYR B 58 31.04 -59.17 53.49
N LYS B 59 31.79 -58.10 53.20
CA LYS B 59 32.66 -57.45 54.17
C LYS B 59 32.31 -55.97 54.21
N LYS B 60 32.28 -55.40 55.42
CA LYS B 60 31.83 -54.01 55.59
C LYS B 60 32.61 -53.05 54.69
N GLU B 61 33.86 -53.39 54.34
CA GLU B 61 34.65 -52.55 53.45
C GLU B 61 33.99 -52.37 52.10
N TYR B 62 33.09 -53.27 51.71
CA TYR B 62 32.47 -53.25 50.39
C TYR B 62 31.37 -52.20 50.33
N GLU B 63 31.39 -51.38 49.29
CA GLU B 63 30.38 -50.33 49.13
C GLU B 63 29.02 -50.94 48.77
N LEU B 64 28.01 -50.65 49.61
CA LEU B 64 26.67 -51.22 49.47
C LEU B 64 25.76 -50.31 48.64
N TYR B 65 26.13 -50.14 47.37
CA TYR B 65 25.35 -49.31 46.45
C TYR B 65 23.97 -49.90 46.18
N LEU B 66 23.85 -51.23 46.16
CA LEU B 66 22.58 -51.93 46.17
C LEU B 66 22.51 -52.80 47.42
N ASN B 67 21.34 -52.82 48.06
CA ASN B 67 21.22 -53.56 49.31
C ASN B 67 21.30 -55.07 49.13
N VAL B 68 20.89 -55.62 47.98
CA VAL B 68 21.03 -57.06 47.80
C VAL B 68 22.49 -57.51 47.83
N TRP B 69 23.44 -56.59 47.69
CA TRP B 69 24.84 -56.95 47.75
C TRP B 69 25.31 -57.29 49.16
N LYS B 70 24.47 -57.14 50.19
CA LYS B 70 24.87 -57.44 51.56
C LYS B 70 24.93 -58.94 51.84
N TYR B 71 24.36 -59.76 50.96
CA TYR B 71 24.29 -61.21 51.09
C TYR B 71 25.57 -61.86 50.55
N PRO B 72 25.90 -63.07 51.00
CA PRO B 72 27.00 -63.80 50.39
C PRO B 72 26.72 -64.02 48.90
N GLN B 73 27.78 -64.03 48.11
CA GLN B 73 27.67 -64.03 46.65
C GLN B 73 28.37 -65.26 46.08
N ASN B 74 27.79 -65.81 45.02
CA ASN B 74 28.42 -66.86 44.23
C ASN B 74 28.26 -66.49 42.76
N PRO B 75 28.85 -67.24 41.83
CA PRO B 75 28.75 -66.85 40.41
C PRO B 75 27.33 -66.59 39.95
N HIS B 76 26.38 -67.43 40.38
CA HIS B 76 24.98 -67.24 40.01
C HIS B 76 24.47 -65.88 40.47
N THR B 77 24.58 -65.59 41.78
CA THR B 77 24.06 -64.32 42.31
C THR B 77 24.86 -63.15 41.77
N TRP B 78 26.18 -63.35 41.63
CA TRP B 78 27.05 -62.33 41.05
C TRP B 78 26.47 -61.73 39.77
N ILE B 79 26.08 -62.59 38.81
CA ILE B 79 25.50 -62.08 37.58
C ILE B 79 24.09 -61.54 37.83
N ARG B 80 23.28 -62.29 38.58
CA ARG B 80 21.91 -61.85 38.86
C ARG B 80 21.87 -60.48 39.53
N ASP B 81 22.70 -60.27 40.56
CA ASP B 81 22.67 -59.03 41.32
C ASP B 81 23.60 -57.96 40.74
N SER B 82 24.32 -58.28 39.65
CA SER B 82 25.37 -57.42 39.11
C SER B 82 26.31 -56.91 40.22
N CYS B 83 26.86 -57.84 40.99
CA CYS B 83 27.58 -57.49 42.22
C CYS B 83 29.03 -57.10 41.92
N VAL B 84 29.35 -55.81 42.07
CA VAL B 84 30.69 -55.32 41.70
C VAL B 84 31.77 -55.84 42.64
N TRP B 85 31.47 -55.98 43.94
CA TRP B 85 32.53 -56.42 44.84
C TRP B 85 32.95 -57.87 44.59
N TYR B 86 32.10 -58.68 43.98
CA TYR B 86 32.50 -60.03 43.63
C TYR B 86 33.41 -60.03 42.41
N SER B 87 33.12 -59.16 41.43
CA SER B 87 34.04 -58.90 40.32
C SER B 87 35.42 -58.49 40.83
N GLN B 88 35.46 -57.57 41.79
CA GLN B 88 36.73 -57.02 42.22
C GLN B 88 37.52 -58.03 43.07
N ALA B 89 36.83 -58.82 43.89
CA ALA B 89 37.49 -59.91 44.59
C ALA B 89 38.08 -60.92 43.60
N LEU B 90 37.35 -61.17 42.50
CA LEU B 90 37.84 -62.07 41.46
C LEU B 90 39.14 -61.57 40.83
N THR B 91 39.16 -60.31 40.36
CA THR B 91 40.36 -59.82 39.68
C THR B 91 41.54 -59.70 40.63
N ARG B 92 41.29 -59.34 41.90
CA ARG B 92 42.39 -59.32 42.84
C ARG B 92 43.02 -60.71 42.95
N GLN B 93 42.22 -61.76 42.84
CA GLN B 93 42.79 -63.09 42.90
C GLN B 93 43.37 -63.52 41.55
N LEU B 94 42.88 -62.97 40.44
CA LEU B 94 43.55 -63.17 39.16
C LEU B 94 44.91 -62.51 39.16
N GLY B 95 44.97 -61.26 39.60
CA GLY B 95 46.15 -60.45 39.46
C GLY B 95 46.21 -59.79 38.11
N MSE B 96 46.90 -58.65 38.03
CA MSE B 96 46.99 -57.87 36.80
C MSE B 96 47.62 -58.67 35.66
O MSE B 96 47.24 -58.49 34.50
CB MSE B 96 47.77 -56.57 37.03
CG MSE B 96 47.92 -55.69 35.77
SE MSE B 96 46.23 -55.00 35.05
CE MSE B 96 46.03 -53.47 36.26
N LYS B 97 48.57 -59.54 35.97
CA LYS B 97 49.27 -60.26 34.91
C LYS B 97 48.31 -61.16 34.13
N ARG B 98 47.56 -62.01 34.83
CA ARG B 98 46.61 -62.87 34.13
C ARG B 98 45.44 -62.06 33.58
N PHE B 99 44.99 -61.06 34.33
CA PHE B 99 43.88 -60.20 33.89
C PHE B 99 44.19 -59.54 32.55
N LYS B 100 45.34 -58.85 32.47
CA LYS B 100 45.68 -58.23 31.20
C LYS B 100 45.96 -59.28 30.12
N GLY B 101 46.43 -60.47 30.51
CA GLY B 101 46.58 -61.55 29.54
C GLY B 101 45.24 -61.97 28.94
N TYR B 102 44.19 -61.99 29.75
CA TYR B 102 42.89 -62.42 29.26
C TYR B 102 42.23 -61.35 28.40
N VAL B 103 42.29 -60.09 28.82
CA VAL B 103 41.74 -59.00 28.01
C VAL B 103 42.40 -58.97 26.64
N ASP B 104 43.70 -59.27 26.56
CA ASP B 104 44.40 -59.26 25.28
C ASP B 104 44.10 -60.51 24.47
N ALA B 105 43.99 -61.68 25.10
CA ALA B 105 43.67 -62.88 24.35
C ALA B 105 42.22 -62.87 23.87
N PHE B 106 41.35 -62.13 24.55
CA PHE B 106 39.98 -62.01 24.10
C PHE B 106 39.83 -60.97 22.99
N HIS B 107 40.86 -60.15 22.75
CA HIS B 107 40.78 -59.01 21.86
C HIS B 107 39.57 -58.14 22.21
N TYR B 108 39.48 -57.76 23.47
CA TYR B 108 38.26 -57.15 24.01
C TYR B 108 38.36 -55.63 23.90
N GLY B 109 37.64 -55.06 22.95
CA GLY B 109 37.52 -53.60 22.86
C GLY B 109 38.87 -52.96 22.59
N ASN B 110 39.16 -51.89 23.33
CA ASN B 110 40.45 -51.21 23.24
C ASN B 110 41.50 -51.81 24.17
N GLN B 111 41.16 -52.88 24.89
CA GLN B 111 42.12 -53.67 25.67
C GLN B 111 42.93 -52.81 26.64
N ASP B 112 42.32 -51.72 27.13
CA ASP B 112 43.00 -50.71 27.95
C ASP B 112 42.55 -50.89 29.39
N VAL B 113 43.44 -51.44 30.24
CA VAL B 113 43.06 -51.77 31.62
C VAL B 113 43.87 -50.94 32.61
N SER B 114 44.32 -49.76 32.19
CA SER B 114 45.08 -48.89 33.07
C SER B 114 44.23 -48.25 34.15
N GLY B 115 42.93 -48.12 33.94
CA GLY B 115 42.07 -47.61 34.98
C GLY B 115 41.94 -46.10 34.93
N ASP B 116 41.39 -45.56 36.02
CA ASP B 116 41.10 -44.13 36.08
C ASP B 116 42.36 -43.30 35.93
N LYS B 117 42.23 -42.17 35.24
CA LYS B 117 43.32 -41.23 35.06
C LYS B 117 43.85 -40.77 36.41
N GLY B 118 45.06 -41.18 36.77
CA GLY B 118 45.62 -40.82 38.05
C GLY B 118 46.11 -41.99 38.87
N GLN B 119 45.18 -42.69 39.51
CA GLN B 119 45.53 -43.78 40.41
C GLN B 119 45.85 -45.06 39.65
N ASN B 120 46.42 -46.02 40.38
CA ASN B 120 46.73 -47.33 39.83
C ASN B 120 45.64 -48.32 40.24
N ASN B 121 44.47 -48.19 39.59
CA ASN B 121 43.33 -49.00 39.97
C ASN B 121 42.73 -49.80 38.80
N GLY B 122 43.51 -50.00 37.73
CA GLY B 122 42.98 -50.72 36.58
C GLY B 122 42.36 -52.06 36.94
N LEU B 123 43.07 -52.87 37.75
CA LEU B 123 42.66 -54.24 37.98
C LEU B 123 41.26 -54.33 38.57
N THR B 124 40.85 -53.30 39.28
CA THR B 124 39.62 -53.33 40.04
C THR B 124 38.57 -52.33 39.52
N HIS B 125 38.96 -51.42 38.60
CA HIS B 125 38.06 -50.37 38.12
C HIS B 125 38.01 -50.23 36.60
N ALA B 126 38.73 -51.05 35.84
CA ALA B 126 38.94 -50.75 34.42
C ALA B 126 37.63 -50.74 33.64
N TRP B 127 36.69 -51.62 33.99
CA TRP B 127 35.44 -51.67 33.24
C TRP B 127 34.38 -50.73 33.79
N LEU B 128 34.66 -49.95 34.82
CA LEU B 128 33.64 -49.14 35.49
C LEU B 128 33.79 -47.67 35.09
N SER B 129 33.24 -47.33 33.93
CA SER B 129 33.29 -45.98 33.37
C SER B 129 34.71 -45.42 33.48
N SER B 130 35.64 -46.20 32.92
CA SER B 130 37.06 -45.93 33.12
C SER B 130 37.83 -46.15 31.81
N SER B 131 38.97 -46.85 31.86
CA SER B 131 39.83 -46.92 30.69
C SER B 131 39.29 -47.87 29.63
N LEU B 132 38.68 -48.97 30.04
CA LEU B 132 38.22 -49.99 29.09
C LEU B 132 37.01 -49.49 28.31
N SER B 133 36.96 -49.86 27.04
CA SER B 133 35.98 -49.29 26.12
C SER B 133 35.75 -50.27 24.98
N ILE B 134 34.48 -50.41 24.56
CA ILE B 134 34.09 -51.35 23.51
C ILE B 134 32.83 -50.84 22.83
N SER B 135 32.66 -51.19 21.56
CA SER B 135 31.53 -50.74 20.75
C SER B 135 30.50 -51.85 20.59
N PRO B 136 29.27 -51.49 20.21
CA PRO B 136 28.24 -52.53 20.00
C PRO B 136 28.64 -53.60 18.99
N THR B 137 29.21 -53.18 17.85
CA THR B 137 29.73 -54.11 16.87
C THR B 137 30.74 -55.09 17.48
N GLU B 138 31.64 -54.60 18.34
CA GLU B 138 32.62 -55.47 18.97
C GLU B 138 31.98 -56.38 20.02
N GLN B 139 30.88 -55.93 20.67
CA GLN B 139 30.17 -56.81 21.60
C GLN B 139 29.55 -57.98 20.86
N ILE B 140 28.90 -57.74 19.72
CA ILE B 140 28.44 -58.84 18.87
C ILE B 140 29.61 -59.77 18.53
N GLN B 141 30.74 -59.20 18.12
CA GLN B 141 31.90 -60.03 17.78
C GLN B 141 32.34 -60.88 18.97
N PHE B 142 32.47 -60.27 20.15
CA PHE B 142 32.92 -61.01 21.32
C PHE B 142 31.92 -62.10 21.71
N LEU B 143 30.63 -61.79 21.61
CA LEU B 143 29.58 -62.74 21.94
C LEU B 143 29.58 -63.92 20.97
N GLN B 144 29.85 -63.66 19.69
CA GLN B 144 29.88 -64.76 18.74
C GLN B 144 31.09 -65.66 18.95
N LYS B 145 32.20 -65.09 19.44
CA LYS B 145 33.32 -65.92 19.83
C LYS B 145 32.95 -66.85 20.96
N ILE B 146 31.98 -66.48 21.80
CA ILE B 146 31.51 -67.39 22.83
C ILE B 146 30.62 -68.46 22.22
N ILE B 147 29.63 -68.05 21.42
CA ILE B 147 28.72 -69.00 20.78
C ILE B 147 29.50 -70.03 19.97
N TYR B 148 30.46 -69.58 19.18
CA TYR B 148 31.15 -70.47 18.25
C TYR B 148 32.47 -70.98 18.81
N LYS B 149 32.73 -70.77 20.10
CA LYS B 149 33.89 -71.34 20.79
C LYS B 149 35.20 -71.02 20.06
N LYS B 150 35.48 -69.71 19.97
CA LYS B 150 36.71 -69.21 19.36
C LYS B 150 37.62 -68.53 20.37
N LEU B 151 37.31 -68.61 21.65
CA LEU B 151 38.17 -68.05 22.66
C LEU B 151 39.13 -69.11 23.19
N PRO B 152 40.30 -68.68 23.73
CA PRO B 152 41.24 -69.66 24.34
C PRO B 152 40.87 -69.97 25.78
N VAL B 153 39.73 -70.64 25.98
CA VAL B 153 39.26 -71.02 27.31
C VAL B 153 38.77 -72.46 27.27
N SER B 154 38.65 -73.04 28.46
CA SER B 154 38.24 -74.44 28.59
C SER B 154 36.76 -74.62 28.28
N GLN B 155 36.37 -75.88 28.10
CA GLN B 155 34.96 -76.19 27.85
C GLN B 155 34.10 -75.82 29.04
N LYS B 156 34.61 -76.02 30.25
CA LYS B 156 33.88 -75.64 31.45
C LYS B 156 33.59 -74.15 31.47
N ALA B 157 34.53 -73.33 30.97
CA ALA B 157 34.32 -71.88 30.96
C ALA B 157 33.11 -71.52 30.08
N TYR B 158 33.03 -72.06 28.87
CA TYR B 158 31.87 -71.77 28.02
C TYR B 158 30.57 -72.21 28.69
N THR B 159 30.58 -73.38 29.32
CA THR B 159 29.33 -73.93 29.84
C THR B 159 28.84 -73.16 31.07
N MSE B 160 29.71 -72.94 32.05
CA MSE B 160 29.30 -72.26 33.26
C MSE B 160 28.96 -70.79 33.01
O MSE B 160 28.04 -70.27 33.63
CB MSE B 160 30.38 -72.34 34.33
CG MSE B 160 30.68 -73.76 34.78
SE MSE B 160 29.12 -74.57 35.61
CE MSE B 160 29.50 -76.46 35.35
N THR B 161 29.65 -70.13 32.08
CA THR B 161 29.30 -68.74 31.77
C THR B 161 27.90 -68.67 31.18
N LYS B 162 27.59 -69.54 30.22
CA LYS B 162 26.24 -69.57 29.66
C LYS B 162 25.19 -69.86 30.75
N ASN B 163 25.45 -70.84 31.62
CA ASN B 163 24.45 -71.17 32.63
C ASN B 163 24.14 -69.98 33.53
N ILE B 164 25.13 -69.19 33.91
CA ILE B 164 24.81 -68.07 34.81
C ILE B 164 24.28 -66.86 34.08
N MSE B 165 24.37 -66.81 32.76
CA MSE B 165 23.79 -65.69 31.99
C MSE B 165 22.31 -65.91 31.61
O MSE B 165 21.66 -65.04 31.01
CB MSE B 165 24.60 -65.47 30.72
CG MSE B 165 25.94 -64.87 30.94
SE MSE B 165 26.87 -64.76 29.25
CE MSE B 165 25.61 -63.60 28.28
N TYR B 166 21.78 -67.08 31.95
CA TYR B 166 20.40 -67.42 31.64
C TYR B 166 19.46 -66.43 32.32
N ILE B 167 18.48 -65.93 31.58
CA ILE B 167 17.52 -64.99 32.12
C ILE B 167 16.11 -65.56 32.20
N GLN B 168 15.53 -65.94 31.06
CA GLN B 168 14.14 -66.40 31.05
C GLN B 168 13.86 -67.03 29.69
N GLU B 169 12.66 -67.57 29.58
CA GLU B 169 12.15 -68.20 28.36
C GLU B 169 11.16 -67.25 27.69
N LEU B 170 11.39 -66.94 26.42
CA LEU B 170 10.59 -66.03 25.64
C LEU B 170 9.53 -66.77 24.84
N PRO B 171 8.53 -66.08 24.31
CA PRO B 171 7.51 -66.76 23.50
C PRO B 171 8.10 -67.65 22.42
N GLY B 172 7.44 -68.78 22.20
CA GLY B 172 7.94 -69.76 21.27
C GLY B 172 8.99 -70.68 21.83
N GLY B 173 9.43 -70.48 23.06
CA GLY B 173 10.46 -71.35 23.58
C GLY B 173 11.87 -70.85 23.38
N TRP B 174 12.06 -69.67 22.78
CA TRP B 174 13.38 -69.09 22.70
C TRP B 174 13.88 -68.73 24.10
N LYS B 175 15.11 -69.12 24.40
CA LYS B 175 15.71 -68.84 25.71
C LYS B 175 16.64 -67.63 25.60
N LEU B 176 16.51 -66.73 26.59
CA LEU B 176 17.23 -65.46 26.60
C LEU B 176 18.41 -65.57 27.56
N TYR B 177 19.60 -65.27 27.07
CA TYR B 177 20.81 -65.13 27.86
C TYR B 177 21.33 -63.72 27.63
N GLY B 178 21.79 -63.04 28.68
CA GLY B 178 22.27 -61.68 28.47
C GLY B 178 22.83 -61.06 29.73
N LYS B 179 23.16 -59.77 29.61
CA LYS B 179 23.70 -59.00 30.72
C LYS B 179 23.51 -57.50 30.46
N THR B 180 23.07 -56.78 31.50
CA THR B 180 22.95 -55.34 31.50
C THR B 180 24.19 -54.68 32.09
N GLY B 181 24.38 -53.40 31.75
CA GLY B 181 25.38 -52.55 32.36
C GLY B 181 25.01 -51.08 32.29
N THR B 182 25.24 -50.33 33.37
CA THR B 182 25.05 -48.89 33.38
C THR B 182 26.36 -48.22 33.74
N GLY B 183 26.73 -47.19 32.97
CA GLY B 183 27.91 -46.41 33.26
C GLY B 183 27.60 -44.93 33.26
N ARG B 184 28.63 -44.14 33.55
CA ARG B 184 28.56 -42.69 33.46
C ARG B 184 29.50 -42.25 32.35
N GLN B 185 28.98 -41.46 31.42
CA GLN B 185 29.80 -40.95 30.32
C GLN B 185 30.95 -40.12 30.86
N LEU B 186 32.05 -40.08 30.09
CA LEU B 186 33.25 -39.39 30.51
C LEU B 186 33.51 -38.16 29.64
N THR B 187 34.27 -37.22 30.20
CA THR B 187 34.74 -36.06 29.46
C THR B 187 35.57 -36.51 28.24
N LYS B 188 35.93 -35.52 27.41
CA LYS B 188 36.76 -35.81 26.24
C LYS B 188 38.07 -36.48 26.66
N ASP B 189 38.79 -35.87 27.61
CA ASP B 189 40.07 -36.35 28.11
C ASP B 189 39.94 -37.42 29.19
N LYS B 190 38.73 -37.93 29.43
CA LYS B 190 38.46 -38.99 30.41
C LYS B 190 38.88 -38.64 31.82
N SER B 191 39.00 -37.34 32.14
CA SER B 191 39.46 -36.92 33.45
C SER B 191 38.34 -36.91 34.49
N GLN B 192 37.08 -36.76 34.06
CA GLN B 192 35.95 -36.63 34.98
C GLN B 192 34.74 -37.37 34.40
N LYS B 193 33.97 -37.99 35.30
CA LYS B 193 32.72 -38.64 34.95
C LYS B 193 31.57 -37.64 34.94
N LEU B 194 30.74 -37.70 33.92
CA LEU B 194 29.59 -36.81 33.83
C LEU B 194 28.39 -37.45 34.51
N PRO B 195 27.35 -36.67 34.83
CA PRO B 195 26.10 -37.27 35.33
C PRO B 195 25.27 -37.96 34.23
N LEU B 196 25.69 -37.86 32.96
CA LEU B 196 24.93 -38.47 31.88
C LEU B 196 25.19 -39.97 31.84
N GLN B 197 24.13 -40.76 31.85
CA GLN B 197 24.29 -42.21 31.84
C GLN B 197 24.37 -42.74 30.42
N HIS B 198 24.94 -43.94 30.31
CA HIS B 198 24.78 -44.79 29.14
C HIS B 198 24.52 -46.21 29.63
N GLY B 199 23.84 -46.99 28.80
CA GLY B 199 23.42 -48.31 29.20
C GLY B 199 23.45 -49.32 28.08
N TRP B 200 23.74 -50.56 28.47
CA TRP B 200 23.89 -51.73 27.61
C TRP B 200 22.89 -52.81 27.97
N PHE B 201 22.47 -53.59 26.97
CA PHE B 201 21.92 -54.93 27.17
C PHE B 201 22.37 -55.79 26.01
N VAL B 202 23.22 -56.77 26.28
CA VAL B 202 23.80 -57.64 25.26
C VAL B 202 23.57 -59.10 25.65
N GLY B 203 23.57 -59.98 24.64
CA GLY B 203 23.45 -61.40 24.87
C GLY B 203 22.98 -62.15 23.65
N TRP B 204 22.17 -63.18 23.84
CA TRP B 204 21.67 -63.92 22.70
C TRP B 204 20.38 -64.63 23.06
N ILE B 205 19.64 -65.02 22.02
CA ILE B 205 18.50 -65.92 22.17
C ILE B 205 18.77 -67.20 21.40
N GLU B 206 18.20 -68.32 21.87
CA GLU B 206 18.46 -69.60 21.22
C GLU B 206 17.28 -70.54 21.35
N LYS B 207 17.13 -71.38 20.34
CA LYS B 207 16.05 -72.34 20.23
C LYS B 207 16.55 -73.46 19.34
N ASP B 208 16.39 -74.71 19.80
CA ASP B 208 17.00 -75.85 19.13
C ASP B 208 18.43 -75.49 18.78
N GLU B 209 18.76 -75.44 17.49
CA GLU B 209 20.13 -75.16 17.08
C GLU B 209 20.33 -73.77 16.46
N ARG B 210 19.41 -72.82 16.68
CA ARG B 210 19.60 -71.46 16.18
C ARG B 210 19.99 -70.52 17.31
N VAL B 211 20.90 -69.58 17.01
CA VAL B 211 21.33 -68.59 17.99
C VAL B 211 21.41 -67.23 17.33
N ILE B 212 20.81 -66.22 17.95
CA ILE B 212 20.87 -64.85 17.46
C ILE B 212 21.49 -63.99 18.55
N THR B 213 22.64 -63.40 18.25
CA THR B 213 23.21 -62.49 19.22
C THR B 213 22.63 -61.11 18.97
N PHE B 214 22.61 -60.30 20.03
CA PHE B 214 22.09 -58.95 19.94
C PHE B 214 22.92 -58.04 20.86
N ALA B 215 22.79 -56.75 20.63
CA ALA B 215 23.50 -55.79 21.45
C ALA B 215 22.77 -54.46 21.33
N LYS B 216 22.38 -53.90 22.46
CA LYS B 216 21.64 -52.65 22.54
C LYS B 216 22.45 -51.68 23.40
N HIS B 217 22.61 -50.45 22.93
CA HIS B 217 23.23 -49.39 23.72
C HIS B 217 22.42 -48.12 23.60
N ILE B 218 22.30 -47.40 24.70
CA ILE B 218 21.76 -46.05 24.69
C ILE B 218 22.68 -45.14 25.48
N ALA B 219 22.83 -43.90 25.00
CA ALA B 219 23.56 -42.84 25.70
C ALA B 219 22.60 -41.67 25.90
N ASP B 220 22.40 -41.29 27.15
CA ASP B 220 21.50 -40.19 27.47
C ASP B 220 22.18 -38.86 27.18
N SER B 221 21.40 -37.89 26.71
CA SER B 221 21.90 -36.53 26.53
C SER B 221 21.51 -35.62 27.68
N LYS B 222 20.62 -36.07 28.57
CA LYS B 222 20.21 -35.32 29.74
C LYS B 222 20.20 -36.28 30.92
N GLU B 223 20.22 -35.72 32.12
CA GLU B 223 20.12 -36.56 33.31
C GLU B 223 18.78 -37.29 33.32
N ASN B 224 18.75 -38.46 33.94
CA ASN B 224 17.62 -39.34 33.83
C ASN B 224 17.50 -40.14 35.12
N THR B 225 16.27 -40.26 35.64
CA THR B 225 16.06 -40.93 36.92
C THR B 225 16.23 -42.45 36.83
N THR B 226 15.80 -43.04 35.72
CA THR B 226 15.90 -44.48 35.52
C THR B 226 17.30 -44.89 35.09
N PHE B 227 17.79 -46.01 35.63
CA PHE B 227 19.01 -46.62 35.11
C PHE B 227 18.88 -46.82 33.59
N ALA B 228 19.95 -46.51 32.86
CA ALA B 228 19.92 -46.70 31.41
C ALA B 228 19.95 -48.17 31.02
N SER B 229 20.59 -49.03 31.83
CA SER B 229 20.59 -50.45 31.50
C SER B 229 19.18 -51.01 31.43
N PHE B 230 18.29 -50.55 32.32
CA PHE B 230 16.92 -51.09 32.36
C PHE B 230 16.13 -50.62 31.16
N ARG B 231 16.28 -49.33 30.79
CA ARG B 231 15.65 -48.82 29.58
C ARG B 231 16.19 -49.54 28.34
N ALA B 232 17.51 -49.77 28.28
CA ALA B 232 18.07 -50.55 27.17
C ALA B 232 17.50 -51.96 27.13
N LYS B 233 17.43 -52.61 28.28
CA LYS B 233 16.92 -53.97 28.30
C LYS B 233 15.44 -54.00 27.91
N ASN B 234 14.66 -53.04 28.41
CA ASN B 234 13.24 -53.03 28.10
C ASN B 234 12.99 -52.81 26.61
N ASP B 235 13.77 -51.94 25.97
CA ASP B 235 13.63 -51.77 24.52
C ASP B 235 14.03 -53.05 23.79
N THR B 236 15.12 -53.68 24.23
CA THR B 236 15.57 -54.90 23.58
C THR B 236 14.49 -55.99 23.60
N LEU B 237 13.84 -56.19 24.74
CA LEU B 237 12.84 -57.25 24.84
C LEU B 237 11.71 -57.05 23.84
N ILE B 238 11.37 -55.79 23.54
CA ILE B 238 10.32 -55.54 22.57
C ILE B 238 10.79 -55.90 21.17
N GLN B 239 12.05 -55.57 20.85
CA GLN B 239 12.62 -55.92 19.55
C GLN B 239 12.73 -57.43 19.38
N LEU B 240 13.11 -58.14 20.45
CA LEU B 240 13.22 -59.59 20.36
C LEU B 240 11.86 -60.23 20.16
N PHE B 241 10.83 -59.73 20.84
CA PHE B 241 9.50 -60.27 20.62
C PHE B 241 9.08 -60.15 19.16
N ASN B 242 9.33 -58.97 18.54
CA ASN B 242 9.03 -58.78 17.12
C ASN B 242 9.91 -59.65 16.23
N LEU B 243 11.22 -59.71 16.52
CA LEU B 243 12.12 -60.58 15.79
C LEU B 243 11.63 -62.03 15.82
N ILE B 244 11.27 -62.52 17.01
CA ILE B 244 10.82 -63.91 17.12
C ILE B 244 9.57 -64.12 16.28
N ASN B 245 8.66 -63.14 16.27
CA ASN B 245 7.46 -63.31 15.48
C ASN B 245 7.80 -63.41 14.00
N GLU B 246 8.81 -62.65 13.55
CA GLU B 246 9.24 -62.72 12.15
C GLU B 246 9.96 -64.03 11.87
N LEU B 247 10.83 -64.48 12.78
CA LEU B 247 11.51 -65.75 12.60
C LEU B 247 10.55 -66.95 12.59
N GLU B 248 9.37 -66.82 13.14
CA GLU B 248 8.47 -67.96 13.23
C GLU B 248 7.40 -67.96 12.15
N LYS B 249 7.48 -67.05 11.18
CA LYS B 249 6.51 -66.95 10.09
C LYS B 249 6.39 -68.22 9.25
N GLN C 4 3.26 -51.58 9.04
CA GLN C 4 2.83 -52.69 8.19
C GLN C 4 4.02 -53.49 7.68
N ASP C 5 3.85 -54.13 6.51
CA ASP C 5 4.88 -54.94 5.88
C ASP C 5 5.85 -54.04 5.13
N THR C 6 7.02 -53.80 5.72
CA THR C 6 8.01 -52.92 5.13
C THR C 6 9.40 -53.51 5.31
N CYS C 7 10.35 -52.95 4.57
CA CYS C 7 11.75 -53.27 4.70
C CYS C 7 12.56 -52.08 4.21
N PHE C 8 13.62 -51.74 4.95
CA PHE C 8 14.61 -50.81 4.47
C PHE C 8 16.00 -51.38 4.73
N LEU C 9 16.80 -51.45 3.67
CA LEU C 9 18.16 -51.99 3.71
C LEU C 9 19.12 -50.98 3.10
N ALA C 10 20.27 -50.79 3.77
CA ALA C 10 21.36 -49.97 3.26
C ALA C 10 22.65 -50.71 3.58
N LYS C 11 23.53 -50.77 2.60
CA LYS C 11 24.73 -51.58 2.70
C LYS C 11 25.88 -50.87 1.99
N GLU C 12 27.02 -50.77 2.67
CA GLU C 12 28.24 -50.20 2.10
C GLU C 12 29.28 -51.30 2.03
N ASN C 13 29.61 -51.73 0.81
CA ASN C 13 30.56 -52.81 0.57
C ASN C 13 30.06 -54.09 1.22
N GLN C 14 30.75 -54.58 2.24
CA GLN C 14 30.32 -55.79 2.92
C GLN C 14 29.56 -55.51 4.20
N THR C 15 29.45 -54.25 4.62
CA THR C 15 28.83 -53.91 5.88
C THR C 15 27.39 -53.44 5.66
N VAL C 16 26.44 -54.16 6.26
CA VAL C 16 25.08 -53.64 6.37
C VAL C 16 25.09 -52.41 7.27
N LEU C 17 24.55 -51.31 6.77
CA LEU C 17 24.44 -50.11 7.61
C LEU C 17 23.08 -49.97 8.28
N LYS C 18 22.01 -50.42 7.62
CA LYS C 18 20.67 -50.34 8.18
C LYS C 18 19.90 -51.55 7.70
N ARG C 19 19.22 -52.25 8.63
CA ARG C 19 18.26 -53.27 8.28
C ARG C 19 17.10 -53.15 9.26
N GLU C 20 15.94 -52.75 8.75
CA GLU C 20 14.74 -52.59 9.55
C GLU C 20 13.55 -53.06 8.73
N GLY C 21 12.52 -53.53 9.44
CA GLY C 21 11.33 -54.08 8.82
C GLY C 21 11.17 -55.56 9.07
N ASN C 22 10.00 -56.07 8.70
CA ASN C 22 9.64 -57.46 8.88
C ASN C 22 9.65 -58.24 7.58
N ASP C 23 10.05 -57.62 6.48
CA ASP C 23 9.75 -58.13 5.15
C ASP C 23 10.97 -58.21 4.27
N CYS C 24 12.17 -58.18 4.85
CA CYS C 24 13.38 -58.06 4.05
C CYS C 24 13.69 -59.32 3.25
N ASP C 25 13.19 -60.48 3.65
CA ASP C 25 13.45 -61.72 2.93
C ASP C 25 12.24 -62.21 2.15
N GLN C 26 11.19 -61.41 2.06
CA GLN C 26 9.98 -61.77 1.33
C GLN C 26 10.12 -61.34 -0.12
N ARG C 27 9.83 -62.26 -1.04
CA ARG C 27 9.92 -61.96 -2.47
C ARG C 27 8.65 -61.27 -2.99
N TYR C 28 8.86 -60.26 -3.82
CA TYR C 28 7.80 -59.50 -4.49
C TYR C 28 8.18 -59.30 -5.95
N SER C 29 7.19 -58.98 -6.77
CA SER C 29 7.45 -58.60 -8.15
C SER C 29 8.35 -57.37 -8.17
N PRO C 30 9.38 -57.34 -9.00
CA PRO C 30 10.23 -56.13 -9.06
C PRO C 30 9.52 -54.92 -9.64
N ALA C 31 8.46 -55.11 -10.41
CA ALA C 31 7.81 -54.03 -11.15
C ALA C 31 8.89 -53.24 -11.91
N SER C 32 8.73 -51.92 -12.01
CA SER C 32 9.62 -51.13 -12.86
C SER C 32 11.07 -51.16 -12.38
N THR C 33 11.39 -51.69 -11.19
CA THR C 33 12.81 -51.81 -10.83
C THR C 33 13.54 -52.78 -11.74
N PHE C 34 12.83 -53.61 -12.50
CA PHE C 34 13.45 -54.55 -13.45
C PHE C 34 14.08 -53.80 -14.61
N KCX C 35 13.72 -52.53 -14.76
CA KCX C 35 14.29 -51.74 -15.83
CB KCX C 35 13.59 -50.38 -15.93
CG KCX C 35 12.23 -50.44 -16.63
CD KCX C 35 11.63 -49.05 -16.81
CE KCX C 35 10.25 -49.06 -17.47
NZ KCX C 35 9.20 -49.63 -16.59
C KCX C 35 15.79 -51.58 -15.61
O KCX C 35 16.54 -51.40 -16.56
CX KCX C 35 8.77 -50.89 -16.71
OQ1 KCX C 35 9.23 -51.65 -17.59
OQ2 KCX C 35 7.90 -51.29 -15.92
N ILE C 36 16.23 -51.67 -14.35
CA ILE C 36 17.66 -51.72 -14.08
C ILE C 36 18.27 -52.92 -14.78
N ALA C 37 17.62 -54.08 -14.62
CA ALA C 37 18.13 -55.28 -15.26
C ALA C 37 18.05 -55.18 -16.78
N LEU C 38 16.89 -54.73 -17.29
CA LEU C 38 16.71 -54.60 -18.74
C LEU C 38 17.74 -53.65 -19.34
N SER C 39 18.05 -52.56 -18.64
CA SER C 39 19.08 -51.64 -19.11
C SER C 39 20.39 -52.39 -19.34
N LEU C 40 20.76 -53.25 -18.39
CA LEU C 40 22.02 -53.97 -18.51
C LEU C 40 22.02 -54.89 -19.72
N MSE C 41 20.92 -55.61 -19.95
CA MSE C 41 20.79 -56.44 -21.15
C MSE C 41 20.80 -55.60 -22.43
O MSE C 41 21.46 -55.97 -23.40
CB MSE C 41 19.49 -57.25 -21.12
CG MSE C 41 19.28 -58.02 -19.87
SE MSE C 41 17.50 -58.84 -19.86
CE MSE C 41 17.37 -59.13 -17.94
N GLY C 42 20.08 -54.49 -22.40
CA GLY C 42 19.98 -53.64 -23.58
C GLY C 42 21.32 -53.16 -24.08
N PHE C 43 22.14 -52.62 -23.18
CA PHE C 43 23.42 -52.08 -23.60
C PHE C 43 24.43 -53.19 -23.86
N ASP C 44 24.38 -54.28 -23.06
CA ASP C 44 25.28 -55.41 -23.29
C ASP C 44 25.00 -56.10 -24.63
N SER C 45 23.73 -56.35 -24.94
CA SER C 45 23.43 -57.02 -26.20
C SER C 45 23.67 -56.11 -27.41
N GLY C 46 23.73 -54.79 -27.20
CA GLY C 46 23.93 -53.86 -28.29
C GLY C 46 22.66 -53.29 -28.89
N ILE C 47 21.49 -53.75 -28.45
CA ILE C 47 20.22 -53.17 -28.87
C ILE C 47 20.15 -51.70 -28.46
N LEU C 48 20.52 -51.39 -27.21
CA LEU C 48 20.65 -50.01 -26.77
C LEU C 48 22.06 -49.50 -27.08
N LYS C 49 22.14 -48.25 -27.57
CA LYS C 49 23.43 -47.70 -28.03
C LYS C 49 24.04 -46.74 -27.02
N ASP C 50 23.32 -45.69 -26.64
CA ASP C 50 23.77 -44.81 -25.59
C ASP C 50 22.54 -44.22 -24.92
N GLU C 51 22.77 -43.18 -24.09
CA GLU C 51 21.70 -42.59 -23.30
C GLU C 51 20.56 -42.08 -24.17
N LEU C 52 20.82 -41.71 -25.42
CA LEU C 52 19.78 -41.17 -26.27
C LEU C 52 19.48 -42.06 -27.49
N HIS C 53 20.08 -43.24 -27.58
CA HIS C 53 19.87 -44.08 -28.76
C HIS C 53 19.70 -45.55 -28.39
N PRO C 54 18.74 -46.25 -29.01
CA PRO C 54 17.88 -45.70 -30.08
C PRO C 54 16.65 -44.97 -29.56
N GLU C 55 16.05 -44.14 -30.41
CA GLU C 55 14.83 -43.39 -30.08
C GLU C 55 13.65 -44.02 -30.80
N TRP C 56 12.82 -44.74 -30.06
CA TRP C 56 11.74 -45.40 -30.78
C TRP C 56 10.46 -44.58 -30.75
N PRO C 57 9.59 -44.75 -31.75
CA PRO C 57 8.36 -43.97 -31.83
C PRO C 57 7.18 -44.63 -31.12
N TYR C 58 6.23 -43.78 -30.74
CA TYR C 58 4.99 -44.23 -30.12
C TYR C 58 4.01 -44.77 -31.18
N LYS C 59 3.44 -45.94 -30.91
CA LYS C 59 2.41 -46.54 -31.74
C LYS C 59 1.11 -46.58 -30.97
N LYS C 60 -0.01 -46.43 -31.68
CA LYS C 60 -1.30 -46.30 -31.02
C LYS C 60 -1.74 -47.58 -30.33
N GLU C 61 -1.13 -48.72 -30.66
CA GLU C 61 -1.42 -49.98 -29.98
C GLU C 61 -0.85 -50.02 -28.56
N TYR C 62 0.11 -49.15 -28.25
CA TYR C 62 0.67 -49.10 -26.90
C TYR C 62 -0.29 -48.42 -25.95
N GLU C 63 -0.61 -49.10 -24.83
CA GLU C 63 -1.54 -48.51 -23.86
C GLU C 63 -0.91 -47.26 -23.24
N LEU C 64 -1.70 -46.18 -23.21
CA LEU C 64 -1.22 -44.88 -22.76
C LEU C 64 -1.69 -44.66 -21.33
N TYR C 65 -1.00 -45.32 -20.40
CA TYR C 65 -1.35 -45.15 -18.98
C TYR C 65 -0.93 -43.77 -18.48
N LEU C 66 0.23 -43.29 -18.92
CA LEU C 66 0.66 -41.92 -18.64
C LEU C 66 0.78 -41.18 -19.96
N ASN C 67 0.33 -39.93 -19.97
CA ASN C 67 0.33 -39.22 -21.24
C ASN C 67 1.74 -38.88 -21.72
N VAL C 68 2.74 -38.87 -20.84
CA VAL C 68 4.10 -38.60 -21.30
C VAL C 68 4.66 -39.74 -22.15
N TRP C 69 4.03 -40.92 -22.15
CA TRP C 69 4.51 -42.02 -23.00
C TRP C 69 4.18 -41.84 -24.48
N LYS C 70 3.50 -40.76 -24.87
CA LYS C 70 3.11 -40.54 -26.26
C LYS C 70 4.23 -39.93 -27.10
N TYR C 71 5.28 -39.48 -26.47
CA TYR C 71 6.45 -38.93 -27.13
C TYR C 71 7.42 -40.05 -27.51
N PRO C 72 8.31 -39.81 -28.48
CA PRO C 72 9.37 -40.78 -28.74
C PRO C 72 10.22 -40.99 -27.49
N GLN C 73 10.66 -42.22 -27.29
CA GLN C 73 11.38 -42.62 -26.08
C GLN C 73 12.76 -43.14 -26.45
N ASN C 74 13.74 -42.81 -25.62
CA ASN C 74 15.11 -43.30 -25.76
C ASN C 74 15.50 -43.83 -24.38
N PRO C 75 16.68 -44.42 -24.19
CA PRO C 75 16.97 -44.96 -22.84
C PRO C 75 16.82 -43.94 -21.73
N HIS C 76 17.21 -42.70 -21.98
CA HIS C 76 17.13 -41.67 -20.95
C HIS C 76 15.68 -41.41 -20.54
N THR C 77 14.80 -41.18 -21.52
CA THR C 77 13.39 -40.93 -21.22
C THR C 77 12.69 -42.19 -20.72
N TRP C 78 13.10 -43.36 -21.21
CA TRP C 78 12.59 -44.65 -20.72
C TRP C 78 12.62 -44.75 -19.19
N ILE C 79 13.79 -44.52 -18.59
CA ILE C 79 13.89 -44.62 -17.14
C ILE C 79 13.17 -43.44 -16.47
N ARG C 80 13.41 -42.22 -16.97
CA ARG C 80 12.77 -41.04 -16.42
C ARG C 80 11.26 -41.17 -16.38
N ASP C 81 10.64 -41.55 -17.51
CA ASP C 81 9.19 -41.68 -17.62
C ASP C 81 8.67 -43.04 -17.18
N SER C 82 9.55 -43.96 -16.74
CA SER C 82 9.20 -45.34 -16.43
C SER C 82 8.24 -45.92 -17.48
N CYS C 83 8.68 -45.87 -18.73
CA CYS C 83 7.86 -46.17 -19.90
C CYS C 83 7.86 -47.67 -20.22
N VAL C 84 6.71 -48.33 -19.99
CA VAL C 84 6.62 -49.78 -20.11
C VAL C 84 6.77 -50.25 -21.56
N TRP C 85 6.22 -49.51 -22.54
CA TRP C 85 6.25 -50.03 -23.90
C TRP C 85 7.66 -49.99 -24.48
N TYR C 86 8.55 -49.14 -23.96
CA TYR C 86 9.94 -49.20 -24.38
C TYR C 86 10.62 -50.44 -23.83
N SER C 87 10.33 -50.80 -22.58
CA SER C 87 10.77 -52.10 -22.03
C SER C 87 10.37 -53.25 -22.95
N GLN C 88 9.08 -53.30 -23.30
CA GLN C 88 8.57 -54.43 -24.05
C GLN C 88 9.11 -54.44 -25.48
N ALA C 89 9.27 -53.26 -26.10
CA ALA C 89 9.95 -53.22 -27.39
C ALA C 89 11.36 -53.79 -27.27
N LEU C 90 12.05 -53.46 -26.18
CA LEU C 90 13.39 -53.98 -25.94
C LEU C 90 13.38 -55.51 -25.79
N THR C 91 12.47 -56.06 -24.97
CA THR C 91 12.51 -57.50 -24.73
C THR C 91 12.16 -58.31 -25.96
N ARG C 92 11.22 -57.82 -26.79
CA ARG C 92 10.89 -58.57 -28.01
C ARG C 92 12.08 -58.64 -28.95
N GLN C 93 12.88 -57.57 -29.00
CA GLN C 93 14.09 -57.61 -29.80
C GLN C 93 15.16 -58.52 -29.17
N LEU C 94 15.20 -58.61 -27.84
CA LEU C 94 16.07 -59.61 -27.21
C LEU C 94 15.66 -61.03 -27.60
N GLY C 95 14.36 -61.32 -27.51
CA GLY C 95 13.88 -62.67 -27.71
C GLY C 95 13.97 -63.48 -26.43
N MSE C 96 13.09 -64.47 -26.26
CA MSE C 96 13.03 -65.24 -25.01
C MSE C 96 14.38 -65.88 -24.68
O MSE C 96 14.79 -65.91 -23.52
CB MSE C 96 11.94 -66.32 -25.07
CG MSE C 96 11.81 -67.12 -23.77
SE MSE C 96 11.44 -66.01 -22.15
CE MSE C 96 9.47 -66.01 -22.21
N LYS C 97 15.06 -66.36 -25.71
CA LYS C 97 16.34 -67.04 -25.52
C LYS C 97 17.35 -66.12 -24.83
N ARG C 98 17.62 -64.95 -25.41
CA ARG C 98 18.55 -64.01 -24.77
C ARG C 98 18.00 -63.48 -23.46
N PHE C 99 16.68 -63.28 -23.39
CA PHE C 99 16.07 -62.75 -22.17
C PHE C 99 16.31 -63.68 -20.98
N LYS C 100 15.81 -64.92 -21.07
CA LYS C 100 16.01 -65.85 -19.96
C LYS C 100 17.49 -66.07 -19.70
N GLY C 101 18.31 -66.08 -20.74
CA GLY C 101 19.75 -66.18 -20.54
C GLY C 101 20.27 -65.14 -19.56
N TYR C 102 19.97 -63.87 -19.80
CA TYR C 102 20.42 -62.79 -18.91
C TYR C 102 19.84 -62.91 -17.50
N VAL C 103 18.54 -63.22 -17.39
CA VAL C 103 17.91 -63.38 -16.07
C VAL C 103 18.66 -64.43 -15.26
N ASP C 104 18.97 -65.56 -15.91
CA ASP C 104 19.66 -66.64 -15.21
C ASP C 104 21.11 -66.27 -14.90
N ALA C 105 21.77 -65.56 -15.82
CA ALA C 105 23.17 -65.21 -15.57
C ALA C 105 23.28 -64.13 -14.49
N PHE C 106 22.24 -63.30 -14.34
CA PHE C 106 22.21 -62.30 -13.27
C PHE C 106 21.77 -62.90 -11.93
N HIS C 107 21.31 -64.15 -11.93
CA HIS C 107 20.72 -64.78 -10.76
C HIS C 107 19.69 -63.86 -10.11
N TYR C 108 18.77 -63.36 -10.93
CA TYR C 108 17.80 -62.34 -10.55
C TYR C 108 16.56 -63.00 -9.91
N GLY C 109 16.43 -62.85 -8.60
CA GLY C 109 15.21 -63.28 -7.94
C GLY C 109 14.97 -64.76 -8.08
N ASN C 110 13.71 -65.13 -8.29
CA ASN C 110 13.34 -66.52 -8.53
C ASN C 110 13.59 -66.93 -9.97
N GLN C 111 14.05 -66.02 -10.82
CA GLN C 111 14.45 -66.30 -12.22
C GLN C 111 13.29 -66.86 -13.05
N ASP C 112 12.05 -66.60 -12.63
CA ASP C 112 10.86 -67.14 -13.29
C ASP C 112 10.34 -66.10 -14.28
N VAL C 113 10.47 -66.37 -15.57
CA VAL C 113 10.01 -65.41 -16.58
C VAL C 113 8.94 -66.06 -17.46
N SER C 114 8.17 -67.00 -16.89
CA SER C 114 7.11 -67.67 -17.61
C SER C 114 5.87 -66.79 -17.82
N GLY C 115 5.71 -65.74 -17.02
CA GLY C 115 4.58 -64.84 -17.17
C GLY C 115 3.34 -65.29 -16.42
N ASP C 116 2.23 -64.62 -16.73
CA ASP C 116 0.94 -64.91 -16.13
C ASP C 116 0.50 -66.34 -16.46
N LYS C 117 -0.36 -66.88 -15.60
CA LYS C 117 -0.86 -68.24 -15.70
C LYS C 117 -1.45 -68.55 -17.08
N GLY C 118 -0.80 -69.43 -17.84
CA GLY C 118 -1.33 -69.88 -19.10
C GLY C 118 -1.33 -68.88 -20.24
N GLN C 119 -0.74 -67.70 -20.04
CA GLN C 119 -0.79 -66.63 -21.05
C GLN C 119 0.37 -66.67 -22.03
N ASN C 120 1.47 -67.35 -21.68
CA ASN C 120 2.65 -67.42 -22.54
C ASN C 120 3.22 -66.03 -22.85
N ASN C 121 3.20 -65.13 -21.85
CA ASN C 121 3.56 -63.74 -22.10
C ASN C 121 4.75 -63.27 -21.26
N GLY C 122 5.60 -64.20 -20.82
CA GLY C 122 6.70 -63.82 -19.97
C GLY C 122 7.66 -62.84 -20.62
N LEU C 123 7.80 -62.89 -21.93
CA LEU C 123 8.80 -62.04 -22.59
C LEU C 123 8.49 -60.57 -22.38
N THR C 124 7.22 -60.21 -22.22
CA THR C 124 6.85 -58.82 -22.08
C THR C 124 6.07 -58.50 -20.82
N HIS C 125 5.73 -59.51 -20.00
CA HIS C 125 4.96 -59.27 -18.78
C HIS C 125 5.57 -59.90 -17.53
N ALA C 126 6.75 -60.50 -17.62
CA ALA C 126 7.28 -61.27 -16.50
C ALA C 126 7.52 -60.41 -15.25
N TRP C 127 7.88 -59.14 -15.40
CA TRP C 127 8.19 -58.27 -14.25
C TRP C 127 7.00 -57.41 -13.82
N LEU C 128 5.87 -57.50 -14.50
CA LEU C 128 4.74 -56.61 -14.27
C LEU C 128 3.68 -57.33 -13.45
N SER C 129 3.95 -57.45 -12.14
CA SER C 129 3.05 -58.12 -11.20
C SER C 129 2.68 -59.52 -11.70
N SER C 130 3.71 -60.27 -12.07
CA SER C 130 3.55 -61.59 -12.68
C SER C 130 4.43 -62.63 -12.01
N SER C 131 5.24 -63.34 -12.79
CA SER C 131 5.93 -64.51 -12.28
C SER C 131 7.27 -64.18 -11.64
N LEU C 132 7.97 -63.19 -12.17
CA LEU C 132 9.27 -62.83 -11.63
C LEU C 132 9.08 -62.26 -10.23
N SER C 133 10.01 -62.60 -9.33
CA SER C 133 9.86 -62.24 -7.92
C SER C 133 11.24 -62.11 -7.29
N ILE C 134 11.44 -61.06 -6.50
CA ILE C 134 12.74 -60.80 -5.90
C ILE C 134 12.53 -60.18 -4.51
N SER C 135 13.45 -60.50 -3.59
CA SER C 135 13.34 -59.96 -2.24
C SER C 135 14.21 -58.73 -2.08
N PRO C 136 13.91 -57.86 -1.09
CA PRO C 136 14.77 -56.68 -0.88
C PRO C 136 16.23 -57.04 -0.67
N THR C 137 16.49 -58.11 0.10
CA THR C 137 17.83 -58.68 0.24
C THR C 137 18.46 -58.99 -1.12
N GLU C 138 17.69 -59.60 -2.02
CA GLU C 138 18.24 -59.93 -3.33
C GLU C 138 18.42 -58.69 -4.21
N GLN C 139 17.64 -57.62 -3.98
CA GLN C 139 17.88 -56.38 -4.71
C GLN C 139 19.24 -55.80 -4.35
N ILE C 140 19.55 -55.74 -3.05
CA ILE C 140 20.87 -55.31 -2.62
C ILE C 140 21.96 -56.15 -3.29
N GLN C 141 21.81 -57.49 -3.24
CA GLN C 141 22.81 -58.37 -3.84
C GLN C 141 23.00 -58.06 -5.32
N PHE C 142 21.90 -57.91 -6.07
CA PHE C 142 22.00 -57.55 -7.48
C PHE C 142 22.61 -56.16 -7.68
N LEU C 143 22.26 -55.20 -6.82
CA LEU C 143 22.84 -53.86 -6.96
C LEU C 143 24.32 -53.86 -6.61
N GLN C 144 24.73 -54.62 -5.59
CA GLN C 144 26.17 -54.73 -5.29
C GLN C 144 26.94 -55.35 -6.45
N LYS C 145 26.32 -56.27 -7.19
CA LYS C 145 27.00 -56.84 -8.36
C LYS C 145 27.22 -55.79 -9.44
N ILE C 146 26.34 -54.78 -9.53
CA ILE C 146 26.56 -53.69 -10.48
C ILE C 146 27.66 -52.77 -9.99
N ILE C 147 27.63 -52.41 -8.70
CA ILE C 147 28.62 -51.50 -8.14
C ILE C 147 30.02 -52.09 -8.26
N TYR C 148 30.17 -53.38 -7.94
CA TYR C 148 31.49 -54.00 -7.93
C TYR C 148 31.76 -54.83 -9.19
N LYS C 149 30.91 -54.68 -10.21
CA LYS C 149 31.14 -55.25 -11.53
C LYS C 149 31.32 -56.76 -11.49
N LYS C 150 30.40 -57.42 -10.79
CA LYS C 150 30.40 -58.87 -10.68
C LYS C 150 29.40 -59.52 -11.64
N LEU C 151 28.93 -58.79 -12.66
CA LEU C 151 27.99 -59.26 -13.67
C LEU C 151 28.71 -59.56 -14.98
N PRO C 152 28.20 -60.52 -15.79
CA PRO C 152 28.82 -60.84 -17.08
C PRO C 152 28.38 -59.90 -18.20
N VAL C 153 28.53 -58.59 -17.98
CA VAL C 153 28.18 -57.59 -18.97
C VAL C 153 29.44 -56.79 -19.35
N SER C 154 29.32 -56.02 -20.42
CA SER C 154 30.45 -55.21 -20.89
C SER C 154 30.59 -53.95 -20.05
N GLN C 155 31.79 -53.36 -20.12
CA GLN C 155 32.07 -52.13 -19.39
C GLN C 155 31.06 -51.05 -19.75
N LYS C 156 30.66 -51.01 -21.02
CA LYS C 156 29.70 -50.00 -21.48
C LYS C 156 28.35 -50.18 -20.82
N ALA C 157 27.94 -51.45 -20.60
CA ALA C 157 26.64 -51.69 -19.99
C ALA C 157 26.59 -51.14 -18.58
N TYR C 158 27.71 -51.18 -17.86
CA TYR C 158 27.75 -50.59 -16.51
C TYR C 158 27.63 -49.08 -16.56
N THR C 159 28.28 -48.45 -17.54
CA THR C 159 28.38 -47.00 -17.57
C THR C 159 27.09 -46.34 -18.03
N MSE C 160 26.49 -46.85 -19.11
CA MSE C 160 25.23 -46.32 -19.61
C MSE C 160 24.08 -46.59 -18.67
O MSE C 160 23.14 -45.80 -18.58
CB MSE C 160 24.92 -46.91 -20.98
CG MSE C 160 25.95 -46.54 -22.04
SE MSE C 160 25.96 -44.60 -22.28
CE MSE C 160 27.80 -44.33 -22.83
N THR C 161 24.14 -47.71 -17.93
CA THR C 161 23.09 -47.99 -16.96
C THR C 161 23.16 -47.02 -15.79
N LYS C 162 24.36 -46.80 -15.26
CA LYS C 162 24.51 -45.82 -14.18
C LYS C 162 24.05 -44.44 -14.62
N ASN C 163 24.43 -44.01 -15.83
CA ASN C 163 24.11 -42.67 -16.32
C ASN C 163 22.60 -42.45 -16.40
N ILE C 164 21.84 -43.44 -16.87
CA ILE C 164 20.41 -43.18 -17.04
C ILE C 164 19.62 -43.34 -15.75
N MSE C 165 20.22 -43.92 -14.71
CA MSE C 165 19.56 -44.05 -13.41
C MSE C 165 19.82 -42.85 -12.49
O MSE C 165 19.35 -42.82 -11.36
CB MSE C 165 20.03 -45.33 -12.70
CG MSE C 165 19.62 -46.63 -13.36
SE MSE C 165 20.52 -48.12 -12.45
CE MSE C 165 19.87 -47.67 -10.66
N TYR C 166 20.62 -41.88 -12.97
CA TYR C 166 20.88 -40.69 -12.17
C TYR C 166 19.57 -39.99 -11.85
N ILE C 167 19.41 -39.57 -10.59
CA ILE C 167 18.22 -38.84 -10.18
C ILE C 167 18.56 -37.41 -9.79
N GLN C 168 19.36 -37.23 -8.74
CA GLN C 168 19.65 -35.88 -8.26
C GLN C 168 20.82 -35.93 -7.29
N GLU C 169 21.19 -34.74 -6.82
CA GLU C 169 22.28 -34.52 -5.89
C GLU C 169 21.69 -34.22 -4.52
N LEU C 170 22.02 -35.03 -3.53
CA LEU C 170 21.52 -34.88 -2.17
C LEU C 170 22.42 -33.94 -1.39
N PRO C 171 21.98 -33.51 -0.20
CA PRO C 171 22.85 -32.67 0.63
C PRO C 171 24.20 -33.31 0.85
N GLY C 172 25.23 -32.48 0.90
CA GLY C 172 26.57 -32.97 1.05
C GLY C 172 27.22 -33.40 -0.24
N GLY C 173 26.49 -33.40 -1.35
CA GLY C 173 27.05 -33.78 -2.62
C GLY C 173 26.89 -35.24 -2.94
N TRP C 174 26.07 -35.95 -2.17
CA TRP C 174 25.82 -37.36 -2.44
C TRP C 174 24.93 -37.47 -3.66
N LYS C 175 25.35 -38.23 -4.66
CA LYS C 175 24.56 -38.37 -5.87
C LYS C 175 23.62 -39.56 -5.73
N LEU C 176 22.34 -39.33 -6.01
CA LEU C 176 21.31 -40.35 -5.88
C LEU C 176 21.09 -41.01 -7.24
N TYR C 177 21.22 -42.33 -7.29
CA TYR C 177 20.85 -43.17 -8.41
C TYR C 177 19.85 -44.21 -7.92
N GLY C 178 18.85 -44.51 -8.74
CA GLY C 178 17.88 -45.49 -8.30
C GLY C 178 16.70 -45.58 -9.26
N LYS C 179 15.68 -46.32 -8.81
CA LYS C 179 14.51 -46.62 -9.63
C LYS C 179 13.33 -46.96 -8.74
N THR C 180 12.17 -46.38 -9.05
CA THR C 180 10.93 -46.74 -8.40
C THR C 180 10.23 -47.86 -9.15
N GLY C 181 9.39 -48.61 -8.42
CA GLY C 181 8.49 -49.60 -8.99
C GLY C 181 7.25 -49.86 -8.16
N THR C 182 6.09 -49.84 -8.81
CA THR C 182 4.80 -50.13 -8.18
C THR C 182 4.17 -51.33 -8.85
N GLY C 183 3.66 -52.25 -8.04
CA GLY C 183 2.90 -53.37 -8.56
C GLY C 183 1.68 -53.62 -7.71
N ARG C 184 0.95 -54.66 -8.05
CA ARG C 184 -0.25 -55.04 -7.33
C ARG C 184 -0.04 -56.41 -6.72
N GLN C 185 -0.44 -56.57 -5.47
CA GLN C 185 -0.35 -57.87 -4.83
C GLN C 185 -1.22 -58.87 -5.58
N LEU C 186 -0.87 -60.15 -5.47
CA LEU C 186 -1.60 -61.20 -6.16
C LEU C 186 -2.36 -62.07 -5.18
N THR C 187 -3.38 -62.76 -5.70
CA THR C 187 -4.17 -63.69 -4.91
C THR C 187 -3.32 -64.92 -4.59
N LYS C 188 -3.96 -65.95 -4.02
CA LYS C 188 -3.26 -67.21 -3.74
C LYS C 188 -2.77 -67.87 -5.03
N ASP C 189 -3.70 -68.16 -5.95
CA ASP C 189 -3.37 -68.85 -7.20
C ASP C 189 -2.65 -67.96 -8.21
N LYS C 190 -2.47 -66.68 -7.91
CA LYS C 190 -1.76 -65.73 -8.75
C LYS C 190 -2.45 -65.51 -10.11
N SER C 191 -3.75 -65.77 -10.20
CA SER C 191 -4.48 -65.53 -11.45
C SER C 191 -5.27 -64.24 -11.45
N GLN C 192 -5.24 -63.48 -10.35
CA GLN C 192 -5.91 -62.19 -10.27
C GLN C 192 -5.00 -61.20 -9.55
N LYS C 193 -5.06 -59.95 -9.98
CA LYS C 193 -4.31 -58.87 -9.35
C LYS C 193 -5.23 -58.13 -8.37
N LEU C 194 -4.89 -58.15 -7.10
CA LEU C 194 -5.65 -57.41 -6.10
C LEU C 194 -5.54 -55.90 -6.30
N PRO C 195 -6.47 -55.13 -5.75
CA PRO C 195 -6.30 -53.68 -5.74
C PRO C 195 -5.18 -53.20 -4.84
N LEU C 196 -4.64 -54.07 -3.98
CA LEU C 196 -3.63 -53.66 -2.99
C LEU C 196 -2.29 -53.44 -3.67
N GLN C 197 -1.63 -52.34 -3.31
CA GLN C 197 -0.39 -52.01 -3.96
C GLN C 197 0.82 -52.52 -3.16
N HIS C 198 1.96 -52.49 -3.81
CA HIS C 198 3.25 -52.62 -3.15
C HIS C 198 4.24 -51.84 -4.00
N GLY C 199 5.30 -51.37 -3.38
CA GLY C 199 6.14 -50.36 -4.01
C GLY C 199 7.58 -50.46 -3.58
N TRP C 200 8.47 -50.09 -4.50
CA TRP C 200 9.90 -50.20 -4.35
C TRP C 200 10.59 -48.86 -4.58
N PHE C 201 11.68 -48.63 -3.87
CA PHE C 201 12.68 -47.65 -4.31
C PHE C 201 14.03 -48.25 -3.97
N VAL C 202 14.82 -48.54 -4.99
CA VAL C 202 16.11 -49.19 -4.83
C VAL C 202 17.13 -48.38 -5.61
N GLY C 203 18.38 -48.43 -5.17
CA GLY C 203 19.45 -47.77 -5.90
C GLY C 203 20.68 -47.60 -5.04
N TRP C 204 21.37 -46.48 -5.19
CA TRP C 204 22.52 -46.25 -4.32
C TRP C 204 22.78 -44.76 -4.23
N ILE C 205 23.52 -44.37 -3.19
CA ILE C 205 24.10 -43.04 -3.18
C ILE C 205 25.62 -43.16 -3.25
N GLU C 206 26.27 -42.08 -3.70
CA GLU C 206 27.66 -42.14 -4.11
C GLU C 206 28.31 -40.79 -3.85
N LYS C 207 29.45 -40.80 -3.16
CA LYS C 207 30.23 -39.59 -2.94
C LYS C 207 31.70 -39.96 -2.90
N ASP C 208 32.50 -39.26 -3.72
CA ASP C 208 33.91 -39.59 -3.93
C ASP C 208 34.01 -41.07 -4.28
N GLU C 209 34.59 -41.87 -3.41
CA GLU C 209 34.74 -43.29 -3.70
C GLU C 209 33.81 -44.20 -2.90
N ARG C 210 32.91 -43.65 -2.08
CA ARG C 210 32.00 -44.46 -1.27
C ARG C 210 30.68 -44.64 -1.99
N VAL C 211 30.17 -45.88 -1.98
CA VAL C 211 28.88 -46.19 -2.54
C VAL C 211 28.07 -46.93 -1.50
N ILE C 212 26.82 -46.53 -1.32
CA ILE C 212 25.91 -47.15 -0.35
C ILE C 212 24.68 -47.58 -1.11
N THR C 213 24.51 -48.89 -1.27
CA THR C 213 23.31 -49.40 -1.92
C THR C 213 22.15 -49.41 -0.91
N PHE C 214 20.94 -49.29 -1.41
CA PHE C 214 19.76 -49.26 -0.57
C PHE C 214 18.57 -49.87 -1.30
N ALA C 215 17.64 -50.41 -0.52
CA ALA C 215 16.42 -51.01 -1.02
C ALA C 215 15.30 -50.74 -0.03
N LYS C 216 14.20 -50.19 -0.54
CA LYS C 216 13.02 -49.88 0.25
C LYS C 216 11.82 -50.52 -0.41
N HIS C 217 11.01 -51.24 0.37
CA HIS C 217 9.79 -51.86 -0.12
C HIS C 217 8.68 -51.69 0.91
N ILE C 218 7.45 -51.46 0.44
CA ILE C 218 6.27 -51.42 1.29
C ILE C 218 5.16 -52.19 0.58
N ALA C 219 4.30 -52.81 1.39
CA ALA C 219 3.13 -53.50 0.88
C ALA C 219 1.93 -53.01 1.68
N ASP C 220 0.98 -52.38 0.99
CA ASP C 220 -0.21 -51.87 1.64
C ASP C 220 -1.11 -53.01 2.07
N SER C 221 -1.79 -52.80 3.19
CA SER C 221 -2.86 -53.69 3.64
C SER C 221 -4.25 -53.21 3.23
N LYS C 222 -4.38 -51.94 2.86
CA LYS C 222 -5.63 -51.39 2.36
C LYS C 222 -5.36 -50.57 1.10
N GLU C 223 -6.42 -50.25 0.37
CA GLU C 223 -6.29 -49.41 -0.82
C GLU C 223 -5.74 -48.03 -0.43
N ASN C 224 -5.19 -47.33 -1.43
CA ASN C 224 -4.43 -46.12 -1.20
C ASN C 224 -4.50 -45.24 -2.43
N THR C 225 -4.77 -43.94 -2.24
CA THR C 225 -4.93 -43.02 -3.36
C THR C 225 -3.61 -42.60 -3.99
N THR C 226 -2.47 -43.03 -3.44
CA THR C 226 -1.17 -42.64 -3.94
C THR C 226 -0.38 -43.89 -4.35
N PHE C 227 0.33 -43.79 -5.48
CA PHE C 227 1.23 -44.87 -5.90
C PHE C 227 2.16 -45.26 -4.77
N ALA C 228 2.36 -46.57 -4.61
CA ALA C 228 3.22 -47.07 -3.52
C ALA C 228 4.70 -46.73 -3.76
N SER C 229 5.14 -46.67 -5.00
CA SER C 229 6.52 -46.27 -5.27
C SER C 229 6.80 -44.86 -4.73
N PHE C 230 5.88 -43.91 -4.94
CA PHE C 230 6.08 -42.55 -4.42
C PHE C 230 6.24 -42.58 -2.89
N ARG C 231 5.34 -43.29 -2.20
CA ARG C 231 5.45 -43.37 -0.76
C ARG C 231 6.76 -44.07 -0.36
N ALA C 232 7.15 -45.14 -1.07
CA ALA C 232 8.42 -45.78 -0.76
C ALA C 232 9.60 -44.85 -0.99
N LYS C 233 9.58 -44.11 -2.10
CA LYS C 233 10.69 -43.21 -2.38
C LYS C 233 10.76 -42.07 -1.37
N ASN C 234 9.59 -41.55 -0.96
CA ASN C 234 9.60 -40.45 0.01
C ASN C 234 10.07 -40.92 1.39
N ASP C 235 9.77 -42.16 1.77
CA ASP C 235 10.37 -42.73 2.99
C ASP C 235 11.88 -42.82 2.85
N THR C 236 12.35 -43.35 1.73
CA THR C 236 13.78 -43.55 1.55
C THR C 236 14.54 -42.24 1.66
N LEU C 237 14.07 -41.20 0.96
CA LEU C 237 14.79 -39.92 0.96
C LEU C 237 15.04 -39.40 2.36
N ILE C 238 14.11 -39.66 3.27
CA ILE C 238 14.26 -39.20 4.65
C ILE C 238 15.24 -40.08 5.41
N GLN C 239 15.20 -41.40 5.16
CA GLN C 239 16.23 -42.29 5.70
C GLN C 239 17.63 -41.92 5.20
N LEU C 240 17.75 -41.70 3.89
CA LEU C 240 19.03 -41.30 3.30
C LEU C 240 19.53 -39.97 3.84
N PHE C 241 18.62 -39.02 4.06
CA PHE C 241 19.03 -37.74 4.63
C PHE C 241 19.60 -37.94 6.04
N ASN C 242 18.93 -38.76 6.85
CA ASN C 242 19.41 -39.05 8.19
C ASN C 242 20.68 -39.90 8.17
N LEU C 243 20.81 -40.79 7.19
CA LEU C 243 22.04 -41.57 7.04
C LEU C 243 23.22 -40.66 6.64
N ILE C 244 23.02 -39.78 5.67
CA ILE C 244 24.09 -38.87 5.28
C ILE C 244 24.52 -37.99 6.46
N ASN C 245 23.56 -37.52 7.25
CA ASN C 245 23.95 -36.71 8.40
C ASN C 245 24.82 -37.51 9.36
N GLU C 246 24.55 -38.81 9.48
CA GLU C 246 25.36 -39.66 10.37
C GLU C 246 26.74 -39.90 9.78
N LEU C 247 26.80 -40.25 8.49
CA LEU C 247 28.07 -40.49 7.81
C LEU C 247 28.98 -39.27 7.77
N GLU C 248 28.43 -38.07 7.89
CA GLU C 248 29.24 -36.87 7.83
C GLU C 248 29.63 -36.35 9.21
N LYS C 249 29.50 -37.18 10.24
CA LYS C 249 30.13 -36.91 11.55
C LYS C 249 30.15 -38.17 12.41
N GLN D 4 -7.00 -28.97 8.41
CA GLN D 4 -5.57 -28.85 8.08
C GLN D 4 -5.28 -27.52 7.36
N ASP D 5 -4.12 -26.91 7.67
CA ASP D 5 -3.75 -25.58 7.19
C ASP D 5 -2.71 -25.75 6.11
N THR D 6 -3.15 -25.78 4.85
CA THR D 6 -2.28 -26.01 3.72
C THR D 6 -2.68 -25.11 2.56
N CYS D 7 -1.81 -25.02 1.56
CA CYS D 7 -2.12 -24.36 0.31
C CYS D 7 -1.29 -25.01 -0.79
N PHE D 8 -1.90 -25.29 -1.95
CA PHE D 8 -1.15 -25.57 -3.16
C PHE D 8 -1.64 -24.67 -4.27
N LEU D 9 -0.70 -24.02 -4.94
CA LEU D 9 -0.98 -23.04 -5.96
C LEU D 9 -0.08 -23.29 -7.17
N ALA D 10 -0.68 -23.39 -8.35
CA ALA D 10 0.07 -23.48 -9.60
C ALA D 10 -0.50 -22.49 -10.60
N LYS D 11 0.37 -21.76 -11.27
CA LYS D 11 -0.02 -20.68 -12.17
C LYS D 11 0.86 -20.73 -13.41
N GLU D 12 0.25 -20.63 -14.59
CA GLU D 12 1.01 -20.46 -15.83
C GLU D 12 0.71 -19.04 -16.31
N ASN D 13 1.70 -18.16 -16.15
CA ASN D 13 1.55 -16.75 -16.52
C ASN D 13 0.43 -16.16 -15.69
N GLN D 14 -0.68 -15.70 -16.30
CA GLN D 14 -1.78 -15.14 -15.52
C GLN D 14 -2.88 -16.16 -15.20
N THR D 15 -2.78 -17.37 -15.74
CA THR D 15 -3.83 -18.36 -15.59
C THR D 15 -3.55 -19.26 -14.38
N VAL D 16 -4.51 -19.35 -13.48
CA VAL D 16 -4.38 -20.24 -12.33
C VAL D 16 -4.75 -21.65 -12.79
N LEU D 17 -3.82 -22.59 -12.65
CA LEU D 17 -4.10 -23.96 -13.06
C LEU D 17 -4.56 -24.84 -11.89
N LYS D 18 -4.06 -24.60 -10.67
CA LYS D 18 -4.44 -25.31 -9.47
C LYS D 18 -4.48 -24.33 -8.30
N ARG D 19 -5.52 -24.44 -7.48
CA ARG D 19 -5.59 -23.72 -6.20
C ARG D 19 -6.39 -24.57 -5.23
N GLU D 20 -5.77 -24.95 -4.11
CA GLU D 20 -6.36 -25.84 -3.13
C GLU D 20 -5.86 -25.43 -1.75
N GLY D 21 -6.70 -25.65 -0.74
CA GLY D 21 -6.36 -25.35 0.64
C GLY D 21 -7.16 -24.19 1.19
N ASN D 22 -6.86 -23.87 2.45
CA ASN D 22 -7.52 -22.76 3.11
C ASN D 22 -6.54 -21.64 3.45
N ASP D 23 -5.26 -21.82 3.17
CA ASP D 23 -4.22 -20.93 3.70
C ASP D 23 -3.48 -20.16 2.61
N CYS D 24 -4.10 -20.00 1.44
CA CYS D 24 -3.41 -19.47 0.28
C CYS D 24 -3.12 -17.97 0.41
N ASP D 25 -3.93 -17.23 1.17
CA ASP D 25 -3.68 -15.80 1.35
C ASP D 25 -3.08 -15.46 2.71
N GLN D 26 -2.75 -16.46 3.52
CA GLN D 26 -2.20 -16.20 4.85
C GLN D 26 -0.68 -16.09 4.77
N ARG D 27 -0.13 -15.05 5.38
CA ARG D 27 1.31 -14.87 5.37
C ARG D 27 1.97 -15.76 6.42
N TYR D 28 3.13 -16.30 6.06
CA TYR D 28 4.00 -17.02 6.97
C TYR D 28 5.44 -16.58 6.72
N SER D 29 6.30 -16.85 7.71
CA SER D 29 7.74 -16.68 7.52
C SER D 29 8.22 -17.46 6.30
N PRO D 30 8.98 -16.82 5.40
CA PRO D 30 9.49 -17.55 4.24
C PRO D 30 10.44 -18.66 4.59
N ALA D 31 11.10 -18.60 5.75
CA ALA D 31 12.16 -19.52 6.11
C ALA D 31 13.22 -19.55 5.01
N SER D 32 13.70 -20.73 4.65
CA SER D 32 14.79 -20.82 3.70
C SER D 32 14.38 -20.50 2.26
N THR D 33 13.08 -20.49 1.93
CA THR D 33 12.72 -20.05 0.59
C THR D 33 13.13 -18.61 0.33
N PHE D 34 13.52 -17.86 1.36
CA PHE D 34 14.09 -16.53 1.21
C PHE D 34 15.49 -16.56 0.55
N KCX D 35 16.14 -17.71 0.51
CA KCX D 35 17.45 -17.78 -0.12
CB KCX D 35 18.09 -19.17 0.07
CG KCX D 35 18.47 -19.49 1.52
CD KCX D 35 19.20 -20.79 1.65
CE KCX D 35 19.75 -21.04 3.08
NZ KCX D 35 18.63 -21.19 4.08
C KCX D 35 17.33 -17.43 -1.61
O KCX D 35 18.29 -16.95 -2.22
CX KCX D 35 18.43 -20.28 5.03
OQ1 KCX D 35 19.18 -19.28 5.12
OQ2 KCX D 35 17.49 -20.40 5.84
N ILE D 36 16.16 -17.67 -2.19
CA ILE D 36 15.88 -17.22 -3.55
C ILE D 36 16.07 -15.72 -3.66
N ALA D 37 15.46 -14.95 -2.75
CA ALA D 37 15.67 -13.51 -2.78
C ALA D 37 17.12 -13.16 -2.47
N LEU D 38 17.77 -13.90 -1.56
CA LEU D 38 19.15 -13.60 -1.20
C LEU D 38 20.09 -13.87 -2.36
N SER D 39 19.81 -14.90 -3.14
CA SER D 39 20.62 -15.16 -4.32
C SER D 39 20.53 -14.02 -5.34
N LEU D 40 19.33 -13.48 -5.57
CA LEU D 40 19.21 -12.35 -6.49
C LEU D 40 20.02 -11.16 -6.00
N MSE D 41 19.85 -10.78 -4.74
CA MSE D 41 20.71 -9.77 -4.14
C MSE D 41 22.19 -10.05 -4.29
O MSE D 41 22.96 -9.18 -4.67
CB MSE D 41 20.43 -9.62 -2.65
CG MSE D 41 19.04 -9.22 -2.33
SE MSE D 41 18.82 -9.18 -0.43
CE MSE D 41 16.92 -9.64 -0.38
N GLY D 42 22.58 -11.28 -3.94
CA GLY D 42 23.99 -11.61 -3.87
C GLY D 42 24.66 -11.47 -5.23
N PHE D 43 24.05 -12.02 -6.27
CA PHE D 43 24.62 -11.89 -7.60
C PHE D 43 24.50 -10.46 -8.12
N ASP D 44 23.39 -9.79 -7.84
CA ASP D 44 23.23 -8.45 -8.39
C ASP D 44 24.21 -7.47 -7.76
N SER D 45 24.45 -7.60 -6.46
CA SER D 45 25.41 -6.72 -5.79
C SER D 45 26.85 -7.05 -6.12
N GLY D 46 27.13 -8.23 -6.66
CA GLY D 46 28.49 -8.62 -6.97
C GLY D 46 29.20 -9.37 -5.88
N ILE D 47 28.56 -9.58 -4.73
CA ILE D 47 29.17 -10.40 -3.68
C ILE D 47 29.27 -11.85 -4.14
N LEU D 48 28.20 -12.38 -4.74
CA LEU D 48 28.23 -13.72 -5.33
C LEU D 48 28.68 -13.61 -6.77
N LYS D 49 29.59 -14.51 -7.18
CA LYS D 49 30.26 -14.38 -8.47
C LYS D 49 29.73 -15.35 -9.52
N ASP D 50 29.62 -16.62 -9.19
CA ASP D 50 29.03 -17.61 -10.08
C ASP D 50 28.67 -18.82 -9.24
N GLU D 51 28.23 -19.91 -9.88
CA GLU D 51 27.67 -21.03 -9.13
C GLU D 51 28.64 -21.59 -8.11
N LEU D 52 29.94 -21.46 -8.34
CA LEU D 52 30.93 -22.05 -7.47
C LEU D 52 31.76 -21.02 -6.71
N HIS D 53 31.46 -19.72 -6.84
CA HIS D 53 32.29 -18.69 -6.22
C HIS D 53 31.41 -17.57 -5.71
N PRO D 54 31.75 -16.97 -4.56
CA PRO D 54 32.91 -17.37 -3.76
C PRO D 54 32.63 -18.58 -2.88
N GLU D 55 33.71 -19.27 -2.51
CA GLU D 55 33.68 -20.38 -1.57
C GLU D 55 34.18 -19.88 -0.22
N TRP D 56 33.31 -19.87 0.76
CA TRP D 56 33.61 -19.41 2.10
C TRP D 56 33.77 -20.60 3.05
N PRO D 57 34.68 -20.53 4.01
CA PRO D 57 34.96 -21.68 4.86
C PRO D 57 34.07 -21.73 6.09
N TYR D 58 33.91 -22.94 6.62
CA TYR D 58 33.23 -23.13 7.89
C TYR D 58 34.06 -22.55 9.02
N LYS D 59 33.41 -21.84 9.93
CA LYS D 59 34.05 -21.35 11.14
C LYS D 59 33.42 -22.04 12.34
N LYS D 60 34.23 -22.27 13.38
CA LYS D 60 33.73 -23.00 14.55
C LYS D 60 32.59 -22.25 15.22
N GLU D 61 32.59 -20.91 15.13
CA GLU D 61 31.52 -20.12 15.72
C GLU D 61 30.15 -20.47 15.12
N TYR D 62 30.10 -20.90 13.86
CA TYR D 62 28.81 -21.23 13.25
C TYR D 62 28.22 -22.49 13.86
N GLU D 63 26.88 -22.54 13.87
CA GLU D 63 26.17 -23.66 14.48
C GLU D 63 26.05 -24.82 13.50
N LEU D 64 26.30 -26.04 14.00
CA LEU D 64 26.36 -27.24 13.17
C LEU D 64 25.09 -28.08 13.35
N TYR D 65 23.96 -27.46 13.01
CA TYR D 65 22.67 -28.15 13.10
C TYR D 65 22.58 -29.31 12.10
N LEU D 66 23.35 -29.27 11.03
CA LEU D 66 23.52 -30.38 10.09
C LEU D 66 25.00 -30.53 9.84
N ASN D 67 25.48 -31.78 9.78
CA ASN D 67 26.91 -31.99 9.63
C ASN D 67 27.43 -31.58 8.25
N VAL D 68 26.59 -31.60 7.21
CA VAL D 68 27.03 -31.16 5.90
C VAL D 68 27.34 -29.67 5.88
N TRP D 69 26.93 -28.93 6.90
CA TRP D 69 27.30 -27.53 7.00
C TRP D 69 28.73 -27.32 7.47
N LYS D 70 29.47 -28.39 7.79
CA LYS D 70 30.83 -28.25 8.27
C LYS D 70 31.84 -28.06 7.14
N TYR D 71 31.41 -28.17 5.91
CA TYR D 71 32.29 -28.08 4.75
C TYR D 71 32.34 -26.66 4.25
N PRO D 72 33.31 -26.33 3.39
CA PRO D 72 33.27 -25.03 2.71
C PRO D 72 32.04 -24.94 1.81
N GLN D 73 31.41 -23.77 1.79
CA GLN D 73 30.18 -23.57 1.04
C GLN D 73 30.39 -22.57 -0.08
N ASN D 74 29.69 -22.79 -1.20
CA ASN D 74 29.63 -21.85 -2.31
C ASN D 74 28.15 -21.68 -2.71
N PRO D 75 27.81 -20.82 -3.68
CA PRO D 75 26.37 -20.66 -4.00
C PRO D 75 25.67 -21.97 -4.35
N HIS D 76 26.32 -22.88 -5.05
CA HIS D 76 25.68 -24.15 -5.40
C HIS D 76 25.35 -24.95 -4.14
N THR D 77 26.34 -25.24 -3.30
CA THR D 77 26.09 -25.99 -2.08
C THR D 77 25.17 -25.24 -1.12
N TRP D 78 25.22 -23.90 -1.14
CA TRP D 78 24.39 -23.07 -0.28
C TRP D 78 22.91 -23.41 -0.42
N ILE D 79 22.40 -23.38 -1.65
CA ILE D 79 21.01 -23.78 -1.90
C ILE D 79 20.83 -25.27 -1.63
N ARG D 80 21.74 -26.10 -2.13
CA ARG D 80 21.60 -27.55 -2.03
C ARG D 80 21.48 -28.01 -0.58
N ASP D 81 22.33 -27.46 0.29
CA ASP D 81 22.40 -27.84 1.70
C ASP D 81 21.59 -26.93 2.61
N SER D 82 20.96 -25.89 2.06
CA SER D 82 20.22 -24.90 2.82
C SER D 82 21.07 -24.33 3.97
N CYS D 83 22.27 -23.87 3.63
CA CYS D 83 23.26 -23.51 4.65
C CYS D 83 22.97 -22.12 5.21
N VAL D 84 22.51 -22.05 6.46
CA VAL D 84 22.09 -20.78 7.04
C VAL D 84 23.29 -19.84 7.22
N TRP D 85 24.48 -20.35 7.57
CA TRP D 85 25.55 -19.42 7.86
C TRP D 85 26.08 -18.76 6.59
N TYR D 86 25.96 -19.44 5.45
CA TYR D 86 26.29 -18.78 4.21
C TYR D 86 25.35 -17.60 3.95
N SER D 87 24.05 -17.75 4.21
CA SER D 87 23.11 -16.63 4.11
C SER D 87 23.52 -15.47 5.01
N GLN D 88 23.77 -15.77 6.28
CA GLN D 88 24.09 -14.70 7.23
C GLN D 88 25.42 -14.03 6.89
N ALA D 89 26.41 -14.78 6.40
CA ALA D 89 27.65 -14.13 5.95
C ALA D 89 27.36 -13.21 4.77
N LEU D 90 26.45 -13.63 3.89
CA LEU D 90 26.09 -12.80 2.74
C LEU D 90 25.43 -11.50 3.18
N THR D 91 24.43 -11.57 4.07
CA THR D 91 23.74 -10.35 4.45
C THR D 91 24.62 -9.44 5.27
N ARG D 92 25.46 -10.01 6.14
CA ARG D 92 26.41 -9.21 6.89
C ARG D 92 27.26 -8.38 5.94
N GLN D 93 27.62 -8.95 4.79
CA GLN D 93 28.38 -8.17 3.81
C GLN D 93 27.51 -7.16 3.07
N LEU D 94 26.27 -7.53 2.71
CA LEU D 94 25.41 -6.57 2.03
C LEU D 94 25.21 -5.32 2.88
N GLY D 95 25.03 -5.49 4.18
CA GLY D 95 24.66 -4.39 5.05
C GLY D 95 23.16 -4.09 4.96
N MSE D 96 22.66 -3.45 6.01
CA MSE D 96 21.21 -3.31 6.17
C MSE D 96 20.61 -2.40 5.11
O MSE D 96 19.53 -2.67 4.60
CB MSE D 96 20.85 -2.80 7.56
CG MSE D 96 19.35 -2.48 7.74
SE MSE D 96 18.11 -4.01 7.56
CE MSE D 96 18.45 -4.83 9.31
N LYS D 97 21.34 -1.32 4.77
CA LYS D 97 20.85 -0.38 3.76
C LYS D 97 20.59 -1.08 2.43
N ARG D 98 21.56 -1.87 1.95
CA ARG D 98 21.32 -2.61 0.72
C ARG D 98 20.26 -3.70 0.91
N PHE D 99 20.34 -4.43 2.02
CA PHE D 99 19.37 -5.48 2.30
C PHE D 99 17.94 -4.95 2.25
N LYS D 100 17.66 -3.91 3.03
CA LYS D 100 16.32 -3.32 3.06
C LYS D 100 15.95 -2.74 1.70
N GLY D 101 16.92 -2.12 1.01
CA GLY D 101 16.66 -1.62 -0.33
C GLY D 101 16.19 -2.71 -1.28
N TYR D 102 16.79 -3.90 -1.18
CA TYR D 102 16.38 -5.01 -2.04
C TYR D 102 15.00 -5.52 -1.65
N VAL D 103 14.74 -5.70 -0.35
CA VAL D 103 13.42 -6.19 0.04
C VAL D 103 12.32 -5.19 -0.32
N ASP D 104 12.66 -3.89 -0.33
CA ASP D 104 11.68 -2.87 -0.73
C ASP D 104 11.52 -2.82 -2.25
N ALA D 105 12.63 -2.93 -2.99
CA ALA D 105 12.57 -3.00 -4.45
C ALA D 105 11.87 -4.28 -4.93
N PHE D 106 11.97 -5.37 -4.17
CA PHE D 106 11.29 -6.62 -4.55
C PHE D 106 9.83 -6.63 -4.13
N HIS D 107 9.39 -5.71 -3.28
CA HIS D 107 8.08 -5.77 -2.64
C HIS D 107 7.81 -7.18 -2.14
N TYR D 108 8.71 -7.67 -1.29
CA TYR D 108 8.73 -9.07 -0.88
C TYR D 108 7.88 -9.22 0.38
N GLY D 109 6.68 -9.78 0.21
CA GLY D 109 5.82 -10.00 1.36
C GLY D 109 5.58 -8.74 2.15
N ASN D 110 5.58 -8.86 3.48
CA ASN D 110 5.29 -7.70 4.30
C ASN D 110 6.47 -6.73 4.39
N GLN D 111 7.60 -7.04 3.75
CA GLN D 111 8.80 -6.20 3.71
C GLN D 111 9.39 -5.89 5.09
N ASP D 112 8.96 -6.59 6.14
CA ASP D 112 9.33 -6.27 7.53
C ASP D 112 10.67 -6.93 7.89
N VAL D 113 11.77 -6.15 7.85
CA VAL D 113 13.10 -6.71 8.12
C VAL D 113 13.62 -6.27 9.48
N SER D 114 12.71 -6.03 10.44
CA SER D 114 13.11 -5.61 11.78
C SER D 114 13.65 -6.75 12.64
N GLY D 115 13.34 -7.99 12.28
CA GLY D 115 13.88 -9.15 12.96
C GLY D 115 13.04 -9.61 14.14
N ASP D 116 13.65 -10.44 14.99
CA ASP D 116 13.02 -10.87 16.24
C ASP D 116 12.49 -9.66 17.01
N LYS D 117 11.43 -9.89 17.77
CA LYS D 117 10.73 -8.83 18.50
C LYS D 117 11.68 -8.07 19.44
N GLY D 118 12.00 -6.82 19.06
CA GLY D 118 12.73 -5.87 19.90
C GLY D 118 14.23 -5.84 19.73
N GLN D 119 14.77 -6.58 18.76
CA GLN D 119 16.20 -6.90 18.71
C GLN D 119 16.98 -6.16 17.64
N ASN D 120 16.31 -5.63 16.62
CA ASN D 120 16.92 -4.95 15.47
C ASN D 120 17.90 -5.86 14.71
N ASN D 121 17.80 -7.18 14.90
CA ASN D 121 18.71 -8.15 14.30
C ASN D 121 18.21 -8.68 12.96
N GLY D 122 17.37 -7.91 12.26
CA GLY D 122 16.77 -8.33 11.01
C GLY D 122 17.73 -8.52 9.85
N LEU D 123 18.97 -8.00 9.94
CA LEU D 123 19.92 -8.25 8.86
C LEU D 123 20.29 -9.71 8.79
N THR D 124 20.21 -10.43 9.89
CA THR D 124 20.69 -11.79 9.96
C THR D 124 19.59 -12.79 10.36
N HIS D 125 18.37 -12.33 10.66
CA HIS D 125 17.35 -13.22 11.19
C HIS D 125 15.94 -12.99 10.65
N ALA D 126 15.72 -12.00 9.78
CA ALA D 126 14.35 -11.62 9.46
C ALA D 126 13.58 -12.74 8.79
N TRP D 127 14.27 -13.62 8.07
CA TRP D 127 13.61 -14.71 7.35
C TRP D 127 13.53 -16.00 8.17
N LEU D 128 14.09 -16.04 9.37
CA LEU D 128 14.13 -17.28 10.14
C LEU D 128 13.08 -17.20 11.24
N SER D 129 11.84 -17.48 10.87
CA SER D 129 10.73 -17.54 11.82
C SER D 129 10.65 -16.26 12.66
N SER D 130 10.68 -15.12 11.98
CA SER D 130 10.76 -13.85 12.70
C SER D 130 9.92 -12.79 11.99
N SER D 131 10.50 -11.66 11.60
CA SER D 131 9.64 -10.54 11.19
C SER D 131 9.13 -10.68 9.76
N LEU D 132 9.93 -11.23 8.84
CA LEU D 132 9.48 -11.37 7.45
C LEU D 132 8.29 -12.32 7.35
N SER D 133 7.43 -12.05 6.38
CA SER D 133 6.20 -12.83 6.25
C SER D 133 5.68 -12.65 4.84
N ILE D 134 5.28 -13.76 4.21
CA ILE D 134 4.85 -13.73 2.82
C ILE D 134 3.81 -14.84 2.60
N SER D 135 2.76 -14.52 1.85
CA SER D 135 1.70 -15.48 1.59
C SER D 135 2.07 -16.38 0.41
N PRO D 136 1.51 -17.59 0.34
CA PRO D 136 1.68 -18.41 -0.87
C PRO D 136 1.33 -17.67 -2.16
N THR D 137 0.28 -16.85 -2.15
CA THR D 137 -0.04 -16.05 -3.33
C THR D 137 1.08 -15.07 -3.63
N GLU D 138 1.67 -14.48 -2.60
CA GLU D 138 2.74 -13.53 -2.82
C GLU D 138 4.04 -14.22 -3.26
N GLN D 139 4.24 -15.48 -2.87
CA GLN D 139 5.36 -16.25 -3.43
C GLN D 139 5.23 -16.41 -4.94
N ILE D 140 4.02 -16.73 -5.45
CA ILE D 140 3.84 -16.87 -6.89
C ILE D 140 4.15 -15.54 -7.58
N GLN D 141 3.63 -14.43 -7.03
CA GLN D 141 3.91 -13.13 -7.63
C GLN D 141 5.41 -12.90 -7.72
N PHE D 142 6.15 -13.17 -6.64
CA PHE D 142 7.57 -12.90 -6.64
C PHE D 142 8.32 -13.82 -7.61
N LEU D 143 8.00 -15.12 -7.59
CA LEU D 143 8.62 -16.06 -8.54
C LEU D 143 8.36 -15.64 -9.99
N GLN D 144 7.13 -15.21 -10.30
CA GLN D 144 6.86 -14.77 -11.65
C GLN D 144 7.60 -13.48 -12.01
N LYS D 145 7.90 -12.62 -11.03
CA LYS D 145 8.81 -11.51 -11.31
C LYS D 145 10.19 -12.01 -11.69
N ILE D 146 10.57 -13.20 -11.23
CA ILE D 146 11.84 -13.77 -11.69
C ILE D 146 11.68 -14.35 -13.09
N ILE D 147 10.65 -15.19 -13.27
CA ILE D 147 10.46 -15.85 -14.56
C ILE D 147 10.34 -14.83 -15.68
N TYR D 148 9.56 -13.76 -15.47
CA TYR D 148 9.30 -12.75 -16.49
C TYR D 148 10.17 -11.50 -16.35
N LYS D 149 11.19 -11.55 -15.48
CA LYS D 149 12.23 -10.53 -15.41
C LYS D 149 11.66 -9.14 -15.14
N LYS D 150 10.91 -9.03 -14.03
CA LYS D 150 10.27 -7.79 -13.61
C LYS D 150 10.94 -7.22 -12.37
N LEU D 151 12.12 -7.69 -12.02
CA LEU D 151 12.84 -7.20 -10.86
C LEU D 151 13.97 -6.28 -11.29
N PRO D 152 14.35 -5.31 -10.46
CA PRO D 152 15.50 -4.45 -10.79
C PRO D 152 16.83 -5.10 -10.46
N VAL D 153 17.19 -6.13 -11.22
CA VAL D 153 18.45 -6.85 -11.03
C VAL D 153 19.04 -7.17 -12.40
N SER D 154 20.34 -7.47 -12.40
CA SER D 154 21.07 -7.69 -13.63
C SER D 154 20.73 -9.04 -14.25
N GLN D 155 21.00 -9.15 -15.55
CA GLN D 155 20.77 -10.40 -16.28
C GLN D 155 21.50 -11.56 -15.62
N LYS D 156 22.71 -11.31 -15.14
CA LYS D 156 23.47 -12.36 -14.46
C LYS D 156 22.76 -12.83 -13.20
N ALA D 157 22.11 -11.90 -12.49
CA ALA D 157 21.42 -12.28 -11.27
C ALA D 157 20.33 -13.31 -11.55
N TYR D 158 19.56 -13.11 -12.62
CA TYR D 158 18.54 -14.10 -13.01
C TYR D 158 19.16 -15.44 -13.35
N THR D 159 20.18 -15.45 -14.22
CA THR D 159 20.76 -16.68 -14.71
C THR D 159 21.36 -17.53 -13.59
N MSE D 160 22.19 -16.91 -12.74
CA MSE D 160 22.87 -17.66 -11.70
C MSE D 160 21.89 -18.22 -10.66
O MSE D 160 22.04 -19.35 -10.20
CB MSE D 160 23.94 -16.79 -11.01
CG MSE D 160 25.16 -16.50 -11.90
SE MSE D 160 26.12 -18.12 -12.48
CE MSE D 160 25.52 -18.14 -14.31
N THR D 161 20.91 -17.39 -10.29
CA THR D 161 19.89 -17.83 -9.34
C THR D 161 19.15 -19.05 -9.86
N LYS D 162 18.74 -18.98 -11.13
CA LYS D 162 18.10 -20.12 -11.79
C LYS D 162 19.01 -21.34 -11.80
N ASN D 163 20.28 -21.17 -12.17
CA ASN D 163 21.18 -22.33 -12.25
C ASN D 163 21.28 -23.06 -10.92
N ILE D 164 21.34 -22.32 -9.80
CA ILE D 164 21.54 -22.98 -8.50
C ILE D 164 20.24 -23.41 -7.85
N MSE D 165 19.08 -23.09 -8.44
CA MSE D 165 17.80 -23.58 -7.94
C MSE D 165 17.35 -24.86 -8.63
O MSE D 165 16.27 -25.38 -8.32
CB MSE D 165 16.71 -22.52 -8.12
CG MSE D 165 16.83 -21.35 -7.19
SE MSE D 165 15.51 -20.04 -7.67
CE MSE D 165 13.97 -21.23 -7.44
N TYR D 166 18.16 -25.38 -9.55
CA TYR D 166 17.81 -26.60 -10.28
C TYR D 166 17.84 -27.80 -9.36
N ILE D 167 16.78 -28.61 -9.37
CA ILE D 167 16.71 -29.81 -8.54
C ILE D 167 16.88 -31.08 -9.35
N GLN D 168 15.99 -31.32 -10.32
CA GLN D 168 15.96 -32.60 -11.01
C GLN D 168 15.06 -32.45 -12.23
N GLU D 169 15.06 -33.50 -13.05
CA GLU D 169 14.20 -33.58 -14.21
C GLU D 169 13.01 -34.49 -13.90
N LEU D 170 11.83 -34.05 -14.26
CA LEU D 170 10.58 -34.76 -14.00
C LEU D 170 10.11 -35.51 -15.24
N PRO D 171 9.12 -36.40 -15.10
CA PRO D 171 8.56 -37.08 -16.29
C PRO D 171 8.15 -36.11 -17.38
N GLY D 172 8.32 -36.53 -18.62
CA GLY D 172 8.01 -35.69 -19.76
C GLY D 172 9.07 -34.68 -20.12
N GLY D 173 10.14 -34.59 -19.33
CA GLY D 173 11.20 -33.63 -19.59
C GLY D 173 10.96 -32.27 -18.99
N TRP D 174 10.07 -32.17 -18.01
CA TRP D 174 9.90 -30.95 -17.23
C TRP D 174 11.02 -30.84 -16.20
N LYS D 175 11.75 -29.73 -16.23
CA LYS D 175 12.84 -29.52 -15.29
C LYS D 175 12.30 -28.78 -14.07
N LEU D 176 12.69 -29.23 -12.89
CA LEU D 176 12.15 -28.70 -11.64
C LEU D 176 13.19 -27.79 -11.00
N TYR D 177 12.75 -26.57 -10.69
CA TYR D 177 13.53 -25.56 -9.97
C TYR D 177 12.77 -25.21 -8.71
N GLY D 178 13.47 -25.06 -7.59
CA GLY D 178 12.74 -24.68 -6.39
C GLY D 178 13.61 -24.58 -5.17
N LYS D 179 12.91 -24.43 -4.04
CA LYS D 179 13.51 -24.28 -2.73
C LYS D 179 12.49 -24.70 -1.67
N THR D 180 12.96 -25.48 -0.69
CA THR D 180 12.19 -25.84 0.50
C THR D 180 12.51 -24.87 1.63
N GLY D 181 11.65 -24.87 2.64
CA GLY D 181 11.87 -24.07 3.82
C GLY D 181 11.04 -24.53 4.99
N THR D 182 11.65 -24.60 6.18
CA THR D 182 10.97 -25.01 7.40
C THR D 182 11.16 -23.94 8.45
N GLY D 183 10.07 -23.58 9.11
CA GLY D 183 10.12 -22.66 10.22
C GLY D 183 9.29 -23.19 11.37
N ARG D 184 9.25 -22.39 12.44
CA ARG D 184 8.40 -22.66 13.58
C ARG D 184 7.36 -21.57 13.72
N GLN D 185 6.16 -21.94 14.14
CA GLN D 185 5.10 -20.96 14.34
C GLN D 185 5.36 -20.15 15.60
N LEU D 186 5.00 -18.88 15.54
CA LEU D 186 5.26 -17.96 16.64
C LEU D 186 4.05 -17.92 17.55
N THR D 187 3.98 -16.92 18.43
CA THR D 187 2.85 -16.74 19.32
C THR D 187 2.03 -15.53 18.86
N LYS D 188 1.12 -15.10 19.73
CA LYS D 188 0.26 -13.94 19.48
C LYS D 188 1.07 -12.73 19.02
N ASP D 189 1.84 -12.15 19.96
CA ASP D 189 2.66 -10.96 19.68
C ASP D 189 4.03 -11.29 19.13
N LYS D 190 4.15 -12.34 18.30
CA LYS D 190 5.43 -12.78 17.74
C LYS D 190 6.52 -12.84 18.80
N SER D 191 6.16 -13.37 19.98
CA SER D 191 6.99 -13.27 21.18
C SER D 191 7.97 -14.43 21.34
N GLN D 192 7.56 -15.64 20.99
CA GLN D 192 8.45 -16.79 21.04
C GLN D 192 8.06 -17.79 19.95
N LYS D 193 8.89 -18.82 19.80
CA LYS D 193 8.69 -19.86 18.81
C LYS D 193 8.08 -21.10 19.48
N LEU D 194 6.97 -21.57 18.92
CA LEU D 194 6.32 -22.81 19.32
C LEU D 194 7.04 -24.03 18.73
N PRO D 195 6.80 -25.22 19.26
CA PRO D 195 7.36 -26.43 18.64
C PRO D 195 6.64 -26.83 17.35
N LEU D 196 5.52 -26.18 17.00
CA LEU D 196 4.77 -26.50 15.80
C LEU D 196 5.47 -25.94 14.57
N GLN D 197 5.79 -26.81 13.62
CA GLN D 197 6.48 -26.36 12.42
C GLN D 197 5.50 -25.93 11.34
N HIS D 198 6.04 -25.21 10.35
CA HIS D 198 5.37 -24.97 9.08
C HIS D 198 6.46 -25.07 8.01
N GLY D 199 6.05 -25.43 6.80
CA GLY D 199 7.01 -25.74 5.76
C GLY D 199 6.55 -25.32 4.37
N TRP D 200 7.51 -24.92 3.54
CA TRP D 200 7.30 -24.48 2.17
C TRP D 200 8.01 -25.39 1.18
N PHE D 201 7.46 -25.48 -0.03
CA PHE D 201 8.21 -25.80 -1.23
C PHE D 201 7.68 -24.93 -2.35
N VAL D 202 8.54 -24.13 -2.97
CA VAL D 202 8.11 -23.17 -3.97
C VAL D 202 9.09 -23.27 -5.13
N GLY D 203 8.61 -22.95 -6.33
CA GLY D 203 9.51 -22.95 -7.47
C GLY D 203 8.74 -22.97 -8.78
N TRP D 204 9.32 -23.63 -9.76
CA TRP D 204 8.61 -23.74 -11.03
C TRP D 204 9.11 -24.95 -11.79
N ILE D 205 8.29 -25.38 -12.74
CA ILE D 205 8.68 -26.39 -13.71
C ILE D 205 8.65 -25.76 -15.09
N GLU D 206 9.54 -26.25 -15.94
CA GLU D 206 9.93 -25.60 -17.19
C GLU D 206 10.07 -26.69 -18.24
N LYS D 207 9.43 -26.51 -19.39
CA LYS D 207 9.63 -27.42 -20.52
C LYS D 207 9.46 -26.66 -21.81
N ASP D 208 10.48 -26.74 -22.68
CA ASP D 208 10.50 -25.95 -23.91
C ASP D 208 10.31 -24.49 -23.51
N GLU D 209 9.18 -23.87 -23.89
CA GLU D 209 8.97 -22.47 -23.55
C GLU D 209 7.86 -22.24 -22.53
N ARG D 210 7.33 -23.29 -21.91
CA ARG D 210 6.30 -23.13 -20.89
C ARG D 210 6.92 -23.14 -19.49
N VAL D 211 6.36 -22.31 -18.60
CA VAL D 211 6.82 -22.23 -17.22
C VAL D 211 5.60 -22.14 -16.31
N ILE D 212 5.47 -23.11 -15.40
CA ILE D 212 4.44 -23.10 -14.38
C ILE D 212 5.11 -22.87 -13.03
N THR D 213 4.78 -21.77 -12.37
CA THR D 213 5.26 -21.54 -11.02
C THR D 213 4.30 -22.19 -10.03
N PHE D 214 4.85 -22.60 -8.88
CA PHE D 214 4.02 -23.25 -7.88
C PHE D 214 4.45 -22.83 -6.48
N ALA D 215 3.52 -22.94 -5.55
CA ALA D 215 3.84 -22.71 -4.14
C ALA D 215 3.04 -23.69 -3.31
N LYS D 216 3.71 -24.43 -2.44
CA LYS D 216 3.07 -25.32 -1.49
C LYS D 216 3.42 -24.86 -0.09
N HIS D 217 2.42 -24.84 0.81
CA HIS D 217 2.68 -24.51 2.20
C HIS D 217 1.85 -25.41 3.10
N ILE D 218 2.44 -25.75 4.24
CA ILE D 218 1.82 -26.62 5.24
C ILE D 218 2.09 -26.02 6.62
N ALA D 219 1.07 -25.96 7.46
CA ALA D 219 1.20 -25.54 8.85
C ALA D 219 0.66 -26.65 9.74
N ASP D 220 1.53 -27.20 10.59
CA ASP D 220 1.13 -28.30 11.46
C ASP D 220 0.34 -27.79 12.64
N SER D 221 -0.58 -28.62 13.11
CA SER D 221 -1.31 -28.36 14.36
C SER D 221 -0.79 -29.17 15.54
N LYS D 222 0.01 -30.20 15.29
CA LYS D 222 0.63 -31.02 16.32
C LYS D 222 2.11 -31.19 15.98
N GLU D 223 2.85 -31.85 16.85
CA GLU D 223 4.26 -32.09 16.55
C GLU D 223 4.45 -33.26 15.60
N ASN D 224 5.57 -33.26 14.90
CA ASN D 224 5.79 -34.22 13.83
C ASN D 224 7.27 -34.59 13.76
N THR D 225 7.53 -35.88 13.51
CA THR D 225 8.91 -36.37 13.50
C THR D 225 9.69 -35.91 12.27
N THR D 226 9.02 -35.49 11.20
CA THR D 226 9.64 -35.14 9.93
C THR D 226 9.55 -33.64 9.68
N PHE D 227 10.62 -33.05 9.15
CA PHE D 227 10.60 -31.63 8.74
C PHE D 227 9.41 -31.35 7.83
N ALA D 228 8.69 -30.26 8.14
CA ALA D 228 7.52 -29.93 7.33
C ALA D 228 7.89 -29.64 5.88
N SER D 229 9.11 -29.13 5.63
CA SER D 229 9.48 -28.86 4.25
C SER D 229 9.62 -30.15 3.44
N PHE D 230 10.09 -31.25 4.05
CA PHE D 230 10.13 -32.53 3.34
C PHE D 230 8.72 -32.95 2.93
N ARG D 231 7.77 -32.90 3.87
CA ARG D 231 6.39 -33.25 3.58
C ARG D 231 5.79 -32.32 2.53
N ALA D 232 6.03 -31.01 2.65
CA ALA D 232 5.56 -30.10 1.59
C ALA D 232 6.17 -30.46 0.25
N LYS D 233 7.47 -30.76 0.22
CA LYS D 233 8.07 -31.14 -1.06
C LYS D 233 7.47 -32.43 -1.60
N ASN D 234 7.31 -33.44 -0.73
CA ASN D 234 6.81 -34.73 -1.22
C ASN D 234 5.37 -34.61 -1.71
N ASP D 235 4.55 -33.80 -1.03
CA ASP D 235 3.20 -33.57 -1.52
C ASP D 235 3.22 -32.88 -2.88
N THR D 236 4.09 -31.88 -3.03
CA THR D 236 4.15 -31.14 -4.30
C THR D 236 4.53 -32.03 -5.46
N LEU D 237 5.52 -32.93 -5.28
CA LEU D 237 5.97 -33.73 -6.41
C LEU D 237 4.84 -34.57 -6.97
N ILE D 238 3.96 -35.05 -6.09
CA ILE D 238 2.85 -35.86 -6.56
C ILE D 238 1.83 -34.97 -7.26
N GLN D 239 1.61 -33.76 -6.74
CA GLN D 239 0.78 -32.78 -7.43
C GLN D 239 1.36 -32.43 -8.80
N LEU D 240 2.69 -32.26 -8.89
CA LEU D 240 3.31 -31.91 -10.17
C LEU D 240 3.27 -33.09 -11.13
N PHE D 241 3.43 -34.32 -10.63
CA PHE D 241 3.31 -35.49 -11.50
C PHE D 241 1.91 -35.54 -12.12
N ASN D 242 0.88 -35.30 -11.30
CA ASN D 242 -0.49 -35.26 -11.80
C ASN D 242 -0.73 -34.05 -12.70
N LEU D 243 -0.21 -32.87 -12.32
CA LEU D 243 -0.30 -31.73 -13.23
C LEU D 243 0.33 -32.03 -14.59
N ILE D 244 1.51 -32.66 -14.60
CA ILE D 244 2.20 -32.93 -15.86
C ILE D 244 1.40 -33.89 -16.71
N ASN D 245 0.77 -34.89 -16.09
CA ASN D 245 -0.02 -35.82 -16.86
C ASN D 245 -1.20 -35.13 -17.52
N GLU D 246 -1.85 -34.19 -16.82
CA GLU D 246 -3.00 -33.50 -17.41
C GLU D 246 -2.55 -32.55 -18.53
N LEU D 247 -1.41 -31.88 -18.35
CA LEU D 247 -0.91 -30.97 -19.37
C LEU D 247 -0.46 -31.70 -20.63
N GLU D 248 -0.10 -32.98 -20.52
CA GLU D 248 0.37 -33.72 -21.68
C GLU D 248 -0.73 -34.50 -22.34
N LYS D 249 -1.97 -34.28 -21.94
CA LYS D 249 -3.11 -34.98 -22.53
C LYS D 249 -3.21 -34.69 -24.02
N GLN E 4 -11.00 -40.47 -9.42
CA GLN E 4 -11.51 -40.53 -10.79
C GLN E 4 -11.55 -39.14 -11.46
N ASP E 5 -12.35 -39.01 -12.51
CA ASP E 5 -12.33 -37.82 -13.35
C ASP E 5 -13.31 -36.81 -12.77
N THR E 6 -12.78 -35.76 -12.14
CA THR E 6 -13.58 -34.77 -11.45
C THR E 6 -13.02 -33.38 -11.70
N CYS E 7 -13.80 -32.37 -11.35
CA CYS E 7 -13.36 -30.99 -11.38
C CYS E 7 -14.19 -30.17 -10.39
N PHE E 8 -13.54 -29.29 -9.64
CA PHE E 8 -14.24 -28.26 -8.88
C PHE E 8 -13.61 -26.89 -9.13
N LEU E 9 -14.42 -25.92 -9.58
CA LEU E 9 -14.00 -24.56 -9.82
C LEU E 9 -14.84 -23.60 -9.00
N ALA E 10 -14.20 -22.60 -8.40
CA ALA E 10 -14.92 -21.47 -7.82
C ALA E 10 -14.19 -20.17 -8.13
N LYS E 11 -14.95 -19.15 -8.52
CA LYS E 11 -14.36 -17.90 -9.00
C LYS E 11 -15.12 -16.68 -8.47
N GLU E 12 -14.38 -15.70 -7.95
CA GLU E 12 -14.97 -14.45 -7.49
C GLU E 12 -14.39 -13.31 -8.34
N ASN E 13 -15.26 -12.61 -9.07
CA ASN E 13 -14.86 -11.66 -10.10
C ASN E 13 -13.80 -12.28 -11.00
N GLN E 14 -12.57 -11.75 -10.96
CA GLN E 14 -11.52 -12.25 -11.82
C GLN E 14 -10.57 -13.19 -11.10
N THR E 15 -10.83 -13.50 -9.84
CA THR E 15 -9.93 -14.32 -9.05
C THR E 15 -10.47 -15.73 -8.92
N VAL E 16 -9.67 -16.71 -9.35
CA VAL E 16 -10.02 -18.11 -9.11
C VAL E 16 -9.76 -18.41 -7.64
N LEU E 17 -10.81 -18.84 -6.92
CA LEU E 17 -10.62 -19.18 -5.53
C LEU E 17 -10.33 -20.66 -5.33
N LYS E 18 -10.85 -21.53 -6.18
CA LYS E 18 -10.59 -22.96 -6.10
C LYS E 18 -10.50 -23.53 -7.50
N ARG E 19 -9.55 -24.44 -7.70
CA ARG E 19 -9.45 -25.17 -8.96
C ARG E 19 -8.80 -26.52 -8.64
N GLU E 20 -9.60 -27.56 -8.61
CA GLU E 20 -9.18 -28.91 -8.21
C GLU E 20 -9.68 -29.89 -9.25
N GLY E 21 -8.99 -31.02 -9.36
CA GLY E 21 -9.40 -32.06 -10.28
C GLY E 21 -8.52 -32.08 -11.52
N ASN E 22 -8.86 -33.01 -12.42
CA ASN E 22 -8.11 -33.22 -13.64
C ASN E 22 -8.91 -32.93 -14.90
N ASP E 23 -10.19 -32.56 -14.80
CA ASP E 23 -11.09 -32.57 -15.95
C ASP E 23 -11.69 -31.20 -16.26
N CYS E 24 -11.10 -30.13 -15.75
CA CYS E 24 -11.73 -28.82 -15.79
C CYS E 24 -11.81 -28.22 -17.18
N ASP E 25 -10.95 -28.63 -18.11
CA ASP E 25 -11.00 -28.15 -19.47
C ASP E 25 -11.68 -29.13 -20.41
N GLN E 26 -12.25 -30.22 -19.89
CA GLN E 26 -12.85 -31.25 -20.73
C GLN E 26 -14.35 -30.98 -20.93
N ARG E 27 -14.76 -30.91 -22.20
CA ARG E 27 -16.16 -30.68 -22.53
C ARG E 27 -16.99 -31.93 -22.28
N TYR E 28 -18.13 -31.75 -21.62
CA TYR E 28 -19.13 -32.79 -21.44
C TYR E 28 -20.49 -32.20 -21.75
N SER E 29 -21.46 -33.07 -22.00
CA SER E 29 -22.82 -32.61 -22.20
C SER E 29 -23.29 -31.88 -20.94
N PRO E 30 -23.97 -30.74 -21.10
CA PRO E 30 -24.45 -30.02 -19.91
C PRO E 30 -25.54 -30.74 -19.17
N ALA E 31 -26.24 -31.68 -19.82
CA ALA E 31 -27.43 -32.32 -19.28
C ALA E 31 -28.39 -31.23 -18.81
N SER E 32 -29.10 -31.43 -17.71
CA SER E 32 -30.07 -30.43 -17.30
C SER E 32 -29.46 -29.08 -16.86
N THR E 33 -28.14 -28.94 -16.72
CA THR E 33 -27.67 -27.60 -16.38
C THR E 33 -27.93 -26.62 -17.51
N PHE E 34 -28.18 -27.14 -18.71
CA PHE E 34 -28.60 -26.34 -19.85
C PHE E 34 -29.95 -25.63 -19.59
N KCX E 35 -30.71 -26.05 -18.58
CA KCX E 35 -31.97 -25.35 -18.29
CB KCX E 35 -32.84 -26.13 -17.29
CG KCX E 35 -33.41 -27.48 -17.80
CD KCX E 35 -34.29 -28.12 -16.72
CE KCX E 35 -34.96 -29.45 -17.16
NZ KCX E 35 -33.94 -30.48 -17.49
C KCX E 35 -31.72 -23.93 -17.77
O KCX E 35 -32.64 -23.11 -17.78
CX KCX E 35 -33.63 -30.80 -18.75
OQ1 KCX E 35 -34.22 -30.27 -19.72
OQ2 KCX E 35 -32.74 -31.66 -18.92
N ILE E 36 -30.51 -23.64 -17.29
CA ILE E 36 -30.13 -22.27 -16.97
C ILE E 36 -30.24 -21.47 -18.25
N ALA E 37 -29.61 -21.99 -19.31
CA ALA E 37 -29.60 -21.28 -20.58
C ALA E 37 -31.00 -21.22 -21.20
N LEU E 38 -31.81 -22.27 -21.01
CA LEU E 38 -33.15 -22.25 -21.58
C LEU E 38 -34.05 -21.27 -20.85
N SER E 39 -33.86 -21.12 -19.54
CA SER E 39 -34.62 -20.11 -18.79
C SER E 39 -34.35 -18.71 -19.34
N LEU E 40 -33.08 -18.40 -19.60
CA LEU E 40 -32.76 -17.08 -20.14
C LEU E 40 -33.39 -16.87 -21.53
N MSE E 41 -33.38 -17.90 -22.37
CA MSE E 41 -34.07 -17.83 -23.64
C MSE E 41 -35.57 -17.62 -23.47
O MSE E 41 -36.14 -16.70 -24.06
CB MSE E 41 -33.88 -19.11 -24.44
CG MSE E 41 -32.46 -19.46 -24.70
SE MSE E 41 -32.38 -21.03 -25.83
CE MSE E 41 -30.52 -21.51 -25.38
N GLY E 42 -36.20 -18.49 -22.67
CA GLY E 42 -37.64 -18.48 -22.54
C GLY E 42 -38.19 -17.14 -22.11
N PHE E 43 -37.56 -16.52 -21.10
CA PHE E 43 -38.06 -15.24 -20.62
C PHE E 43 -37.71 -14.11 -21.56
N ASP E 44 -36.54 -14.16 -22.20
CA ASP E 44 -36.20 -13.12 -23.17
C ASP E 44 -37.11 -13.18 -24.40
N SER E 45 -37.43 -14.36 -24.89
CA SER E 45 -38.30 -14.47 -26.06
C SER E 45 -39.77 -14.22 -25.74
N GLY E 46 -40.15 -14.06 -24.47
CA GLY E 46 -41.54 -13.85 -24.12
C GLY E 46 -42.35 -15.10 -23.87
N ILE E 47 -41.87 -16.28 -24.26
CA ILE E 47 -42.63 -17.53 -24.09
C ILE E 47 -42.88 -17.81 -22.61
N LEU E 48 -41.82 -17.85 -21.82
CA LEU E 48 -41.95 -17.91 -20.37
C LEU E 48 -42.33 -16.53 -19.86
N LYS E 49 -43.30 -16.46 -18.94
CA LYS E 49 -43.87 -15.18 -18.56
C LYS E 49 -43.40 -14.70 -17.20
N ASP E 50 -43.54 -15.53 -16.17
CA ASP E 50 -43.03 -15.25 -14.83
C ASP E 50 -42.76 -16.60 -14.17
N GLU E 51 -42.56 -16.59 -12.84
CA GLU E 51 -42.20 -17.83 -12.14
C GLU E 51 -43.28 -18.90 -12.26
N LEU E 52 -44.55 -18.50 -12.38
CA LEU E 52 -45.66 -19.45 -12.37
C LEU E 52 -46.40 -19.55 -13.70
N HIS E 53 -45.97 -18.84 -14.74
CA HIS E 53 -46.64 -18.87 -16.04
C HIS E 53 -45.62 -18.92 -17.17
N PRO E 54 -45.91 -19.66 -18.25
CA PRO E 54 -47.14 -20.46 -18.41
C PRO E 54 -47.08 -21.77 -17.65
N GLU E 55 -48.25 -22.29 -17.30
CA GLU E 55 -48.38 -23.65 -16.82
C GLU E 55 -48.73 -24.55 -18.00
N TRP E 56 -47.96 -25.60 -18.19
CA TRP E 56 -48.32 -26.51 -19.27
C TRP E 56 -48.72 -27.86 -18.69
N PRO E 57 -49.66 -28.55 -19.32
CA PRO E 57 -50.18 -29.79 -18.74
C PRO E 57 -49.38 -31.00 -19.18
N TYR E 58 -49.47 -32.05 -18.37
CA TYR E 58 -48.80 -33.29 -18.69
C TYR E 58 -49.54 -34.05 -19.77
N LYS E 59 -48.79 -34.62 -20.70
CA LYS E 59 -49.31 -35.40 -21.81
C LYS E 59 -48.79 -36.82 -21.68
N LYS E 60 -49.67 -37.80 -21.90
CA LYS E 60 -49.27 -39.19 -21.76
C LYS E 60 -48.19 -39.58 -22.76
N GLU E 61 -47.99 -38.77 -23.80
CA GLU E 61 -46.88 -39.01 -24.73
C GLU E 61 -45.53 -38.85 -24.03
N TYR E 62 -45.46 -37.99 -23.02
CA TYR E 62 -44.20 -37.68 -22.34
C TYR E 62 -43.76 -38.85 -21.47
N GLU E 63 -42.48 -39.22 -21.59
CA GLU E 63 -41.92 -40.26 -20.74
C GLU E 63 -41.85 -39.80 -19.29
N LEU E 64 -42.43 -40.60 -18.39
CA LEU E 64 -42.47 -40.27 -16.97
C LEU E 64 -41.29 -40.93 -16.25
N TYR E 65 -40.09 -40.46 -16.59
CA TYR E 65 -38.89 -40.99 -15.94
C TYR E 65 -38.93 -40.75 -14.44
N LEU E 66 -39.36 -39.56 -14.02
CA LEU E 66 -39.64 -39.27 -12.63
C LEU E 66 -41.14 -39.03 -12.47
N ASN E 67 -41.66 -39.47 -11.31
CA ASN E 67 -43.10 -39.42 -11.11
C ASN E 67 -43.62 -38.01 -10.90
N VAL E 68 -42.81 -37.13 -10.29
CA VAL E 68 -43.28 -35.76 -10.05
C VAL E 68 -43.46 -34.97 -11.34
N TRP E 69 -43.04 -35.53 -12.48
CA TRP E 69 -43.28 -34.93 -13.79
C TRP E 69 -44.70 -35.16 -14.29
N LYS E 70 -45.52 -35.94 -13.57
CA LYS E 70 -46.89 -36.16 -14.00
C LYS E 70 -47.78 -34.97 -13.73
N TYR E 71 -47.34 -34.04 -12.88
CA TYR E 71 -48.11 -32.87 -12.54
C TYR E 71 -47.87 -31.74 -13.55
N PRO E 72 -48.79 -30.80 -13.64
CA PRO E 72 -48.55 -29.59 -14.43
C PRO E 72 -47.25 -28.91 -13.99
N GLN E 73 -46.62 -28.21 -14.93
CA GLN E 73 -45.32 -27.60 -14.72
C GLN E 73 -45.35 -26.14 -15.11
N ASN E 74 -44.81 -25.28 -14.27
CA ASN E 74 -44.58 -23.88 -14.61
C ASN E 74 -43.07 -23.64 -14.49
N PRO E 75 -42.54 -22.45 -14.81
CA PRO E 75 -41.07 -22.31 -14.79
C PRO E 75 -40.45 -22.66 -13.46
N HIS E 76 -41.14 -22.40 -12.34
CA HIS E 76 -40.63 -22.74 -11.02
C HIS E 76 -40.49 -24.25 -10.83
N THR E 77 -41.57 -25.01 -11.07
CA THR E 77 -41.47 -26.46 -10.90
C THR E 77 -40.57 -27.10 -11.95
N TRP E 78 -40.53 -26.52 -13.16
CA TRP E 78 -39.60 -26.93 -14.19
C TRP E 78 -38.18 -27.07 -13.65
N ILE E 79 -37.68 -26.02 -13.00
CA ILE E 79 -36.32 -26.09 -12.48
C ILE E 79 -36.25 -26.99 -11.26
N ARG E 80 -37.22 -26.88 -10.36
CA ARG E 80 -37.19 -27.67 -9.13
C ARG E 80 -37.21 -29.18 -9.42
N ASP E 81 -37.99 -29.60 -10.41
CA ASP E 81 -38.20 -31.01 -10.73
C ASP E 81 -37.30 -31.50 -11.86
N SER E 82 -36.52 -30.61 -12.48
CA SER E 82 -35.72 -30.89 -13.66
C SER E 82 -36.54 -31.56 -14.76
N CYS E 83 -37.71 -30.98 -15.03
CA CYS E 83 -38.72 -31.56 -15.92
C CYS E 83 -38.33 -31.42 -17.38
N VAL E 84 -37.92 -32.52 -17.99
CA VAL E 84 -37.39 -32.51 -19.36
C VAL E 84 -38.46 -32.10 -20.36
N TRP E 85 -39.69 -32.58 -20.20
CA TRP E 85 -40.67 -32.32 -21.24
C TRP E 85 -41.06 -30.85 -21.30
N TYR E 86 -40.91 -30.13 -20.19
CA TYR E 86 -41.12 -28.68 -20.23
C TYR E 86 -40.05 -28.01 -21.09
N SER E 87 -38.78 -28.44 -20.93
CA SER E 87 -37.71 -27.92 -21.79
C SER E 87 -38.01 -28.17 -23.26
N GLN E 88 -38.48 -29.38 -23.57
CA GLN E 88 -38.78 -29.75 -24.95
C GLN E 88 -40.02 -29.03 -25.48
N ALA E 89 -40.97 -28.69 -24.62
CA ALA E 89 -42.07 -27.83 -25.06
C ALA E 89 -41.59 -26.40 -25.28
N LEU E 90 -40.74 -25.89 -24.39
CA LEU E 90 -40.18 -24.56 -24.59
C LEU E 90 -39.41 -24.48 -25.90
N THR E 91 -38.62 -25.51 -26.18
CA THR E 91 -37.72 -25.47 -27.33
C THR E 91 -38.43 -25.75 -28.66
N ARG E 92 -39.53 -26.51 -28.67
CA ARG E 92 -40.29 -26.65 -29.90
C ARG E 92 -40.99 -25.34 -30.25
N GLN E 93 -41.35 -24.55 -29.24
CA GLN E 93 -41.99 -23.28 -29.52
C GLN E 93 -41.00 -22.22 -29.98
N LEU E 94 -39.74 -22.31 -29.55
CA LEU E 94 -38.74 -21.36 -30.04
C LEU E 94 -38.46 -21.58 -31.52
N GLY E 95 -38.31 -22.83 -31.93
CA GLY E 95 -37.83 -23.15 -33.26
C GLY E 95 -36.31 -23.22 -33.31
N MSE E 96 -35.83 -23.91 -34.32
CA MSE E 96 -34.39 -24.12 -34.46
C MSE E 96 -33.63 -22.80 -34.71
O MSE E 96 -32.46 -22.65 -34.31
CB MSE E 96 -34.10 -25.13 -35.57
CG MSE E 96 -32.61 -25.39 -35.80
SE MSE E 96 -31.60 -25.86 -34.17
CE MSE E 96 -32.05 -27.74 -34.00
N LYS E 97 -34.27 -21.82 -35.37
CA LYS E 97 -33.56 -20.59 -35.72
C LYS E 97 -33.31 -19.73 -34.48
N ARG E 98 -34.35 -19.48 -33.66
CA ARG E 98 -34.16 -18.73 -32.43
C ARG E 98 -33.30 -19.52 -31.46
N PHE E 99 -33.51 -20.84 -31.39
CA PHE E 99 -32.72 -21.68 -30.50
C PHE E 99 -31.24 -21.60 -30.84
N LYS E 100 -30.87 -21.85 -32.10
CA LYS E 100 -29.46 -21.75 -32.48
C LYS E 100 -28.95 -20.32 -32.35
N GLY E 101 -29.82 -19.33 -32.52
CA GLY E 101 -29.39 -17.96 -32.34
C GLY E 101 -28.93 -17.66 -30.92
N TYR E 102 -29.66 -18.19 -29.92
CA TYR E 102 -29.30 -17.95 -28.53
C TYR E 102 -28.04 -18.70 -28.15
N VAL E 103 -27.94 -19.99 -28.49
CA VAL E 103 -26.73 -20.72 -28.13
C VAL E 103 -25.52 -20.10 -28.79
N ASP E 104 -25.68 -19.56 -30.01
CA ASP E 104 -24.58 -18.82 -30.63
C ASP E 104 -24.32 -17.50 -29.89
N ALA E 105 -25.38 -16.78 -29.54
CA ALA E 105 -25.21 -15.48 -28.87
C ALA E 105 -24.64 -15.64 -27.47
N PHE E 106 -24.86 -16.79 -26.84
CA PHE E 106 -24.33 -17.07 -25.52
C PHE E 106 -22.91 -17.62 -25.56
N HIS E 107 -22.40 -17.92 -26.77
CA HIS E 107 -21.13 -18.64 -26.93
C HIS E 107 -21.06 -19.86 -26.03
N TYR E 108 -22.10 -20.68 -26.09
CA TYR E 108 -22.29 -21.75 -25.12
C TYR E 108 -21.54 -23.00 -25.56
N GLY E 109 -20.39 -23.26 -24.94
CA GLY E 109 -19.66 -24.49 -25.19
C GLY E 109 -19.21 -24.63 -26.62
N ASN E 110 -19.39 -25.83 -27.18
CA ASN E 110 -19.11 -26.07 -28.59
C ASN E 110 -20.20 -25.55 -29.52
N GLN E 111 -21.31 -25.05 -28.97
CA GLN E 111 -22.39 -24.45 -29.73
C GLN E 111 -23.03 -25.41 -30.74
N ASP E 112 -22.87 -26.73 -30.57
CA ASP E 112 -23.34 -27.72 -31.55
C ASP E 112 -24.72 -28.25 -31.15
N VAL E 113 -25.75 -27.87 -31.91
CA VAL E 113 -27.13 -28.24 -31.56
C VAL E 113 -27.71 -29.14 -32.65
N SER E 114 -26.84 -29.84 -33.37
CA SER E 114 -27.30 -30.72 -34.44
C SER E 114 -28.03 -31.95 -33.90
N GLY E 115 -27.82 -32.32 -32.65
CA GLY E 115 -28.50 -33.46 -32.05
C GLY E 115 -27.76 -34.78 -32.20
N ASP E 116 -28.49 -35.88 -32.00
CA ASP E 116 -27.89 -37.21 -32.09
C ASP E 116 -27.59 -37.56 -33.55
N LYS E 117 -26.52 -38.33 -33.74
CA LYS E 117 -25.74 -38.31 -34.98
C LYS E 117 -26.60 -38.43 -36.25
N GLY E 118 -27.75 -39.09 -36.20
CA GLY E 118 -28.53 -39.21 -37.42
C GLY E 118 -30.03 -39.04 -37.27
N GLN E 119 -30.47 -38.48 -36.15
CA GLN E 119 -31.89 -38.49 -35.78
C GLN E 119 -32.63 -37.21 -36.16
N ASN E 120 -31.91 -36.14 -36.53
CA ASN E 120 -32.51 -34.82 -36.72
C ASN E 120 -33.37 -34.43 -35.52
N ASN E 121 -32.74 -34.40 -34.34
CA ASN E 121 -33.46 -34.13 -33.10
C ASN E 121 -32.73 -33.11 -32.24
N GLY E 122 -31.95 -32.25 -32.88
CA GLY E 122 -31.21 -31.25 -32.13
C GLY E 122 -32.11 -30.35 -31.31
N LEU E 123 -33.22 -29.89 -31.90
CA LEU E 123 -34.04 -28.88 -31.24
C LEU E 123 -34.53 -29.36 -29.88
N THR E 124 -34.66 -30.66 -29.71
CA THR E 124 -35.34 -31.21 -28.56
C THR E 124 -34.45 -32.14 -27.73
N HIS E 125 -33.22 -32.41 -28.18
CA HIS E 125 -32.33 -33.36 -27.54
C HIS E 125 -30.88 -32.90 -27.46
N ALA E 126 -30.54 -31.71 -27.96
CA ALA E 126 -29.14 -31.34 -28.15
C ALA E 126 -28.35 -31.36 -26.85
N TRP E 127 -29.01 -31.14 -25.71
CA TRP E 127 -28.33 -31.07 -24.41
C TRP E 127 -28.42 -32.36 -23.62
N LEU E 128 -29.09 -33.39 -24.14
CA LEU E 128 -29.30 -34.62 -23.40
C LEU E 128 -28.34 -35.68 -23.92
N SER E 129 -27.09 -35.61 -23.44
CA SER E 129 -26.07 -36.60 -23.78
C SER E 129 -25.94 -36.75 -25.30
N SER E 130 -25.79 -35.60 -25.96
CA SER E 130 -25.88 -35.47 -27.41
C SER E 130 -24.76 -34.60 -27.99
N SER E 131 -25.13 -33.68 -28.90
CA SER E 131 -24.15 -32.89 -29.63
C SER E 131 -23.54 -31.78 -28.77
N LEU E 132 -24.35 -31.13 -27.92
CA LEU E 132 -23.89 -30.00 -27.12
C LEU E 132 -22.87 -30.45 -26.08
N SER E 133 -21.78 -29.73 -25.96
CA SER E 133 -20.73 -30.05 -25.00
C SER E 133 -20.22 -28.75 -24.39
N ILE E 134 -19.93 -28.79 -23.08
CA ILE E 134 -19.39 -27.60 -22.41
C ILE E 134 -18.42 -28.05 -21.32
N SER E 135 -17.31 -27.34 -21.19
CA SER E 135 -16.39 -27.68 -20.11
C SER E 135 -16.71 -26.92 -18.84
N PRO E 136 -16.27 -27.43 -17.68
CA PRO E 136 -16.41 -26.65 -16.45
C PRO E 136 -15.87 -25.24 -16.55
N THR E 137 -14.70 -25.06 -17.15
CA THR E 137 -14.16 -23.70 -17.33
C THR E 137 -15.16 -22.82 -18.08
N GLU E 138 -15.80 -23.37 -19.12
CA GLU E 138 -16.78 -22.63 -19.88
C GLU E 138 -18.07 -22.38 -19.08
N GLN E 139 -18.47 -23.33 -18.24
CA GLN E 139 -19.64 -23.11 -17.38
C GLN E 139 -19.43 -21.90 -16.49
N ILE E 140 -18.26 -21.80 -15.85
CA ILE E 140 -17.92 -20.60 -15.08
C ILE E 140 -18.02 -19.35 -15.95
N GLN E 141 -17.42 -19.37 -17.15
CA GLN E 141 -17.48 -18.18 -17.99
C GLN E 141 -18.92 -17.83 -18.32
N PHE E 142 -19.75 -18.85 -18.56
CA PHE E 142 -21.16 -18.59 -18.84
C PHE E 142 -21.87 -18.04 -17.60
N LEU E 143 -21.63 -18.62 -16.42
CA LEU E 143 -22.32 -18.13 -15.22
C LEU E 143 -21.91 -16.71 -14.88
N GLN E 144 -20.65 -16.37 -15.11
CA GLN E 144 -20.23 -15.01 -14.85
C GLN E 144 -20.86 -14.02 -15.83
N LYS E 145 -21.14 -14.46 -17.06
CA LYS E 145 -21.90 -13.59 -17.95
C LYS E 145 -23.30 -13.33 -17.41
N ILE E 146 -23.86 -14.26 -16.66
CA ILE E 146 -25.16 -14.01 -16.03
C ILE E 146 -25.01 -13.02 -14.88
N ILE E 147 -24.03 -13.29 -14.00
CA ILE E 147 -23.82 -12.48 -12.80
C ILE E 147 -23.62 -11.02 -13.18
N TYR E 148 -22.83 -10.75 -14.22
CA TYR E 148 -22.52 -9.38 -14.62
C TYR E 148 -23.41 -8.90 -15.78
N LYS E 149 -24.40 -9.71 -16.17
CA LYS E 149 -25.39 -9.33 -17.18
C LYS E 149 -24.73 -8.96 -18.51
N LYS E 150 -23.82 -9.79 -18.99
CA LYS E 150 -23.19 -9.58 -20.28
C LYS E 150 -23.88 -10.36 -21.41
N LEU E 151 -24.97 -11.03 -21.12
CA LEU E 151 -25.68 -11.77 -22.16
C LEU E 151 -26.67 -10.88 -22.87
N PRO E 152 -27.00 -11.16 -24.13
CA PRO E 152 -27.97 -10.32 -24.85
C PRO E 152 -29.42 -10.67 -24.51
N VAL E 153 -29.77 -10.58 -23.22
CA VAL E 153 -31.14 -10.85 -22.79
C VAL E 153 -31.62 -9.68 -21.94
N SER E 154 -32.94 -9.64 -21.75
CA SER E 154 -33.60 -8.56 -21.04
C SER E 154 -33.38 -8.67 -19.53
N GLN E 155 -33.61 -7.55 -18.84
CA GLN E 155 -33.51 -7.52 -17.39
C GLN E 155 -34.49 -8.50 -16.76
N LYS E 156 -35.68 -8.65 -17.33
CA LYS E 156 -36.64 -9.60 -16.78
C LYS E 156 -36.11 -11.02 -16.84
N ALA E 157 -35.35 -11.34 -17.88
CA ALA E 157 -34.81 -12.70 -18.01
C ALA E 157 -33.78 -12.99 -16.93
N TYR E 158 -32.95 -12.00 -16.56
CA TYR E 158 -32.02 -12.19 -15.46
C TYR E 158 -32.75 -12.43 -14.14
N THR E 159 -33.75 -11.59 -13.85
CA THR E 159 -34.42 -11.65 -12.56
C THR E 159 -35.16 -12.97 -12.36
N MSE E 160 -35.98 -13.37 -13.34
CA MSE E 160 -36.78 -14.58 -13.28
C MSE E 160 -35.94 -15.85 -13.24
O MSE E 160 -36.29 -16.81 -12.57
CB MSE E 160 -37.71 -14.66 -14.49
CG MSE E 160 -38.74 -13.55 -14.53
SE MSE E 160 -39.95 -13.70 -13.00
CE MSE E 160 -39.87 -11.81 -12.46
N THR E 161 -34.84 -15.86 -14.00
CA THR E 161 -33.95 -17.02 -13.98
C THR E 161 -33.29 -17.14 -12.61
N LYS E 162 -32.85 -16.01 -12.04
CA LYS E 162 -32.32 -16.03 -10.68
C LYS E 162 -33.36 -16.58 -9.70
N ASN E 163 -34.61 -16.10 -9.82
CA ASN E 163 -35.63 -16.45 -8.83
C ASN E 163 -35.91 -17.94 -8.83
N ILE E 164 -36.03 -18.55 -10.02
CA ILE E 164 -36.32 -19.98 -10.04
C ILE E 164 -35.08 -20.84 -9.85
N MSE E 165 -33.88 -20.27 -9.87
CA MSE E 165 -32.67 -21.04 -9.60
C MSE E 165 -32.30 -21.04 -8.12
O MSE E 165 -31.31 -21.67 -7.74
CB MSE E 165 -31.49 -20.50 -10.41
CG MSE E 165 -31.35 -21.03 -11.80
SE MSE E 165 -29.88 -20.09 -12.68
CE MSE E 165 -28.39 -20.81 -11.66
N TYR E 166 -33.07 -20.34 -7.28
CA TYR E 166 -32.79 -20.32 -5.84
C TYR E 166 -32.96 -21.72 -5.26
N ILE E 167 -32.10 -22.06 -4.29
CA ILE E 167 -32.12 -23.39 -3.66
C ILE E 167 -32.30 -23.25 -2.15
N GLN E 168 -31.32 -22.64 -1.47
CA GLN E 168 -31.36 -22.58 0.00
C GLN E 168 -30.44 -21.47 0.49
N GLU E 169 -30.48 -21.23 1.80
CA GLU E 169 -29.56 -20.32 2.48
C GLU E 169 -28.49 -21.13 3.19
N LEU E 170 -27.23 -20.80 2.95
CA LEU E 170 -26.08 -21.47 3.56
C LEU E 170 -25.60 -20.74 4.81
N PRO E 171 -24.70 -21.33 5.58
CA PRO E 171 -24.21 -20.66 6.80
C PRO E 171 -23.58 -19.30 6.51
N GLY E 172 -23.76 -18.37 7.45
CA GLY E 172 -23.26 -17.02 7.28
C GLY E 172 -24.11 -16.12 6.40
N GLY E 173 -25.22 -16.61 5.88
CA GLY E 173 -26.11 -15.79 5.08
C GLY E 173 -25.90 -15.87 3.59
N TRP E 174 -25.05 -16.76 3.10
CA TRP E 174 -24.78 -16.91 1.67
C TRP E 174 -25.92 -17.66 0.99
N LYS E 175 -26.53 -17.03 -0.01
CA LYS E 175 -27.66 -17.62 -0.70
C LYS E 175 -27.17 -18.44 -1.89
N LEU E 176 -27.68 -19.66 -2.00
CA LEU E 176 -27.23 -20.63 -2.98
C LEU E 176 -28.23 -20.68 -4.15
N TYR E 177 -27.73 -20.43 -5.35
CA TYR E 177 -28.45 -20.55 -6.61
C TYR E 177 -27.72 -21.59 -7.46
N GLY E 178 -28.45 -22.47 -8.12
CA GLY E 178 -27.76 -23.52 -8.84
C GLY E 178 -28.69 -24.45 -9.59
N LYS E 179 -28.06 -25.41 -10.29
CA LYS E 179 -28.78 -26.43 -11.03
C LYS E 179 -27.91 -27.68 -11.17
N THR E 180 -28.53 -28.83 -10.93
CA THR E 180 -27.91 -30.13 -11.14
C THR E 180 -28.18 -30.65 -12.56
N GLY E 181 -27.38 -31.64 -12.96
CA GLY E 181 -27.62 -32.34 -14.22
C GLY E 181 -26.88 -33.66 -14.30
N THR E 182 -27.52 -34.70 -14.84
CA THR E 182 -26.92 -36.03 -15.02
C THR E 182 -27.01 -36.43 -16.48
N GLY E 183 -25.93 -36.99 -17.01
CA GLY E 183 -25.91 -37.48 -18.36
C GLY E 183 -25.20 -38.81 -18.47
N ARG E 184 -25.21 -39.37 -19.68
CA ARG E 184 -24.47 -40.57 -20.00
C ARG E 184 -23.31 -40.23 -20.92
N GLN E 185 -22.16 -40.80 -20.64
CA GLN E 185 -20.98 -40.53 -21.44
C GLN E 185 -21.12 -41.17 -22.83
N LEU E 186 -20.43 -40.56 -23.80
CA LEU E 186 -20.41 -41.01 -25.17
C LEU E 186 -19.02 -41.50 -25.55
N THR E 187 -18.96 -42.31 -26.61
CA THR E 187 -17.70 -42.60 -27.28
C THR E 187 -17.06 -41.31 -27.81
N LYS E 188 -15.91 -41.42 -28.48
CA LYS E 188 -15.21 -40.21 -28.92
C LYS E 188 -16.03 -39.45 -29.97
N ASP E 189 -16.44 -40.14 -31.04
CA ASP E 189 -17.26 -39.60 -32.14
C ASP E 189 -18.68 -39.26 -31.72
N LYS E 190 -19.01 -39.36 -30.43
CA LYS E 190 -20.36 -39.11 -29.92
C LYS E 190 -21.41 -39.96 -30.63
N SER E 191 -21.02 -41.14 -31.11
CA SER E 191 -21.96 -41.96 -31.88
C SER E 191 -22.79 -42.91 -31.03
N GLN E 192 -22.39 -43.24 -29.80
CA GLN E 192 -23.20 -44.13 -28.97
C GLN E 192 -23.14 -43.76 -27.50
N LYS E 193 -24.30 -43.86 -26.84
CA LYS E 193 -24.40 -43.68 -25.40
C LYS E 193 -23.86 -44.88 -24.65
N LEU E 194 -23.05 -44.62 -23.62
CA LEU E 194 -22.49 -45.59 -22.71
C LEU E 194 -23.31 -45.63 -21.42
N PRO E 195 -23.21 -46.71 -20.64
CA PRO E 195 -23.91 -46.75 -19.35
C PRO E 195 -23.14 -46.06 -18.24
N LEU E 196 -22.20 -45.18 -18.57
CA LEU E 196 -21.38 -44.51 -17.56
C LEU E 196 -21.94 -43.12 -17.34
N GLN E 197 -22.30 -42.81 -16.09
CA GLN E 197 -22.88 -41.51 -15.79
C GLN E 197 -21.80 -40.45 -15.61
N HIS E 198 -22.21 -39.20 -15.81
CA HIS E 198 -21.48 -38.05 -15.33
C HIS E 198 -22.52 -37.04 -14.83
N GLY E 199 -22.10 -36.19 -13.91
CA GLY E 199 -23.03 -35.32 -13.21
C GLY E 199 -22.43 -33.96 -12.91
N TRP E 200 -23.29 -32.94 -12.99
CA TRP E 200 -22.93 -31.55 -12.78
C TRP E 200 -23.68 -30.96 -11.61
N PHE E 201 -23.04 -30.01 -10.94
CA PHE E 201 -23.73 -29.00 -10.12
C PHE E 201 -23.02 -27.66 -10.31
N VAL E 202 -23.74 -26.66 -10.79
CA VAL E 202 -23.17 -25.37 -11.14
C VAL E 202 -24.10 -24.27 -10.63
N GLY E 203 -23.55 -23.09 -10.42
CA GLY E 203 -24.36 -22.01 -9.87
C GLY E 203 -23.50 -20.96 -9.18
N TRP E 204 -24.07 -20.33 -8.16
CA TRP E 204 -23.29 -19.33 -7.45
C TRP E 204 -23.86 -19.11 -6.05
N ILE E 205 -23.00 -18.61 -5.17
CA ILE E 205 -23.45 -18.17 -3.86
C ILE E 205 -23.27 -16.66 -3.78
N GLU E 206 -24.05 -16.02 -2.92
CA GLU E 206 -24.24 -14.57 -2.98
C GLU E 206 -24.53 -14.01 -1.59
N LYS E 207 -23.79 -12.99 -1.20
CA LYS E 207 -24.05 -12.33 0.07
C LYS E 207 -23.68 -10.86 -0.06
N ASP E 208 -24.60 -9.97 0.34
CA ASP E 208 -24.42 -8.53 0.16
C ASP E 208 -24.07 -8.25 -1.29
N GLU E 209 -22.85 -7.76 -1.54
CA GLU E 209 -22.43 -7.45 -2.90
C GLU E 209 -21.39 -8.42 -3.44
N ARG E 210 -21.16 -9.56 -2.78
CA ARG E 210 -20.17 -10.54 -3.24
C ARG E 210 -20.87 -11.70 -3.93
N VAL E 211 -20.33 -12.11 -5.06
CA VAL E 211 -20.85 -13.26 -5.80
C VAL E 211 -19.69 -14.17 -6.12
N ILE E 212 -19.83 -15.45 -5.80
CA ILE E 212 -18.87 -16.47 -6.14
C ILE E 212 -19.56 -17.52 -7.00
N THR E 213 -19.08 -17.68 -8.25
CA THR E 213 -19.59 -18.74 -9.10
C THR E 213 -18.80 -20.00 -8.86
N PHE E 214 -19.43 -21.15 -9.13
CA PHE E 214 -18.79 -22.43 -8.93
C PHE E 214 -19.29 -23.42 -9.98
N ALA E 215 -18.48 -24.43 -10.24
CA ALA E 215 -18.86 -25.51 -11.13
C ALA E 215 -18.20 -26.78 -10.63
N LYS E 216 -18.99 -27.84 -10.50
CA LYS E 216 -18.52 -29.17 -10.10
C LYS E 216 -18.92 -30.19 -11.16
N HIS E 217 -17.99 -31.06 -11.54
CA HIS E 217 -18.31 -32.12 -12.48
C HIS E 217 -17.67 -33.44 -12.03
N ILE E 218 -18.40 -34.55 -12.16
CA ILE E 218 -17.85 -35.89 -11.93
C ILE E 218 -18.22 -36.80 -13.09
N ALA E 219 -17.28 -37.67 -13.49
CA ALA E 219 -17.48 -38.67 -14.54
C ALA E 219 -17.16 -40.04 -13.96
N ASP E 220 -18.19 -40.87 -13.80
CA ASP E 220 -18.02 -42.20 -13.26
C ASP E 220 -17.24 -43.07 -14.24
N SER E 221 -16.44 -43.99 -13.70
CA SER E 221 -15.66 -44.90 -14.53
C SER E 221 -16.24 -46.30 -14.59
N LYS E 222 -16.93 -46.72 -13.54
CA LYS E 222 -17.78 -47.90 -13.56
C LYS E 222 -19.24 -47.42 -13.51
N GLU E 223 -20.16 -48.34 -13.29
CA GLU E 223 -21.56 -47.94 -13.14
C GLU E 223 -21.86 -47.62 -11.67
N ASN E 224 -22.81 -46.70 -11.47
CA ASN E 224 -23.11 -46.21 -10.12
C ASN E 224 -24.61 -46.04 -9.99
N THR E 225 -25.18 -46.69 -8.96
CA THR E 225 -26.61 -46.58 -8.67
C THR E 225 -26.98 -45.14 -8.33
N THR E 226 -26.18 -44.51 -7.48
CA THR E 226 -26.40 -43.13 -7.08
C THR E 226 -26.29 -42.20 -8.29
N PHE E 227 -27.23 -41.26 -8.39
CA PHE E 227 -27.20 -40.31 -9.49
C PHE E 227 -25.99 -39.40 -9.36
N ALA E 228 -25.24 -39.27 -10.45
CA ALA E 228 -23.99 -38.51 -10.39
C ALA E 228 -24.22 -37.04 -9.98
N SER E 229 -25.31 -36.42 -10.46
CA SER E 229 -25.53 -35.01 -10.12
C SER E 229 -25.77 -34.80 -8.63
N PHE E 230 -26.36 -35.77 -7.94
CA PHE E 230 -26.55 -35.66 -6.50
C PHE E 230 -25.23 -35.83 -5.76
N ARG E 231 -24.39 -36.75 -6.24
CA ARG E 231 -23.04 -36.87 -5.69
C ARG E 231 -22.24 -35.59 -5.94
N ALA E 232 -22.37 -35.01 -7.12
CA ALA E 232 -21.71 -33.74 -7.41
C ALA E 232 -22.24 -32.61 -6.53
N LYS E 233 -23.56 -32.50 -6.40
CA LYS E 233 -24.11 -31.47 -5.54
C LYS E 233 -23.68 -31.66 -4.09
N ASN E 234 -23.75 -32.90 -3.59
CA ASN E 234 -23.35 -33.20 -2.22
C ASN E 234 -21.90 -32.82 -1.95
N ASP E 235 -20.99 -33.22 -2.84
CA ASP E 235 -19.59 -32.81 -2.72
C ASP E 235 -19.46 -31.29 -2.73
N THR E 236 -20.20 -30.61 -3.61
CA THR E 236 -20.05 -29.16 -3.72
C THR E 236 -20.44 -28.45 -2.43
N LEU E 237 -21.51 -28.92 -1.77
CA LEU E 237 -21.98 -28.25 -0.56
C LEU E 237 -20.92 -28.28 0.54
N ILE E 238 -20.25 -29.43 0.71
CA ILE E 238 -19.13 -29.49 1.63
C ILE E 238 -18.03 -28.51 1.21
N GLN E 239 -17.77 -28.40 -0.11
CA GLN E 239 -16.74 -27.47 -0.57
C GLN E 239 -17.16 -26.02 -0.32
N LEU E 240 -18.43 -25.68 -0.56
CA LEU E 240 -18.91 -24.33 -0.31
C LEU E 240 -18.89 -23.99 1.17
N PHE E 241 -19.14 -24.97 2.02
CA PHE E 241 -19.08 -24.74 3.46
C PHE E 241 -17.67 -24.34 3.90
N ASN E 242 -16.66 -25.04 3.42
CA ASN E 242 -15.29 -24.72 3.79
C ASN E 242 -14.85 -23.41 3.16
N LEU E 243 -15.28 -23.15 1.93
CA LEU E 243 -14.95 -21.88 1.30
C LEU E 243 -15.57 -20.72 2.08
N ILE E 244 -16.83 -20.89 2.52
CA ILE E 244 -17.49 -19.84 3.29
C ILE E 244 -16.76 -19.63 4.60
N ASN E 245 -16.22 -20.69 5.17
CA ASN E 245 -15.50 -20.50 6.43
C ASN E 245 -14.20 -19.74 6.18
N GLU E 246 -13.57 -19.95 5.01
CA GLU E 246 -12.36 -19.21 4.68
C GLU E 246 -12.67 -17.75 4.37
N LEU E 247 -13.76 -17.49 3.64
CA LEU E 247 -14.10 -16.13 3.23
C LEU E 247 -14.42 -15.24 4.42
N GLU E 248 -14.98 -15.82 5.48
CA GLU E 248 -15.43 -15.08 6.64
C GLU E 248 -14.34 -14.94 7.70
N LYS E 249 -13.13 -15.41 7.40
CA LYS E 249 -12.04 -15.32 8.37
C LYS E 249 -11.68 -13.87 8.65
N GLN F 4 -20.08 -50.49 9.45
CA GLN F 4 -20.88 -49.29 9.18
C GLN F 4 -22.13 -49.22 10.06
N ASP F 5 -22.12 -48.28 11.01
CA ASP F 5 -23.22 -48.12 11.96
C ASP F 5 -24.09 -46.95 11.48
N THR F 6 -25.23 -47.28 10.86
CA THR F 6 -26.14 -46.26 10.33
C THR F 6 -27.56 -46.63 10.70
N CYS F 7 -28.45 -45.66 10.50
CA CYS F 7 -29.87 -45.87 10.68
C CYS F 7 -30.61 -44.83 9.86
N PHE F 8 -31.68 -45.25 9.18
CA PHE F 8 -32.60 -44.30 8.56
C PHE F 8 -34.04 -44.75 8.84
N LEU F 9 -34.84 -43.83 9.36
CA LEU F 9 -36.24 -44.07 9.70
C LEU F 9 -37.10 -42.98 9.09
N ALA F 10 -38.14 -43.38 8.36
CA ALA F 10 -39.16 -42.46 7.84
C ALA F 10 -40.55 -42.97 8.24
N LYS F 11 -41.32 -42.12 8.92
CA LYS F 11 -42.59 -42.54 9.47
C LYS F 11 -43.66 -41.50 9.12
N GLU F 12 -44.77 -41.97 8.56
CA GLU F 12 -45.92 -41.12 8.24
C GLU F 12 -47.02 -41.44 9.24
N ASN F 13 -47.50 -40.42 9.96
CA ASN F 13 -48.52 -40.57 11.00
C ASN F 13 -48.11 -41.66 12.00
N GLN F 14 -48.58 -42.89 11.79
CA GLN F 14 -48.19 -44.02 12.62
C GLN F 14 -47.71 -45.21 11.80
N THR F 15 -47.31 -44.99 10.54
CA THR F 15 -46.80 -46.03 9.67
C THR F 15 -45.32 -45.81 9.40
N VAL F 16 -44.50 -46.84 9.61
CA VAL F 16 -43.08 -46.76 9.28
C VAL F 16 -42.97 -47.02 7.79
N LEU F 17 -42.54 -46.01 7.03
CA LEU F 17 -42.34 -46.15 5.60
C LEU F 17 -40.95 -46.68 5.26
N LYS F 18 -39.94 -46.33 6.05
CA LYS F 18 -38.56 -46.73 5.80
C LYS F 18 -37.88 -47.04 7.12
N ARG F 19 -37.18 -48.16 7.16
CA ARG F 19 -36.44 -48.59 8.34
C ARG F 19 -35.23 -49.38 7.85
N GLU F 20 -34.12 -48.66 7.66
CA GLU F 20 -32.89 -49.24 7.15
C GLU F 20 -31.78 -49.07 8.18
N GLY F 21 -30.98 -50.12 8.35
CA GLY F 21 -29.85 -50.08 9.27
C GLY F 21 -30.12 -50.84 10.56
N ASN F 22 -29.04 -51.00 11.33
CA ASN F 22 -29.04 -51.79 12.56
C ASN F 22 -29.13 -50.96 13.83
N ASP F 23 -28.93 -49.64 13.76
CA ASP F 23 -28.82 -48.83 14.96
C ASP F 23 -30.12 -48.09 15.30
N CYS F 24 -31.26 -48.56 14.80
CA CYS F 24 -32.50 -47.80 14.93
C CYS F 24 -32.90 -47.55 16.37
N ASP F 25 -32.29 -48.25 17.34
CA ASP F 25 -32.69 -48.13 18.73
C ASP F 25 -31.53 -47.79 19.66
N GLN F 26 -30.36 -47.46 19.12
CA GLN F 26 -29.18 -47.13 19.91
C GLN F 26 -29.15 -45.64 20.21
N ARG F 27 -28.92 -45.30 21.48
CA ARG F 27 -28.90 -43.90 21.88
C ARG F 27 -27.52 -43.27 21.63
N TYR F 28 -27.55 -42.00 21.24
CA TYR F 28 -26.37 -41.20 21.00
C TYR F 28 -26.62 -39.77 21.50
N SER F 29 -25.53 -39.05 21.72
CA SER F 29 -25.63 -37.64 21.99
C SER F 29 -26.43 -36.97 20.87
N PRO F 30 -27.40 -36.11 21.17
CA PRO F 30 -28.12 -35.42 20.10
C PRO F 30 -27.25 -34.42 19.37
N ALA F 31 -26.19 -33.92 20.02
CA ALA F 31 -25.42 -32.79 19.48
C ALA F 31 -26.40 -31.69 19.07
N SER F 32 -26.11 -30.97 17.98
CA SER F 32 -26.89 -29.78 17.64
C SER F 32 -28.35 -30.07 17.30
N THR F 33 -28.77 -31.32 17.15
CA THR F 33 -30.21 -31.53 16.99
C THR F 33 -30.98 -31.18 18.24
N PHE F 34 -30.31 -31.04 19.38
CA PHE F 34 -30.93 -30.52 20.60
C PHE F 34 -31.44 -29.07 20.43
N KCX F 35 -30.92 -28.36 19.44
CA KCX F 35 -31.36 -26.99 19.20
CB KCX F 35 -30.55 -26.32 18.09
CG KCX F 35 -29.18 -25.81 18.52
CD KCX F 35 -28.46 -25.15 17.37
CE KCX F 35 -27.01 -24.78 17.73
NZ KCX F 35 -26.12 -25.97 17.90
C KCX F 35 -32.86 -26.95 18.87
O KCX F 35 -33.52 -25.93 19.10
CX KCX F 35 -25.67 -26.35 19.09
OQ1 KCX F 35 -25.98 -25.73 20.12
OQ2 KCX F 35 -24.93 -27.35 19.20
N ILE F 36 -33.38 -28.04 18.33
CA ILE F 36 -34.81 -28.17 18.12
C ILE F 36 -35.57 -28.03 19.44
N ALA F 37 -35.13 -28.78 20.47
CA ALA F 37 -35.75 -28.65 21.78
C ALA F 37 -35.44 -27.29 22.40
N LEU F 38 -34.20 -26.81 22.26
CA LEU F 38 -33.85 -25.50 22.80
C LEU F 38 -34.70 -24.41 22.18
N SER F 39 -35.13 -24.62 20.93
CA SER F 39 -35.99 -23.64 20.26
C SER F 39 -37.35 -23.59 20.92
N LEU F 40 -37.97 -24.76 21.14
CA LEU F 40 -39.25 -24.82 21.82
C LEU F 40 -39.17 -24.15 23.19
N MSE F 41 -38.14 -24.45 23.97
CA MSE F 41 -37.94 -23.82 25.26
C MSE F 41 -37.86 -22.30 25.15
O MSE F 41 -38.61 -21.58 25.81
CB MSE F 41 -36.66 -24.33 25.93
CG MSE F 41 -36.56 -25.84 26.04
SE MSE F 41 -34.96 -26.38 27.04
CE MSE F 41 -34.96 -28.27 26.60
N GLY F 42 -36.97 -21.81 24.29
CA GLY F 42 -36.74 -20.38 24.20
C GLY F 42 -37.99 -19.60 23.80
N PHE F 43 -38.77 -20.15 22.87
CA PHE F 43 -39.97 -19.46 22.43
C PHE F 43 -41.13 -19.66 23.39
N ASP F 44 -41.20 -20.79 24.10
CA ASP F 44 -42.24 -20.99 25.10
C ASP F 44 -41.96 -20.19 26.36
N SER F 45 -40.72 -20.23 26.86
CA SER F 45 -40.33 -19.44 28.02
C SER F 45 -40.34 -17.94 27.74
N GLY F 46 -40.46 -17.54 26.48
CA GLY F 46 -40.45 -16.14 26.09
C GLY F 46 -39.07 -15.50 25.98
N ILE F 47 -37.99 -16.25 26.21
CA ILE F 47 -36.67 -15.65 26.07
C ILE F 47 -36.37 -15.34 24.60
N LEU F 48 -36.87 -16.18 23.69
CA LEU F 48 -36.80 -15.91 22.26
C LEU F 48 -38.11 -15.26 21.82
N LYS F 49 -38.01 -14.20 21.02
CA LYS F 49 -39.17 -13.41 20.63
C LYS F 49 -39.73 -13.84 19.27
N ASP F 50 -38.95 -13.68 18.21
CA ASP F 50 -39.37 -14.11 16.89
C ASP F 50 -38.13 -14.60 16.14
N GLU F 51 -38.27 -14.77 14.83
CA GLU F 51 -37.17 -15.31 14.03
C GLU F 51 -35.94 -14.41 14.07
N LEU F 52 -36.10 -13.12 14.33
CA LEU F 52 -34.99 -12.18 14.28
C LEU F 52 -34.59 -11.59 15.62
N HIS F 53 -35.32 -11.88 16.69
CA HIS F 53 -35.08 -11.28 17.99
C HIS F 53 -35.18 -12.35 19.07
N PRO F 54 -34.36 -12.27 20.13
CA PRO F 54 -33.32 -11.25 20.34
C PRO F 54 -32.06 -11.50 19.52
N GLU F 55 -31.38 -10.41 19.18
CA GLU F 55 -30.08 -10.48 18.53
C GLU F 55 -29.00 -10.22 19.58
N TRP F 56 -28.14 -11.22 19.79
CA TRP F 56 -27.09 -11.19 20.78
C TRP F 56 -25.72 -11.05 20.13
N PRO F 57 -24.82 -10.28 20.74
CA PRO F 57 -23.52 -10.04 20.13
C PRO F 57 -22.52 -11.15 20.42
N TYR F 58 -21.62 -11.36 19.49
CA TYR F 58 -20.48 -12.22 19.75
C TYR F 58 -19.55 -11.57 20.77
N LYS F 59 -18.96 -12.40 21.63
CA LYS F 59 -17.97 -11.95 22.60
C LYS F 59 -16.68 -12.74 22.40
N LYS F 60 -15.55 -12.11 22.71
CA LYS F 60 -14.25 -12.72 22.53
C LYS F 60 -14.04 -13.93 23.44
N GLU F 61 -14.80 -14.02 24.54
CA GLU F 61 -14.75 -15.23 25.36
C GLU F 61 -15.18 -16.46 24.56
N TYR F 62 -16.05 -16.29 23.57
CA TYR F 62 -16.65 -17.41 22.87
C TYR F 62 -15.64 -18.09 21.94
N GLU F 63 -15.67 -19.42 21.91
CA GLU F 63 -14.81 -20.17 20.99
C GLU F 63 -15.32 -20.03 19.55
N LEU F 64 -14.40 -19.77 18.63
CA LEU F 64 -14.71 -19.52 17.22
C LEU F 64 -14.31 -20.74 16.39
N TYR F 65 -15.04 -21.84 16.60
CA TYR F 65 -14.84 -23.04 15.79
C TYR F 65 -15.16 -22.78 14.31
N LEU F 66 -16.30 -22.14 14.03
CA LEU F 66 -16.66 -21.66 12.70
C LEU F 66 -16.60 -20.14 12.65
N ASN F 67 -16.02 -19.60 11.58
CA ASN F 67 -15.87 -18.16 11.50
C ASN F 67 -17.21 -17.44 11.44
N VAL F 68 -18.28 -18.08 10.95
CA VAL F 68 -19.56 -17.38 10.90
C VAL F 68 -20.14 -17.10 12.28
N TRP F 69 -19.57 -17.68 13.34
CA TRP F 69 -20.04 -17.36 14.68
C TRP F 69 -19.55 -16.00 15.18
N LYS F 70 -18.70 -15.30 14.42
CA LYS F 70 -18.24 -13.97 14.84
C LYS F 70 -19.31 -12.91 14.71
N TYR F 71 -20.32 -13.12 13.85
CA TYR F 71 -21.39 -12.17 13.63
C TYR F 71 -22.40 -12.23 14.77
N PRO F 72 -23.20 -11.17 14.96
CA PRO F 72 -24.32 -11.26 15.90
C PRO F 72 -25.32 -12.32 15.45
N GLN F 73 -26.03 -12.90 16.41
CA GLN F 73 -26.89 -14.04 16.14
C GLN F 73 -28.30 -13.78 16.65
N ASN F 74 -29.29 -14.24 15.89
CA ASN F 74 -30.69 -14.26 16.25
C ASN F 74 -31.19 -15.69 16.06
N PRO F 75 -32.42 -15.99 16.49
CA PRO F 75 -32.92 -17.37 16.35
C PRO F 75 -32.80 -17.93 14.94
N HIS F 76 -32.92 -17.08 13.92
CA HIS F 76 -32.81 -17.58 12.55
C HIS F 76 -31.37 -17.94 12.19
N THR F 77 -30.39 -17.10 12.55
CA THR F 77 -29.01 -17.47 12.24
C THR F 77 -28.47 -18.54 13.18
N TRP F 78 -29.00 -18.62 14.40
CA TRP F 78 -28.61 -19.66 15.35
C TRP F 78 -28.79 -21.05 14.76
N ILE F 79 -29.97 -21.33 14.22
CA ILE F 79 -30.24 -22.61 13.57
C ILE F 79 -29.40 -22.73 12.30
N ARG F 80 -29.46 -21.71 11.45
CA ARG F 80 -28.73 -21.74 10.19
C ARG F 80 -27.23 -21.99 10.39
N ASP F 81 -26.61 -21.28 11.33
CA ASP F 81 -25.17 -21.41 11.54
C ASP F 81 -24.81 -22.49 12.55
N SER F 82 -25.80 -23.07 13.24
CA SER F 82 -25.54 -24.04 14.31
C SER F 82 -24.62 -23.44 15.37
N CYS F 83 -25.01 -22.27 15.85
CA CYS F 83 -24.13 -21.46 16.69
C CYS F 83 -24.24 -21.91 18.14
N VAL F 84 -23.16 -22.50 18.68
CA VAL F 84 -23.24 -23.10 20.01
C VAL F 84 -23.30 -22.04 21.12
N TRP F 85 -22.62 -20.91 20.96
CA TRP F 85 -22.64 -19.93 22.03
C TRP F 85 -24.01 -19.28 22.19
N TYR F 86 -24.81 -19.24 21.12
CA TYR F 86 -26.19 -18.75 21.26
C TYR F 86 -27.03 -19.74 22.05
N SER F 87 -26.86 -21.04 21.79
CA SER F 87 -27.51 -22.05 22.62
C SER F 87 -27.10 -21.92 24.07
N GLN F 88 -25.80 -21.75 24.33
CA GLN F 88 -25.30 -21.65 25.69
C GLN F 88 -25.76 -20.37 26.36
N ALA F 89 -25.89 -19.28 25.61
CA ALA F 89 -26.47 -18.07 26.21
C ALA F 89 -27.93 -18.31 26.57
N LEU F 90 -28.67 -19.01 25.73
CA LEU F 90 -30.09 -19.27 25.98
C LEU F 90 -30.29 -20.13 27.21
N THR F 91 -29.44 -21.14 27.42
CA THR F 91 -29.60 -21.98 28.61
C THR F 91 -29.09 -21.29 29.87
N ARG F 92 -28.12 -20.38 29.75
CA ARG F 92 -27.69 -19.64 30.94
C ARG F 92 -28.83 -18.77 31.48
N GLN F 93 -29.68 -18.28 30.60
CA GLN F 93 -30.82 -17.51 31.04
C GLN F 93 -31.98 -18.39 31.49
N LEU F 94 -32.06 -19.62 30.98
CA LEU F 94 -33.12 -20.53 31.42
C LEU F 94 -32.86 -21.05 32.82
N GLY F 95 -31.60 -21.20 33.21
CA GLY F 95 -31.26 -21.77 34.50
C GLY F 95 -31.53 -23.25 34.59
N MSE F 96 -30.89 -23.94 35.53
CA MSE F 96 -30.96 -25.39 35.58
C MSE F 96 -32.36 -25.91 35.88
O MSE F 96 -32.74 -26.96 35.37
CB MSE F 96 -29.98 -25.95 36.63
CG MSE F 96 -29.93 -27.46 36.62
SE MSE F 96 -29.62 -28.22 34.83
CE MSE F 96 -27.67 -28.35 34.86
N LYS F 97 -33.10 -25.17 36.70
CA LYS F 97 -34.44 -25.62 37.10
C LYS F 97 -35.35 -25.76 35.88
N ARG F 98 -35.60 -24.65 35.18
CA ARG F 98 -36.45 -24.69 34.00
C ARG F 98 -35.87 -25.54 32.87
N PHE F 99 -34.54 -25.64 32.79
CA PHE F 99 -33.91 -26.43 31.73
C PHE F 99 -34.17 -27.92 31.95
N LYS F 100 -33.83 -28.42 33.15
CA LYS F 100 -34.16 -29.80 33.48
C LYS F 100 -35.66 -30.03 33.49
N GLY F 101 -36.44 -29.02 33.88
CA GLY F 101 -37.88 -29.16 33.81
C GLY F 101 -38.38 -29.38 32.40
N TYR F 102 -37.81 -28.66 31.44
CA TYR F 102 -38.24 -28.81 30.06
C TYR F 102 -37.89 -30.18 29.50
N VAL F 103 -36.69 -30.69 29.78
CA VAL F 103 -36.29 -31.94 29.16
C VAL F 103 -37.15 -33.10 29.64
N ASP F 104 -37.57 -33.05 30.91
CA ASP F 104 -38.44 -34.10 31.44
C ASP F 104 -39.88 -33.98 30.94
N ALA F 105 -40.37 -32.75 30.70
CA ALA F 105 -41.70 -32.59 30.12
C ALA F 105 -41.73 -33.04 28.67
N PHE F 106 -40.61 -32.90 27.95
CA PHE F 106 -40.46 -33.40 26.59
C PHE F 106 -40.14 -34.89 26.55
N HIS F 107 -39.81 -35.50 27.68
CA HIS F 107 -39.38 -36.90 27.74
C HIS F 107 -38.26 -37.15 26.73
N TYR F 108 -37.33 -36.21 26.65
CA TYR F 108 -36.29 -36.21 25.63
C TYR F 108 -35.20 -37.22 26.02
N GLY F 109 -35.21 -38.36 25.33
CA GLY F 109 -34.18 -39.39 25.52
C GLY F 109 -34.02 -39.81 26.97
N ASN F 110 -32.78 -40.08 27.36
CA ASN F 110 -32.48 -40.43 28.75
C ASN F 110 -32.60 -39.25 29.71
N GLN F 111 -32.93 -38.04 29.25
CA GLN F 111 -33.20 -36.88 30.09
C GLN F 111 -32.07 -36.57 31.07
N ASP F 112 -30.83 -36.99 30.76
CA ASP F 112 -29.68 -36.84 31.66
C ASP F 112 -28.92 -35.57 31.27
N VAL F 113 -28.92 -34.58 32.17
CA VAL F 113 -28.31 -33.28 31.86
C VAL F 113 -27.26 -32.89 32.89
N SER F 114 -26.55 -33.88 33.44
CA SER F 114 -25.52 -33.61 34.44
C SER F 114 -24.24 -33.05 33.82
N GLY F 115 -24.03 -33.25 32.52
CA GLY F 115 -22.88 -32.70 31.84
C GLY F 115 -21.68 -33.61 31.85
N ASP F 116 -20.53 -33.03 31.52
CA ASP F 116 -19.26 -33.74 31.56
C ASP F 116 -18.96 -34.19 32.98
N LYS F 117 -18.33 -35.36 33.10
CA LYS F 117 -18.07 -35.94 34.41
C LYS F 117 -17.07 -35.08 35.18
N GLY F 118 -17.39 -34.80 36.44
CA GLY F 118 -16.50 -33.98 37.23
C GLY F 118 -16.50 -32.50 36.88
N GLN F 119 -17.53 -32.03 36.19
CA GLN F 119 -17.80 -30.61 36.01
C GLN F 119 -19.21 -30.32 36.49
N ASN F 120 -19.60 -29.05 36.48
CA ASN F 120 -20.97 -28.67 36.75
C ASN F 120 -21.62 -28.05 35.51
N ASN F 121 -21.10 -28.36 34.31
CA ASN F 121 -21.48 -27.68 33.08
C ASN F 121 -22.63 -28.34 32.34
N GLY F 122 -23.47 -29.09 33.05
CA GLY F 122 -24.62 -29.73 32.40
C GLY F 122 -25.53 -28.74 31.69
N LEU F 123 -25.81 -27.60 32.32
CA LEU F 123 -26.72 -26.62 31.71
C LEU F 123 -26.20 -26.12 30.37
N THR F 124 -24.89 -26.10 30.20
CA THR F 124 -24.30 -25.47 29.04
C THR F 124 -23.52 -26.46 28.17
N HIS F 125 -23.44 -27.76 28.56
CA HIS F 125 -22.74 -28.76 27.78
C HIS F 125 -23.46 -30.09 27.62
N ALA F 126 -24.66 -30.27 28.18
CA ALA F 126 -25.25 -31.61 28.27
C ALA F 126 -25.47 -32.26 26.91
N TRP F 127 -25.71 -31.47 25.87
CA TRP F 127 -25.99 -32.03 24.56
C TRP F 127 -24.75 -32.14 23.69
N LEU F 128 -23.58 -31.73 24.19
CA LEU F 128 -22.36 -31.64 23.37
C LEU F 128 -21.44 -32.81 23.71
N SER F 129 -21.75 -33.96 23.12
CA SER F 129 -20.95 -35.16 23.31
C SER F 129 -20.76 -35.44 24.78
N SER F 130 -21.87 -35.48 25.51
CA SER F 130 -21.85 -35.53 26.95
C SER F 130 -22.93 -36.47 27.49
N SER F 131 -23.68 -36.02 28.49
CA SER F 131 -24.55 -36.94 29.22
C SER F 131 -25.83 -37.24 28.47
N LEU F 132 -26.38 -36.26 27.76
CA LEU F 132 -27.67 -36.42 27.12
C LEU F 132 -27.57 -37.37 25.94
N SER F 133 -28.55 -38.24 25.80
CA SER F 133 -28.49 -39.30 24.82
C SER F 133 -29.89 -39.60 24.30
N ILE F 134 -30.02 -39.89 23.01
CA ILE F 134 -31.34 -40.13 22.42
C ILE F 134 -31.20 -41.05 21.21
N SER F 135 -32.20 -41.92 21.03
CA SER F 135 -32.14 -42.87 19.92
C SER F 135 -32.89 -42.33 18.71
N PRO F 136 -32.56 -42.83 17.51
CA PRO F 136 -33.34 -42.44 16.32
C PRO F 136 -34.84 -42.68 16.43
N THR F 137 -35.27 -43.81 17.00
CA THR F 137 -36.70 -44.03 17.22
C THR F 137 -37.27 -42.97 18.15
N GLU F 138 -36.48 -42.52 19.11
CA GLU F 138 -36.95 -41.47 20.01
C GLU F 138 -37.00 -40.12 19.30
N GLN F 139 -36.07 -39.85 18.39
CA GLN F 139 -36.16 -38.61 17.63
C GLN F 139 -37.46 -38.55 16.82
N ILE F 140 -37.81 -39.64 16.16
CA ILE F 140 -39.07 -39.70 15.42
C ILE F 140 -40.24 -39.38 16.34
N GLN F 141 -40.28 -40.01 17.52
CA GLN F 141 -41.35 -39.73 18.46
C GLN F 141 -41.37 -38.26 18.85
N PHE F 142 -40.20 -37.69 19.13
CA PHE F 142 -40.14 -36.31 19.59
C PHE F 142 -40.53 -35.33 18.48
N LEU F 143 -40.17 -35.64 17.22
CA LEU F 143 -40.58 -34.78 16.11
C LEU F 143 -42.07 -34.89 15.84
N GLN F 144 -42.65 -36.08 16.00
CA GLN F 144 -44.08 -36.23 15.79
C GLN F 144 -44.87 -35.57 16.90
N LYS F 145 -44.31 -35.48 18.11
CA LYS F 145 -44.92 -34.65 19.13
C LYS F 145 -44.92 -33.18 18.72
N ILE F 146 -43.95 -32.76 17.91
CA ILE F 146 -43.97 -31.39 17.41
C ILE F 146 -44.97 -31.25 16.28
N ILE F 147 -45.00 -32.20 15.36
CA ILE F 147 -45.91 -32.15 14.23
C ILE F 147 -47.35 -32.06 14.72
N TYR F 148 -47.72 -32.94 15.66
CA TYR F 148 -49.09 -33.06 16.15
C TYR F 148 -49.32 -32.30 17.44
N LYS F 149 -48.44 -31.35 17.76
CA LYS F 149 -48.64 -30.40 18.87
C LYS F 149 -48.99 -31.10 20.17
N LYS F 150 -48.32 -32.23 20.43
CA LYS F 150 -48.53 -33.01 21.65
C LYS F 150 -47.56 -32.66 22.76
N LEU F 151 -47.02 -31.44 22.75
CA LEU F 151 -46.01 -31.00 23.73
C LEU F 151 -46.53 -29.84 24.56
N PRO F 152 -46.12 -29.75 25.83
CA PRO F 152 -46.66 -28.69 26.72
C PRO F 152 -46.03 -27.32 26.50
N VAL F 153 -46.25 -26.74 25.31
CA VAL F 153 -45.69 -25.44 24.95
C VAL F 153 -46.73 -24.64 24.18
N SER F 154 -46.48 -23.32 24.10
CA SER F 154 -47.43 -22.42 23.48
C SER F 154 -47.54 -22.67 21.98
N GLN F 155 -48.62 -22.12 21.40
CA GLN F 155 -48.83 -22.22 19.96
C GLN F 155 -47.75 -21.48 19.18
N LYS F 156 -47.25 -20.37 19.74
CA LYS F 156 -46.20 -19.61 19.07
C LYS F 156 -44.90 -20.41 18.96
N ALA F 157 -44.60 -21.26 19.95
CA ALA F 157 -43.36 -22.04 19.91
C ALA F 157 -43.33 -22.96 18.70
N TYR F 158 -44.45 -23.65 18.44
CA TYR F 158 -44.51 -24.54 17.29
C TYR F 158 -44.27 -23.78 16.00
N THR F 159 -44.85 -22.58 15.88
CA THR F 159 -44.76 -21.83 14.65
C THR F 159 -43.38 -21.23 14.45
N MSE F 160 -42.79 -20.70 15.52
CA MSE F 160 -41.48 -20.06 15.38
C MSE F 160 -40.41 -21.11 15.15
O MSE F 160 -39.52 -20.93 14.32
CB MSE F 160 -41.15 -19.23 16.61
CG MSE F 160 -41.88 -17.88 16.70
SE MSE F 160 -41.61 -16.79 15.11
CE MSE F 160 -43.48 -16.70 14.50
N THR F 161 -40.52 -22.23 15.86
CA THR F 161 -39.53 -23.29 15.70
C THR F 161 -39.59 -23.89 14.30
N LYS F 162 -40.79 -24.14 13.78
CA LYS F 162 -40.90 -24.67 12.43
C LYS F 162 -40.35 -23.69 11.40
N ASN F 163 -40.59 -22.39 11.59
CA ASN F 163 -40.10 -21.39 10.64
C ASN F 163 -38.58 -21.40 10.57
N ILE F 164 -37.90 -21.46 11.73
CA ILE F 164 -36.44 -21.39 11.70
C ILE F 164 -35.80 -22.72 11.34
N MSE F 165 -36.57 -23.80 11.24
CA MSE F 165 -36.04 -25.11 10.83
C MSE F 165 -36.18 -25.34 9.32
O MSE F 165 -35.70 -26.34 8.79
CB MSE F 165 -36.76 -26.25 11.57
CG MSE F 165 -36.36 -26.46 13.03
SE MSE F 165 -37.46 -27.87 13.85
CE MSE F 165 -36.85 -29.40 12.80
N TYR F 166 -36.85 -24.41 8.64
CA TYR F 166 -37.07 -24.56 7.21
C TYR F 166 -35.75 -24.53 6.45
N ILE F 167 -35.60 -25.46 5.51
CA ILE F 167 -34.34 -25.63 4.78
C ILE F 167 -34.51 -25.30 3.31
N GLN F 168 -35.35 -26.04 2.59
CA GLN F 168 -35.49 -25.87 1.15
C GLN F 168 -36.76 -26.57 0.67
N GLU F 169 -37.03 -26.44 -0.63
CA GLU F 169 -38.12 -27.14 -1.28
C GLU F 169 -37.57 -28.26 -2.16
N LEU F 170 -38.12 -29.46 -2.02
CA LEU F 170 -37.66 -30.66 -2.72
C LEU F 170 -38.52 -30.93 -3.96
N PRO F 171 -38.08 -31.83 -4.84
CA PRO F 171 -38.88 -32.13 -6.05
C PRO F 171 -40.29 -32.58 -5.71
N GLY F 172 -41.22 -32.21 -6.59
CA GLY F 172 -42.61 -32.46 -6.34
C GLY F 172 -43.25 -31.49 -5.36
N GLY F 173 -42.50 -30.54 -4.82
CA GLY F 173 -43.07 -29.52 -3.96
C GLY F 173 -43.06 -29.85 -2.49
N TRP F 174 -42.27 -30.82 -2.07
CA TRP F 174 -42.18 -31.17 -0.66
C TRP F 174 -41.24 -30.21 0.04
N LYS F 175 -41.69 -29.63 1.14
CA LYS F 175 -40.88 -28.69 1.89
C LYS F 175 -40.08 -29.41 2.97
N LEU F 176 -38.78 -29.15 3.02
CA LEU F 176 -37.86 -29.85 3.92
C LEU F 176 -37.60 -29.01 5.16
N TYR F 177 -37.86 -29.59 6.34
CA TYR F 177 -37.52 -28.99 7.62
C TYR F 177 -36.61 -29.96 8.37
N GLY F 178 -35.60 -29.44 9.06
CA GLY F 178 -34.74 -30.33 9.81
C GLY F 178 -33.56 -29.62 10.42
N LYS F 179 -32.66 -30.42 10.98
CA LYS F 179 -31.49 -29.93 11.69
C LYS F 179 -30.42 -31.00 11.68
N THR F 180 -29.18 -30.59 11.40
CA THR F 180 -27.99 -31.44 11.45
C THR F 180 -27.36 -31.43 12.85
N GLY F 181 -26.50 -32.41 13.12
CA GLY F 181 -25.67 -32.42 14.31
C GLY F 181 -24.48 -33.35 14.26
N THR F 182 -23.29 -32.86 14.59
CA THR F 182 -22.06 -33.66 14.63
C THR F 182 -21.56 -33.72 16.06
N GLY F 183 -21.39 -34.93 16.59
CA GLY F 183 -20.75 -35.14 17.86
C GLY F 183 -19.53 -36.03 17.76
N ARG F 184 -18.85 -36.18 18.89
CA ARG F 184 -17.71 -37.07 19.02
C ARG F 184 -18.09 -38.25 19.90
N GLN F 185 -17.64 -39.45 19.52
CA GLN F 185 -17.90 -40.60 20.36
C GLN F 185 -17.05 -40.53 21.62
N LEU F 186 -17.49 -41.28 22.65
CA LEU F 186 -16.85 -41.31 23.95
C LEU F 186 -16.31 -42.70 24.23
N THR F 187 -15.25 -42.77 25.04
CA THR F 187 -14.78 -44.06 25.52
C THR F 187 -15.75 -44.64 26.53
N LYS F 188 -15.89 -45.97 26.54
CA LYS F 188 -16.77 -46.63 27.50
C LYS F 188 -16.30 -46.39 28.93
N ASP F 189 -15.06 -46.76 29.22
CA ASP F 189 -14.46 -46.56 30.54
C ASP F 189 -13.87 -45.16 30.62
N LYS F 190 -14.40 -44.33 31.53
CA LYS F 190 -14.00 -42.95 31.84
C LYS F 190 -14.66 -41.90 30.94
N SER F 191 -15.19 -42.28 29.78
CA SER F 191 -16.02 -41.39 28.96
C SER F 191 -15.28 -40.14 28.49
N GLN F 192 -14.13 -40.35 27.84
CA GLN F 192 -13.39 -39.25 27.23
C GLN F 192 -13.85 -39.04 25.78
N LYS F 193 -13.74 -37.80 25.31
CA LYS F 193 -14.03 -37.52 23.91
C LYS F 193 -12.93 -38.06 23.01
N LEU F 194 -13.34 -38.58 21.85
CA LEU F 194 -12.48 -39.21 20.86
C LEU F 194 -12.54 -38.43 19.55
N PRO F 195 -11.62 -38.64 18.61
CA PRO F 195 -11.77 -38.03 17.29
C PRO F 195 -12.78 -38.73 16.39
N LEU F 196 -13.31 -39.88 16.79
CA LEU F 196 -14.37 -40.52 16.02
C LEU F 196 -15.63 -39.69 16.08
N GLN F 197 -16.26 -39.49 14.93
CA GLN F 197 -17.45 -38.68 14.80
C GLN F 197 -18.69 -39.54 14.67
N HIS F 198 -19.82 -38.97 15.05
CA HIS F 198 -21.11 -39.47 14.66
C HIS F 198 -21.98 -38.27 14.31
N GLY F 199 -23.07 -38.51 13.60
CA GLY F 199 -23.78 -37.37 13.07
C GLY F 199 -25.23 -37.63 12.75
N TRP F 200 -26.06 -36.59 12.89
CA TRP F 200 -27.51 -36.69 12.76
C TRP F 200 -28.01 -35.79 11.66
N PHE F 201 -29.12 -36.21 11.06
CA PHE F 201 -29.99 -35.30 10.31
C PHE F 201 -31.43 -35.73 10.55
N VAL F 202 -32.19 -34.90 11.27
CA VAL F 202 -33.57 -35.24 11.66
C VAL F 202 -34.50 -34.16 11.15
N GLY F 203 -35.74 -34.53 10.89
CA GLY F 203 -36.71 -33.51 10.50
C GLY F 203 -37.94 -34.13 9.87
N TRP F 204 -38.51 -33.40 8.91
CA TRP F 204 -39.71 -33.88 8.21
C TRP F 204 -39.84 -33.18 6.88
N ILE F 205 -40.66 -33.77 6.01
CA ILE F 205 -41.06 -33.16 4.74
C ILE F 205 -42.58 -33.03 4.75
N GLU F 206 -43.07 -31.94 4.15
CA GLU F 206 -44.49 -31.62 4.12
C GLU F 206 -44.94 -31.38 2.69
N LYS F 207 -46.25 -31.60 2.48
CA LYS F 207 -46.95 -31.22 1.25
C LYS F 207 -48.44 -31.50 1.46
N ASP F 208 -49.30 -30.51 1.22
CA ASP F 208 -50.74 -30.64 1.48
C ASP F 208 -50.88 -30.91 2.98
N GLU F 209 -51.68 -31.90 3.40
CA GLU F 209 -51.78 -32.27 4.81
C GLU F 209 -50.82 -33.38 5.22
N ARG F 210 -49.97 -33.86 4.32
CA ARG F 210 -49.08 -34.97 4.63
C ARG F 210 -47.81 -34.46 5.29
N VAL F 211 -47.37 -35.18 6.31
CA VAL F 211 -46.10 -34.92 6.97
C VAL F 211 -45.42 -36.26 7.18
N ILE F 212 -44.13 -36.33 6.87
CA ILE F 212 -43.36 -37.56 6.95
C ILE F 212 -42.11 -37.22 7.74
N THR F 213 -42.06 -37.66 9.00
CA THR F 213 -40.87 -37.42 9.82
C THR F 213 -39.78 -38.40 9.45
N PHE F 214 -38.53 -37.98 9.66
CA PHE F 214 -37.39 -38.83 9.37
C PHE F 214 -36.28 -38.55 10.38
N ALA F 215 -35.41 -39.56 10.54
CA ALA F 215 -34.25 -39.50 11.41
C ALA F 215 -33.16 -40.33 10.76
N LYS F 216 -31.99 -39.73 10.56
CA LYS F 216 -30.83 -40.41 10.00
C LYS F 216 -29.67 -40.21 10.95
N HIS F 217 -28.97 -41.31 11.27
CA HIS F 217 -27.79 -41.25 12.11
C HIS F 217 -26.70 -42.13 11.53
N ILE F 218 -25.47 -41.62 11.54
CA ILE F 218 -24.32 -42.40 11.13
C ILE F 218 -23.27 -42.35 12.23
N ALA F 219 -22.56 -43.45 12.40
CA ALA F 219 -21.50 -43.56 13.40
C ALA F 219 -20.22 -44.04 12.71
N ASP F 220 -19.22 -43.18 12.65
CA ASP F 220 -17.98 -43.52 11.95
C ASP F 220 -17.19 -44.55 12.75
N SER F 221 -16.45 -45.39 12.02
CA SER F 221 -15.51 -46.34 12.63
C SER F 221 -14.06 -45.91 12.46
N LYS F 222 -13.81 -44.82 11.74
CA LYS F 222 -12.48 -44.26 11.59
C LYS F 222 -12.64 -42.75 11.47
N GLU F 223 -11.51 -42.05 11.56
CA GLU F 223 -11.54 -40.60 11.43
C GLU F 223 -11.94 -40.21 10.01
N ASN F 224 -12.48 -39.01 9.87
CA ASN F 224 -12.99 -38.56 8.60
C ASN F 224 -12.66 -37.08 8.42
N THR F 225 -12.31 -36.71 7.20
CA THR F 225 -12.05 -35.31 6.88
C THR F 225 -13.32 -34.49 6.76
N THR F 226 -14.50 -35.13 6.77
CA THR F 226 -15.77 -34.47 6.56
C THR F 226 -16.66 -34.62 7.78
N PHE F 227 -17.39 -33.56 8.14
CA PHE F 227 -18.30 -33.65 9.28
C PHE F 227 -19.32 -34.77 9.05
N ALA F 228 -19.55 -35.57 10.09
CA ALA F 228 -20.51 -36.65 9.96
C ALA F 228 -21.91 -36.14 9.66
N SER F 229 -22.28 -34.98 10.20
CA SER F 229 -23.63 -34.46 9.98
C SER F 229 -23.84 -34.05 8.52
N PHE F 230 -22.81 -33.52 7.85
CA PHE F 230 -22.92 -33.24 6.42
C PHE F 230 -23.19 -34.52 5.64
N ARG F 231 -22.45 -35.58 5.95
CA ARG F 231 -22.61 -36.84 5.25
C ARG F 231 -23.96 -37.46 5.53
N ALA F 232 -24.50 -37.22 6.72
CA ALA F 232 -25.81 -37.75 7.06
C ALA F 232 -26.92 -36.99 6.32
N LYS F 233 -26.80 -35.67 6.23
CA LYS F 233 -27.78 -34.91 5.47
C LYS F 233 -27.72 -35.30 4.00
N ASN F 234 -26.51 -35.42 3.45
CA ASN F 234 -26.35 -35.73 2.04
C ASN F 234 -26.91 -37.10 1.68
N ASP F 235 -26.68 -38.11 2.53
CA ASP F 235 -27.34 -39.40 2.33
C ASP F 235 -28.86 -39.26 2.41
N THR F 236 -29.36 -38.52 3.41
CA THR F 236 -30.80 -38.40 3.60
C THR F 236 -31.50 -37.78 2.38
N LEU F 237 -30.89 -36.75 1.79
CA LEU F 237 -31.52 -36.09 0.65
C LEU F 237 -31.72 -37.04 -0.52
N ILE F 238 -30.76 -37.91 -0.79
CA ILE F 238 -30.95 -38.95 -1.80
C ILE F 238 -32.08 -39.90 -1.38
N GLN F 239 -32.12 -40.29 -0.11
CA GLN F 239 -33.19 -41.19 0.33
C GLN F 239 -34.56 -40.53 0.23
N LEU F 240 -34.65 -39.22 0.50
CA LEU F 240 -35.93 -38.53 0.42
C LEU F 240 -36.40 -38.38 -1.02
N PHE F 241 -35.46 -38.18 -1.95
CA PHE F 241 -35.79 -38.12 -3.38
C PHE F 241 -36.40 -39.44 -3.84
N ASN F 242 -35.76 -40.57 -3.48
CA ASN F 242 -36.32 -41.88 -3.80
C ASN F 242 -37.66 -42.09 -3.10
N LEU F 243 -37.79 -41.62 -1.86
CA LEU F 243 -39.08 -41.75 -1.17
C LEU F 243 -40.16 -40.94 -1.87
N ILE F 244 -39.86 -39.69 -2.24
CA ILE F 244 -40.83 -38.82 -2.89
C ILE F 244 -41.25 -39.42 -4.24
N ASN F 245 -40.32 -40.04 -4.96
CA ASN F 245 -40.67 -40.66 -6.23
C ASN F 245 -41.66 -41.81 -6.02
N GLU F 246 -41.49 -42.59 -4.94
CA GLU F 246 -42.44 -43.67 -4.66
C GLU F 246 -43.82 -43.14 -4.32
N LEU F 247 -43.89 -42.08 -3.51
CA LEU F 247 -45.20 -41.53 -3.11
C LEU F 247 -45.93 -40.92 -4.29
N GLU F 248 -45.22 -40.34 -5.23
CA GLU F 248 -45.86 -39.66 -6.34
C GLU F 248 -46.25 -40.61 -7.46
N LYS F 249 -46.02 -41.91 -7.29
CA LYS F 249 -46.70 -43.00 -8.02
C LYS F 249 -46.08 -44.35 -7.66
N GLN G 4 -13.61 30.50 -15.27
CA GLN G 4 -13.49 29.28 -16.07
C GLN G 4 -13.82 28.03 -15.24
N ASP G 5 -14.74 27.22 -15.73
CA ASP G 5 -15.15 25.98 -15.05
C ASP G 5 -14.18 24.88 -15.47
N THR G 6 -13.29 24.50 -14.55
CA THR G 6 -12.27 23.51 -14.85
C THR G 6 -12.08 22.56 -13.68
N CYS G 7 -11.44 21.43 -13.96
CA CYS G 7 -11.00 20.51 -12.93
C CYS G 7 -9.69 19.87 -13.36
N PHE G 8 -8.73 19.71 -12.45
CA PHE G 8 -7.60 18.80 -12.65
C PHE G 8 -7.44 17.91 -11.42
N LEU G 9 -7.43 16.59 -11.65
CA LEU G 9 -7.26 15.57 -10.61
C LEU G 9 -6.08 14.68 -10.94
N ALA G 10 -5.24 14.39 -9.95
CA ALA G 10 -4.22 13.35 -10.10
C ALA G 10 -4.17 12.52 -8.83
N LYS G 11 -4.13 11.19 -8.97
CA LYS G 11 -4.22 10.29 -7.82
C LYS G 11 -3.29 9.10 -8.02
N GLU G 12 -2.45 8.81 -7.02
CA GLU G 12 -1.55 7.66 -7.03
C GLU G 12 -1.99 6.68 -5.94
N ASN G 13 -2.53 5.53 -6.36
CA ASN G 13 -3.08 4.53 -5.46
C ASN G 13 -4.19 5.16 -4.61
N GLN G 14 -3.97 5.39 -3.31
CA GLN G 14 -5.02 5.99 -2.50
C GLN G 14 -4.75 7.45 -2.15
N THR G 15 -3.69 8.03 -2.71
CA THR G 15 -3.23 9.37 -2.36
C THR G 15 -3.56 10.32 -3.50
N VAL G 16 -4.43 11.30 -3.24
CA VAL G 16 -4.68 12.38 -4.19
C VAL G 16 -3.44 13.27 -4.21
N LEU G 17 -2.83 13.41 -5.40
CA LEU G 17 -1.66 14.26 -5.55
C LEU G 17 -2.02 15.68 -5.98
N LYS G 18 -3.06 15.86 -6.78
CA LYS G 18 -3.49 17.20 -7.16
C LYS G 18 -5.00 17.21 -7.22
N ARG G 19 -5.59 18.30 -6.75
CA ARG G 19 -7.02 18.54 -6.93
C ARG G 19 -7.24 20.05 -7.02
N GLU G 20 -7.70 20.52 -8.18
CA GLU G 20 -7.85 21.95 -8.42
C GLU G 20 -9.08 22.21 -9.28
N GLY G 21 -9.67 23.38 -9.11
CA GLY G 21 -10.81 23.77 -9.89
C GLY G 21 -12.10 23.71 -9.10
N ASN G 22 -13.18 24.11 -9.78
CA ASN G 22 -14.49 24.17 -9.16
C ASN G 22 -15.40 23.02 -9.58
N ASP G 23 -14.98 22.23 -10.56
CA ASP G 23 -15.93 21.40 -11.29
C ASP G 23 -15.71 19.90 -11.11
N CYS G 24 -14.93 19.50 -10.11
CA CYS G 24 -14.45 18.12 -10.02
C CYS G 24 -15.56 17.12 -9.68
N ASP G 25 -16.70 17.57 -9.13
CA ASP G 25 -17.82 16.68 -8.86
C ASP G 25 -19.01 16.93 -9.77
N GLN G 26 -18.82 17.64 -10.88
CA GLN G 26 -19.91 17.92 -11.81
C GLN G 26 -19.86 16.95 -12.99
N ARG G 27 -21.00 16.36 -13.33
CA ARG G 27 -21.04 15.38 -14.41
C ARG G 27 -21.18 16.05 -15.77
N TYR G 28 -20.49 15.50 -16.77
CA TYR G 28 -20.58 15.94 -18.16
C TYR G 28 -20.55 14.72 -19.07
N SER G 29 -21.06 14.89 -20.29
CA SER G 29 -20.90 13.87 -21.30
C SER G 29 -19.43 13.45 -21.40
N PRO G 30 -19.15 12.14 -21.44
CA PRO G 30 -17.74 11.73 -21.55
C PRO G 30 -17.16 11.98 -22.91
N ALA G 31 -18.00 12.10 -23.94
CA ALA G 31 -17.53 12.29 -25.32
C ALA G 31 -16.60 11.12 -25.66
N SER G 32 -15.52 11.36 -26.43
CA SER G 32 -14.67 10.28 -26.92
C SER G 32 -13.92 9.52 -25.81
N THR G 33 -13.87 10.05 -24.59
CA THR G 33 -13.25 9.29 -23.50
C THR G 33 -14.06 8.06 -23.16
N PHE G 34 -15.28 7.95 -23.64
CA PHE G 34 -16.03 6.72 -23.50
C PHE G 34 -15.36 5.60 -24.29
N KCX G 35 -14.46 5.94 -25.20
CA KCX G 35 -13.81 4.90 -26.01
CB KCX G 35 -12.97 5.52 -27.15
CG KCX G 35 -13.81 6.06 -28.35
CD KCX G 35 -12.94 6.48 -29.58
CE KCX G 35 -13.65 7.48 -30.52
NZ KCX G 35 -15.08 7.18 -30.38
C KCX G 35 -12.97 3.98 -25.13
O KCX G 35 -12.74 2.82 -25.47
CX KCX G 35 -16.04 8.03 -30.07
OQ1 KCX G 35 -15.87 9.24 -29.88
OQ2 KCX G 35 -17.16 7.55 -29.98
N ILE G 36 -12.53 4.50 -23.99
CA ILE G 36 -11.85 3.70 -22.99
C ILE G 36 -12.77 2.57 -22.54
N ALA G 37 -13.98 2.92 -22.14
CA ALA G 37 -14.94 1.90 -21.72
C ALA G 37 -15.31 0.98 -22.89
N LEU G 38 -15.52 1.54 -24.10
CA LEU G 38 -15.84 0.70 -25.25
C LEU G 38 -14.73 -0.30 -25.54
N SER G 39 -13.48 0.13 -25.38
CA SER G 39 -12.38 -0.80 -25.63
C SER G 39 -12.45 -1.99 -24.67
N LEU G 40 -12.71 -1.73 -23.39
CA LEU G 40 -12.80 -2.82 -22.43
C LEU G 40 -13.93 -3.79 -22.77
N MSE G 41 -15.09 -3.30 -23.16
CA MSE G 41 -16.15 -4.26 -23.50
C MSE G 41 -15.98 -4.88 -24.88
O MSE G 41 -16.43 -6.01 -25.11
CB MSE G 41 -17.54 -3.62 -23.40
CG MSE G 41 -17.59 -2.18 -23.70
SE MSE G 41 -19.41 -1.50 -23.76
CE MSE G 41 -19.25 -0.13 -22.36
N GLY G 42 -15.32 -4.17 -25.79
CA GLY G 42 -15.09 -4.73 -27.13
C GLY G 42 -14.15 -5.92 -27.12
N PHE G 43 -13.05 -5.82 -26.35
CA PHE G 43 -12.13 -6.95 -26.22
C PHE G 43 -12.69 -8.01 -25.29
N ASP G 44 -13.54 -7.62 -24.33
CA ASP G 44 -14.06 -8.64 -23.43
C ASP G 44 -15.13 -9.48 -24.11
N SER G 45 -15.93 -8.88 -24.99
CA SER G 45 -16.96 -9.65 -25.70
C SER G 45 -16.41 -10.42 -26.88
N GLY G 46 -15.14 -10.23 -27.22
CA GLY G 46 -14.55 -10.88 -28.37
C GLY G 46 -14.81 -10.21 -29.70
N ILE G 47 -15.54 -9.09 -29.73
CA ILE G 47 -15.71 -8.37 -30.99
C ILE G 47 -14.39 -7.75 -31.44
N LEU G 48 -13.66 -7.16 -30.52
CA LEU G 48 -12.31 -6.71 -30.81
C LEU G 48 -11.35 -7.85 -30.47
N LYS G 49 -10.32 -8.04 -31.30
CA LYS G 49 -9.43 -9.19 -31.21
C LYS G 49 -8.03 -8.86 -30.73
N ASP G 50 -7.37 -7.88 -31.33
CA ASP G 50 -6.07 -7.39 -30.88
C ASP G 50 -5.93 -5.97 -31.41
N GLU G 51 -4.72 -5.41 -31.33
CA GLU G 51 -4.54 -4.02 -31.74
C GLU G 51 -4.91 -3.78 -33.20
N LEU G 52 -4.77 -4.78 -34.06
CA LEU G 52 -4.97 -4.57 -35.49
C LEU G 52 -6.21 -5.24 -36.07
N HIS G 53 -7.02 -5.93 -35.25
CA HIS G 53 -8.18 -6.65 -35.76
C HIS G 53 -9.35 -6.50 -34.79
N PRO G 54 -10.58 -6.41 -35.29
CA PRO G 54 -10.93 -6.44 -36.73
C PRO G 54 -10.68 -5.11 -37.43
N GLU G 55 -10.38 -5.16 -38.72
CA GLU G 55 -10.21 -3.97 -39.54
C GLU G 55 -11.50 -3.74 -40.33
N TRP G 56 -12.11 -2.61 -40.12
CA TRP G 56 -13.39 -2.40 -40.75
C TRP G 56 -13.29 -1.34 -41.84
N PRO G 57 -14.02 -1.48 -42.94
CA PRO G 57 -13.91 -0.53 -44.04
C PRO G 57 -14.85 0.65 -43.87
N TYR G 58 -14.47 1.77 -44.50
CA TYR G 58 -15.29 2.97 -44.47
C TYR G 58 -16.47 2.84 -45.43
N LYS G 59 -17.58 3.45 -45.05
CA LYS G 59 -18.80 3.46 -45.83
C LYS G 59 -19.23 4.89 -46.06
N LYS G 60 -19.77 5.17 -47.26
CA LYS G 60 -20.12 6.53 -47.62
C LYS G 60 -21.18 7.11 -46.68
N GLU G 61 -22.02 6.24 -46.08
CA GLU G 61 -23.06 6.72 -45.17
C GLU G 61 -22.47 7.30 -43.89
N TYR G 62 -21.33 6.78 -43.43
CA TYR G 62 -20.65 7.32 -42.25
C TYR G 62 -20.33 8.79 -42.45
N GLU G 63 -20.67 9.62 -41.46
CA GLU G 63 -20.34 11.04 -41.57
C GLU G 63 -18.84 11.23 -41.44
N LEU G 64 -18.28 12.04 -42.34
CA LEU G 64 -16.83 12.24 -42.44
C LEU G 64 -16.41 13.58 -41.83
N TYR G 65 -16.63 13.72 -40.51
CA TYR G 65 -16.29 14.95 -39.83
C TYR G 65 -14.79 15.26 -39.90
N LEU G 66 -13.94 14.23 -39.78
CA LEU G 66 -12.51 14.35 -40.02
C LEU G 66 -12.11 13.41 -41.15
N ASN G 67 -11.21 13.88 -42.03
CA ASN G 67 -10.90 13.13 -43.24
C ASN G 67 -10.12 11.84 -42.98
N VAL G 68 -9.36 11.77 -41.88
CA VAL G 68 -8.67 10.53 -41.53
C VAL G 68 -9.62 9.37 -41.23
N TRP G 69 -10.91 9.64 -41.04
CA TRP G 69 -11.88 8.56 -40.87
C TRP G 69 -12.23 7.86 -42.18
N LYS G 70 -11.71 8.32 -43.31
CA LYS G 70 -12.00 7.68 -44.59
C LYS G 70 -11.18 6.42 -44.82
N TYR G 71 -10.12 6.21 -44.06
CA TYR G 71 -9.35 4.99 -44.19
C TYR G 71 -10.00 3.86 -43.41
N PRO G 72 -9.69 2.61 -43.77
CA PRO G 72 -10.08 1.49 -42.90
C PRO G 72 -9.54 1.69 -41.49
N GLN G 73 -10.29 1.17 -40.52
CA GLN G 73 -9.99 1.38 -39.11
C GLN G 73 -9.87 0.05 -38.39
N ASN G 74 -9.05 0.04 -37.34
CA ASN G 74 -8.83 -1.08 -36.44
C ASN G 74 -8.72 -0.50 -35.02
N PRO G 75 -8.65 -1.31 -33.96
CA PRO G 75 -8.63 -0.69 -32.62
C PRO G 75 -7.52 0.32 -32.43
N HIS G 76 -6.31 0.06 -32.94
CA HIS G 76 -5.24 1.03 -32.83
C HIS G 76 -5.61 2.36 -33.48
N THR G 77 -6.02 2.33 -34.76
CA THR G 77 -6.36 3.59 -35.41
C THR G 77 -7.64 4.17 -34.85
N TRP G 78 -8.53 3.31 -34.35
CA TRP G 78 -9.76 3.77 -33.72
C TRP G 78 -9.47 4.83 -32.68
N ILE G 79 -8.62 4.48 -31.72
CA ILE G 79 -8.32 5.37 -30.62
C ILE G 79 -7.47 6.53 -31.09
N ARG G 80 -6.48 6.24 -31.96
CA ARG G 80 -5.56 7.27 -32.44
C ARG G 80 -6.31 8.38 -33.17
N ASP G 81 -7.22 8.00 -34.08
CA ASP G 81 -8.01 8.94 -34.86
C ASP G 81 -9.28 9.38 -34.16
N SER G 82 -9.64 8.74 -33.04
CA SER G 82 -10.93 8.99 -32.36
C SER G 82 -12.12 8.77 -33.32
N CYS G 83 -12.08 7.66 -34.05
CA CYS G 83 -13.03 7.43 -35.13
C CYS G 83 -14.41 7.08 -34.57
N VAL G 84 -15.37 8.00 -34.74
CA VAL G 84 -16.69 7.79 -34.16
C VAL G 84 -17.42 6.60 -34.81
N TRP G 85 -17.29 6.43 -36.14
CA TRP G 85 -18.09 5.37 -36.76
C TRP G 85 -17.62 3.98 -36.34
N TYR G 86 -16.34 3.83 -36.02
CA TYR G 86 -15.87 2.54 -35.53
C TYR G 86 -16.49 2.22 -34.19
N SER G 87 -16.63 3.23 -33.31
CA SER G 87 -17.36 3.03 -32.06
C SER G 87 -18.78 2.55 -32.32
N GLN G 88 -19.47 3.18 -33.27
CA GLN G 88 -20.86 2.85 -33.51
C GLN G 88 -21.02 1.50 -34.17
N ALA G 89 -20.05 1.10 -35.01
CA ALA G 89 -20.08 -0.28 -35.52
C ALA G 89 -19.89 -1.27 -34.39
N LEU G 90 -18.98 -0.99 -33.45
CA LEU G 90 -18.74 -1.88 -32.32
C LEU G 90 -20.00 -2.06 -31.51
N THR G 91 -20.67 -0.96 -31.22
CA THR G 91 -21.82 -0.95 -30.34
C THR G 91 -23.06 -1.55 -31.01
N ARG G 92 -23.21 -1.39 -32.34
CA ARG G 92 -24.30 -2.07 -33.02
C ARG G 92 -24.13 -3.57 -32.98
N GLN G 93 -22.88 -4.03 -32.90
CA GLN G 93 -22.65 -5.45 -32.79
C GLN G 93 -22.80 -5.96 -31.35
N LEU G 94 -22.60 -5.08 -30.35
CA LEU G 94 -22.91 -5.46 -28.97
C LEU G 94 -24.42 -5.61 -28.76
N GLY G 95 -25.20 -4.69 -29.29
CA GLY G 95 -26.62 -4.73 -28.99
C GLY G 95 -26.94 -3.98 -27.71
N MSE G 96 -28.16 -3.48 -27.64
CA MSE G 96 -28.55 -2.62 -26.52
C MSE G 96 -28.48 -3.38 -25.21
O MSE G 96 -28.05 -2.84 -24.18
CB MSE G 96 -29.95 -2.04 -26.69
CG MSE G 96 -30.40 -1.19 -25.50
SE MSE G 96 -29.10 0.18 -24.94
CE MSE G 96 -29.88 1.75 -25.79
N LYS G 97 -28.91 -4.65 -25.25
CA LYS G 97 -28.94 -5.46 -24.04
C LYS G 97 -27.54 -5.62 -23.46
N ARG G 98 -26.56 -6.04 -24.29
CA ARG G 98 -25.20 -6.15 -23.78
C ARG G 98 -24.62 -4.79 -23.41
N PHE G 99 -24.93 -3.77 -24.22
CA PHE G 99 -24.39 -2.43 -23.98
C PHE G 99 -24.76 -1.93 -22.60
N LYS G 100 -26.06 -1.98 -22.25
CA LYS G 100 -26.48 -1.55 -20.91
C LYS G 100 -25.82 -2.39 -19.83
N GLY G 101 -25.75 -3.72 -20.02
CA GLY G 101 -25.10 -4.57 -19.02
C GLY G 101 -23.69 -4.11 -18.70
N TYR G 102 -22.91 -3.81 -19.73
CA TYR G 102 -21.52 -3.42 -19.48
C TYR G 102 -21.42 -2.07 -18.77
N VAL G 103 -22.20 -1.07 -19.18
CA VAL G 103 -22.08 0.23 -18.51
C VAL G 103 -22.50 0.11 -17.05
N ASP G 104 -23.53 -0.70 -16.78
CA ASP G 104 -23.92 -1.00 -15.40
C ASP G 104 -22.82 -1.73 -14.64
N ALA G 105 -22.27 -2.79 -15.25
CA ALA G 105 -21.23 -3.57 -14.59
C ALA G 105 -19.98 -2.73 -14.35
N PHE G 106 -19.75 -1.72 -15.20
CA PHE G 106 -18.66 -0.79 -14.99
C PHE G 106 -19.03 0.33 -14.02
N HIS G 107 -20.30 0.46 -13.65
CA HIS G 107 -20.76 1.53 -12.77
C HIS G 107 -20.30 2.88 -13.31
N TYR G 108 -20.62 3.13 -14.58
CA TYR G 108 -20.01 4.21 -15.34
C TYR G 108 -20.89 5.45 -15.28
N GLY G 109 -20.48 6.42 -14.44
CA GLY G 109 -21.21 7.67 -14.34
C GLY G 109 -22.67 7.43 -13.99
N ASN G 110 -23.56 8.23 -14.58
CA ASN G 110 -24.98 8.05 -14.33
C ASN G 110 -25.58 6.82 -15.02
N GLN G 111 -24.78 6.06 -15.76
CA GLN G 111 -25.22 4.82 -16.39
C GLN G 111 -26.42 5.00 -17.32
N ASP G 112 -26.71 6.21 -17.80
CA ASP G 112 -27.90 6.47 -18.60
C ASP G 112 -27.54 6.39 -20.09
N VAL G 113 -28.03 5.34 -20.77
CA VAL G 113 -27.74 5.15 -22.19
C VAL G 113 -29.01 5.24 -23.02
N SER G 114 -29.98 6.02 -22.54
CA SER G 114 -31.20 6.19 -23.34
C SER G 114 -30.97 7.06 -24.57
N GLY G 115 -29.92 7.89 -24.57
CA GLY G 115 -29.56 8.68 -25.73
C GLY G 115 -30.26 10.01 -25.82
N ASP G 116 -30.18 10.60 -27.01
CA ASP G 116 -30.83 11.88 -27.28
C ASP G 116 -32.30 11.82 -26.94
N LYS G 117 -32.82 12.94 -26.43
CA LYS G 117 -34.19 12.96 -25.90
C LYS G 117 -35.20 12.53 -26.94
N GLY G 118 -36.08 11.59 -26.56
CA GLY G 118 -37.13 11.05 -27.39
C GLY G 118 -36.70 10.40 -28.68
N GLN G 119 -35.42 10.10 -28.84
CA GLN G 119 -34.93 9.52 -30.09
C GLN G 119 -34.70 8.02 -30.01
N ASN G 120 -34.56 7.44 -28.82
CA ASN G 120 -34.31 6.01 -28.68
C ASN G 120 -33.06 5.59 -29.45
N ASN G 121 -32.05 6.46 -29.49
CA ASN G 121 -30.83 6.19 -30.25
C ASN G 121 -29.60 6.01 -29.35
N GLY G 122 -29.81 5.62 -28.09
CA GLY G 122 -28.70 5.56 -27.16
C GLY G 122 -27.61 4.60 -27.54
N LEU G 123 -27.95 3.49 -28.21
CA LEU G 123 -26.95 2.47 -28.49
C LEU G 123 -25.79 3.06 -29.27
N THR G 124 -26.05 4.08 -30.03
CA THR G 124 -25.05 4.60 -30.93
C THR G 124 -24.75 6.08 -30.70
N HIS G 125 -25.46 6.74 -29.76
CA HIS G 125 -25.28 8.17 -29.48
C HIS G 125 -25.14 8.51 -28.00
N ALA G 126 -25.26 7.52 -27.09
CA ALA G 126 -25.35 7.80 -25.66
C ALA G 126 -24.19 8.65 -25.14
N TRP G 127 -22.97 8.43 -25.65
CA TRP G 127 -21.79 9.13 -25.14
C TRP G 127 -21.46 10.41 -25.93
N LEU G 128 -22.23 10.74 -26.97
CA LEU G 128 -21.92 11.89 -27.83
C LEU G 128 -22.82 13.07 -27.44
N SER G 129 -22.41 13.79 -26.39
CA SER G 129 -23.15 14.94 -25.89
C SER G 129 -24.63 14.61 -25.71
N SER G 130 -24.90 13.66 -24.83
CA SER G 130 -26.22 13.04 -24.80
C SER G 130 -26.59 12.62 -23.39
N SER G 131 -27.13 11.42 -23.22
CA SER G 131 -27.68 11.02 -21.94
C SER G 131 -26.60 10.59 -20.95
N LEU G 132 -25.50 10.02 -21.43
CA LEU G 132 -24.45 9.52 -20.54
C LEU G 132 -23.66 10.68 -19.95
N SER G 133 -23.37 10.61 -18.65
CA SER G 133 -22.68 11.71 -18.00
C SER G 133 -21.80 11.19 -16.88
N ILE G 134 -20.61 11.78 -16.72
CA ILE G 134 -19.63 11.30 -15.74
C ILE G 134 -18.83 12.51 -15.24
N SER G 135 -18.49 12.49 -13.96
CA SER G 135 -17.72 13.58 -13.37
C SER G 135 -16.24 13.26 -13.41
N PRO G 136 -15.38 14.27 -13.33
CA PRO G 136 -13.93 13.98 -13.21
C PRO G 136 -13.61 13.06 -12.05
N THR G 137 -14.30 13.20 -10.92
CA THR G 137 -14.05 12.30 -9.80
C THR G 137 -14.41 10.87 -10.15
N GLU G 138 -15.52 10.67 -10.88
CA GLU G 138 -15.87 9.33 -11.34
C GLU G 138 -14.92 8.82 -12.44
N GLN G 139 -14.41 9.69 -13.30
CA GLN G 139 -13.38 9.25 -14.24
C GLN G 139 -12.17 8.67 -13.50
N ILE G 140 -11.70 9.37 -12.45
CA ILE G 140 -10.60 8.84 -11.65
C ILE G 140 -10.96 7.45 -11.10
N GLN G 141 -12.15 7.30 -10.51
CA GLN G 141 -12.52 6.00 -9.95
C GLN G 141 -12.54 4.91 -11.03
N PHE G 142 -13.05 5.25 -12.22
CA PHE G 142 -13.06 4.29 -13.31
C PHE G 142 -11.64 3.94 -13.75
N LEU G 143 -10.79 4.93 -13.99
CA LEU G 143 -9.42 4.64 -14.36
C LEU G 143 -8.71 3.81 -13.31
N GLN G 144 -8.92 4.13 -12.03
CA GLN G 144 -8.32 3.30 -10.98
C GLN G 144 -8.86 1.86 -11.01
N LYS G 145 -10.10 1.65 -11.41
CA LYS G 145 -10.55 0.27 -11.49
C LYS G 145 -9.88 -0.47 -12.62
N ILE G 146 -9.43 0.24 -13.67
CA ILE G 146 -8.64 -0.40 -14.70
C ILE G 146 -7.25 -0.72 -14.17
N ILE G 147 -6.57 0.27 -13.60
CA ILE G 147 -5.21 0.08 -13.10
C ILE G 147 -5.15 -1.10 -12.15
N TYR G 148 -6.10 -1.17 -11.21
CA TYR G 148 -6.09 -2.23 -10.19
C TYR G 148 -7.03 -3.39 -10.54
N LYS G 149 -7.45 -3.50 -11.80
CA LYS G 149 -8.18 -4.67 -12.31
C LYS G 149 -9.37 -5.03 -11.41
N LYS G 150 -10.23 -4.05 -11.15
CA LYS G 150 -11.46 -4.26 -10.41
C LYS G 150 -12.68 -4.42 -11.32
N LEU G 151 -12.51 -4.27 -12.61
CA LEU G 151 -13.65 -4.41 -13.50
C LEU G 151 -13.82 -5.86 -13.90
N PRO G 152 -15.05 -6.26 -14.15
CA PRO G 152 -15.31 -7.63 -14.63
C PRO G 152 -15.00 -7.82 -16.12
N VAL G 153 -13.72 -7.81 -16.49
CA VAL G 153 -13.30 -8.09 -17.86
C VAL G 153 -12.09 -9.02 -17.87
N SER G 154 -11.86 -9.65 -19.01
CA SER G 154 -10.78 -10.62 -19.11
C SER G 154 -9.41 -9.94 -19.02
N GLN G 155 -8.41 -10.76 -18.73
CA GLN G 155 -7.02 -10.28 -18.74
C GLN G 155 -6.66 -9.68 -20.10
N LYS G 156 -7.21 -10.21 -21.20
CA LYS G 156 -6.88 -9.69 -22.50
C LYS G 156 -7.53 -8.33 -22.76
N ALA G 157 -8.69 -8.07 -22.15
CA ALA G 157 -9.28 -6.76 -22.32
C ALA G 157 -8.42 -5.68 -21.66
N TYR G 158 -7.86 -5.96 -20.47
CA TYR G 158 -6.96 -4.99 -19.83
C TYR G 158 -5.73 -4.72 -20.68
N THR G 159 -5.10 -5.78 -21.20
CA THR G 159 -3.83 -5.65 -21.92
C THR G 159 -4.00 -4.90 -23.24
N MSE G 160 -5.01 -5.26 -24.02
CA MSE G 160 -5.21 -4.63 -25.34
C MSE G 160 -5.62 -3.17 -25.17
O MSE G 160 -5.15 -2.29 -25.90
CB MSE G 160 -6.25 -5.39 -26.17
CG MSE G 160 -5.81 -6.78 -26.58
SE MSE G 160 -4.20 -6.75 -27.70
CE MSE G 160 -2.89 -7.21 -26.36
N THR G 161 -6.52 -2.93 -24.23
CA THR G 161 -6.98 -1.56 -24.00
C THR G 161 -5.81 -0.66 -23.66
N LYS G 162 -4.92 -1.11 -22.78
CA LYS G 162 -3.75 -0.31 -22.46
C LYS G 162 -2.86 -0.10 -23.68
N ASN G 163 -2.58 -1.18 -24.43
CA ASN G 163 -1.69 -1.06 -25.58
C ASN G 163 -2.18 0.00 -26.56
N ILE G 164 -3.51 0.09 -26.79
CA ILE G 164 -3.98 1.06 -27.77
C ILE G 164 -4.20 2.44 -27.16
N MSE G 165 -4.07 2.59 -25.84
CA MSE G 165 -4.15 3.94 -25.25
C MSE G 165 -2.82 4.66 -25.09
O MSE G 165 -2.78 5.80 -24.61
CB MSE G 165 -4.85 3.88 -23.90
CG MSE G 165 -6.36 3.73 -24.02
SE MSE G 165 -7.07 3.39 -22.25
CE MSE G 165 -6.69 5.17 -21.54
N TYR G 166 -1.73 4.02 -25.50
CA TYR G 166 -0.40 4.59 -25.33
C TYR G 166 -0.25 5.84 -26.19
N ILE G 167 0.37 6.88 -25.64
CA ILE G 167 0.52 8.13 -26.39
C ILE G 167 2.01 8.44 -26.57
N GLN G 168 2.77 8.57 -25.49
CA GLN G 168 4.15 9.00 -25.65
C GLN G 168 4.91 8.83 -24.35
N GLU G 169 6.21 9.03 -24.44
CA GLU G 169 7.07 9.04 -23.26
C GLU G 169 7.32 10.48 -22.82
N LEU G 170 7.30 10.71 -21.51
CA LEU G 170 7.46 12.03 -20.91
C LEU G 170 8.82 12.17 -20.25
N PRO G 171 9.21 13.38 -19.87
CA PRO G 171 10.44 13.56 -19.09
C PRO G 171 10.49 12.63 -17.89
N GLY G 172 11.67 12.07 -17.63
CA GLY G 172 11.83 11.13 -16.53
C GLY G 172 11.49 9.69 -16.87
N GLY G 173 11.09 9.41 -18.11
CA GLY G 173 10.69 8.08 -18.47
C GLY G 173 9.30 7.68 -18.02
N TRP G 174 8.44 8.65 -17.70
CA TRP G 174 7.04 8.35 -17.45
C TRP G 174 6.30 8.15 -18.77
N LYS G 175 5.56 7.06 -18.90
CA LYS G 175 4.81 6.82 -20.12
C LYS G 175 3.35 7.27 -19.95
N LEU G 176 2.87 8.06 -20.92
CA LEU G 176 1.52 8.63 -20.93
C LEU G 176 0.55 7.71 -21.67
N TYR G 177 -0.53 7.34 -21.01
CA TYR G 177 -1.66 6.65 -21.60
C TYR G 177 -2.90 7.53 -21.42
N GLY G 178 -3.76 7.64 -22.43
CA GLY G 178 -4.93 8.45 -22.22
C GLY G 178 -5.77 8.65 -23.48
N LYS G 179 -6.79 9.49 -23.32
CA LYS G 179 -7.84 9.71 -24.32
C LYS G 179 -8.43 11.10 -24.14
N THR G 180 -8.46 11.90 -25.21
CA THR G 180 -9.17 13.18 -25.26
C THR G 180 -10.66 12.98 -25.55
N GLY G 181 -11.45 14.02 -25.26
CA GLY G 181 -12.86 14.07 -25.67
C GLY G 181 -13.47 15.45 -25.71
N THR G 182 -14.14 15.82 -26.81
CA THR G 182 -14.83 17.10 -26.96
C THR G 182 -16.33 16.87 -27.13
N GLY G 183 -17.12 17.60 -26.35
CA GLY G 183 -18.56 17.61 -26.53
C GLY G 183 -19.10 19.03 -26.66
N ARG G 184 -20.41 19.10 -26.85
CA ARG G 184 -21.12 20.36 -26.79
C ARG G 184 -22.04 20.34 -25.58
N GLN G 185 -22.08 21.44 -24.85
CA GLN G 185 -22.97 21.54 -23.70
C GLN G 185 -24.44 21.57 -24.13
N LEU G 186 -25.31 21.20 -23.20
CA LEU G 186 -26.73 21.06 -23.49
C LEU G 186 -27.54 22.13 -22.78
N THR G 187 -28.71 22.40 -23.34
CA THR G 187 -29.73 23.23 -22.69
C THR G 187 -30.18 22.61 -21.37
N LYS G 188 -31.08 23.31 -20.66
CA LYS G 188 -31.67 22.76 -19.46
C LYS G 188 -32.45 21.48 -19.77
N ASP G 189 -33.39 21.57 -20.72
CA ASP G 189 -34.22 20.42 -21.11
C ASP G 189 -33.41 19.32 -21.79
N LYS G 190 -32.11 19.50 -22.00
CA LYS G 190 -31.28 18.59 -22.79
C LYS G 190 -31.91 18.34 -24.16
N SER G 191 -32.58 19.36 -24.68
CA SER G 191 -33.26 19.28 -25.96
C SER G 191 -32.40 19.75 -27.14
N GLN G 192 -31.37 20.55 -26.87
CA GLN G 192 -30.58 21.16 -27.92
C GLN G 192 -29.11 21.12 -27.54
N LYS G 193 -28.26 20.99 -28.56
CA LYS G 193 -26.82 21.11 -28.36
C LYS G 193 -26.42 22.56 -28.57
N LEU G 194 -25.98 23.21 -27.50
CA LEU G 194 -25.47 24.57 -27.54
C LEU G 194 -24.12 24.63 -28.27
N PRO G 195 -23.74 25.82 -28.77
CA PRO G 195 -22.41 25.95 -29.40
C PRO G 195 -21.26 25.97 -28.41
N LEU G 196 -21.50 25.96 -27.10
CA LEU G 196 -20.42 26.00 -26.13
C LEU G 196 -19.81 24.61 -25.96
N GLN G 197 -18.49 24.50 -26.15
CA GLN G 197 -17.81 23.22 -25.99
C GLN G 197 -17.46 22.95 -24.54
N HIS G 198 -17.20 21.67 -24.27
CA HIS G 198 -16.47 21.24 -23.09
C HIS G 198 -15.60 20.08 -23.53
N GLY G 199 -14.54 19.79 -22.78
CA GLY G 199 -13.55 18.85 -23.25
C GLY G 199 -12.73 18.22 -22.15
N TRP G 200 -12.25 17.00 -22.42
CA TRP G 200 -11.63 16.11 -21.46
C TRP G 200 -10.26 15.68 -21.95
N PHE G 201 -9.35 15.44 -21.00
CA PHE G 201 -8.20 14.59 -21.23
C PHE G 201 -8.01 13.72 -20.00
N VAL G 202 -8.14 12.39 -20.13
CA VAL G 202 -8.03 11.50 -18.98
C VAL G 202 -7.08 10.36 -19.34
N GLY G 203 -6.46 9.77 -18.31
CA GLY G 203 -5.60 8.61 -18.48
C GLY G 203 -4.67 8.42 -17.31
N TRP G 204 -3.43 8.00 -17.56
CA TRP G 204 -2.49 7.80 -16.47
C TRP G 204 -1.06 7.92 -16.98
N ILE G 205 -0.15 8.19 -16.05
CA ILE G 205 1.26 8.05 -16.32
C ILE G 205 1.79 6.91 -15.48
N GLU G 206 2.89 6.32 -15.95
CA GLU G 206 3.33 5.01 -15.51
C GLU G 206 4.85 4.99 -15.53
N LYS G 207 5.48 4.57 -14.44
CA LYS G 207 6.93 4.40 -14.44
C LYS G 207 7.28 3.34 -13.41
N ASP G 208 8.10 2.36 -13.80
CA ASP G 208 8.41 1.22 -12.94
C ASP G 208 7.09 0.61 -12.46
N GLU G 209 6.87 0.62 -11.15
CA GLU G 209 5.62 0.09 -10.63
C GLU G 209 4.64 1.19 -10.22
N ARG G 210 4.96 2.46 -10.43
CA ARG G 210 4.08 3.56 -10.03
C ARG G 210 3.11 3.90 -11.17
N VAL G 211 1.83 4.06 -10.83
CA VAL G 211 0.81 4.51 -11.75
C VAL G 211 0.07 5.68 -11.14
N ILE G 212 0.00 6.80 -11.87
CA ILE G 212 -0.74 7.98 -11.44
C ILE G 212 -1.85 8.27 -12.46
N THR G 213 -3.10 8.12 -12.05
CA THR G 213 -4.22 8.45 -12.89
C THR G 213 -4.50 9.94 -12.81
N PHE G 214 -5.10 10.48 -13.86
CA PHE G 214 -5.38 11.90 -13.91
C PHE G 214 -6.64 12.13 -14.75
N ALA G 215 -7.26 13.28 -14.55
CA ALA G 215 -8.47 13.66 -15.27
C ALA G 215 -8.49 15.17 -15.30
N LYS G 216 -8.57 15.73 -16.50
CA LYS G 216 -8.67 17.17 -16.75
C LYS G 216 -9.98 17.45 -17.48
N HIS G 217 -10.74 18.43 -17.00
CA HIS G 217 -11.94 18.85 -17.73
C HIS G 217 -12.04 20.36 -17.80
N ILE G 218 -12.51 20.87 -18.95
CA ILE G 218 -12.82 22.29 -19.12
C ILE G 218 -14.19 22.44 -19.77
N ALA G 219 -14.96 23.41 -19.31
CA ALA G 219 -16.23 23.81 -19.91
C ALA G 219 -16.13 25.29 -20.26
N ASP G 220 -16.36 25.62 -21.53
CA ASP G 220 -16.25 27.00 -22.00
C ASP G 220 -17.53 27.78 -21.68
N SER G 221 -17.36 29.05 -21.33
CA SER G 221 -18.48 29.97 -21.19
C SER G 221 -18.74 30.78 -22.44
N LYS G 222 -17.76 30.91 -23.33
CA LYS G 222 -17.93 31.60 -24.60
C LYS G 222 -17.38 30.70 -25.69
N GLU G 223 -17.62 31.07 -26.94
CA GLU G 223 -17.22 30.20 -28.03
C GLU G 223 -15.72 30.33 -28.28
N ASN G 224 -15.16 29.28 -28.89
CA ASN G 224 -13.72 29.17 -29.08
C ASN G 224 -13.44 28.52 -30.43
N THR G 225 -12.40 28.99 -31.11
CA THR G 225 -12.04 28.41 -32.40
C THR G 225 -11.33 27.07 -32.27
N THR G 226 -10.80 26.75 -31.09
CA THR G 226 -9.99 25.56 -30.85
C THR G 226 -10.81 24.50 -30.13
N PHE G 227 -10.60 23.23 -30.50
CA PHE G 227 -11.25 22.13 -29.79
C PHE G 227 -10.89 22.13 -28.31
N ALA G 228 -11.93 22.03 -27.48
CA ALA G 228 -11.75 22.01 -26.04
C ALA G 228 -10.89 20.85 -25.59
N SER G 229 -10.95 19.70 -26.27
CA SER G 229 -10.13 18.58 -25.86
C SER G 229 -8.65 18.87 -26.07
N PHE G 230 -8.31 19.66 -27.10
CA PHE G 230 -6.90 19.96 -27.34
C PHE G 230 -6.39 20.87 -26.25
N ARG G 231 -7.18 21.90 -25.91
CA ARG G 231 -6.83 22.78 -24.81
C ARG G 231 -6.72 22.01 -23.50
N ALA G 232 -7.65 21.09 -23.24
CA ALA G 232 -7.57 20.29 -22.02
C ALA G 232 -6.31 19.44 -22.01
N LYS G 233 -6.00 18.79 -23.12
CA LYS G 233 -4.81 17.96 -23.17
C LYS G 233 -3.55 18.81 -23.03
N ASN G 234 -3.51 19.95 -23.72
CA ASN G 234 -2.36 20.85 -23.64
C ASN G 234 -2.10 21.33 -22.22
N ASP G 235 -3.15 21.73 -21.50
CA ASP G 235 -2.99 22.12 -20.11
C ASP G 235 -2.47 20.96 -19.26
N THR G 236 -3.03 19.76 -19.46
CA THR G 236 -2.61 18.60 -18.68
C THR G 236 -1.12 18.34 -18.83
N LEU G 237 -0.62 18.34 -20.08
CA LEU G 237 0.78 18.00 -20.30
C LEU G 237 1.69 18.91 -19.48
N ILE G 238 1.34 20.19 -19.39
CA ILE G 238 2.14 21.12 -18.59
C ILE G 238 2.02 20.77 -17.12
N GLN G 239 0.82 20.44 -16.66
CA GLN G 239 0.66 20.07 -15.26
C GLN G 239 1.31 18.72 -14.96
N LEU G 240 1.30 17.77 -15.89
CA LEU G 240 2.02 16.52 -15.65
C LEU G 240 3.52 16.75 -15.58
N PHE G 241 4.04 17.66 -16.42
CA PHE G 241 5.46 17.99 -16.37
C PHE G 241 5.85 18.55 -15.01
N ASN G 242 5.02 19.43 -14.46
CA ASN G 242 5.27 19.98 -13.13
C ASN G 242 5.09 18.92 -12.03
N LEU G 243 4.08 18.06 -12.16
CA LEU G 243 3.92 16.96 -11.19
C LEU G 243 5.15 16.06 -11.19
N ILE G 244 5.65 15.70 -12.38
CA ILE G 244 6.84 14.86 -12.49
C ILE G 244 8.06 15.53 -11.86
N ASN G 245 8.18 16.84 -12.02
CA ASN G 245 9.34 17.51 -11.44
C ASN G 245 9.28 17.48 -9.91
N GLU G 246 8.09 17.66 -9.34
CA GLU G 246 7.94 17.56 -7.89
C GLU G 246 8.17 16.14 -7.41
N LEU G 247 7.60 15.16 -8.11
CA LEU G 247 7.76 13.76 -7.70
C LEU G 247 9.22 13.33 -7.73
N GLU G 248 9.98 13.78 -8.73
CA GLU G 248 11.36 13.34 -8.89
C GLU G 248 12.33 14.12 -8.03
N LYS G 249 11.85 15.08 -7.25
CA LYS G 249 12.72 15.87 -6.41
C LYS G 249 13.36 15.00 -5.35
N GLN H 4 1.37 39.84 -31.18
CA GLN H 4 1.77 38.45 -31.39
C GLN H 4 2.99 38.31 -32.29
N ASP H 5 4.16 38.03 -31.70
CA ASP H 5 5.39 37.79 -32.46
C ASP H 5 5.58 36.28 -32.57
N THR H 6 4.98 35.68 -33.61
CA THR H 6 5.03 34.25 -33.81
C THR H 6 5.35 33.95 -35.26
N CYS H 7 5.72 32.69 -35.47
CA CYS H 7 5.96 32.17 -36.80
C CYS H 7 5.60 30.69 -36.83
N PHE H 8 4.88 30.26 -37.87
CA PHE H 8 4.69 28.84 -38.14
C PHE H 8 4.91 28.59 -39.63
N LEU H 9 5.76 27.64 -39.94
CA LEU H 9 6.14 27.29 -41.29
C LEU H 9 6.06 25.79 -41.45
N ALA H 10 5.52 25.32 -42.56
CA ALA H 10 5.48 23.91 -42.87
C ALA H 10 5.74 23.75 -44.35
N LYS H 11 6.63 22.82 -44.71
CA LYS H 11 7.12 22.74 -46.07
C LYS H 11 7.35 21.30 -46.48
N GLU H 12 6.88 20.93 -47.67
CA GLU H 12 7.08 19.60 -48.25
C GLU H 12 7.94 19.72 -49.51
N ASN H 13 9.10 19.07 -49.50
CA ASN H 13 10.06 19.09 -50.62
C ASN H 13 10.46 20.52 -50.99
N GLN H 14 9.88 21.05 -52.05
CA GLN H 14 10.13 22.43 -52.45
C GLN H 14 8.95 23.35 -52.12
N THR H 15 7.83 22.80 -51.70
CA THR H 15 6.58 23.54 -51.61
C THR H 15 6.33 23.93 -50.15
N VAL H 16 6.14 25.23 -49.93
CA VAL H 16 5.79 25.75 -48.63
C VAL H 16 4.28 25.66 -48.47
N LEU H 17 3.83 24.84 -47.50
CA LEU H 17 2.42 24.59 -47.29
C LEU H 17 1.77 25.59 -46.33
N LYS H 18 2.51 26.11 -45.35
CA LYS H 18 1.95 27.07 -44.41
C LYS H 18 3.02 28.08 -44.05
N ARG H 19 2.61 29.35 -43.96
CA ARG H 19 3.51 30.44 -43.57
C ARG H 19 2.66 31.48 -42.86
N GLU H 20 2.48 31.31 -41.56
CA GLU H 20 1.76 32.22 -40.70
C GLU H 20 2.72 32.98 -39.80
N GLY H 21 2.30 34.16 -39.39
CA GLY H 21 3.10 35.00 -38.52
C GLY H 21 3.95 36.00 -39.29
N ASN H 22 4.57 36.90 -38.54
CA ASN H 22 5.38 37.98 -39.09
C ASN H 22 6.88 37.79 -38.83
N ASP H 23 7.30 36.68 -38.21
CA ASP H 23 8.66 36.58 -37.69
C ASP H 23 9.47 35.46 -38.34
N CYS H 24 9.11 35.06 -39.56
CA CYS H 24 9.75 33.88 -40.17
C CYS H 24 11.21 34.12 -40.51
N ASP H 25 11.61 35.37 -40.74
CA ASP H 25 13.00 35.65 -41.10
C ASP H 25 13.77 36.30 -39.95
N GLN H 26 13.18 36.42 -38.77
CA GLN H 26 13.88 36.96 -37.62
C GLN H 26 14.66 35.85 -36.91
N ARG H 27 15.93 36.09 -36.63
CA ARG H 27 16.78 35.11 -35.96
C ARG H 27 16.60 35.19 -34.45
N TYR H 28 16.59 34.02 -33.82
CA TYR H 28 16.60 33.92 -32.37
C TYR H 28 17.61 32.84 -31.97
N SER H 29 17.98 32.84 -30.71
CA SER H 29 18.76 31.75 -30.17
C SER H 29 18.03 30.43 -30.40
N PRO H 30 18.73 29.38 -30.85
CA PRO H 30 18.04 28.09 -31.04
C PRO H 30 17.65 27.45 -29.74
N ALA H 31 18.34 27.78 -28.64
CA ALA H 31 18.09 27.10 -27.37
C ALA H 31 18.18 25.59 -27.60
N SER H 32 17.36 24.81 -26.90
CA SER H 32 17.49 23.36 -26.96
C SER H 32 17.20 22.76 -28.33
N THR H 33 16.68 23.51 -29.30
CA THR H 33 16.62 22.91 -30.63
C THR H 33 18.00 22.68 -31.22
N PHE H 34 19.03 23.28 -30.64
CA PHE H 34 20.39 23.06 -31.11
C PHE H 34 20.80 21.60 -30.82
N KCX H 35 20.14 20.97 -29.87
CA KCX H 35 20.46 19.56 -29.57
CB KCX H 35 19.58 18.99 -28.43
CG KCX H 35 20.06 19.35 -27.00
CD KCX H 35 19.15 18.76 -25.90
CE KCX H 35 18.95 19.72 -24.69
NZ KCX H 35 20.19 20.45 -24.51
C KCX H 35 20.34 18.70 -30.83
O KCX H 35 21.03 17.69 -30.94
CX KCX H 35 20.37 21.76 -24.45
OQ1 KCX H 35 21.55 22.09 -24.36
OQ2 KCX H 35 19.46 22.60 -24.47
N ILE H 36 19.47 19.10 -31.77
CA ILE H 36 19.39 18.40 -33.04
C ILE H 36 20.76 18.41 -33.72
N ALA H 37 21.34 19.60 -33.83
CA ALA H 37 22.67 19.68 -34.43
C ALA H 37 23.72 18.97 -33.57
N LEU H 38 23.59 19.05 -32.24
CA LEU H 38 24.58 18.36 -31.39
C LEU H 38 24.48 16.86 -31.58
N SER H 39 23.29 16.35 -31.86
CA SER H 39 23.13 14.91 -32.02
C SER H 39 23.88 14.43 -33.26
N LEU H 40 23.76 15.18 -34.35
CA LEU H 40 24.49 14.84 -35.57
C LEU H 40 26.00 14.90 -35.34
N MSE H 41 26.47 15.92 -34.61
CA MSE H 41 27.90 16.03 -34.29
C MSE H 41 28.34 14.86 -33.44
O MSE H 41 29.38 14.27 -33.69
CB MSE H 41 28.22 17.30 -33.55
CG MSE H 41 27.82 18.59 -34.22
SE MSE H 41 28.43 20.03 -33.09
CE MSE H 41 27.35 21.44 -33.88
N GLY H 42 27.54 14.55 -32.43
CA GLY H 42 27.90 13.52 -31.46
C GLY H 42 28.03 12.15 -32.09
N PHE H 43 27.06 11.78 -32.94
CA PHE H 43 27.15 10.45 -33.55
C PHE H 43 28.17 10.43 -34.68
N ASP H 44 28.34 11.55 -35.41
CA ASP H 44 29.34 11.60 -36.47
C ASP H 44 30.76 11.47 -35.92
N SER H 45 31.07 12.16 -34.82
CA SER H 45 32.41 12.11 -34.25
C SER H 45 32.67 10.80 -33.51
N GLY H 46 31.62 10.04 -33.21
CA GLY H 46 31.78 8.79 -32.47
C GLY H 46 31.77 8.95 -30.97
N ILE H 47 31.63 10.17 -30.45
CA ILE H 47 31.47 10.34 -29.01
C ILE H 47 30.17 9.68 -28.55
N LEU H 48 29.08 9.88 -29.29
CA LEU H 48 27.83 9.18 -29.02
C LEU H 48 27.81 7.89 -29.82
N LYS H 49 27.36 6.80 -29.19
CA LYS H 49 27.49 5.47 -29.77
C LYS H 49 26.18 4.89 -30.29
N ASP H 50 25.12 4.87 -29.48
CA ASP H 50 23.80 4.47 -29.96
C ASP H 50 22.78 5.20 -29.10
N GLU H 51 21.52 4.77 -29.17
CA GLU H 51 20.47 5.46 -28.42
C GLU H 51 20.75 5.45 -26.93
N LEU H 52 21.39 4.40 -26.41
CA LEU H 52 21.56 4.23 -24.98
C LEU H 52 22.99 4.39 -24.50
N HIS H 53 23.92 4.79 -25.38
CA HIS H 53 25.33 4.86 -25.01
C HIS H 53 26.00 6.05 -25.70
N PRO H 54 26.88 6.78 -25.02
CA PRO H 54 27.27 6.49 -23.63
C PRO H 54 26.26 6.99 -22.59
N GLU H 55 26.19 6.29 -21.46
CA GLU H 55 25.50 6.78 -20.27
C GLU H 55 26.52 7.52 -19.40
N TRP H 56 26.23 8.78 -19.10
CA TRP H 56 27.10 9.64 -18.32
C TRP H 56 26.42 9.99 -17.01
N PRO H 57 27.17 10.04 -15.92
CA PRO H 57 26.57 10.22 -14.59
C PRO H 57 26.37 11.68 -14.20
N TYR H 58 25.37 11.88 -13.34
CA TYR H 58 25.13 13.22 -12.81
C TYR H 58 26.23 13.62 -11.85
N LYS H 59 26.66 14.86 -11.91
CA LYS H 59 27.65 15.40 -10.99
C LYS H 59 27.06 16.57 -10.23
N LYS H 60 27.36 16.65 -8.93
CA LYS H 60 26.77 17.66 -8.06
C LYS H 60 27.01 19.08 -8.57
N GLU H 61 28.08 19.30 -9.34
CA GLU H 61 28.40 20.63 -9.87
C GLU H 61 27.55 21.03 -11.05
N TYR H 62 26.71 20.13 -11.58
CA TYR H 62 25.79 20.47 -12.65
C TYR H 62 24.57 21.15 -12.07
N GLU H 63 24.10 22.21 -12.71
CA GLU H 63 22.90 22.89 -12.24
C GLU H 63 21.67 22.01 -12.44
N LEU H 64 20.91 21.80 -11.37
CA LEU H 64 19.71 20.97 -11.42
C LEU H 64 18.46 21.85 -11.60
N TYR H 65 18.35 22.40 -12.81
CA TYR H 65 17.17 23.21 -13.14
C TYR H 65 15.91 22.35 -13.22
N LEU H 66 16.01 21.11 -13.70
CA LEU H 66 14.94 20.14 -13.59
C LEU H 66 15.42 18.95 -12.77
N ASN H 67 14.51 18.35 -12.00
CA ASN H 67 14.91 17.23 -11.15
C ASN H 67 15.20 15.96 -11.95
N VAL H 68 14.58 15.76 -13.12
CA VAL H 68 14.88 14.56 -13.89
C VAL H 68 16.33 14.55 -14.37
N TRP H 69 17.00 15.71 -14.38
CA TRP H 69 18.41 15.75 -14.74
C TRP H 69 19.33 15.14 -13.69
N LYS H 70 18.83 14.71 -12.52
CA LYS H 70 19.73 14.07 -11.56
C LYS H 70 20.00 12.61 -11.87
N TYR H 71 19.31 12.04 -12.82
CA TYR H 71 19.53 10.65 -13.12
C TYR H 71 20.61 10.54 -14.20
N PRO H 72 21.29 9.39 -14.29
CA PRO H 72 22.25 9.21 -15.38
C PRO H 72 21.56 9.44 -16.72
N GLN H 73 22.28 10.00 -17.67
CA GLN H 73 21.70 10.39 -18.93
C GLN H 73 22.41 9.66 -20.06
N ASN H 74 21.66 9.37 -21.13
CA ASN H 74 22.18 8.78 -22.36
C ASN H 74 21.58 9.55 -23.53
N PRO H 75 21.91 9.26 -24.80
CA PRO H 75 21.37 10.10 -25.89
C PRO H 75 19.84 10.11 -25.98
N HIS H 76 19.22 8.98 -25.67
CA HIS H 76 17.76 8.93 -25.65
C HIS H 76 17.18 9.88 -24.60
N THR H 77 17.62 9.73 -23.33
CA THR H 77 17.08 10.56 -22.24
C THR H 77 17.53 12.00 -22.36
N TRP H 78 18.72 12.22 -22.92
CA TRP H 78 19.21 13.57 -23.21
C TRP H 78 18.16 14.39 -23.92
N ILE H 79 17.66 13.87 -25.04
CA ILE H 79 16.69 14.60 -25.84
C ILE H 79 15.35 14.66 -25.14
N ARG H 80 14.94 13.53 -24.54
CA ARG H 80 13.65 13.47 -23.88
C ARG H 80 13.56 14.47 -22.74
N ASP H 81 14.58 14.51 -21.88
CA ASP H 81 14.63 15.43 -20.73
C ASP H 81 15.21 16.79 -21.09
N SER H 82 15.71 16.96 -22.31
CA SER H 82 16.38 18.20 -22.74
C SER H 82 17.49 18.60 -21.76
N CYS H 83 18.37 17.64 -21.47
CA CYS H 83 19.37 17.75 -20.40
C CYS H 83 20.57 18.59 -20.84
N VAL H 84 20.67 19.82 -20.32
CA VAL H 84 21.70 20.75 -20.78
C VAL H 84 23.09 20.25 -20.44
N TRP H 85 23.27 19.60 -19.29
CA TRP H 85 24.64 19.24 -18.89
C TRP H 85 25.22 18.10 -19.74
N TYR H 86 24.36 17.31 -20.36
CA TYR H 86 24.85 16.30 -21.30
C TYR H 86 25.30 16.94 -22.61
N SER H 87 24.60 17.98 -23.06
CA SER H 87 25.09 18.79 -24.19
C SER H 87 26.49 19.33 -23.90
N GLN H 88 26.68 19.92 -22.71
CA GLN H 88 27.94 20.55 -22.36
C GLN H 88 29.06 19.53 -22.15
N ALA H 89 28.75 18.35 -21.61
CA ALA H 89 29.76 17.29 -21.56
C ALA H 89 30.18 16.86 -22.95
N LEU H 90 29.22 16.77 -23.88
CA LEU H 90 29.52 16.43 -25.27
C LEU H 90 30.41 17.50 -25.93
N THR H 91 30.05 18.79 -25.83
CA THR H 91 30.87 19.79 -26.53
C THR H 91 32.26 19.93 -25.91
N ARG H 92 32.36 19.84 -24.58
CA ARG H 92 33.69 19.87 -23.98
C ARG H 92 34.54 18.72 -24.50
N GLN H 93 33.93 17.58 -24.78
CA GLN H 93 34.73 16.51 -25.36
C GLN H 93 35.03 16.77 -26.85
N LEU H 94 34.11 17.41 -27.58
CA LEU H 94 34.41 17.80 -28.95
C LEU H 94 35.59 18.76 -29.00
N GLY H 95 35.60 19.76 -28.13
CA GLY H 95 36.56 20.85 -28.25
C GLY H 95 36.14 21.89 -29.28
N MSE H 96 36.69 23.08 -29.13
CA MSE H 96 36.23 24.20 -29.93
C MSE H 96 36.49 23.99 -31.43
O MSE H 96 35.63 24.31 -32.24
CB MSE H 96 36.87 25.51 -29.45
CG MSE H 96 36.39 26.76 -30.22
SE MSE H 96 34.43 26.94 -30.38
CE MSE H 96 34.07 27.90 -28.71
N LYS H 97 37.65 23.43 -31.78
CA LYS H 97 37.97 23.24 -33.21
C LYS H 97 36.93 22.36 -33.90
N ARG H 98 36.60 21.20 -33.32
CA ARG H 98 35.62 20.33 -33.95
C ARG H 98 34.22 20.93 -33.86
N PHE H 99 33.88 21.56 -32.72
CA PHE H 99 32.55 22.14 -32.56
C PHE H 99 32.30 23.24 -33.60
N LYS H 100 33.26 24.14 -33.77
CA LYS H 100 33.13 25.19 -34.79
C LYS H 100 33.19 24.62 -36.21
N GLY H 101 34.03 23.61 -36.44
CA GLY H 101 34.03 22.91 -37.72
C GLY H 101 32.64 22.47 -38.14
N TYR H 102 31.90 21.84 -37.23
CA TYR H 102 30.57 21.33 -37.54
C TYR H 102 29.57 22.46 -37.75
N VAL H 103 29.56 23.44 -36.85
CA VAL H 103 28.68 24.59 -37.03
C VAL H 103 28.90 25.21 -38.42
N ASP H 104 30.17 25.30 -38.84
CA ASP H 104 30.47 25.87 -40.15
C ASP H 104 30.08 24.92 -41.29
N ALA H 105 30.32 23.61 -41.11
CA ALA H 105 29.95 22.66 -42.17
C ALA H 105 28.44 22.55 -42.30
N PHE H 106 27.72 22.73 -41.20
CA PHE H 106 26.26 22.73 -41.24
C PHE H 106 25.69 24.04 -41.75
N HIS H 107 26.52 25.07 -41.91
CA HIS H 107 26.06 26.43 -42.24
C HIS H 107 24.88 26.81 -41.36
N TYR H 108 25.06 26.63 -40.06
CA TYR H 108 23.96 26.73 -39.09
C TYR H 108 23.76 28.18 -38.66
N GLY H 109 22.71 28.81 -39.16
CA GLY H 109 22.37 30.15 -38.72
C GLY H 109 23.53 31.12 -38.90
N ASN H 110 23.69 31.99 -37.90
CA ASN H 110 24.76 32.98 -37.94
C ASN H 110 26.13 32.37 -37.63
N GLN H 111 26.21 31.08 -37.32
CA GLN H 111 27.49 30.37 -37.10
C GLN H 111 28.36 31.00 -36.02
N ASP H 112 27.79 31.87 -35.16
CA ASP H 112 28.55 32.55 -34.12
C ASP H 112 28.53 31.74 -32.84
N VAL H 113 29.69 31.18 -32.48
CA VAL H 113 29.78 30.37 -31.28
C VAL H 113 30.77 30.98 -30.29
N SER H 114 30.80 32.30 -30.22
CA SER H 114 31.65 32.99 -29.26
C SER H 114 31.04 33.10 -27.85
N GLY H 115 29.72 32.93 -27.71
CA GLY H 115 29.12 32.81 -26.38
C GLY H 115 28.78 34.13 -25.72
N ASP H 116 28.52 34.06 -24.41
CA ASP H 116 28.09 35.24 -23.66
C ASP H 116 29.12 36.37 -23.77
N LYS H 117 28.62 37.61 -23.78
CA LYS H 117 29.47 38.77 -24.02
C LYS H 117 30.57 38.88 -22.98
N GLY H 118 31.83 38.88 -23.44
CA GLY H 118 33.01 38.94 -22.58
C GLY H 118 33.04 37.84 -21.54
N GLN H 119 33.09 36.58 -21.97
CA GLN H 119 32.97 35.45 -21.04
C GLN H 119 33.79 34.25 -21.49
N ASN H 120 34.04 34.12 -22.78
CA ASN H 120 34.79 33.00 -23.34
C ASN H 120 34.18 31.65 -22.91
N ASN H 121 32.87 31.53 -23.10
CA ASN H 121 32.19 30.28 -22.77
C ASN H 121 31.33 29.78 -23.93
N GLY H 122 31.72 30.15 -25.15
CA GLY H 122 31.02 29.66 -26.34
C GLY H 122 30.85 28.15 -26.37
N LEU H 123 31.91 27.40 -26.05
CA LEU H 123 31.88 25.95 -26.20
C LEU H 123 30.72 25.31 -25.42
N THR H 124 30.35 25.86 -24.26
CA THR H 124 29.25 25.27 -23.51
C THR H 124 28.01 26.15 -23.43
N HIS H 125 28.02 27.37 -23.98
CA HIS H 125 26.88 28.27 -23.84
C HIS H 125 26.41 28.92 -25.13
N ALA H 126 27.02 28.64 -26.28
CA ALA H 126 26.69 29.38 -27.50
C ALA H 126 25.21 29.31 -27.85
N TRP H 127 24.55 28.20 -27.53
CA TRP H 127 23.16 28.03 -27.95
C TRP H 127 22.16 28.40 -26.86
N LEU H 128 22.63 28.77 -25.67
CA LEU H 128 21.76 29.02 -24.52
C LEU H 128 21.59 30.53 -24.36
N SER H 129 20.67 31.09 -25.16
CA SER H 129 20.32 32.50 -25.06
C SER H 129 21.56 33.38 -25.14
N SER H 130 22.36 33.14 -26.17
CA SER H 130 23.70 33.69 -26.25
C SER H 130 24.05 34.09 -27.68
N SER H 131 25.25 33.73 -28.15
CA SER H 131 25.74 34.27 -29.41
C SER H 131 25.05 33.65 -30.62
N LEU H 132 24.79 32.34 -30.58
CA LEU H 132 24.24 31.64 -31.74
C LEU H 132 22.78 32.01 -31.99
N SER H 133 22.41 32.10 -33.26
CA SER H 133 21.11 32.66 -33.62
C SER H 133 20.67 32.08 -34.96
N ILE H 134 19.38 31.79 -35.10
CA ILE H 134 18.90 31.20 -36.34
C ILE H 134 17.41 31.55 -36.51
N SER H 135 16.99 31.69 -37.75
CA SER H 135 15.60 32.06 -38.03
C SER H 135 14.75 30.82 -38.31
N PRO H 136 13.42 30.93 -38.23
CA PRO H 136 12.57 29.78 -38.58
C PRO H 136 12.77 29.32 -40.01
N THR H 137 12.99 30.23 -40.94
CA THR H 137 13.33 29.86 -42.32
C THR H 137 14.57 28.97 -42.36
N GLU H 138 15.57 29.27 -41.53
CA GLU H 138 16.80 28.48 -41.55
C GLU H 138 16.68 27.18 -40.76
N GLN H 139 15.80 27.11 -39.77
CA GLN H 139 15.51 25.80 -39.19
C GLN H 139 14.95 24.87 -40.25
N ILE H 140 14.01 25.36 -41.06
CA ILE H 140 13.46 24.55 -42.16
C ILE H 140 14.57 24.02 -43.05
N GLN H 141 15.42 24.92 -43.55
CA GLN H 141 16.48 24.48 -44.47
C GLN H 141 17.38 23.45 -43.81
N PHE H 142 17.77 23.71 -42.56
CA PHE H 142 18.60 22.75 -41.84
C PHE H 142 17.90 21.40 -41.66
N LEU H 143 16.62 21.41 -41.30
CA LEU H 143 15.92 20.13 -41.13
C LEU H 143 15.77 19.40 -42.48
N GLN H 144 15.55 20.14 -43.55
CA GLN H 144 15.46 19.48 -44.85
C GLN H 144 16.81 18.94 -45.30
N LYS H 145 17.92 19.50 -44.81
CA LYS H 145 19.20 18.86 -45.11
C LYS H 145 19.35 17.52 -44.38
N ILE H 146 18.69 17.37 -43.23
CA ILE H 146 18.63 16.07 -42.56
C ILE H 146 17.75 15.09 -43.33
N ILE H 147 16.54 15.51 -43.70
CA ILE H 147 15.62 14.63 -44.39
C ILE H 147 16.20 14.13 -45.71
N TYR H 148 16.80 15.03 -46.48
CA TYR H 148 17.37 14.66 -47.78
C TYR H 148 18.86 14.40 -47.72
N LYS H 149 19.43 14.25 -46.53
CA LYS H 149 20.82 13.79 -46.34
C LYS H 149 21.82 14.64 -47.12
N LYS H 150 21.73 15.95 -46.94
CA LYS H 150 22.59 16.92 -47.59
C LYS H 150 23.70 17.43 -46.69
N LEU H 151 23.92 16.78 -45.56
CA LEU H 151 24.93 17.20 -44.61
C LEU H 151 26.13 16.27 -44.67
N PRO H 152 27.31 16.74 -44.24
CA PRO H 152 28.52 15.89 -44.29
C PRO H 152 28.71 15.04 -43.04
N VAL H 153 27.74 14.16 -42.77
CA VAL H 153 27.80 13.26 -41.62
C VAL H 153 27.52 11.85 -42.08
N SER H 154 27.86 10.90 -41.22
CA SER H 154 27.71 9.49 -41.54
C SER H 154 26.23 9.08 -41.60
N GLN H 155 26.00 7.93 -42.22
CA GLN H 155 24.69 7.31 -42.23
C GLN H 155 24.16 7.12 -40.82
N LYS H 156 25.00 6.58 -39.94
CA LYS H 156 24.61 6.31 -38.57
C LYS H 156 24.16 7.59 -37.85
N ALA H 157 24.79 8.72 -38.16
CA ALA H 157 24.40 9.97 -37.54
C ALA H 157 22.96 10.36 -37.92
N TYR H 158 22.62 10.26 -39.21
CA TYR H 158 21.23 10.49 -39.60
C TYR H 158 20.29 9.54 -38.85
N THR H 159 20.64 8.26 -38.80
CA THR H 159 19.72 7.26 -38.27
C THR H 159 19.47 7.47 -36.77
N MSE H 160 20.54 7.56 -35.99
CA MSE H 160 20.46 7.70 -34.53
C MSE H 160 19.76 8.98 -34.12
O MSE H 160 18.92 8.96 -33.21
CB MSE H 160 21.86 7.67 -33.91
CG MSE H 160 22.56 6.31 -34.00
SE MSE H 160 21.57 4.85 -33.13
CE MSE H 160 20.64 4.10 -34.70
N THR H 161 20.10 10.07 -34.81
CA THR H 161 19.45 11.35 -34.53
C THR H 161 17.95 11.25 -34.77
N LYS H 162 17.54 10.66 -35.90
CA LYS H 162 16.11 10.48 -36.12
C LYS H 162 15.48 9.62 -35.03
N ASN H 163 16.14 8.52 -34.63
CA ASN H 163 15.53 7.63 -33.64
C ASN H 163 15.23 8.34 -32.33
N ILE H 164 16.20 9.12 -31.82
CA ILE H 164 15.97 9.76 -30.52
C ILE H 164 15.11 11.00 -30.63
N MSE H 165 14.83 11.51 -31.84
CA MSE H 165 13.91 12.64 -31.98
C MSE H 165 12.42 12.22 -32.09
O MSE H 165 11.53 13.07 -32.19
CB MSE H 165 14.29 13.47 -33.20
CG MSE H 165 15.47 14.42 -32.98
SE MSE H 165 15.98 15.27 -34.67
CE MSE H 165 14.39 16.35 -34.89
N TYR H 166 12.16 10.92 -32.09
CA TYR H 166 10.79 10.45 -32.19
C TYR H 166 9.94 10.90 -30.99
N ILE H 167 8.70 11.27 -31.26
CA ILE H 167 7.82 11.75 -30.19
C ILE H 167 6.54 10.92 -30.12
N GLN H 168 5.74 10.90 -31.19
CA GLN H 168 4.47 10.21 -31.11
C GLN H 168 3.86 10.01 -32.49
N GLU H 169 2.74 9.29 -32.51
CA GLU H 169 1.96 9.07 -33.72
C GLU H 169 0.75 10.01 -33.72
N LEU H 170 0.51 10.64 -34.83
CA LEU H 170 -0.58 11.58 -35.00
C LEU H 170 -1.73 10.91 -35.74
N PRO H 171 -2.92 11.53 -35.73
CA PRO H 171 -4.04 11.00 -36.52
C PRO H 171 -3.65 10.74 -37.96
N GLY H 172 -4.15 9.64 -38.50
CA GLY H 172 -3.85 9.27 -39.87
C GLY H 172 -2.57 8.50 -40.04
N GLY H 173 -1.86 8.20 -38.96
CA GLY H 173 -0.59 7.52 -39.05
C GLY H 173 0.63 8.39 -39.29
N TRP H 174 0.50 9.71 -39.19
CA TRP H 174 1.69 10.54 -39.32
C TRP H 174 2.55 10.43 -38.06
N LYS H 175 3.84 10.22 -38.25
CA LYS H 175 4.77 10.10 -37.13
C LYS H 175 5.47 11.44 -36.90
N LEU H 176 5.47 11.90 -35.66
CA LEU H 176 6.00 13.21 -35.29
C LEU H 176 7.42 13.05 -34.73
N TYR H 177 8.37 13.78 -35.31
CA TYR H 177 9.74 13.93 -34.81
C TYR H 177 10.00 15.42 -34.54
N GLY H 178 10.78 15.74 -33.52
CA GLY H 178 11.02 17.15 -33.29
C GLY H 178 11.68 17.43 -31.96
N LYS H 179 11.70 18.73 -31.62
CA LYS H 179 12.45 19.17 -30.45
C LYS H 179 11.98 20.56 -30.06
N THR H 180 11.68 20.76 -28.77
CA THR H 180 11.35 22.06 -28.21
C THR H 180 12.60 22.83 -27.80
N GLY H 181 12.45 24.14 -27.63
CA GLY H 181 13.46 24.96 -27.00
C GLY H 181 12.95 26.26 -26.43
N THR H 182 13.35 26.59 -25.20
CA THR H 182 12.98 27.83 -24.54
C THR H 182 14.25 28.61 -24.26
N GLY H 183 14.22 29.91 -24.56
CA GLY H 183 15.30 30.80 -24.18
C GLY H 183 14.74 32.09 -23.60
N ARG H 184 15.66 32.99 -23.28
CA ARG H 184 15.32 34.31 -22.83
C ARG H 184 15.86 35.33 -23.82
N GLN H 185 15.06 36.36 -24.08
CA GLN H 185 15.49 37.45 -24.96
C GLN H 185 16.58 38.27 -24.27
N LEU H 186 17.44 38.87 -25.07
CA LEU H 186 18.60 39.60 -24.57
C LEU H 186 18.38 41.10 -24.71
N THR H 187 18.95 41.86 -23.78
CA THR H 187 18.98 43.31 -23.90
C THR H 187 19.65 43.70 -25.23
N LYS H 188 19.53 45.00 -25.56
CA LYS H 188 20.13 45.51 -26.78
C LYS H 188 21.64 45.37 -26.76
N ASP H 189 22.26 45.70 -25.62
CA ASP H 189 23.69 45.49 -25.41
C ASP H 189 24.09 44.02 -25.50
N LYS H 190 23.10 43.11 -25.56
CA LYS H 190 23.31 41.65 -25.49
C LYS H 190 24.09 41.24 -24.26
N SER H 191 24.06 42.07 -23.22
CA SER H 191 24.87 41.87 -22.04
C SER H 191 24.16 41.00 -21.01
N GLN H 192 22.82 41.03 -21.00
CA GLN H 192 22.05 40.35 -19.98
C GLN H 192 20.79 39.79 -20.59
N LYS H 193 20.19 38.84 -19.88
CA LYS H 193 19.04 38.10 -20.35
C LYS H 193 17.79 38.66 -19.70
N LEU H 194 16.83 39.07 -20.53
CA LEU H 194 15.59 39.64 -20.05
C LEU H 194 14.73 38.54 -19.42
N PRO H 195 13.67 38.92 -18.70
CA PRO H 195 12.70 37.92 -18.23
C PRO H 195 11.80 37.42 -19.34
N LEU H 196 11.71 38.13 -20.46
CA LEU H 196 10.82 37.75 -21.55
C LEU H 196 11.33 36.50 -22.26
N GLN H 197 10.44 35.52 -22.41
CA GLN H 197 10.79 34.24 -23.00
C GLN H 197 10.58 34.26 -24.51
N HIS H 198 11.22 33.30 -25.19
CA HIS H 198 10.86 32.95 -26.55
C HIS H 198 11.06 31.46 -26.65
N GLY H 199 10.42 30.83 -27.63
CA GLY H 199 10.31 29.38 -27.60
C GLY H 199 10.03 28.78 -28.95
N TRP H 200 10.55 27.57 -29.14
CA TRP H 200 10.59 26.85 -30.40
C TRP H 200 9.95 25.49 -30.28
N PHE H 201 9.37 25.02 -31.39
CA PHE H 201 9.14 23.59 -31.63
C PHE H 201 9.35 23.35 -33.11
N VAL H 202 10.34 22.52 -33.46
CA VAL H 202 10.76 22.30 -34.84
C VAL H 202 10.90 20.80 -35.06
N GLY H 203 10.68 20.38 -36.30
CA GLY H 203 10.76 18.94 -36.56
C GLY H 203 10.08 18.58 -37.87
N TRP H 204 9.52 17.37 -37.92
CA TRP H 204 8.84 16.95 -39.13
C TRP H 204 7.80 15.88 -38.80
N ILE H 205 6.85 15.74 -39.71
CA ILE H 205 5.93 14.62 -39.68
C ILE H 205 6.12 13.81 -40.96
N GLU H 206 5.85 12.52 -40.84
CA GLU H 206 6.31 11.48 -41.75
C GLU H 206 5.16 10.51 -41.94
N LYS H 207 4.85 10.16 -43.19
CA LYS H 207 3.90 9.08 -43.43
C LYS H 207 4.20 8.47 -44.78
N ASP H 208 4.38 7.14 -44.80
CA ASP H 208 4.79 6.46 -46.02
C ASP H 208 6.06 7.08 -46.55
N GLU H 209 5.96 7.75 -47.70
CA GLU H 209 7.11 8.39 -48.33
C GLU H 209 7.13 9.90 -48.16
N ARG H 210 6.10 10.49 -47.56
CA ARG H 210 6.02 11.94 -47.43
C ARG H 210 6.66 12.42 -46.14
N VAL H 211 7.31 13.57 -46.22
CA VAL H 211 7.89 14.24 -45.05
C VAL H 211 7.54 15.71 -45.17
N ILE H 212 7.02 16.27 -44.10
CA ILE H 212 6.71 17.68 -44.02
C ILE H 212 7.48 18.23 -42.82
N THR H 213 8.42 19.12 -43.08
CA THR H 213 9.16 19.75 -42.00
C THR H 213 8.41 21.00 -41.54
N PHE H 214 8.56 21.34 -40.27
CA PHE H 214 7.86 22.48 -39.74
C PHE H 214 8.75 23.19 -38.72
N ALA H 215 8.39 24.44 -38.43
CA ALA H 215 9.08 25.22 -37.41
C ALA H 215 8.09 26.22 -36.85
N LYS H 216 7.95 26.23 -35.52
CA LYS H 216 7.12 27.17 -34.80
C LYS H 216 7.99 27.93 -33.83
N HIS H 217 7.89 29.26 -33.85
CA HIS H 217 8.55 30.10 -32.86
C HIS H 217 7.57 31.12 -32.32
N ILE H 218 7.67 31.41 -31.03
CA ILE H 218 6.90 32.50 -30.44
C ILE H 218 7.84 33.31 -29.55
N ALA H 219 7.58 34.61 -29.48
CA ALA H 219 8.31 35.56 -28.66
C ALA H 219 7.33 36.27 -27.76
N ASP H 220 7.52 36.16 -26.45
CA ASP H 220 6.61 36.80 -25.51
C ASP H 220 6.88 38.30 -25.42
N SER H 221 5.81 39.06 -25.21
CA SER H 221 5.91 40.48 -24.88
C SER H 221 5.81 40.75 -23.39
N LYS H 222 5.40 39.77 -22.59
CA LYS H 222 5.25 39.95 -21.15
C LYS H 222 5.64 38.65 -20.46
N GLU H 223 5.86 38.74 -19.15
CA GLU H 223 6.23 37.55 -18.39
C GLU H 223 5.10 36.53 -18.42
N ASN H 224 5.48 35.27 -18.20
CA ASN H 224 4.56 34.18 -18.37
C ASN H 224 5.02 33.01 -17.51
N THR H 225 4.08 32.40 -16.79
CA THR H 225 4.36 31.30 -15.87
C THR H 225 4.66 29.97 -16.58
N THR H 226 4.21 29.81 -17.82
CA THR H 226 4.47 28.60 -18.58
C THR H 226 5.66 28.82 -19.54
N PHE H 227 6.56 27.82 -19.59
CA PHE H 227 7.65 27.82 -20.57
C PHE H 227 7.12 28.04 -21.98
N ALA H 228 7.81 28.91 -22.74
CA ALA H 228 7.36 29.22 -24.09
C ALA H 228 7.49 28.01 -25.03
N SER H 229 8.44 27.11 -24.78
CA SER H 229 8.55 25.92 -25.64
C SER H 229 7.28 25.07 -25.57
N PHE H 230 6.66 24.97 -24.39
CA PHE H 230 5.44 24.18 -24.27
C PHE H 230 4.28 24.84 -25.01
N ARG H 231 4.14 26.17 -24.85
CA ARG H 231 3.10 26.88 -25.59
C ARG H 231 3.35 26.79 -27.08
N ALA H 232 4.61 26.88 -27.53
CA ALA H 232 4.92 26.71 -28.95
C ALA H 232 4.56 25.30 -29.43
N LYS H 233 4.96 24.28 -28.67
CA LYS H 233 4.66 22.91 -29.09
C LYS H 233 3.15 22.66 -29.11
N ASN H 234 2.46 23.07 -28.04
CA ASN H 234 1.00 22.89 -27.95
C ASN H 234 0.26 23.54 -29.12
N ASP H 235 0.68 24.75 -29.50
CA ASP H 235 0.05 25.40 -30.65
C ASP H 235 0.35 24.63 -31.93
N THR H 236 1.59 24.17 -32.09
CA THR H 236 1.99 23.43 -33.29
C THR H 236 1.16 22.18 -33.49
N LEU H 237 0.88 21.45 -32.40
CA LEU H 237 0.13 20.20 -32.55
C LEU H 237 -1.25 20.45 -33.12
N ILE H 238 -1.89 21.54 -32.68
CA ILE H 238 -3.20 21.91 -33.21
C ILE H 238 -3.09 22.22 -34.69
N GLN H 239 -2.00 22.90 -35.11
CA GLN H 239 -1.87 23.23 -36.53
C GLN H 239 -1.57 21.98 -37.35
N LEU H 240 -0.72 21.09 -36.82
CA LEU H 240 -0.43 19.85 -37.52
C LEU H 240 -1.70 19.01 -37.70
N PHE H 241 -2.55 18.95 -36.67
CA PHE H 241 -3.82 18.26 -36.79
C PHE H 241 -4.66 18.86 -37.90
N ASN H 242 -4.72 20.19 -37.97
CA ASN H 242 -5.45 20.86 -39.05
C ASN H 242 -4.79 20.62 -40.39
N LEU H 243 -3.46 20.63 -40.44
CA LEU H 243 -2.78 20.38 -41.70
C LEU H 243 -3.02 18.95 -42.19
N ILE H 244 -2.96 17.97 -41.26
CA ILE H 244 -3.19 16.59 -41.62
C ILE H 244 -4.59 16.40 -42.21
N ASN H 245 -5.59 17.00 -41.59
CA ASN H 245 -6.95 16.95 -42.12
C ASN H 245 -7.00 17.48 -43.56
N GLU H 246 -6.33 18.59 -43.83
CA GLU H 246 -6.30 19.13 -45.19
C GLU H 246 -5.57 18.20 -46.16
N LEU H 247 -4.47 17.58 -45.72
CA LEU H 247 -3.71 16.68 -46.60
C LEU H 247 -4.44 15.38 -46.90
N GLU H 248 -5.35 14.94 -46.03
CA GLU H 248 -6.07 13.70 -46.22
C GLU H 248 -7.43 13.90 -46.87
N LYS H 249 -7.74 15.09 -47.37
CA LYS H 249 -9.10 15.40 -47.83
C LYS H 249 -9.56 14.53 -49.02
N GLN I 4 6.06 30.62 -7.89
CA GLN I 4 6.16 30.86 -6.44
C GLN I 4 5.90 29.58 -5.63
N ASP I 5 6.70 29.37 -4.60
CA ASP I 5 6.59 28.17 -3.77
C ASP I 5 5.39 28.34 -2.84
N THR I 6 4.35 27.52 -3.05
CA THR I 6 3.14 27.60 -2.25
C THR I 6 2.54 26.22 -2.12
N CYS I 7 1.59 26.12 -1.19
CA CYS I 7 0.77 24.93 -1.02
C CYS I 7 -0.56 25.38 -0.43
N PHE I 8 -1.65 24.89 -1.00
CA PHE I 8 -2.93 24.94 -0.34
C PHE I 8 -3.50 23.52 -0.26
N LEU I 9 -3.88 23.10 0.94
CA LEU I 9 -4.49 21.80 1.18
C LEU I 9 -5.82 21.99 1.89
N ALA I 10 -6.83 21.23 1.46
CA ALA I 10 -8.08 21.15 2.21
C ALA I 10 -8.54 19.70 2.22
N LYS I 11 -8.93 19.22 3.39
CA LYS I 11 -9.27 17.81 3.57
C LYS I 11 -10.45 17.66 4.51
N GLU I 12 -11.45 16.89 4.09
CA GLU I 12 -12.60 16.54 4.90
C GLU I 12 -12.51 15.06 5.28
N ASN I 13 -12.20 14.78 6.54
CA ASN I 13 -12.02 13.41 7.03
C ASN I 13 -10.93 12.77 6.15
N GLN I 14 -11.22 11.70 5.40
CA GLN I 14 -10.21 11.05 4.60
C GLN I 14 -10.12 11.60 3.17
N THR I 15 -11.02 12.50 2.80
CA THR I 15 -11.15 12.93 1.41
C THR I 15 -10.44 14.27 1.20
N VAL I 16 -9.48 14.29 0.29
CA VAL I 16 -8.83 15.55 -0.09
C VAL I 16 -9.79 16.36 -0.96
N LEU I 17 -10.07 17.60 -0.55
CA LEU I 17 -10.89 18.47 -1.38
C LEU I 17 -10.07 19.43 -2.23
N LYS I 18 -8.88 19.86 -1.79
CA LYS I 18 -7.97 20.64 -2.61
C LYS I 18 -6.54 20.24 -2.30
N ARG I 19 -5.72 20.12 -3.34
CA ARG I 19 -4.27 20.02 -3.18
C ARG I 19 -3.64 20.72 -4.38
N GLU I 20 -3.00 21.86 -4.12
CA GLU I 20 -2.43 22.74 -5.13
C GLU I 20 -1.05 23.18 -4.69
N GLY I 21 -0.19 23.49 -5.66
CA GLY I 21 1.12 24.04 -5.34
C GLY I 21 2.20 22.98 -5.47
N ASN I 22 3.42 23.40 -5.22
CA ASN I 22 4.57 22.53 -5.41
C ASN I 22 5.22 22.12 -4.10
N ASP I 23 4.78 22.68 -2.98
CA ASP I 23 5.54 22.64 -1.74
C ASP I 23 4.83 21.89 -0.62
N CYS I 24 3.80 21.11 -0.92
CA CYS I 24 3.01 20.52 0.14
C CYS I 24 3.79 19.55 1.03
N ASP I 25 4.91 18.99 0.57
CA ASP I 25 5.66 18.03 1.37
C ASP I 25 6.98 18.62 1.90
N GLN I 26 7.20 19.91 1.69
CA GLN I 26 8.41 20.58 2.16
C GLN I 26 8.19 21.12 3.58
N ARG I 27 9.11 20.79 4.48
CA ARG I 27 9.03 21.25 5.86
C ARG I 27 9.52 22.69 6.00
N TYR I 28 8.87 23.44 6.87
CA TYR I 28 9.24 24.81 7.19
C TYR I 28 9.01 25.02 8.67
N SER I 29 9.61 26.07 9.21
CA SER I 29 9.35 26.41 10.59
C SER I 29 7.86 26.70 10.76
N PRO I 30 7.23 26.18 11.82
CA PRO I 30 5.79 26.46 11.99
C PRO I 30 5.50 27.89 12.40
N ALA I 31 6.50 28.60 12.95
CA ALA I 31 6.29 29.95 13.46
C ALA I 31 5.14 29.95 14.46
N SER I 32 4.30 30.98 14.45
CA SER I 32 3.23 31.03 15.45
C SER I 32 2.18 29.94 15.29
N THR I 33 2.15 29.18 14.19
CA THR I 33 1.16 28.10 14.17
C THR I 33 1.47 27.04 15.22
N PHE I 34 2.69 27.04 15.76
CA PHE I 34 3.05 26.15 16.87
C PHE I 34 2.24 26.47 18.14
N KCX I 35 1.64 27.66 18.21
CA KCX I 35 0.79 27.96 19.37
CB KCX I 35 0.27 29.40 19.31
CG KCX I 35 1.37 30.45 19.55
CD KCX I 35 0.78 31.86 19.71
CE KCX I 35 1.80 32.96 19.24
NZ KCX I 35 3.11 32.55 19.72
C KCX I 35 -0.37 26.99 19.48
O KCX I 35 -0.91 26.79 20.57
CX KCX I 35 4.27 32.50 19.09
OQ1 KCX I 35 4.51 32.86 17.91
OQ2 KCX I 35 5.17 32.05 19.81
N ILE I 36 -0.76 26.37 18.36
CA ILE I 36 -1.79 25.33 18.39
C ILE I 36 -1.29 24.17 19.26
N ALA I 37 -0.05 23.73 19.01
CA ALA I 37 0.53 22.66 19.80
C ALA I 37 0.74 23.11 21.25
N LEU I 38 1.21 24.34 21.44
CA LEU I 38 1.46 24.80 22.80
C LEU I 38 0.16 24.89 23.59
N SER I 39 -0.95 25.22 22.91
CA SER I 39 -2.22 25.31 23.60
C SER I 39 -2.66 23.93 24.12
N LEU I 40 -2.52 22.91 23.29
CA LEU I 40 -2.78 21.53 23.74
C LEU I 40 -1.90 21.14 24.92
N MSE I 41 -0.60 21.43 24.85
CA MSE I 41 0.28 21.11 25.98
C MSE I 41 -0.13 21.85 27.24
O MSE I 41 -0.07 21.31 28.33
CB MSE I 41 1.74 21.45 25.71
CG MSE I 41 2.31 21.02 24.39
SE MSE I 41 4.15 21.64 24.32
CE MSE I 41 4.52 21.06 22.49
N GLY I 42 -0.49 23.12 27.08
CA GLY I 42 -0.71 23.96 28.25
C GLY I 42 -1.99 23.61 28.98
N PHE I 43 -3.05 23.30 28.23
CA PHE I 43 -4.26 22.86 28.88
C PHE I 43 -4.13 21.42 29.39
N ASP I 44 -3.35 20.58 28.70
CA ASP I 44 -3.14 19.22 29.19
C ASP I 44 -2.37 19.21 30.50
N SER I 45 -1.27 19.96 30.55
CA SER I 45 -0.46 19.96 31.76
C SER I 45 -1.16 20.63 32.93
N GLY I 46 -2.21 21.42 32.68
CA GLY I 46 -2.84 22.16 33.75
C GLY I 46 -2.31 23.56 33.96
N ILE I 47 -1.28 23.99 33.20
CA ILE I 47 -0.78 25.35 33.36
C ILE I 47 -1.80 26.36 32.84
N LEU I 48 -2.37 26.11 31.68
CA LEU I 48 -3.49 26.92 31.22
C LEU I 48 -4.78 26.35 31.79
N LYS I 49 -5.68 27.23 32.23
CA LYS I 49 -6.88 26.81 32.96
C LYS I 49 -8.13 26.89 32.10
N ASP I 50 -8.40 28.03 31.47
CA ASP I 50 -9.53 28.17 30.57
C ASP I 50 -9.20 29.33 29.63
N GLU I 51 -10.22 29.83 28.92
CA GLU I 51 -9.99 30.86 27.90
C GLU I 51 -9.36 32.13 28.47
N LEU I 52 -9.66 32.47 29.72
CA LEU I 52 -9.23 33.76 30.27
C LEU I 52 -8.27 33.61 31.44
N HIS I 53 -7.80 32.39 31.74
CA HIS I 53 -6.93 32.09 32.90
C HIS I 53 -5.87 31.08 32.51
N PRO I 54 -4.62 31.27 32.95
CA PRO I 54 -4.24 32.37 33.84
C PRO I 54 -3.90 33.63 33.04
N GLU I 55 -4.03 34.77 33.70
CA GLU I 55 -3.68 36.06 33.12
C GLU I 55 -2.31 36.49 33.60
N TRP I 56 -1.37 36.63 32.68
CA TRP I 56 -0.03 36.97 33.08
C TRP I 56 0.30 38.41 32.71
N PRO I 57 1.13 39.09 33.49
CA PRO I 57 1.46 40.49 33.21
C PRO I 57 2.61 40.64 32.23
N TYR I 58 2.66 41.83 31.63
CA TYR I 58 3.79 42.21 30.80
C TYR I 58 4.96 42.63 31.69
N LYS I 59 6.17 42.31 31.24
CA LYS I 59 7.39 42.73 31.91
C LYS I 59 8.29 43.43 30.89
N LYS I 60 8.94 44.49 31.33
CA LYS I 60 9.79 45.28 30.43
C LYS I 60 10.87 44.43 29.77
N GLU I 61 11.28 43.32 30.39
CA GLU I 61 12.23 42.41 29.76
C GLU I 61 11.73 41.92 28.41
N TYR I 62 10.43 41.64 28.30
CA TYR I 62 9.85 41.14 27.05
C TYR I 62 9.97 42.19 25.95
N GLU I 63 10.46 41.78 24.77
CA GLU I 63 10.62 42.68 23.64
C GLU I 63 9.26 43.03 23.03
N LEU I 64 9.03 44.31 22.74
CA LEU I 64 7.70 44.80 22.37
C LEU I 64 7.57 44.92 20.85
N TYR I 65 7.61 43.77 20.18
CA TYR I 65 7.55 43.77 18.72
C TYR I 65 6.22 44.30 18.21
N LEU I 66 5.11 43.88 18.82
CA LEU I 66 3.82 44.52 18.60
C LEU I 66 3.40 45.23 19.88
N ASN I 67 2.78 46.38 19.73
CA ASN I 67 2.42 47.15 20.92
C ASN I 67 1.27 46.53 21.68
N VAL I 68 0.37 45.76 21.05
CA VAL I 68 -0.70 45.14 21.80
C VAL I 68 -0.17 44.13 22.81
N TRP I 69 1.11 43.74 22.69
CA TRP I 69 1.71 42.81 23.63
C TRP I 69 2.03 43.45 24.98
N LYS I 70 1.83 44.77 25.12
CA LYS I 70 2.12 45.43 26.39
C LYS I 70 1.01 45.24 27.41
N TYR I 71 -0.11 44.65 27.03
CA TYR I 71 -1.25 44.41 27.90
C TYR I 71 -1.16 43.03 28.54
N PRO I 72 -1.73 42.83 29.72
CA PRO I 72 -1.73 41.50 30.33
C PRO I 72 -2.39 40.52 29.35
N GLN I 73 -1.89 39.28 29.37
CA GLN I 73 -2.27 38.30 28.37
C GLN I 73 -2.88 37.10 29.05
N ASN I 74 -3.88 36.52 28.41
CA ASN I 74 -4.48 35.26 28.81
C ASN I 74 -4.58 34.38 27.56
N PRO I 75 -4.94 33.09 27.69
CA PRO I 75 -4.96 32.25 26.48
C PRO I 75 -5.82 32.80 25.34
N HIS I 76 -6.95 33.43 25.64
CA HIS I 76 -7.71 34.06 24.55
C HIS I 76 -6.90 35.14 23.87
N THR I 77 -6.30 36.06 24.64
CA THR I 77 -5.57 37.15 23.99
C THR I 77 -4.28 36.64 23.34
N TRP I 78 -3.67 35.62 23.93
CA TRP I 78 -2.47 35.01 23.39
C TRP I 78 -2.63 34.64 21.93
N ILE I 79 -3.69 33.87 21.61
CA ILE I 79 -3.90 33.48 20.22
C ILE I 79 -4.25 34.70 19.37
N ARG I 80 -5.18 35.52 19.84
CA ARG I 80 -5.63 36.67 19.06
C ARG I 80 -4.46 37.60 18.71
N ASP I 81 -3.63 37.95 19.70
CA ASP I 81 -2.53 38.86 19.47
C ASP I 81 -1.29 38.15 18.96
N SER I 82 -1.30 36.81 18.93
CA SER I 82 -0.13 35.99 18.61
C SER I 82 1.07 36.35 19.52
N CYS I 83 0.84 36.33 20.83
CA CYS I 83 1.79 36.95 21.77
C CYS I 83 2.92 35.98 22.11
N VAL I 84 4.13 36.28 21.62
CA VAL I 84 5.27 35.37 21.76
C VAL I 84 5.65 35.19 23.23
N TRP I 85 5.72 36.27 24.00
CA TRP I 85 6.22 36.12 25.36
C TRP I 85 5.30 35.26 26.22
N TYR I 86 4.00 35.26 25.94
CA TYR I 86 3.12 34.36 26.66
C TYR I 86 3.46 32.91 26.34
N SER I 87 3.77 32.61 25.06
CA SER I 87 4.30 31.29 24.67
C SER I 87 5.55 30.94 25.47
N GLN I 88 6.49 31.87 25.54
CA GLN I 88 7.76 31.57 26.19
C GLN I 88 7.60 31.41 27.70
N ALA I 89 6.65 32.13 28.31
CA ALA I 89 6.40 31.93 29.74
C ALA I 89 5.77 30.57 30.00
N LEU I 90 4.88 30.12 29.11
CA LEU I 90 4.28 28.80 29.25
C LEU I 90 5.35 27.73 29.14
N THR I 91 6.26 27.93 28.21
CA THR I 91 7.27 26.95 27.90
C THR I 91 8.34 26.91 28.98
N ARG I 92 8.64 28.05 29.60
CA ARG I 92 9.54 28.03 30.74
C ARG I 92 8.91 27.28 31.91
N GLN I 93 7.60 27.38 32.08
CA GLN I 93 6.98 26.64 33.18
C GLN I 93 6.88 25.15 32.88
N LEU I 94 6.81 24.77 31.61
CA LEU I 94 6.78 23.36 31.25
C LEU I 94 8.09 22.70 31.55
N GLY I 95 9.20 23.32 31.16
CA GLY I 95 10.46 22.59 31.26
C GLY I 95 10.75 21.79 30.01
N MSE I 96 12.04 21.65 29.71
CA MSE I 96 12.49 21.00 28.48
C MSE I 96 12.00 19.55 28.42
O MSE I 96 11.58 19.09 27.36
CB MSE I 96 14.02 21.05 28.38
CG MSE I 96 14.61 20.38 27.12
SE MSE I 96 13.85 20.98 25.41
CE MSE I 96 14.92 22.56 25.08
N LYS I 97 11.98 18.86 29.57
CA LYS I 97 11.60 17.45 29.54
C LYS I 97 10.11 17.27 29.22
N ARG I 98 9.22 18.09 29.80
CA ARG I 98 7.81 17.98 29.44
C ARG I 98 7.57 18.49 28.03
N PHE I 99 8.30 19.54 27.65
CA PHE I 99 8.15 20.15 26.32
C PHE I 99 8.53 19.17 25.22
N LYS I 100 9.74 18.61 25.30
CA LYS I 100 10.14 17.61 24.32
C LYS I 100 9.28 16.35 24.41
N GLY I 101 8.83 16.00 25.61
CA GLY I 101 7.89 14.89 25.73
C GLY I 101 6.65 15.10 24.88
N TYR I 102 6.07 16.32 24.93
CA TYR I 102 4.86 16.59 24.15
C TYR I 102 5.15 16.63 22.66
N VAL I 103 6.22 17.32 22.26
CA VAL I 103 6.60 17.36 20.85
C VAL I 103 6.77 15.96 20.30
N ASP I 104 7.43 15.08 21.07
CA ASP I 104 7.60 13.68 20.64
C ASP I 104 6.29 12.92 20.70
N ALA I 105 5.47 13.15 21.73
CA ALA I 105 4.19 12.47 21.86
C ALA I 105 3.22 12.85 20.74
N PHE I 106 3.27 14.10 20.29
CA PHE I 106 2.47 14.62 19.20
C PHE I 106 3.01 14.20 17.83
N HIS I 107 4.24 13.66 17.77
CA HIS I 107 4.95 13.44 16.50
C HIS I 107 4.90 14.69 15.62
N TYR I 108 5.23 15.82 16.21
CA TYR I 108 5.12 17.10 15.52
C TYR I 108 6.33 17.33 14.63
N GLY I 109 6.17 17.06 13.33
CA GLY I 109 7.19 17.47 12.36
C GLY I 109 8.51 16.75 12.55
N ASN I 110 9.60 17.49 12.52
CA ASN I 110 10.90 16.88 12.70
C ASN I 110 11.28 16.72 14.18
N GLN I 111 10.47 17.24 15.08
CA GLN I 111 10.63 17.01 16.52
C GLN I 111 11.94 17.60 17.04
N ASP I 112 12.49 18.60 16.37
CA ASP I 112 13.80 19.15 16.72
C ASP I 112 13.59 20.44 17.52
N VAL I 113 13.71 20.36 18.83
CA VAL I 113 13.55 21.55 19.66
C VAL I 113 14.89 21.97 20.26
N SER I 114 15.98 21.78 19.50
CA SER I 114 17.29 22.19 19.99
C SER I 114 17.53 23.69 19.90
N GLY I 115 16.79 24.38 19.03
CA GLY I 115 16.84 25.84 18.97
C GLY I 115 17.82 26.35 17.93
N ASP I 116 18.12 27.66 18.04
CA ASP I 116 19.04 28.32 17.11
C ASP I 116 20.43 27.70 17.19
N LYS I 117 21.01 27.41 16.02
CA LYS I 117 22.37 26.92 15.96
C LYS I 117 23.30 27.81 16.78
N GLY I 118 24.06 27.20 17.68
CA GLY I 118 25.03 27.92 18.47
C GLY I 118 24.49 28.55 19.75
N GLN I 119 23.20 28.80 19.84
CA GLN I 119 22.66 29.29 21.10
C GLN I 119 22.27 28.07 21.94
N ASN I 120 21.62 28.31 23.07
CA ASN I 120 21.12 27.22 23.89
C ASN I 120 19.75 27.65 24.38
N ASN I 121 18.79 27.68 23.45
CA ASN I 121 17.54 28.37 23.67
C ASN I 121 16.37 27.67 22.98
N GLY I 122 16.46 26.34 22.84
CA GLY I 122 15.36 25.62 22.23
C GLY I 122 14.07 25.77 23.00
N LEU I 123 14.16 25.85 24.33
CA LEU I 123 12.95 25.88 25.15
C LEU I 123 12.02 27.02 24.71
N THR I 124 12.57 28.18 24.37
CA THR I 124 11.79 29.36 24.03
C THR I 124 11.95 29.84 22.58
N HIS I 125 12.78 29.20 21.75
CA HIS I 125 12.92 29.64 20.36
C HIS I 125 12.76 28.56 19.30
N ALA I 126 12.45 27.31 19.68
CA ALA I 126 12.46 26.20 18.72
C ALA I 126 11.52 26.44 17.54
N TRP I 127 10.34 27.02 17.80
CA TRP I 127 9.34 27.23 16.75
C TRP I 127 9.50 28.57 16.01
N LEU I 128 10.49 29.39 16.35
CA LEU I 128 10.60 30.75 15.82
C LEU I 128 11.70 30.80 14.77
N SER I 129 11.41 30.27 13.58
CA SER I 129 12.37 30.30 12.48
C SER I 129 13.70 29.69 12.92
N SER I 130 13.60 28.50 13.53
CA SER I 130 14.74 27.84 14.16
C SER I 130 14.77 26.35 13.78
N SER I 131 14.88 25.48 14.78
CA SER I 131 15.13 24.07 14.51
C SER I 131 13.87 23.27 14.20
N LEU I 132 12.75 23.60 14.80
CA LEU I 132 11.53 22.85 14.54
C LEU I 132 11.02 23.12 13.14
N SER I 133 10.50 22.07 12.49
CA SER I 133 10.10 22.15 11.09
C SER I 133 8.97 21.15 10.81
N ILE I 134 7.99 21.56 10.02
CA ILE I 134 6.82 20.74 9.70
C ILE I 134 6.31 21.11 8.32
N SER I 135 5.81 20.11 7.56
CA SER I 135 5.28 20.37 6.22
C SER I 135 3.80 20.69 6.25
N PRO I 136 3.25 21.30 5.18
CA PRO I 136 1.79 21.47 5.12
C PRO I 136 1.04 20.14 5.24
N THR I 137 1.52 19.09 4.59
CA THR I 137 0.89 17.79 4.74
C THR I 137 0.87 17.33 6.20
N GLU I 138 1.99 17.51 6.92
CA GLU I 138 2.02 17.15 8.33
C GLU I 138 1.14 18.05 9.19
N GLN I 139 1.02 19.34 8.86
CA GLN I 139 0.09 20.21 9.62
C GLN I 139 -1.35 19.71 9.49
N ILE I 140 -1.76 19.31 8.28
CA ILE I 140 -3.08 18.73 8.07
C ILE I 140 -3.26 17.50 8.96
N GLN I 141 -2.26 16.61 8.99
CA GLN I 141 -2.37 15.42 9.81
C GLN I 141 -2.48 15.77 11.28
N PHE I 142 -1.64 16.72 11.74
CA PHE I 142 -1.73 17.19 13.11
C PHE I 142 -3.12 17.74 13.44
N LEU I 143 -3.62 18.66 12.59
CA LEU I 143 -4.96 19.21 12.80
C LEU I 143 -6.02 18.11 12.83
N GLN I 144 -5.92 17.12 11.93
CA GLN I 144 -6.91 16.04 11.95
C GLN I 144 -6.82 15.22 13.22
N LYS I 145 -5.63 15.13 13.83
CA LYS I 145 -5.55 14.47 15.14
C LYS I 145 -6.29 15.27 16.20
N ILE I 146 -6.32 16.59 16.08
CA ILE I 146 -7.12 17.39 16.99
C ILE I 146 -8.60 17.16 16.75
N ILE I 147 -9.03 17.21 15.49
CA ILE I 147 -10.46 17.07 15.18
C ILE I 147 -10.98 15.73 15.65
N TYR I 148 -10.22 14.64 15.43
CA TYR I 148 -10.68 13.30 15.71
C TYR I 148 -10.09 12.73 17.00
N LYS I 149 -9.46 13.58 17.81
CA LYS I 149 -9.01 13.29 19.16
C LYS I 149 -8.10 12.06 19.18
N LYS I 150 -7.03 12.16 18.41
CA LYS I 150 -6.04 11.08 18.31
C LYS I 150 -4.74 11.46 18.99
N LEU I 151 -4.78 12.39 19.92
CA LEU I 151 -3.61 12.91 20.59
C LEU I 151 -3.63 12.47 22.03
N PRO I 152 -2.49 12.32 22.66
CA PRO I 152 -2.52 11.89 24.06
C PRO I 152 -2.68 13.08 25.00
N VAL I 153 -3.86 13.71 24.98
CA VAL I 153 -4.16 14.85 25.84
C VAL I 153 -5.57 14.69 26.39
N SER I 154 -5.89 15.52 27.38
CA SER I 154 -7.19 15.43 28.03
C SER I 154 -8.29 16.01 27.15
N GLN I 155 -9.53 15.67 27.50
CA GLN I 155 -10.67 16.20 26.78
C GLN I 155 -10.77 17.72 26.91
N LYS I 156 -10.36 18.27 28.05
CA LYS I 156 -10.40 19.71 28.25
C LYS I 156 -9.43 20.42 27.31
N ALA I 157 -8.34 19.74 26.95
CA ALA I 157 -7.33 20.34 26.09
C ALA I 157 -7.85 20.54 24.66
N TYR I 158 -8.59 19.56 24.11
CA TYR I 158 -9.24 19.78 22.81
C TYR I 158 -10.25 20.92 22.87
N THR I 159 -11.03 20.99 23.95
CA THR I 159 -12.12 21.96 24.01
C THR I 159 -11.59 23.40 24.10
N MSE I 160 -10.63 23.65 25.00
CA MSE I 160 -10.10 25.00 25.18
C MSE I 160 -9.29 25.45 23.96
O MSE I 160 -9.33 26.64 23.61
CB MSE I 160 -9.22 25.07 26.44
CG MSE I 160 -9.99 24.90 27.73
SE MSE I 160 -11.45 26.19 27.87
CE MSE I 160 -12.86 25.02 28.49
N THR I 161 -8.58 24.53 23.31
CA THR I 161 -7.78 24.92 22.16
C THR I 161 -8.68 25.32 21.00
N LYS I 162 -9.75 24.57 20.76
CA LYS I 162 -10.70 24.97 19.73
C LYS I 162 -11.31 26.33 20.04
N ASN I 163 -11.70 26.56 21.32
CA ASN I 163 -12.41 27.79 21.68
C ASN I 163 -11.55 29.03 21.45
N ILE I 164 -10.24 28.94 21.68
CA ILE I 164 -9.40 30.12 21.52
C ILE I 164 -8.88 30.25 20.09
N MSE I 165 -9.11 29.27 19.21
CA MSE I 165 -8.75 29.37 17.80
C MSE I 165 -9.87 29.93 16.92
O MSE I 165 -9.68 30.12 15.72
CB MSE I 165 -8.36 27.99 17.25
CG MSE I 165 -6.96 27.53 17.72
SE MSE I 165 -6.58 25.70 17.14
CE MSE I 165 -6.66 26.07 15.23
N TYR I 166 -11.03 30.21 17.53
CA TYR I 166 -12.16 30.73 16.77
C TYR I 166 -11.82 32.09 16.16
N ILE I 167 -12.16 32.29 14.89
CA ILE I 167 -11.90 33.57 14.23
C ILE I 167 -13.20 34.31 13.86
N GLN I 168 -14.03 33.71 13.01
CA GLN I 168 -15.20 34.42 12.52
C GLN I 168 -16.14 33.43 11.85
N GLU I 169 -17.33 33.92 11.51
CA GLU I 169 -18.32 33.20 10.74
C GLU I 169 -18.19 33.63 9.28
N LEU I 170 -18.17 32.66 8.36
CA LEU I 170 -18.03 32.78 6.92
C LEU I 170 -19.39 32.62 6.24
N PRO I 171 -19.53 33.06 4.98
CA PRO I 171 -20.81 32.92 4.28
C PRO I 171 -21.37 31.50 4.35
N GLY I 172 -22.68 31.39 4.49
CA GLY I 172 -23.29 30.08 4.63
C GLY I 172 -23.22 29.49 6.02
N GLY I 173 -22.66 30.18 6.99
CA GLY I 173 -22.68 29.69 8.35
C GLY I 173 -21.50 28.82 8.71
N TRP I 174 -20.50 28.74 7.84
CA TRP I 174 -19.30 28.01 8.19
C TRP I 174 -18.50 28.81 9.20
N LYS I 175 -18.03 28.17 10.25
CA LYS I 175 -17.22 28.82 11.27
C LYS I 175 -15.75 28.54 11.04
N LEU I 176 -14.94 29.58 11.05
CA LEU I 176 -13.51 29.52 10.75
C LEU I 176 -12.72 29.44 12.06
N TYR I 177 -11.83 28.46 12.17
CA TYR I 177 -10.87 28.33 13.25
C TYR I 177 -9.48 28.27 12.66
N GLY I 178 -8.51 28.93 13.27
CA GLY I 178 -7.19 28.86 12.68
C GLY I 178 -6.16 29.74 13.36
N LYS I 179 -4.98 29.75 12.75
CA LYS I 179 -3.81 30.43 13.29
C LYS I 179 -2.88 30.80 12.15
N THR I 180 -2.44 32.04 12.13
CA THR I 180 -1.42 32.45 11.18
C THR I 180 -0.03 32.24 11.77
N GLY I 181 0.96 32.24 10.88
CA GLY I 181 2.34 32.12 11.29
C GLY I 181 3.25 32.73 10.26
N THR I 182 4.21 33.53 10.71
CA THR I 182 5.09 34.24 9.81
C THR I 182 6.53 34.03 10.29
N GLY I 183 7.41 33.68 9.36
CA GLY I 183 8.77 33.33 9.69
C GLY I 183 9.73 33.87 8.65
N ARG I 184 11.02 33.60 8.89
CA ARG I 184 12.08 34.02 7.98
C ARG I 184 12.87 32.79 7.56
N GLN I 185 13.17 32.70 6.27
CA GLN I 185 13.97 31.59 5.78
C GLN I 185 15.39 31.65 6.32
N LEU I 186 16.02 30.49 6.42
CA LEU I 186 17.35 30.37 6.97
C LEU I 186 18.38 30.17 5.88
N THR I 187 19.63 30.45 6.22
CA THR I 187 20.75 30.19 5.34
C THR I 187 20.95 28.67 5.17
N LYS I 188 21.98 28.31 4.41
CA LYS I 188 22.42 26.91 4.40
C LYS I 188 23.01 26.52 5.75
N ASP I 189 23.96 27.32 6.24
CA ASP I 189 24.58 27.13 7.54
C ASP I 189 23.57 27.08 8.71
N LYS I 190 22.31 27.46 8.48
CA LYS I 190 21.25 27.60 9.49
C LYS I 190 21.60 28.57 10.61
N SER I 191 22.69 29.34 10.48
CA SER I 191 23.16 30.23 11.52
C SER I 191 22.70 31.67 11.32
N GLN I 192 21.91 31.94 10.27
CA GLN I 192 21.47 33.30 9.98
C GLN I 192 20.08 33.24 9.36
N LYS I 193 19.18 34.06 9.88
CA LYS I 193 17.88 34.25 9.25
C LYS I 193 17.99 35.24 8.10
N LEU I 194 17.34 34.92 6.98
CA LEU I 194 17.34 35.75 5.79
C LEU I 194 16.17 36.73 5.81
N PRO I 195 16.24 37.81 5.02
CA PRO I 195 15.09 38.71 4.91
C PRO I 195 13.91 38.10 4.17
N LEU I 196 14.07 36.94 3.54
CA LEU I 196 13.00 36.34 2.76
C LEU I 196 12.02 35.65 3.69
N GLN I 197 10.75 36.04 3.61
CA GLN I 197 9.75 35.55 4.53
C GLN I 197 9.10 34.28 4.01
N HIS I 198 8.40 33.61 4.90
CA HIS I 198 7.47 32.56 4.55
C HIS I 198 6.39 32.61 5.60
N GLY I 199 5.19 32.17 5.25
CA GLY I 199 4.07 32.33 6.15
C GLY I 199 3.03 31.24 6.00
N TRP I 200 2.22 31.10 7.05
CA TRP I 200 1.26 30.03 7.20
C TRP I 200 -0.13 30.59 7.49
N PHE I 201 -1.16 29.85 7.06
CA PHE I 201 -2.49 29.95 7.66
C PHE I 201 -3.08 28.54 7.68
N VAL I 202 -3.35 28.01 8.87
CA VAL I 202 -3.89 26.67 8.99
C VAL I 202 -5.07 26.72 9.95
N GLY I 203 -5.91 25.71 9.88
CA GLY I 203 -7.04 25.57 10.76
C GLY I 203 -8.13 24.74 10.10
N TRP I 204 -9.38 25.12 10.35
CA TRP I 204 -10.47 24.36 9.78
C TRP I 204 -11.72 25.21 9.74
N ILE I 205 -12.65 24.84 8.86
CA ILE I 205 -13.98 25.42 8.87
C ILE I 205 -14.98 24.32 9.23
N GLU I 206 -16.12 24.72 9.72
CA GLU I 206 -16.96 23.80 10.48
C GLU I 206 -18.42 24.20 10.27
N LYS I 207 -19.27 23.22 10.00
CA LYS I 207 -20.70 23.52 9.87
C LYS I 207 -21.48 22.24 10.06
N ASP I 208 -22.52 22.28 10.89
CA ASP I 208 -23.27 21.10 11.28
C ASP I 208 -22.27 20.03 11.73
N GLU I 209 -22.25 18.88 11.06
CA GLU I 209 -21.34 17.82 11.46
C GLU I 209 -20.09 17.74 10.57
N ARG I 210 -19.89 18.70 9.67
CA ARG I 210 -18.79 18.68 8.72
C ARG I 210 -17.65 19.54 9.22
N VAL I 211 -16.45 18.97 9.20
CA VAL I 211 -15.22 19.71 9.51
C VAL I 211 -14.28 19.54 8.34
N ILE I 212 -13.77 20.65 7.83
CA ILE I 212 -12.79 20.65 6.74
C ILE I 212 -11.53 21.35 7.21
N THR I 213 -10.43 20.60 7.32
CA THR I 213 -9.15 21.18 7.71
C THR I 213 -8.44 21.73 6.49
N PHE I 214 -7.60 22.74 6.71
CA PHE I 214 -6.92 23.37 5.59
C PHE I 214 -5.55 23.85 6.05
N ALA I 215 -4.63 23.95 5.11
CA ALA I 215 -3.30 24.47 5.40
C ALA I 215 -2.79 25.22 4.20
N LYS I 216 -2.39 26.46 4.41
CA LYS I 216 -1.81 27.30 3.38
C LYS I 216 -0.41 27.69 3.80
N HIS I 217 0.55 27.50 2.90
CA HIS I 217 1.90 28.01 3.10
C HIS I 217 2.43 28.73 1.86
N ILE I 218 3.15 29.84 2.07
CA ILE I 218 3.83 30.55 0.99
C ILE I 218 5.28 30.79 1.41
N ALA I 219 6.19 30.71 0.43
CA ALA I 219 7.59 31.06 0.62
C ALA I 219 7.99 32.07 -0.45
N ASP I 220 8.40 33.26 -0.02
CA ASP I 220 8.77 34.33 -0.94
C ASP I 220 10.15 34.11 -1.52
N SER I 221 10.32 34.50 -2.77
CA SER I 221 11.65 34.55 -3.38
C SER I 221 12.34 35.89 -3.19
N LYS I 222 11.58 36.98 -3.03
CA LYS I 222 12.16 38.31 -2.86
C LYS I 222 11.53 38.99 -1.65
N GLU I 223 12.17 40.08 -1.21
CA GLU I 223 11.67 40.78 -0.03
C GLU I 223 10.31 41.39 -0.31
N ASN I 224 9.54 41.61 0.75
CA ASN I 224 8.15 42.00 0.63
C ASN I 224 7.73 42.86 1.82
N THR I 225 6.93 43.91 1.54
CA THR I 225 6.55 44.85 2.60
C THR I 225 5.52 44.27 3.58
N THR I 226 4.68 43.36 3.13
CA THR I 226 3.61 42.81 3.96
C THR I 226 4.00 41.43 4.51
N PHE I 227 3.68 41.20 5.78
CA PHE I 227 3.91 39.90 6.41
C PHE I 227 3.35 38.78 5.55
N ALA I 228 4.15 37.73 5.40
CA ALA I 228 3.71 36.55 4.66
C ALA I 228 2.45 35.92 5.27
N SER I 229 2.32 35.91 6.60
CA SER I 229 1.12 35.33 7.21
C SER I 229 -0.16 36.05 6.78
N PHE I 230 -0.11 37.37 6.63
CA PHE I 230 -1.30 38.09 6.15
C PHE I 230 -1.61 37.73 4.70
N ARG I 231 -0.59 37.58 3.86
CA ARG I 231 -0.82 37.21 2.47
C ARG I 231 -1.33 35.77 2.36
N ALA I 232 -0.76 34.86 3.16
CA ALA I 232 -1.27 33.49 3.19
C ALA I 232 -2.71 33.44 3.67
N LYS I 233 -3.02 34.16 4.76
CA LYS I 233 -4.38 34.16 5.26
C LYS I 233 -5.36 34.76 4.25
N ASN I 234 -4.95 35.84 3.56
CA ASN I 234 -5.85 36.56 2.67
C ASN I 234 -6.18 35.74 1.42
N ASP I 235 -5.19 35.07 0.85
CA ASP I 235 -5.43 34.13 -0.23
C ASP I 235 -6.33 32.98 0.24
N THR I 236 -6.08 32.45 1.44
CA THR I 236 -6.85 31.30 1.92
C THR I 236 -8.33 31.63 2.06
N LEU I 237 -8.67 32.84 2.55
CA LEU I 237 -10.07 33.21 2.73
C LEU I 237 -10.82 33.28 1.40
N ILE I 238 -10.12 33.66 0.33
CA ILE I 238 -10.75 33.67 -0.99
C ILE I 238 -10.97 32.25 -1.48
N GLN I 239 -10.01 31.34 -1.23
CA GLN I 239 -10.18 29.94 -1.62
C GLN I 239 -11.23 29.26 -0.78
N LEU I 240 -11.33 29.61 0.49
CA LEU I 240 -12.37 29.05 1.35
C LEU I 240 -13.75 29.53 0.92
N PHE I 241 -13.84 30.77 0.45
CA PHE I 241 -15.09 31.27 -0.09
C PHE I 241 -15.52 30.45 -1.30
N ASN I 242 -14.60 30.20 -2.22
CA ASN I 242 -14.94 29.45 -3.43
C ASN I 242 -15.27 28.01 -3.11
N LEU I 243 -14.54 27.42 -2.17
CA LEU I 243 -14.82 26.05 -1.74
C LEU I 243 -16.21 25.94 -1.13
N ILE I 244 -16.58 26.91 -0.29
CA ILE I 244 -17.91 26.90 0.30
C ILE I 244 -18.97 27.01 -0.77
N ASN I 245 -18.78 27.90 -1.76
CA ASN I 245 -19.76 28.03 -2.83
C ASN I 245 -19.92 26.72 -3.58
N GLU I 246 -18.83 25.95 -3.72
CA GLU I 246 -18.91 24.68 -4.42
C GLU I 246 -19.60 23.61 -3.58
N LEU I 247 -19.25 23.52 -2.30
CA LEU I 247 -19.90 22.56 -1.40
C LEU I 247 -21.39 22.81 -1.26
N GLU I 248 -21.85 24.03 -1.48
CA GLU I 248 -23.23 24.40 -1.25
C GLU I 248 -24.05 24.41 -2.54
N LYS I 249 -23.51 23.86 -3.61
CA LYS I 249 -24.22 23.82 -4.89
C LYS I 249 -25.44 22.89 -4.84
N GLN J 4 -2.89 52.83 -9.30
CA GLN J 4 -4.32 52.61 -9.51
C GLN J 4 -5.20 53.54 -8.65
N ASP J 5 -6.49 53.56 -8.99
CA ASP J 5 -7.48 54.45 -8.35
C ASP J 5 -7.97 53.76 -7.08
N THR J 6 -7.50 54.23 -5.94
CA THR J 6 -7.82 53.65 -4.65
C THR J 6 -8.03 54.77 -3.64
N CYS J 7 -8.52 54.39 -2.49
CA CYS J 7 -8.66 55.35 -1.40
C CYS J 7 -8.76 54.59 -0.09
N PHE J 8 -8.13 55.13 0.95
CA PHE J 8 -8.32 54.63 2.30
C PHE J 8 -8.47 55.81 3.24
N LEU J 9 -9.56 55.82 4.01
CA LEU J 9 -9.84 56.85 5.00
C LEU J 9 -10.00 56.18 6.36
N ALA J 10 -9.42 56.80 7.39
CA ALA J 10 -9.70 56.37 8.76
C ALA J 10 -9.77 57.63 9.63
N LYS J 11 -10.80 57.70 10.46
CA LYS J 11 -11.11 58.92 11.19
C LYS J 11 -11.64 58.59 12.58
N GLU J 12 -11.01 59.15 13.61
CA GLU J 12 -11.47 59.02 14.99
C GLU J 12 -12.04 60.36 15.42
N ASN J 13 -13.37 60.42 15.57
CA ASN J 13 -14.08 61.67 15.85
C ASN J 13 -13.70 62.63 14.72
N GLN J 14 -13.22 63.84 15.02
CA GLN J 14 -12.88 64.78 13.96
C GLN J 14 -11.46 64.60 13.46
N THR J 15 -10.69 63.66 14.01
CA THR J 15 -9.28 63.52 13.69
C THR J 15 -9.08 62.50 12.58
N VAL J 16 -8.50 62.94 11.48
CA VAL J 16 -8.16 62.04 10.39
C VAL J 16 -6.89 61.29 10.79
N LEU J 17 -6.97 59.97 10.79
CA LEU J 17 -5.80 59.16 11.14
C LEU J 17 -5.05 58.68 9.90
N LYS J 18 -5.77 58.46 8.80
CA LYS J 18 -5.19 58.03 7.54
C LYS J 18 -6.03 58.62 6.43
N ARG J 19 -5.36 59.18 5.42
CA ARG J 19 -6.02 59.58 4.18
C ARG J 19 -5.00 59.38 3.07
N GLU J 20 -5.23 58.37 2.21
CA GLU J 20 -4.31 58.00 1.15
C GLU J 20 -5.11 57.68 -0.10
N GLY J 21 -4.42 57.75 -1.24
CA GLY J 21 -5.03 57.52 -2.54
C GLY J 21 -5.48 58.82 -3.17
N ASN J 22 -6.12 58.69 -4.33
CA ASN J 22 -6.56 59.84 -5.10
C ASN J 22 -8.07 59.91 -5.28
N ASP J 23 -8.81 58.94 -4.78
CA ASP J 23 -10.22 58.82 -5.12
C ASP J 23 -11.16 59.16 -3.97
N CYS J 24 -10.66 59.80 -2.91
CA CYS J 24 -11.47 59.96 -1.70
C CYS J 24 -12.76 60.75 -1.95
N ASP J 25 -12.75 61.68 -2.91
CA ASP J 25 -13.93 62.49 -3.21
C ASP J 25 -14.68 62.04 -4.46
N GLN J 26 -14.27 60.94 -5.07
CA GLN J 26 -14.95 60.43 -6.24
C GLN J 26 -16.13 59.55 -5.82
N ARG J 27 -17.30 59.78 -6.42
CA ARG J 27 -18.46 58.97 -6.12
C ARG J 27 -18.47 57.68 -6.95
N TYR J 28 -18.96 56.61 -6.33
CA TYR J 28 -19.13 55.31 -6.98
C TYR J 28 -20.41 54.66 -6.46
N SER J 29 -20.91 53.67 -7.19
CA SER J 29 -22.03 52.88 -6.69
C SER J 29 -21.68 52.31 -5.31
N PRO J 30 -22.61 52.33 -4.36
CA PRO J 30 -22.32 51.76 -3.03
C PRO J 30 -22.23 50.26 -3.06
N ALA J 31 -22.81 49.62 -4.06
CA ALA J 31 -22.95 48.17 -4.13
C ALA J 31 -23.49 47.66 -2.78
N SER J 32 -22.96 46.54 -2.26
CA SER J 32 -23.60 46.00 -1.06
C SER J 32 -23.31 46.80 0.20
N THR J 33 -22.49 47.87 0.15
CA THR J 33 -22.36 48.67 1.36
C THR J 33 -23.63 49.44 1.66
N PHE J 34 -24.55 49.54 0.70
CA PHE J 34 -25.85 50.15 0.93
C PHE J 34 -26.73 49.31 1.88
N KCX J 35 -26.33 48.07 2.11
CA KCX J 35 -27.08 47.25 3.06
CB KCX J 35 -26.60 45.82 3.08
CG KCX J 35 -26.99 45.02 1.84
CD KCX J 35 -26.59 43.51 1.98
CE KCX J 35 -26.31 42.87 0.63
NZ KCX J 35 -27.35 43.37 -0.24
C KCX J 35 -26.99 47.85 4.46
O KCX J 35 -27.89 47.62 5.26
CX KCX J 35 -27.13 43.86 -1.46
OQ1 KCX J 35 -26.00 43.90 -1.96
OQ2 KCX J 35 -28.11 44.26 -2.08
N ILE J 36 -25.94 48.63 4.75
CA ILE J 36 -25.94 49.35 6.01
C ILE J 36 -27.16 50.28 6.07
N ALA J 37 -27.38 51.07 5.03
CA ALA J 37 -28.53 51.97 5.03
C ALA J 37 -29.83 51.20 5.02
N LEU J 38 -29.92 50.12 4.24
CA LEU J 38 -31.13 49.28 4.22
C LEU J 38 -31.43 48.73 5.60
N SER J 39 -30.40 48.30 6.33
CA SER J 39 -30.60 47.74 7.66
C SER J 39 -31.25 48.76 8.58
N LEU J 40 -30.75 50.00 8.56
CA LEU J 40 -31.35 51.04 9.38
C LEU J 40 -32.80 51.31 8.98
N MSE J 41 -33.11 51.25 7.69
CA MSE J 41 -34.50 51.44 7.22
C MSE J 41 -35.38 50.30 7.67
O MSE J 41 -36.51 50.52 8.10
CB MSE J 41 -34.57 51.51 5.70
CG MSE J 41 -33.77 52.59 5.06
SE MSE J 41 -33.98 52.46 3.15
CE MSE J 41 -32.47 53.59 2.66
N GLY J 42 -34.87 49.09 7.51
CA GLY J 42 -35.68 47.91 7.78
C GLY J 42 -36.08 47.79 9.24
N PHE J 43 -35.12 47.99 10.14
CA PHE J 43 -35.44 47.92 11.57
C PHE J 43 -36.26 49.13 12.00
N ASP J 44 -35.91 50.33 11.52
CA ASP J 44 -36.66 51.52 11.91
C ASP J 44 -38.10 51.42 11.46
N SER J 45 -38.35 50.83 10.29
CA SER J 45 -39.71 50.77 9.77
C SER J 45 -40.50 49.61 10.36
N GLY J 46 -39.86 48.69 11.08
CA GLY J 46 -40.54 47.56 11.64
C GLY J 46 -40.60 46.33 10.74
N ILE J 47 -40.17 46.42 9.49
CA ILE J 47 -40.20 45.25 8.64
C ILE J 47 -39.23 44.18 9.15
N LEU J 48 -38.01 44.58 9.52
CA LEU J 48 -37.06 43.72 10.22
C LEU J 48 -37.29 43.82 11.73
N LYS J 49 -37.27 42.68 12.41
CA LYS J 49 -37.62 42.64 13.83
C LYS J 49 -36.40 42.52 14.73
N ASP J 50 -35.49 41.60 14.42
CA ASP J 50 -34.27 41.41 15.20
C ASP J 50 -33.29 40.61 14.34
N GLU J 51 -32.18 40.16 14.94
CA GLU J 51 -31.13 39.55 14.14
C GLU J 51 -31.62 38.37 13.35
N LEU J 52 -32.62 37.65 13.85
CA LEU J 52 -33.04 36.41 13.24
C LEU J 52 -34.42 36.49 12.60
N HIS J 53 -35.11 37.63 12.68
CA HIS J 53 -36.49 37.70 12.17
C HIS J 53 -36.68 39.00 11.42
N PRO J 54 -37.40 38.98 10.28
CA PRO J 54 -38.03 37.78 9.74
C PRO J 54 -37.10 36.89 8.91
N GLU J 55 -37.39 35.59 8.91
CA GLU J 55 -36.74 34.64 8.01
C GLU J 55 -37.61 34.46 6.77
N TRP J 56 -37.05 34.76 5.59
CA TRP J 56 -37.77 34.63 4.34
C TRP J 56 -37.23 33.46 3.53
N PRO J 57 -38.08 32.78 2.78
CA PRO J 57 -37.62 31.61 2.02
C PRO J 57 -36.99 32.01 0.68
N TYR J 58 -36.10 31.15 0.21
CA TYR J 58 -35.63 31.29 -1.16
C TYR J 58 -36.75 30.95 -2.14
N LYS J 59 -36.81 31.71 -3.24
CA LYS J 59 -37.73 31.46 -4.34
C LYS J 59 -36.95 31.24 -5.64
N LYS J 60 -37.51 30.41 -6.52
CA LYS J 60 -36.82 30.04 -7.75
C LYS J 60 -36.55 31.23 -8.66
N GLU J 61 -37.35 32.30 -8.56
CA GLU J 61 -37.18 33.44 -9.47
C GLU J 61 -35.94 34.24 -9.12
N TYR J 62 -35.52 34.21 -7.85
CA TYR J 62 -34.30 34.88 -7.42
C TYR J 62 -33.08 34.26 -8.10
N GLU J 63 -32.22 35.11 -8.66
CA GLU J 63 -30.99 34.60 -9.27
C GLU J 63 -30.06 34.04 -8.19
N LEU J 64 -29.57 32.82 -8.45
CA LEU J 64 -28.65 32.15 -7.53
C LEU J 64 -27.21 32.40 -7.99
N TYR J 65 -26.74 33.61 -7.72
CA TYR J 65 -25.39 33.99 -8.12
C TYR J 65 -24.34 33.41 -7.18
N LEU J 66 -24.64 33.34 -5.88
CA LEU J 66 -23.88 32.58 -4.91
C LEU J 66 -24.77 31.45 -4.39
N ASN J 67 -24.22 30.24 -4.30
CA ASN J 67 -25.04 29.11 -3.85
C ASN J 67 -25.58 29.30 -2.42
N VAL J 68 -24.88 29.99 -1.52
CA VAL J 68 -25.41 30.13 -0.17
C VAL J 68 -26.71 30.93 -0.12
N TRP J 69 -27.07 31.60 -1.22
CA TRP J 69 -28.32 32.33 -1.26
C TRP J 69 -29.53 31.41 -1.42
N LYS J 70 -29.34 30.10 -1.59
CA LYS J 70 -30.49 29.21 -1.76
C LYS J 70 -31.15 28.86 -0.43
N TYR J 71 -30.59 29.25 0.64
CA TYR J 71 -31.03 28.95 1.99
C TYR J 71 -31.94 30.05 2.50
N PRO J 72 -32.87 29.73 3.41
CA PRO J 72 -33.67 30.79 4.02
C PRO J 72 -32.75 31.84 4.62
N GLN J 73 -33.19 33.11 4.61
CA GLN J 73 -32.36 34.23 5.02
C GLN J 73 -33.05 35.05 6.08
N ASN J 74 -32.26 35.53 7.05
CA ASN J 74 -32.75 36.45 8.06
C ASN J 74 -31.81 37.64 8.09
N PRO J 75 -32.03 38.67 8.92
CA PRO J 75 -31.12 39.84 8.88
C PRO J 75 -29.67 39.48 9.17
N HIS J 76 -29.41 38.48 10.01
CA HIS J 76 -28.04 38.06 10.26
C HIS J 76 -27.39 37.48 9.01
N THR J 77 -28.05 36.52 8.36
CA THR J 77 -27.43 35.85 7.22
C THR J 77 -27.41 36.74 5.99
N TRP J 78 -28.43 37.59 5.85
CA TRP J 78 -28.49 38.64 4.82
C TRP J 78 -27.18 39.40 4.68
N ILE J 79 -26.68 39.95 5.79
CA ILE J 79 -25.42 40.69 5.77
C ILE J 79 -24.23 39.76 5.56
N ARG J 80 -24.19 38.67 6.33
CA ARG J 80 -23.10 37.71 6.24
C ARG J 80 -22.91 37.20 4.81
N ASP J 81 -24.00 36.85 4.14
CA ASP J 81 -23.91 36.28 2.82
C ASP J 81 -23.99 37.33 1.74
N SER J 82 -24.27 38.58 2.13
CA SER J 82 -24.52 39.68 1.20
C SER J 82 -25.66 39.33 0.23
N CYS J 83 -26.78 38.92 0.79
CA CYS J 83 -27.84 38.31 0.00
C CYS J 83 -28.69 39.37 -0.69
N VAL J 84 -28.49 39.53 -2.00
CA VAL J 84 -29.15 40.60 -2.75
C VAL J 84 -30.68 40.44 -2.74
N TRP J 85 -31.19 39.22 -2.92
CA TRP J 85 -32.64 39.10 -3.02
C TRP J 85 -33.35 39.40 -1.70
N TYR J 86 -32.66 39.31 -0.57
CA TYR J 86 -33.28 39.74 0.67
C TYR J 86 -33.44 41.26 0.71
N SER J 87 -32.41 42.00 0.27
CA SER J 87 -32.55 43.45 0.12
C SER J 87 -33.75 43.78 -0.75
N GLN J 88 -33.94 43.02 -1.83
CA GLN J 88 -34.96 43.36 -2.79
C GLN J 88 -36.35 42.99 -2.29
N ALA J 89 -36.48 41.93 -1.49
CA ALA J 89 -37.74 41.69 -0.83
C ALA J 89 -38.05 42.82 0.13
N LEU J 90 -37.03 43.33 0.82
CA LEU J 90 -37.21 44.38 1.83
C LEU J 90 -37.67 45.69 1.19
N THR J 91 -37.00 46.14 0.12
CA THR J 91 -37.40 47.40 -0.52
C THR J 91 -38.76 47.30 -1.20
N ARG J 92 -39.11 46.14 -1.77
CA ARG J 92 -40.46 46.01 -2.32
C ARG J 92 -41.50 46.18 -1.24
N GLN J 93 -41.19 45.79 0.00
CA GLN J 93 -42.12 46.03 1.09
C GLN J 93 -42.03 47.46 1.62
N LEU J 94 -40.85 48.09 1.55
CA LEU J 94 -40.78 49.51 1.88
C LEU J 94 -41.64 50.31 0.93
N GLY J 95 -41.64 49.95 -0.35
CA GLY J 95 -42.27 50.76 -1.38
C GLY J 95 -41.44 52.00 -1.68
N MSE J 96 -41.67 52.59 -2.86
CA MSE J 96 -40.80 53.69 -3.29
C MSE J 96 -40.90 54.91 -2.38
O MSE J 96 -39.88 55.52 -2.05
CB MSE J 96 -41.10 54.08 -4.74
CG MSE J 96 -40.20 55.23 -5.24
SE MSE J 96 -38.24 54.96 -5.11
CE MSE J 96 -37.94 54.02 -6.78
N LYS J 97 -42.13 55.27 -2.00
CA LYS J 97 -42.32 56.46 -1.18
C LYS J 97 -41.48 56.42 0.09
N ARG J 98 -41.58 55.33 0.86
CA ARG J 98 -40.79 55.26 2.09
C ARG J 98 -39.29 55.14 1.81
N PHE J 99 -38.91 54.51 0.69
CA PHE J 99 -37.51 54.27 0.37
C PHE J 99 -36.79 55.55 -0.09
N LYS J 100 -37.42 56.31 -0.99
CA LYS J 100 -36.89 57.62 -1.33
C LYS J 100 -36.81 58.51 -0.10
N GLY J 101 -37.79 58.42 0.81
CA GLY J 101 -37.80 59.27 1.98
C GLY J 101 -36.62 58.99 2.90
N TYR J 102 -36.28 57.71 3.08
CA TYR J 102 -35.11 57.36 3.90
C TYR J 102 -33.80 57.79 3.24
N VAL J 103 -33.66 57.57 1.93
CA VAL J 103 -32.43 57.95 1.25
C VAL J 103 -32.21 59.45 1.36
N ASP J 104 -33.28 60.23 1.21
CA ASP J 104 -33.20 61.68 1.38
C ASP J 104 -32.92 62.06 2.83
N ALA J 105 -33.62 61.44 3.78
CA ALA J 105 -33.40 61.79 5.19
C ALA J 105 -32.00 61.40 5.64
N PHE J 106 -31.43 60.37 5.04
CA PHE J 106 -30.05 59.99 5.36
C PHE J 106 -29.04 60.87 4.63
N HIS J 107 -29.48 61.74 3.73
CA HIS J 107 -28.63 62.46 2.78
C HIS J 107 -27.56 61.52 2.22
N TYR J 108 -28.00 60.38 1.70
CA TYR J 108 -27.10 59.33 1.28
C TYR J 108 -26.56 59.64 -0.12
N GLY J 109 -25.31 60.07 -0.20
CA GLY J 109 -24.69 60.26 -1.50
C GLY J 109 -25.46 61.22 -2.37
N ASN J 110 -25.62 60.85 -3.65
CA ASN J 110 -26.34 61.70 -4.60
C ASN J 110 -27.85 61.52 -4.55
N GLN J 111 -28.36 60.59 -3.73
CA GLN J 111 -29.78 60.46 -3.39
C GLN J 111 -30.64 60.10 -4.59
N ASP J 112 -30.03 59.52 -5.63
CA ASP J 112 -30.67 59.24 -6.90
C ASP J 112 -31.07 57.76 -6.92
N VAL J 113 -32.38 57.48 -6.86
CA VAL J 113 -32.86 56.11 -6.80
C VAL J 113 -33.69 55.79 -8.04
N SER J 114 -33.39 56.44 -9.16
CA SER J 114 -34.14 56.19 -10.39
C SER J 114 -33.77 54.87 -11.05
N GLY J 115 -32.60 54.33 -10.76
CA GLY J 115 -32.23 53.01 -11.26
C GLY J 115 -31.50 53.05 -12.58
N ASP J 116 -31.36 51.87 -13.18
CA ASP J 116 -30.85 51.78 -14.55
C ASP J 116 -31.73 52.60 -15.47
N LYS J 117 -31.09 53.36 -16.36
CA LYS J 117 -31.84 54.18 -17.30
C LYS J 117 -32.52 53.31 -18.34
N GLY J 118 -33.81 53.55 -18.57
CA GLY J 118 -34.59 52.71 -19.44
C GLY J 118 -35.65 51.91 -18.69
N GLN J 119 -35.24 51.24 -17.61
CA GLN J 119 -36.17 50.46 -16.81
C GLN J 119 -36.82 51.36 -15.76
N ASN J 120 -37.70 50.77 -14.96
CA ASN J 120 -38.18 51.44 -13.76
C ASN J 120 -37.90 50.53 -12.59
N ASN J 121 -36.61 50.26 -12.34
CA ASN J 121 -36.19 49.30 -11.33
C ASN J 121 -35.42 49.94 -10.18
N GLY J 122 -35.51 51.27 -10.03
CA GLY J 122 -34.78 51.94 -8.98
C GLY J 122 -35.03 51.35 -7.61
N LEU J 123 -36.27 50.95 -7.33
CA LEU J 123 -36.62 50.41 -6.02
C LEU J 123 -35.78 49.19 -5.66
N THR J 124 -35.46 48.35 -6.64
CA THR J 124 -34.73 47.12 -6.38
C THR J 124 -33.35 47.10 -7.02
N HIS J 125 -32.90 48.18 -7.66
CA HIS J 125 -31.61 48.18 -8.35
C HIS J 125 -30.79 49.45 -8.14
N ALA J 126 -31.31 50.47 -7.47
CA ALA J 126 -30.62 51.75 -7.35
C ALA J 126 -29.18 51.63 -6.84
N TRP J 127 -28.90 50.66 -5.98
CA TRP J 127 -27.59 50.53 -5.38
C TRP J 127 -26.70 49.50 -6.06
N LEU J 128 -27.18 48.81 -7.10
CA LEU J 128 -26.44 47.74 -7.77
C LEU J 128 -25.85 48.27 -9.08
N SER J 129 -24.64 48.85 -8.99
CA SER J 129 -23.93 49.44 -10.13
C SER J 129 -24.90 50.24 -11.01
N SER J 130 -25.62 51.17 -10.39
CA SER J 130 -26.69 51.88 -11.07
C SER J 130 -26.70 53.36 -10.75
N SER J 131 -27.85 53.90 -10.34
CA SER J 131 -27.99 55.35 -10.26
C SER J 131 -27.40 55.93 -8.97
N LEU J 132 -27.54 55.21 -7.86
CA LEU J 132 -27.09 55.75 -6.59
C LEU J 132 -25.56 55.78 -6.54
N SER J 133 -25.00 56.82 -5.93
CA SER J 133 -23.57 57.00 -5.96
C SER J 133 -23.12 57.69 -4.66
N ILE J 134 -21.90 57.39 -4.22
CA ILE J 134 -21.42 57.95 -2.95
C ILE J 134 -19.90 57.85 -2.89
N SER J 135 -19.29 58.85 -2.29
CA SER J 135 -17.83 58.93 -2.25
C SER J 135 -17.32 58.34 -0.95
N PRO J 136 -16.04 57.93 -0.92
CA PRO J 136 -15.46 57.45 0.35
C PRO J 136 -15.56 58.48 1.46
N THR J 137 -15.27 59.75 1.15
CA THR J 137 -15.45 60.84 2.11
C THR J 137 -16.87 60.88 2.64
N GLU J 138 -17.87 60.64 1.79
CA GLU J 138 -19.26 60.63 2.24
C GLU J 138 -19.63 59.33 2.95
N GLN J 139 -18.92 58.22 2.72
CA GLN J 139 -19.15 57.03 3.53
C GLN J 139 -18.71 57.27 4.98
N ILE J 140 -17.55 57.91 5.18
CA ILE J 140 -17.12 58.26 6.54
C ILE J 140 -18.17 59.14 7.23
N GLN J 141 -18.69 60.15 6.53
CA GLN J 141 -19.71 61.00 7.15
C GLN J 141 -20.96 60.20 7.52
N PHE J 142 -21.41 59.33 6.62
CA PHE J 142 -22.59 58.51 6.89
C PHE J 142 -22.35 57.57 8.06
N LEU J 143 -21.20 56.90 8.08
CA LEU J 143 -20.85 56.04 9.21
C LEU J 143 -20.76 56.83 10.51
N GLN J 144 -20.26 58.08 10.45
CA GLN J 144 -20.19 58.88 11.68
C GLN J 144 -21.57 59.32 12.15
N LYS J 145 -22.53 59.50 11.24
CA LYS J 145 -23.90 59.77 11.68
C LYS J 145 -24.51 58.57 12.38
N ILE J 146 -24.01 57.35 12.10
CA ILE J 146 -24.45 56.18 12.85
C ILE J 146 -23.83 56.18 14.24
N ILE J 147 -22.51 56.37 14.33
CA ILE J 147 -21.83 56.37 15.63
C ILE J 147 -22.46 57.38 16.57
N TYR J 148 -22.69 58.60 16.08
CA TYR J 148 -23.27 59.67 16.88
C TYR J 148 -24.79 59.61 16.95
N LYS J 149 -25.42 58.62 16.31
CA LYS J 149 -26.89 58.50 16.29
C LYS J 149 -27.55 59.79 15.83
N LYS J 150 -27.07 60.33 14.72
CA LYS J 150 -27.69 61.52 14.17
C LYS J 150 -28.63 61.21 13.03
N LEU J 151 -28.83 60.04 12.74
CA LEU J 151 -29.85 59.76 11.75
C LEU J 151 -31.22 59.67 12.42
N PRO J 152 -32.29 59.97 11.69
CA PRO J 152 -33.64 59.90 12.29
C PRO J 152 -34.22 58.49 12.26
N VAL J 153 -33.62 57.58 13.02
CA VAL J 153 -34.11 56.21 13.17
C VAL J 153 -34.24 55.90 14.65
N SER J 154 -34.91 54.79 14.95
CA SER J 154 -35.14 54.40 16.33
C SER J 154 -33.88 53.80 16.95
N GLN J 155 -33.83 53.85 18.29
CA GLN J 155 -32.71 53.27 19.02
C GLN J 155 -32.50 51.81 18.70
N LYS J 156 -33.59 51.10 18.39
CA LYS J 156 -33.50 49.69 18.04
C LYS J 156 -32.84 49.49 16.69
N ALA J 157 -33.06 50.41 15.76
CA ALA J 157 -32.40 50.33 14.45
C ALA J 157 -30.89 50.39 14.60
N TYR J 158 -30.38 51.28 15.46
CA TYR J 158 -28.94 51.36 15.65
C TYR J 158 -28.39 50.09 16.29
N THR J 159 -29.13 49.52 17.22
CA THR J 159 -28.66 48.36 17.96
C THR J 159 -28.61 47.13 17.08
N MSE J 160 -29.69 46.86 16.35
CA MSE J 160 -29.76 45.68 15.48
C MSE J 160 -28.83 45.81 14.27
O MSE J 160 -28.22 44.82 13.86
CB MSE J 160 -31.19 45.46 15.01
CG MSE J 160 -32.16 45.16 16.15
SE MSE J 160 -31.73 43.46 17.00
CE MSE J 160 -31.13 44.13 18.72
N THR J 161 -28.75 47.02 13.69
CA THR J 161 -27.84 47.21 12.57
C THR J 161 -26.40 46.95 13.00
N LYS J 162 -26.01 47.47 14.16
CA LYS J 162 -24.68 47.19 14.69
C LYS J 162 -24.47 45.70 14.91
N ASN J 163 -25.46 45.01 15.46
CA ASN J 163 -25.26 43.59 15.78
C ASN J 163 -24.99 42.75 14.53
N ILE J 164 -25.76 42.97 13.46
CA ILE J 164 -25.56 42.15 12.27
C ILE J 164 -24.35 42.59 11.45
N MSE J 165 -23.76 43.75 11.75
CA MSE J 165 -22.54 44.17 11.04
C MSE J 165 -21.24 43.66 11.69
O MSE J 165 -20.15 43.88 11.17
CB MSE J 165 -22.48 45.69 10.95
CG MSE J 165 -23.41 46.29 9.94
SE MSE J 165 -23.27 48.21 10.09
CE MSE J 165 -21.54 48.41 9.23
N TYR J 166 -21.36 42.98 12.83
CA TYR J 166 -20.17 42.50 13.52
C TYR J 166 -19.43 41.48 12.67
N ILE J 167 -18.10 41.54 12.69
CA ILE J 167 -17.30 40.62 11.87
C ILE J 167 -16.32 39.79 12.71
N GLN J 168 -15.44 40.43 13.47
CA GLN J 168 -14.46 39.66 14.21
C GLN J 168 -13.77 40.57 15.22
N GLU J 169 -13.05 39.94 16.14
CA GLU J 169 -12.13 40.62 17.06
C GLU J 169 -10.74 40.72 16.42
N LEU J 170 -10.07 41.85 16.63
CA LEU J 170 -8.75 42.13 16.09
C LEU J 170 -7.72 42.21 17.20
N PRO J 171 -6.42 42.20 16.87
CA PRO J 171 -5.40 42.34 17.92
C PRO J 171 -5.68 43.53 18.81
N GLY J 172 -5.40 43.37 20.10
CA GLY J 172 -5.69 44.39 21.07
C GLY J 172 -7.11 44.40 21.55
N GLY J 173 -7.97 43.52 21.04
CA GLY J 173 -9.37 43.56 21.44
C GLY J 173 -10.22 44.59 20.75
N TRP J 174 -9.77 45.17 19.63
CA TRP J 174 -10.64 46.02 18.81
C TRP J 174 -11.66 45.14 18.08
N LYS J 175 -12.93 45.54 18.09
CA LYS J 175 -13.96 44.77 17.39
C LYS J 175 -14.27 45.39 16.02
N LEU J 176 -14.31 44.56 15.00
CA LEU J 176 -14.48 45.01 13.61
C LEU J 176 -15.95 44.89 13.21
N TYR J 177 -16.52 45.99 12.72
CA TYR J 177 -17.87 46.04 12.15
C TYR J 177 -17.75 46.60 10.75
N GLY J 178 -18.53 46.07 9.81
CA GLY J 178 -18.48 46.67 8.49
C GLY J 178 -19.19 45.85 7.44
N LYS J 179 -18.96 46.25 6.19
CA LYS J 179 -19.64 45.66 5.04
C LYS J 179 -18.78 45.85 3.80
N THR J 180 -18.55 44.77 3.08
CA THR J 180 -17.98 44.80 1.74
C THR J 180 -19.07 45.07 0.69
N GLY J 181 -18.60 45.47 -0.49
CA GLY J 181 -19.46 45.60 -1.65
C GLY J 181 -18.67 45.61 -2.96
N THR J 182 -19.21 44.95 -3.98
CA THR J 182 -18.56 44.85 -5.29
C THR J 182 -19.51 45.34 -6.37
N GLY J 183 -19.02 46.22 -7.23
CA GLY J 183 -19.80 46.71 -8.35
C GLY J 183 -19.00 46.61 -9.65
N ARG J 184 -19.67 46.96 -10.73
CA ARG J 184 -19.05 47.10 -12.03
C ARG J 184 -19.09 48.57 -12.43
N GLN J 185 -17.99 49.06 -12.99
CA GLN J 185 -17.95 50.43 -13.47
C GLN J 185 -18.82 50.59 -14.71
N LEU J 186 -19.37 51.77 -14.87
CA LEU J 186 -20.30 52.03 -15.97
C LEU J 186 -19.61 52.81 -17.08
N THR J 187 -20.13 52.65 -18.29
CA THR J 187 -19.77 53.55 -19.38
C THR J 187 -20.45 54.89 -19.14
N LYS J 188 -19.65 55.95 -18.98
CA LYS J 188 -20.21 57.29 -18.95
C LYS J 188 -21.12 57.50 -20.15
N ASP J 189 -20.72 56.99 -21.31
CA ASP J 189 -21.52 57.02 -22.54
C ASP J 189 -22.81 56.22 -22.37
N LYS J 190 -23.94 56.92 -22.27
CA LYS J 190 -25.22 56.33 -21.90
C LYS J 190 -24.99 55.61 -20.57
N SER J 191 -25.36 54.34 -20.44
CA SER J 191 -24.89 53.53 -19.32
C SER J 191 -25.06 52.07 -19.67
N GLN J 192 -23.95 51.33 -19.67
CA GLN J 192 -23.91 49.88 -19.64
C GLN J 192 -22.82 49.48 -18.66
N LYS J 193 -22.91 48.27 -18.14
CA LYS J 193 -21.97 47.81 -17.14
C LYS J 193 -20.72 47.25 -17.80
N LEU J 194 -19.56 47.80 -17.48
CA LEU J 194 -18.29 47.36 -18.03
C LEU J 194 -17.80 46.11 -17.30
N PRO J 195 -16.79 45.42 -17.86
CA PRO J 195 -16.21 44.28 -17.14
C PRO J 195 -15.28 44.66 -15.99
N LEU J 196 -14.86 45.93 -15.90
CA LEU J 196 -13.99 46.36 -14.82
C LEU J 196 -14.76 46.46 -13.52
N GLN J 197 -14.12 46.06 -12.43
CA GLN J 197 -14.78 46.11 -11.12
C GLN J 197 -14.27 47.28 -10.28
N HIS J 198 -15.06 47.61 -9.26
CA HIS J 198 -14.61 48.40 -8.15
C HIS J 198 -15.19 47.77 -6.90
N GLY J 199 -14.57 48.06 -5.76
CA GLY J 199 -14.89 47.34 -4.54
C GLY J 199 -14.68 48.19 -3.32
N TRP J 200 -15.50 47.90 -2.31
CA TRP J 200 -15.57 48.65 -1.05
C TRP J 200 -15.33 47.75 0.14
N PHE J 201 -14.71 48.33 1.17
CA PHE J 201 -14.86 47.84 2.53
C PHE J 201 -15.00 49.03 3.46
N VAL J 202 -16.14 49.17 4.14
CA VAL J 202 -16.36 50.29 5.04
C VAL J 202 -16.92 49.76 6.36
N GLY J 203 -16.69 50.52 7.43
CA GLY J 203 -17.11 50.10 8.76
C GLY J 203 -16.34 50.84 9.85
N TRP J 204 -16.14 50.18 10.99
CA TRP J 204 -15.49 50.86 12.11
C TRP J 204 -14.89 49.82 13.03
N ILE J 205 -13.92 50.26 13.83
CA ILE J 205 -13.39 49.42 14.90
C ILE J 205 -13.66 50.14 16.21
N GLU J 206 -13.88 49.33 17.27
CA GLU J 206 -14.37 49.76 18.57
C GLU J 206 -13.51 49.15 19.66
N LYS J 207 -13.16 49.93 20.66
CA LYS J 207 -12.54 49.35 21.86
C LYS J 207 -12.83 50.30 23.02
N ASP J 208 -13.47 49.79 24.07
CA ASP J 208 -13.89 50.66 25.17
C ASP J 208 -14.72 51.81 24.59
N GLU J 209 -14.28 53.05 24.79
CA GLU J 209 -15.06 54.18 24.32
C GLU J 209 -14.64 54.70 22.94
N ARG J 210 -13.57 54.18 22.35
CA ARG J 210 -13.04 54.71 21.10
C ARG J 210 -13.68 54.05 19.89
N VAL J 211 -14.07 54.86 18.90
CA VAL J 211 -14.60 54.37 17.64
C VAL J 211 -13.80 55.00 16.52
N ILE J 212 -13.34 54.18 15.58
CA ILE J 212 -12.59 54.63 14.42
C ILE J 212 -13.31 54.13 13.18
N THR J 213 -13.83 55.05 12.37
CA THR J 213 -14.51 54.66 11.15
C THR J 213 -13.48 54.61 10.02
N PHE J 214 -13.75 53.77 9.03
CA PHE J 214 -12.84 53.63 7.91
C PHE J 214 -13.66 53.37 6.66
N ALA J 215 -13.05 53.65 5.53
CA ALA J 215 -13.65 53.45 4.22
C ALA J 215 -12.50 53.15 3.28
N LYS J 216 -12.61 52.03 2.58
CA LYS J 216 -11.64 51.63 1.58
C LYS J 216 -12.35 51.45 0.24
N HIS J 217 -11.76 51.98 -0.83
CA HIS J 217 -12.32 51.75 -2.16
C HIS J 217 -11.17 51.51 -3.14
N ILE J 218 -11.37 50.57 -4.08
CA ILE J 218 -10.46 50.35 -5.19
C ILE J 218 -11.27 50.27 -6.48
N ALA J 219 -10.69 50.77 -7.57
CA ALA J 219 -11.25 50.68 -8.91
C ALA J 219 -10.22 50.02 -9.81
N ASP J 220 -10.59 48.87 -10.39
CA ASP J 220 -9.67 48.17 -11.29
C ASP J 220 -9.58 48.87 -12.63
N SER J 221 -8.37 48.86 -13.21
CA SER J 221 -8.19 49.29 -14.59
C SER J 221 -8.16 48.14 -15.58
N LYS J 222 -8.00 46.90 -15.11
CA LYS J 222 -8.06 45.73 -15.98
C LYS J 222 -8.87 44.64 -15.28
N GLU J 223 -9.26 43.64 -16.06
CA GLU J 223 -10.04 42.56 -15.50
C GLU J 223 -9.24 41.84 -14.43
N ASN J 224 -9.95 41.18 -13.51
CA ASN J 224 -9.35 40.58 -12.34
C ASN J 224 -10.16 39.36 -11.98
N THR J 225 -9.47 38.27 -11.66
CA THR J 225 -10.15 37.01 -11.40
C THR J 225 -10.74 36.95 -9.98
N THR J 226 -10.39 37.89 -9.11
CA THR J 226 -10.86 37.95 -7.73
C THR J 226 -11.77 39.17 -7.53
N PHE J 227 -12.86 38.99 -6.78
CA PHE J 227 -13.78 40.06 -6.44
C PHE J 227 -13.06 41.27 -5.85
N ALA J 228 -13.43 42.47 -6.31
CA ALA J 228 -12.80 43.68 -5.81
C ALA J 228 -13.03 43.89 -4.32
N SER J 229 -14.22 43.54 -3.81
CA SER J 229 -14.48 43.76 -2.39
C SER J 229 -13.60 42.89 -1.52
N PHE J 230 -13.32 41.64 -1.94
CA PHE J 230 -12.36 40.83 -1.17
C PHE J 230 -11.00 41.50 -1.13
N ARG J 231 -10.54 42.02 -2.29
CA ARG J 231 -9.25 42.68 -2.31
C ARG J 231 -9.25 43.95 -1.47
N ALA J 232 -10.35 44.70 -1.50
CA ALA J 232 -10.45 45.88 -0.64
C ALA J 232 -10.44 45.48 0.84
N LYS J 233 -11.22 44.47 1.20
CA LYS J 233 -11.24 44.08 2.61
C LYS J 233 -9.88 43.56 3.04
N ASN J 234 -9.24 42.75 2.19
CA ASN J 234 -7.95 42.14 2.53
C ASN J 234 -6.88 43.19 2.78
N ASP J 235 -6.83 44.25 1.95
CA ASP J 235 -5.88 45.33 2.18
C ASP J 235 -6.23 46.12 3.44
N THR J 236 -7.51 46.42 3.64
CA THR J 236 -7.94 47.15 4.83
C THR J 236 -7.52 46.45 6.11
N LEU J 237 -7.68 45.12 6.19
CA LEU J 237 -7.30 44.42 7.42
C LEU J 237 -5.83 44.62 7.75
N ILE J 238 -4.97 44.68 6.72
CA ILE J 238 -3.56 44.94 6.98
C ILE J 238 -3.37 46.36 7.46
N GLN J 239 -4.09 47.31 6.84
CA GLN J 239 -3.99 48.70 7.28
C GLN J 239 -4.48 48.88 8.71
N LEU J 240 -5.60 48.22 9.06
CA LEU J 240 -6.10 48.33 10.43
C LEU J 240 -5.14 47.70 11.42
N PHE J 241 -4.47 46.62 11.03
CA PHE J 241 -3.47 46.01 11.91
C PHE J 241 -2.35 47.01 12.22
N ASN J 242 -1.79 47.64 11.19
CA ASN J 242 -0.76 48.65 11.39
C ASN J 242 -1.31 49.86 12.14
N LEU J 243 -2.57 50.21 11.90
CA LEU J 243 -3.14 51.36 12.60
C LEU J 243 -3.26 51.07 14.08
N ILE J 244 -3.78 49.87 14.43
CA ILE J 244 -3.91 49.47 15.83
C ILE J 244 -2.53 49.48 16.50
N ASN J 245 -1.51 48.98 15.81
CA ASN J 245 -0.18 48.99 16.41
C ASN J 245 0.29 50.41 16.70
N GLU J 246 -0.03 51.37 15.82
CA GLU J 246 0.35 52.76 16.04
C GLU J 246 -0.40 53.35 17.22
N LEU J 247 -1.72 53.15 17.27
CA LEU J 247 -2.54 53.71 18.35
C LEU J 247 -2.24 53.08 19.70
N GLU J 248 -1.66 51.89 19.74
CA GLU J 248 -1.36 51.23 21.01
C GLU J 248 0.04 51.52 21.52
N LYS J 249 0.86 52.27 20.78
CA LYS J 249 2.18 52.68 21.25
C LYS J 249 2.07 53.50 22.53
N GLN K 4 9.69 50.34 5.89
CA GLN K 4 9.93 51.78 5.74
C GLN K 4 9.26 52.59 6.86
N ASP K 5 10.05 53.39 7.57
CA ASP K 5 9.56 54.27 8.64
C ASP K 5 9.35 55.66 8.04
N THR K 6 8.15 55.93 7.53
CA THR K 6 7.93 57.17 6.83
C THR K 6 6.67 57.86 7.34
N CYS K 7 6.57 59.15 7.03
CA CYS K 7 5.37 59.91 7.28
C CYS K 7 5.22 60.95 6.18
N PHE K 8 4.02 61.06 5.60
CA PHE K 8 3.67 62.21 4.78
C PHE K 8 2.37 62.83 5.29
N LEU K 9 2.40 64.14 5.52
CA LEU K 9 1.25 64.91 6.01
C LEU K 9 1.01 66.09 5.09
N ALA K 10 -0.25 66.32 4.72
CA ALA K 10 -0.61 67.49 3.95
C ALA K 10 -1.92 68.02 4.51
N LYS K 11 -1.97 69.34 4.77
CA LYS K 11 -3.11 69.92 5.45
C LYS K 11 -3.43 71.29 4.88
N GLU K 12 -4.73 71.53 4.64
CA GLU K 12 -5.21 72.82 4.16
C GLU K 12 -6.11 73.41 5.25
N ASN K 13 -5.60 74.42 5.95
CA ASN K 13 -6.31 75.03 7.06
C ASN K 13 -6.63 73.96 8.10
N GLN K 14 -7.91 73.67 8.30
CA GLN K 14 -8.33 72.66 9.26
C GLN K 14 -8.41 71.25 8.68
N THR K 15 -8.26 71.10 7.37
CA THR K 15 -8.56 69.84 6.71
C THR K 15 -7.30 69.07 6.37
N VAL K 16 -7.19 67.86 6.91
CA VAL K 16 -6.14 66.94 6.50
C VAL K 16 -6.48 66.40 5.12
N LEU K 17 -5.58 66.65 4.15
CA LEU K 17 -5.68 66.15 2.78
C LEU K 17 -4.94 64.82 2.57
N LYS K 18 -3.80 64.63 3.22
CA LYS K 18 -3.04 63.39 3.14
C LYS K 18 -2.48 63.09 4.52
N ARG K 19 -2.55 61.82 4.92
CA ARG K 19 -1.89 61.34 6.13
C ARG K 19 -1.50 59.91 5.87
N GLU K 20 -0.20 59.67 5.66
CA GLU K 20 0.32 58.37 5.27
C GLU K 20 1.56 58.08 6.09
N GLY K 21 1.75 56.80 6.42
CA GLY K 21 2.93 56.34 7.12
C GLY K 21 2.62 55.90 8.54
N ASN K 22 3.69 55.60 9.27
CA ASN K 22 3.60 55.06 10.61
C ASN K 22 4.30 55.90 11.66
N ASP K 23 5.13 56.86 11.26
CA ASP K 23 5.97 57.63 12.19
C ASP K 23 5.47 59.05 12.39
N CYS K 24 4.20 59.34 12.05
CA CYS K 24 3.76 60.73 11.99
C CYS K 24 3.76 61.40 13.36
N ASP K 25 3.63 60.64 14.44
CA ASP K 25 3.70 61.19 15.78
C ASP K 25 5.03 60.92 16.48
N GLN K 26 6.03 60.41 15.77
CA GLN K 26 7.32 60.10 16.38
C GLN K 26 8.25 61.29 16.24
N ARG K 27 8.89 61.67 17.33
CA ARG K 27 9.76 62.83 17.33
C ARG K 27 11.15 62.48 16.81
N TYR K 28 11.72 63.40 16.04
CA TYR K 28 13.07 63.30 15.50
C TYR K 28 13.73 64.66 15.58
N SER K 29 15.06 64.66 15.48
CA SER K 29 15.80 65.91 15.34
C SER K 29 15.28 66.67 14.12
N PRO K 30 15.03 67.99 14.23
CA PRO K 30 14.61 68.76 13.04
C PRO K 30 15.70 68.89 11.99
N ALA K 31 16.97 68.68 12.35
CA ALA K 31 18.08 68.96 11.46
C ALA K 31 17.91 70.35 10.88
N SER K 32 18.28 70.56 9.61
CA SER K 32 18.23 71.90 9.04
C SER K 32 16.81 72.48 8.93
N THR K 33 15.75 71.70 9.15
CA THR K 33 14.44 72.34 9.09
C THR K 33 14.22 73.32 10.23
N PHE K 34 15.05 73.28 11.25
CA PHE K 34 15.03 74.26 12.33
C PHE K 34 15.40 75.66 11.83
N KCX K 35 16.07 75.74 10.67
CA KCX K 35 16.41 77.03 10.09
CB KCX K 35 17.23 76.85 8.81
CG KCX K 35 18.70 76.57 9.07
CD KCX K 35 19.50 76.48 7.78
CE KCX K 35 20.96 76.02 8.00
NZ KCX K 35 21.06 74.56 8.33
C KCX K 35 15.15 77.86 9.84
O KCX K 35 15.21 79.09 9.80
CX KCX K 35 21.32 74.12 9.57
OQ1 KCX K 35 21.49 74.92 10.50
OQ2 KCX K 35 21.38 72.89 9.82
N ILE K 36 14.00 77.21 9.70
CA ILE K 36 12.75 77.96 9.59
C ILE K 36 12.48 78.72 10.89
N ALA K 37 12.61 78.03 12.02
CA ALA K 37 12.45 78.70 13.31
C ALA K 37 13.53 79.77 13.51
N LEU K 38 14.79 79.45 13.15
CA LEU K 38 15.88 80.41 13.35
C LEU K 38 15.67 81.67 12.52
N SER K 39 15.12 81.51 11.32
CA SER K 39 14.79 82.66 10.50
C SER K 39 13.84 83.59 11.24
N LEU K 40 12.75 83.03 11.76
CA LEU K 40 11.80 83.85 12.51
C LEU K 40 12.48 84.56 13.68
N MSE K 41 13.35 83.87 14.42
CA MSE K 41 14.04 84.54 15.52
C MSE K 41 14.94 85.65 15.00
O MSE K 41 14.93 86.77 15.50
CB MSE K 41 14.90 83.57 16.35
CG MSE K 41 14.20 82.33 16.79
SE MSE K 41 15.47 81.14 17.65
CE MSE K 41 14.33 79.57 17.67
N GLY K 42 15.74 85.30 13.98
CA GLY K 42 16.68 86.26 13.41
C GLY K 42 16.01 87.56 12.98
N PHE K 43 14.96 87.47 12.16
CA PHE K 43 14.32 88.69 11.67
C PHE K 43 13.53 89.38 12.77
N ASP K 44 12.92 88.62 13.69
CA ASP K 44 12.21 89.24 14.79
C ASP K 44 13.14 89.97 15.74
N SER K 45 14.27 89.34 16.09
CA SER K 45 15.26 89.94 16.99
C SER K 45 16.03 91.10 16.38
N GLY K 46 15.91 91.35 15.09
CA GLY K 46 16.64 92.41 14.43
C GLY K 46 18.01 92.03 13.90
N ILE K 47 18.55 90.85 14.25
CA ILE K 47 19.89 90.46 13.80
C ILE K 47 19.93 90.32 12.28
N LEU K 48 18.94 89.67 11.70
CA LEU K 48 18.78 89.63 10.25
C LEU K 48 17.88 90.78 9.82
N LYS K 49 18.26 91.46 8.74
CA LYS K 49 17.56 92.67 8.29
C LYS K 49 16.70 92.46 7.06
N ASP K 50 17.19 91.79 6.02
CA ASP K 50 16.34 91.45 4.89
C ASP K 50 16.99 90.30 4.13
N GLU K 51 16.45 89.99 2.95
CA GLU K 51 16.87 88.78 2.24
C GLU K 51 18.37 88.72 2.02
N LEU K 52 19.05 89.86 1.88
CA LEU K 52 20.47 89.89 1.53
C LEU K 52 21.36 90.51 2.60
N HIS K 53 20.86 90.73 3.82
CA HIS K 53 21.63 91.39 4.87
C HIS K 53 21.22 90.80 6.21
N PRO K 54 22.16 90.62 7.15
CA PRO K 54 23.56 90.94 6.95
C PRO K 54 24.29 89.81 6.24
N GLU K 55 25.32 90.17 5.48
CA GLU K 55 26.19 89.20 4.83
C GLU K 55 27.42 89.00 5.69
N TRP K 56 27.66 87.76 6.12
CA TRP K 56 28.75 87.42 7.02
C TRP K 56 29.86 86.64 6.29
N PRO K 57 31.12 86.86 6.64
CA PRO K 57 32.22 86.23 5.91
C PRO K 57 32.49 84.80 6.36
N TYR K 58 33.14 84.05 5.48
CA TYR K 58 33.61 82.72 5.83
C TYR K 58 34.92 82.81 6.60
N LYS K 59 35.10 81.89 7.55
CA LYS K 59 36.31 81.78 8.35
C LYS K 59 36.80 80.34 8.30
N LYS K 60 38.13 80.18 8.21
CA LYS K 60 38.71 78.85 8.09
C LYS K 60 38.37 77.95 9.28
N GLU K 61 38.07 78.54 10.44
CA GLU K 61 37.66 77.74 11.58
C GLU K 61 36.42 76.91 11.27
N TYR K 62 35.54 77.43 10.40
CA TYR K 62 34.27 76.79 10.14
C TYR K 62 34.45 75.50 9.35
N GLU K 63 33.71 74.47 9.73
CA GLU K 63 33.75 73.21 8.98
C GLU K 63 33.19 73.42 7.58
N LEU K 64 33.96 73.03 6.58
CA LEU K 64 33.56 73.14 5.19
C LEU K 64 33.04 71.79 4.69
N TYR K 65 31.86 71.43 5.21
CA TYR K 65 31.27 70.14 4.87
C TYR K 65 30.73 70.13 3.43
N LEU K 66 30.13 71.23 2.98
CA LEU K 66 29.84 71.47 1.58
C LEU K 66 30.72 72.61 1.10
N ASN K 67 31.15 72.53 -0.16
CA ASN K 67 32.12 73.51 -0.64
C ASN K 67 31.48 74.88 -0.87
N VAL K 68 30.17 74.94 -1.15
CA VAL K 68 29.52 76.24 -1.36
C VAL K 68 29.44 77.05 -0.08
N TRP K 69 29.68 76.44 1.09
CA TRP K 69 29.77 77.19 2.33
C TRP K 69 31.02 78.06 2.42
N LYS K 70 31.94 77.96 1.46
CA LYS K 70 33.13 78.80 1.47
C LYS K 70 32.86 80.24 1.03
N TYR K 71 31.66 80.53 0.48
CA TYR K 71 31.31 81.86 0.00
C TYR K 71 30.63 82.67 1.09
N PRO K 72 30.74 84.01 1.05
CA PRO K 72 29.96 84.83 1.99
C PRO K 72 28.51 84.44 1.93
N GLN K 73 27.83 84.49 3.06
CA GLN K 73 26.47 84.02 3.18
C GLN K 73 25.58 85.15 3.65
N ASN K 74 24.34 85.14 3.19
CA ASN K 74 23.27 86.03 3.64
C ASN K 74 22.04 85.19 3.87
N PRO K 75 20.97 85.76 4.47
CA PRO K 75 19.79 84.91 4.76
C PRO K 75 19.30 84.12 3.55
N HIS K 76 19.36 84.70 2.36
CA HIS K 76 18.95 83.99 1.16
C HIS K 76 19.84 82.77 0.91
N THR K 77 21.17 82.98 0.80
CA THR K 77 22.09 81.86 0.56
C THR K 77 22.13 80.88 1.73
N TRP K 78 21.99 81.39 2.95
CA TRP K 78 21.80 80.57 4.14
C TRP K 78 20.78 79.46 3.91
N ILE K 79 19.55 79.85 3.59
CA ILE K 79 18.52 78.83 3.37
C ILE K 79 18.83 78.02 2.12
N ARG K 80 19.28 78.68 1.06
CA ARG K 80 19.55 77.97 -0.20
C ARG K 80 20.65 76.91 -0.02
N ASP K 81 21.78 77.30 0.57
CA ASP K 81 22.91 76.39 0.71
C ASP K 81 22.83 75.53 1.98
N SER K 82 21.84 75.78 2.84
CA SER K 82 21.70 75.14 4.15
C SER K 82 22.98 75.25 4.96
N CYS K 83 23.40 76.49 5.19
CA CYS K 83 24.72 76.78 5.73
C CYS K 83 24.70 76.74 7.26
N VAL K 84 25.32 75.71 7.83
CA VAL K 84 25.24 75.51 9.28
C VAL K 84 25.97 76.60 10.04
N TRP K 85 27.13 77.06 9.55
CA TRP K 85 27.87 78.03 10.33
C TRP K 85 27.13 79.37 10.39
N TYR K 86 26.35 79.72 9.38
CA TYR K 86 25.52 80.91 9.47
C TYR K 86 24.49 80.77 10.59
N SER K 87 23.83 79.60 10.66
CA SER K 87 22.94 79.31 11.79
C SER K 87 23.65 79.56 13.12
N GLN K 88 24.85 78.98 13.28
CA GLN K 88 25.56 79.06 14.55
C GLN K 88 26.05 80.47 14.84
N ALA K 89 26.36 81.27 13.81
CA ALA K 89 26.73 82.66 14.05
C ALA K 89 25.52 83.45 14.53
N LEU K 90 24.39 83.30 13.84
CA LEU K 90 23.14 83.91 14.28
C LEU K 90 22.79 83.51 15.70
N THR K 91 22.99 82.25 16.05
CA THR K 91 22.57 81.78 17.34
C THR K 91 23.55 82.17 18.45
N ARG K 92 24.83 82.37 18.11
CA ARG K 92 25.74 82.93 19.10
C ARG K 92 25.41 84.38 19.39
N GLN K 93 24.79 85.08 18.45
CA GLN K 93 24.40 86.47 18.65
C GLN K 93 23.06 86.62 19.35
N LEU K 94 22.20 85.61 19.31
CA LEU K 94 21.02 85.64 20.15
C LEU K 94 21.40 85.42 21.61
N GLY K 95 22.27 84.45 21.86
CA GLY K 95 22.57 84.00 23.21
C GLY K 95 21.52 83.05 23.77
N MSE K 96 21.95 82.26 24.75
CA MSE K 96 21.10 81.19 25.27
C MSE K 96 19.76 81.70 25.83
O MSE K 96 18.75 81.01 25.71
CB MSE K 96 21.84 80.40 26.34
CG MSE K 96 21.07 79.20 26.87
SE MSE K 96 20.42 78.02 25.46
CE MSE K 96 21.96 76.82 25.36
N LYS K 97 19.75 82.89 26.45
CA LYS K 97 18.51 83.36 27.07
C LYS K 97 17.46 83.69 26.02
N ARG K 98 17.84 84.44 24.97
CA ARG K 98 16.90 84.74 23.90
C ARG K 98 16.54 83.49 23.11
N PHE K 99 17.55 82.64 22.86
CA PHE K 99 17.36 81.43 22.06
C PHE K 99 16.40 80.45 22.75
N LYS K 100 16.62 80.19 24.04
CA LYS K 100 15.69 79.33 24.77
C LYS K 100 14.30 79.95 24.85
N GLY K 101 14.22 81.27 24.96
CA GLY K 101 12.92 81.92 25.06
C GLY K 101 12.09 81.78 23.80
N TYR K 102 12.72 81.90 22.63
CA TYR K 102 12.00 81.77 21.37
C TYR K 102 11.53 80.34 21.16
N VAL K 103 12.40 79.36 21.40
CA VAL K 103 12.01 77.95 21.35
C VAL K 103 10.81 77.69 22.24
N ASP K 104 10.83 78.23 23.47
CA ASP K 104 9.71 78.03 24.39
C ASP K 104 8.44 78.74 23.88
N ALA K 105 8.59 79.95 23.34
CA ALA K 105 7.42 80.71 22.89
C ALA K 105 6.88 80.21 21.55
N PHE K 106 7.71 79.53 20.77
CA PHE K 106 7.22 78.85 19.58
C PHE K 106 6.60 77.51 19.93
N HIS K 107 6.76 77.04 21.18
CA HIS K 107 6.36 75.69 21.59
C HIS K 107 6.87 74.66 20.60
N TYR K 108 8.16 74.73 20.30
CA TYR K 108 8.77 73.97 19.22
C TYR K 108 9.17 72.57 19.72
N GLY K 109 8.36 71.56 19.39
CA GLY K 109 8.69 70.18 19.71
C GLY K 109 8.94 69.98 21.19
N ASN K 110 9.91 69.13 21.53
CA ASN K 110 10.21 68.88 22.93
C ASN K 110 10.86 70.07 23.62
N GLN K 111 11.31 71.08 22.86
CA GLN K 111 11.87 72.33 23.37
C GLN K 111 13.16 72.12 24.17
N ASP K 112 13.87 71.03 23.91
CA ASP K 112 15.10 70.69 24.64
C ASP K 112 16.30 71.22 23.86
N VAL K 113 16.98 72.22 24.42
CA VAL K 113 18.14 72.82 23.77
C VAL K 113 19.37 72.64 24.66
N SER K 114 19.37 71.61 25.50
CA SER K 114 20.53 71.41 26.35
C SER K 114 21.73 70.92 25.56
N GLY K 115 21.51 70.39 24.36
CA GLY K 115 22.60 70.01 23.48
C GLY K 115 23.00 68.56 23.61
N ASP K 116 24.09 68.23 22.92
CA ASP K 116 24.66 66.89 22.96
C ASP K 116 25.05 66.53 24.39
N LYS K 117 24.97 65.23 24.69
CA LYS K 117 25.13 64.72 26.05
C LYS K 117 26.51 65.01 26.62
N GLY K 118 26.56 65.85 27.66
CA GLY K 118 27.78 66.13 28.39
C GLY K 118 28.76 67.07 27.72
N GLN K 119 28.36 67.76 26.65
CA GLN K 119 29.27 68.66 25.94
C GLN K 119 28.91 70.14 26.08
N ASN K 120 27.71 70.46 26.55
CA ASN K 120 27.29 71.84 26.81
C ASN K 120 27.39 72.73 25.55
N ASN K 121 27.01 72.18 24.41
CA ASN K 121 26.98 72.92 23.15
C ASN K 121 25.55 73.23 22.71
N GLY K 122 24.66 73.42 23.67
CA GLY K 122 23.25 73.54 23.34
C GLY K 122 22.95 74.71 22.43
N LEU K 123 23.65 75.83 22.63
CA LEU K 123 23.34 77.05 21.87
C LEU K 123 23.58 76.86 20.38
N THR K 124 24.57 76.05 20.01
CA THR K 124 25.03 75.94 18.64
C THR K 124 24.80 74.57 18.01
N HIS K 125 24.34 73.57 18.77
CA HIS K 125 24.19 72.21 18.24
C HIS K 125 22.82 71.57 18.47
N ALA K 126 21.92 72.23 19.22
CA ALA K 126 20.69 71.57 19.67
C ALA K 126 19.88 70.93 18.54
N TRP K 127 19.93 71.49 17.33
CA TRP K 127 19.16 70.98 16.20
C TRP K 127 19.96 70.06 15.28
N LEU K 128 21.20 69.73 15.63
CA LEU K 128 22.08 68.97 14.74
C LEU K 128 22.25 67.55 15.25
N SER K 129 21.19 66.74 15.08
CA SER K 129 21.12 65.37 15.60
C SER K 129 21.51 65.34 17.08
N SER K 130 20.78 66.11 17.87
CA SER K 130 21.11 66.34 19.26
C SER K 130 19.86 66.32 20.14
N SER K 131 19.72 67.31 21.01
CA SER K 131 18.65 67.28 22.01
C SER K 131 17.29 67.70 21.44
N LEU K 132 17.25 68.51 20.39
CA LEU K 132 15.97 69.02 19.89
C LEU K 132 15.22 67.95 19.11
N SER K 133 13.94 67.82 19.41
CA SER K 133 13.13 66.80 18.76
C SER K 133 11.74 67.33 18.44
N ILE K 134 11.24 66.97 17.27
CA ILE K 134 9.91 67.38 16.81
C ILE K 134 9.37 66.30 15.90
N SER K 135 8.05 66.04 15.99
CA SER K 135 7.36 65.06 15.16
C SER K 135 6.86 65.72 13.88
N PRO K 136 6.58 64.92 12.83
CA PRO K 136 5.92 65.50 11.63
C PRO K 136 4.61 66.23 11.94
N THR K 137 3.74 65.64 12.78
CA THR K 137 2.52 66.33 13.21
C THR K 137 2.82 67.69 13.84
N GLU K 138 3.92 67.78 14.61
CA GLU K 138 4.27 69.05 15.23
C GLU K 138 4.83 70.04 14.22
N GLN K 139 5.53 69.54 13.19
CA GLN K 139 5.98 70.44 12.12
C GLN K 139 4.79 71.11 11.43
N ILE K 140 3.75 70.33 11.12
CA ILE K 140 2.57 70.91 10.50
C ILE K 140 1.98 72.01 11.39
N GLN K 141 1.88 71.75 12.70
CA GLN K 141 1.35 72.77 13.61
C GLN K 141 2.24 74.01 13.64
N PHE K 142 3.56 73.84 13.58
CA PHE K 142 4.46 74.98 13.56
C PHE K 142 4.34 75.76 12.26
N LEU K 143 4.29 75.08 11.11
CA LEU K 143 4.16 75.78 9.83
C LEU K 143 2.79 76.47 9.72
N GLN K 144 1.74 75.83 10.24
CA GLN K 144 0.43 76.47 10.26
C GLN K 144 0.42 77.73 11.13
N LYS K 145 1.17 77.72 12.24
CA LYS K 145 1.30 78.95 13.03
C LYS K 145 1.96 80.06 12.24
N ILE K 146 2.88 79.72 11.33
CA ILE K 146 3.48 80.72 10.46
C ILE K 146 2.46 81.24 9.46
N ILE K 147 1.76 80.33 8.78
CA ILE K 147 0.81 80.71 7.74
C ILE K 147 -0.31 81.59 8.30
N TYR K 148 -0.82 81.25 9.49
CA TYR K 148 -1.92 82.00 10.08
C TYR K 148 -1.47 82.97 11.17
N LYS K 149 -0.15 83.20 11.27
CA LYS K 149 0.41 84.31 12.04
C LYS K 149 0.01 84.24 13.51
N LYS K 150 0.30 83.09 14.11
CA LYS K 150 0.00 82.81 15.50
C LYS K 150 1.27 82.73 16.35
N LEU K 151 2.38 83.25 15.84
CA LEU K 151 3.62 83.27 16.61
C LEU K 151 3.90 84.67 17.13
N PRO K 152 4.52 84.80 18.31
CA PRO K 152 4.87 86.12 18.87
C PRO K 152 6.08 86.77 18.20
N VAL K 153 5.98 87.02 16.89
CA VAL K 153 7.01 87.73 16.14
C VAL K 153 6.39 88.85 15.31
N SER K 154 7.24 89.70 14.75
CA SER K 154 6.79 90.85 13.99
C SER K 154 6.31 90.43 12.60
N GLN K 155 5.60 91.34 11.94
CA GLN K 155 5.06 91.06 10.61
C GLN K 155 6.18 90.89 9.59
N LYS K 156 7.30 91.59 9.80
CA LYS K 156 8.44 91.46 8.90
C LYS K 156 9.08 90.10 9.01
N ALA K 157 9.09 89.51 10.21
CA ALA K 157 9.65 88.18 10.38
C ALA K 157 8.92 87.16 9.52
N TYR K 158 7.57 87.18 9.56
CA TYR K 158 6.76 86.36 8.65
C TYR K 158 7.16 86.59 7.19
N THR K 159 7.23 87.86 6.79
CA THR K 159 7.46 88.20 5.40
C THR K 159 8.85 87.75 4.92
N MSE K 160 9.90 88.12 5.64
CA MSE K 160 11.26 87.76 5.24
C MSE K 160 11.47 86.26 5.27
O MSE K 160 12.15 85.71 4.39
CB MSE K 160 12.29 88.45 6.13
CG MSE K 160 12.29 89.96 6.00
SE MSE K 160 12.72 90.48 4.17
CE MSE K 160 10.94 90.94 3.58
N THR K 161 10.90 85.59 6.27
CA THR K 161 11.06 84.14 6.36
C THR K 161 10.43 83.45 5.15
N LYS K 162 9.22 83.85 4.79
CA LYS K 162 8.57 83.29 3.61
C LYS K 162 9.41 83.53 2.37
N ASN K 163 9.94 84.75 2.20
CA ASN K 163 10.66 85.11 0.96
C ASN K 163 11.89 84.24 0.73
N ILE K 164 12.65 83.93 1.80
CA ILE K 164 13.85 83.12 1.62
C ILE K 164 13.54 81.63 1.65
N MSE K 165 12.31 81.24 1.92
CA MSE K 165 11.94 79.82 1.85
C MSE K 165 11.44 79.40 0.44
O MSE K 165 11.18 78.23 0.21
CB MSE K 165 10.87 79.53 2.89
CG MSE K 165 11.46 79.38 4.28
SE MSE K 165 10.10 79.04 5.55
CE MSE K 165 9.63 77.26 4.92
N TYR K 166 11.33 80.37 -0.46
CA TYR K 166 10.86 80.10 -1.81
C TYR K 166 11.75 79.09 -2.52
N ILE K 167 11.14 78.18 -3.27
CA ILE K 167 11.91 77.17 -3.98
C ILE K 167 11.63 77.24 -5.48
N GLN K 168 10.37 77.15 -5.90
CA GLN K 168 10.07 77.07 -7.33
C GLN K 168 8.56 77.11 -7.54
N GLU K 169 8.17 77.19 -8.80
CA GLU K 169 6.77 77.17 -9.22
C GLU K 169 6.44 75.78 -9.75
N LEU K 170 5.35 75.18 -9.26
CA LEU K 170 4.88 73.86 -9.64
C LEU K 170 3.76 73.95 -10.67
N PRO K 171 3.41 72.84 -11.33
CA PRO K 171 2.32 72.87 -12.31
C PRO K 171 1.04 73.47 -11.74
N GLY K 172 0.33 74.21 -12.58
CA GLY K 172 -0.87 74.91 -12.18
C GLY K 172 -0.63 76.24 -11.51
N GLY K 173 0.63 76.59 -11.27
CA GLY K 173 0.91 77.87 -10.66
C GLY K 173 1.02 77.83 -9.16
N TRP K 174 1.09 76.65 -8.57
CA TRP K 174 1.33 76.53 -7.13
C TRP K 174 2.79 76.87 -6.83
N LYS K 175 3.01 77.66 -5.80
CA LYS K 175 4.35 78.09 -5.44
C LYS K 175 4.83 77.27 -4.25
N LEU K 176 6.00 76.65 -4.41
CA LEU K 176 6.57 75.77 -3.40
C LEU K 176 7.52 76.54 -2.49
N TYR K 177 7.25 76.48 -1.19
CA TYR K 177 8.13 76.97 -0.13
C TYR K 177 8.48 75.81 0.78
N GLY K 178 9.73 75.71 1.21
CA GLY K 178 10.05 74.63 2.12
C GLY K 178 11.51 74.61 2.50
N LYS K 179 11.88 73.52 3.17
CA LYS K 179 13.22 73.35 3.70
C LYS K 179 13.50 71.87 3.91
N THR K 180 14.67 71.41 3.47
CA THR K 180 15.15 70.05 3.71
C THR K 180 16.00 69.98 4.97
N GLY K 181 16.16 68.76 5.49
CA GLY K 181 17.10 68.51 6.57
C GLY K 181 17.48 67.04 6.70
N THR K 182 18.77 66.74 6.83
CA THR K 182 19.24 65.37 7.06
C THR K 182 19.92 65.27 8.41
N GLY K 183 19.63 64.18 9.13
CA GLY K 183 20.27 63.91 10.39
C GLY K 183 20.68 62.46 10.50
N ARG K 184 21.37 62.16 11.59
CA ARG K 184 21.77 60.80 11.89
C ARG K 184 21.05 60.38 13.16
N GLN K 185 20.55 59.14 13.15
CA GLN K 185 19.80 58.64 14.30
C GLN K 185 20.76 58.33 15.45
N LEU K 186 20.28 58.59 16.67
CA LEU K 186 21.12 58.47 17.85
C LEU K 186 20.92 57.10 18.50
N THR K 187 22.00 56.58 19.09
CA THR K 187 21.91 55.33 19.83
C THR K 187 21.01 55.51 21.06
N LYS K 188 20.66 54.38 21.68
CA LYS K 188 19.90 54.40 22.92
C LYS K 188 20.73 55.11 23.99
N ASP K 189 20.18 56.22 24.51
CA ASP K 189 20.87 57.09 25.45
C ASP K 189 22.04 57.83 24.79
N LYS K 190 21.73 58.60 23.74
CA LYS K 190 22.60 59.51 22.99
C LYS K 190 24.07 59.09 22.90
N SER K 191 24.96 60.10 22.81
CA SER K 191 26.42 59.98 22.86
C SER K 191 27.04 59.53 21.54
N GLN K 192 26.28 58.80 20.73
CA GLN K 192 26.75 58.27 19.46
C GLN K 192 25.70 58.49 18.39
N LYS K 193 26.14 58.95 17.21
CA LYS K 193 25.29 59.10 16.05
C LYS K 193 25.51 57.90 15.14
N LEU K 194 24.47 57.08 14.98
CA LEU K 194 24.56 55.91 14.12
C LEU K 194 24.76 56.33 12.67
N PRO K 195 25.30 55.42 11.84
CA PRO K 195 25.41 55.72 10.40
C PRO K 195 24.08 55.79 9.68
N LEU K 196 22.98 55.38 10.32
CA LEU K 196 21.67 55.40 9.70
C LEU K 196 21.13 56.83 9.67
N GLN K 197 20.66 57.25 8.49
CA GLN K 197 20.13 58.60 8.30
C GLN K 197 18.63 58.65 8.54
N HIS K 198 18.16 59.87 8.83
CA HIS K 198 16.76 60.24 8.64
C HIS K 198 16.73 61.58 7.93
N GLY K 199 15.60 61.86 7.29
CA GLY K 199 15.50 63.01 6.41
C GLY K 199 14.13 63.65 6.41
N TRP K 200 14.14 64.97 6.23
CA TRP K 200 12.96 65.82 6.28
C TRP K 200 12.80 66.60 4.99
N PHE K 201 11.54 66.86 4.62
CA PHE K 201 11.21 67.97 3.71
C PHE K 201 9.85 68.51 4.15
N VAL K 202 9.80 69.78 4.55
CA VAL K 202 8.59 70.40 5.08
C VAL K 202 8.41 71.77 4.44
N GLY K 203 7.16 72.18 4.27
CA GLY K 203 6.90 73.53 3.76
C GLY K 203 5.43 73.71 3.43
N TRP K 204 5.18 74.49 2.40
CA TRP K 204 3.81 74.62 1.95
C TRP K 204 3.79 74.95 0.46
N ILE K 205 2.63 74.74 -0.14
CA ILE K 205 2.37 75.21 -1.51
C ILE K 205 1.25 76.24 -1.44
N GLU K 206 1.27 77.15 -2.39
CA GLU K 206 0.49 78.38 -2.31
C GLU K 206 -0.02 78.75 -3.69
N LYS K 207 -1.29 79.12 -3.76
CA LYS K 207 -1.87 79.60 -5.00
C LYS K 207 -3.11 80.43 -4.65
N ASP K 208 -3.17 81.65 -5.20
CA ASP K 208 -4.22 82.59 -4.83
C ASP K 208 -4.22 82.68 -3.31
N GLU K 209 -5.32 82.31 -2.67
CA GLU K 209 -5.38 82.43 -1.22
C GLU K 209 -5.46 81.07 -0.52
N ARG K 210 -5.16 79.99 -1.25
CA ARG K 210 -5.08 78.65 -0.67
C ARG K 210 -3.63 78.33 -0.32
N VAL K 211 -3.44 77.71 0.83
CA VAL K 211 -2.14 77.32 1.34
C VAL K 211 -2.28 75.91 1.88
N ILE K 212 -1.38 75.03 1.48
CA ILE K 212 -1.39 73.64 1.90
C ILE K 212 -0.05 73.36 2.54
N THR K 213 -0.02 73.14 3.86
CA THR K 213 1.27 72.80 4.44
C THR K 213 1.52 71.31 4.32
N PHE K 214 2.79 70.92 4.38
CA PHE K 214 3.13 69.50 4.23
C PHE K 214 4.39 69.20 5.03
N ALA K 215 4.57 67.92 5.34
CA ALA K 215 5.74 67.45 6.07
C ALA K 215 6.01 66.01 5.65
N LYS K 216 7.20 65.75 5.10
CA LYS K 216 7.61 64.40 4.78
C LYS K 216 8.78 64.02 5.68
N HIS K 217 8.75 62.76 6.16
CA HIS K 217 9.87 62.27 6.95
C HIS K 217 10.19 60.82 6.60
N ILE K 218 11.47 60.51 6.56
CA ILE K 218 11.93 59.14 6.36
C ILE K 218 13.05 58.88 7.36
N ALA K 219 13.02 57.67 7.94
CA ALA K 219 14.06 57.16 8.82
C ALA K 219 14.60 55.89 8.20
N ASP K 220 15.88 55.88 7.84
CA ASP K 220 16.48 54.71 7.22
C ASP K 220 16.68 53.59 8.24
N SER K 221 16.57 52.35 7.75
CA SER K 221 16.88 51.18 8.57
C SER K 221 18.17 50.51 8.17
N LYS K 222 18.75 50.88 7.03
CA LYS K 222 20.07 50.43 6.61
C LYS K 222 20.81 51.62 6.04
N GLU K 223 22.13 51.48 5.92
CA GLU K 223 22.94 52.54 5.35
C GLU K 223 22.53 52.81 3.90
N ASN K 224 22.75 54.04 3.47
CA ASN K 224 22.24 54.54 2.20
C ASN K 224 23.23 55.61 1.72
N THR K 225 23.46 55.63 0.42
CA THR K 225 24.48 56.53 -0.14
C THR K 225 23.92 57.93 -0.40
N THR K 226 22.66 58.01 -0.82
CA THR K 226 22.00 59.28 -1.08
C THR K 226 21.54 59.92 0.23
N PHE K 227 21.85 61.21 0.39
CA PHE K 227 21.31 62.00 1.49
C PHE K 227 19.81 61.79 1.65
N ALA K 228 19.38 61.56 2.90
CA ALA K 228 17.97 61.23 3.13
C ALA K 228 17.05 62.41 2.83
N SER K 229 17.50 63.64 3.10
CA SER K 229 16.60 64.77 2.83
C SER K 229 16.30 64.89 1.34
N PHE K 230 17.26 64.53 0.48
CA PHE K 230 17.00 64.52 -0.96
C PHE K 230 15.92 63.51 -1.32
N ARG K 231 16.01 62.29 -0.76
CA ARG K 231 14.97 61.30 -1.00
C ARG K 231 13.63 61.76 -0.44
N ALA K 232 13.64 62.39 0.73
CA ALA K 232 12.41 62.99 1.26
C ALA K 232 11.85 64.02 0.28
N LYS K 233 12.68 64.96 -0.17
CA LYS K 233 12.20 65.99 -1.08
C LYS K 233 11.67 65.38 -2.37
N ASN K 234 12.43 64.43 -2.95
CA ASN K 234 12.03 63.88 -4.24
C ASN K 234 10.70 63.14 -4.15
N ASP K 235 10.46 62.41 -3.05
CA ASP K 235 9.17 61.76 -2.84
C ASP K 235 8.05 62.81 -2.71
N THR K 236 8.29 63.84 -1.90
CA THR K 236 7.31 64.90 -1.72
C THR K 236 6.91 65.55 -3.04
N LEU K 237 7.89 65.87 -3.90
CA LEU K 237 7.55 66.54 -5.17
C LEU K 237 6.58 65.69 -5.98
N ILE K 238 6.78 64.37 -5.99
CA ILE K 238 5.84 63.50 -6.68
C ILE K 238 4.47 63.55 -6.02
N GLN K 239 4.44 63.54 -4.69
CA GLN K 239 3.14 63.52 -4.01
C GLN K 239 2.42 64.85 -4.17
N LEU K 240 3.15 65.97 -4.23
CA LEU K 240 2.53 67.27 -4.47
C LEU K 240 2.03 67.38 -5.90
N PHE K 241 2.73 66.79 -6.86
CA PHE K 241 2.24 66.76 -8.22
C PHE K 241 0.89 66.06 -8.28
N ASN K 242 0.81 64.88 -7.65
CA ASN K 242 -0.44 64.13 -7.57
C ASN K 242 -1.51 64.89 -6.78
N LEU K 243 -1.14 65.50 -5.65
CA LEU K 243 -2.11 66.28 -4.89
C LEU K 243 -2.71 67.39 -5.74
N ILE K 244 -1.83 68.13 -6.44
CA ILE K 244 -2.27 69.26 -7.24
C ILE K 244 -3.24 68.81 -8.31
N ASN K 245 -2.94 67.68 -8.95
CA ASN K 245 -3.82 67.16 -9.99
C ASN K 245 -5.19 66.82 -9.41
N GLU K 246 -5.24 66.23 -8.22
CA GLU K 246 -6.52 65.97 -7.57
C GLU K 246 -7.26 67.26 -7.23
N LEU K 247 -6.54 68.28 -6.77
CA LEU K 247 -7.21 69.52 -6.34
C LEU K 247 -7.75 70.36 -7.50
N GLU K 248 -7.16 70.24 -8.68
CA GLU K 248 -7.63 70.94 -9.88
C GLU K 248 -8.73 70.16 -10.62
N LYS K 249 -9.46 69.28 -9.92
CA LYS K 249 -10.55 68.43 -10.44
C LYS K 249 -10.02 67.25 -11.23
N GLN L 4 18.87 49.91 -15.31
CA GLN L 4 19.78 49.01 -16.01
C GLN L 4 19.97 49.44 -17.47
N ASP L 5 19.44 50.61 -17.81
CA ASP L 5 19.60 51.19 -19.15
C ASP L 5 19.40 52.71 -18.99
N THR L 6 20.41 53.37 -18.45
CA THR L 6 20.35 54.77 -18.08
C THR L 6 21.55 55.51 -18.65
N CYS L 7 21.53 56.83 -18.54
CA CYS L 7 22.60 57.65 -19.08
C CYS L 7 22.57 59.02 -18.42
N PHE L 8 23.76 59.51 -18.04
CA PHE L 8 23.91 60.88 -17.56
C PHE L 8 25.14 61.49 -18.23
N LEU L 9 24.94 62.58 -18.96
CA LEU L 9 25.99 63.34 -19.62
C LEU L 9 26.01 64.77 -19.10
N ALA L 10 27.19 65.26 -18.73
CA ALA L 10 27.36 66.65 -18.32
C ALA L 10 28.58 67.20 -19.03
N LYS L 11 28.42 68.36 -19.68
CA LYS L 11 29.43 68.86 -20.59
C LYS L 11 29.58 70.37 -20.46
N GLU L 12 30.78 70.83 -20.13
CA GLU L 12 31.09 72.25 -20.14
C GLU L 12 31.85 72.58 -21.42
N ASN L 13 31.23 73.40 -22.28
CA ASN L 13 31.86 73.85 -23.51
C ASN L 13 32.24 72.65 -24.35
N GLN L 14 33.53 72.30 -24.38
CA GLN L 14 34.03 71.18 -25.15
C GLN L 14 34.55 70.04 -24.27
N THR L 15 34.55 70.21 -22.96
CA THR L 15 34.99 69.20 -22.03
C THR L 15 33.78 68.45 -21.48
N VAL L 16 33.83 67.12 -21.55
CA VAL L 16 32.80 66.29 -20.92
C VAL L 16 33.17 66.10 -19.46
N LEU L 17 32.25 66.47 -18.55
CA LEU L 17 32.49 66.36 -17.12
C LEU L 17 31.96 65.07 -16.52
N LYS L 18 30.87 64.54 -17.06
CA LYS L 18 30.29 63.30 -16.58
C LYS L 18 29.83 62.46 -17.75
N ARG L 19 30.10 61.16 -17.67
CA ARG L 19 29.58 60.20 -18.65
C ARG L 19 29.32 58.91 -17.89
N GLU L 20 28.04 58.67 -17.57
CA GLU L 20 27.62 57.50 -16.81
C GLU L 20 26.49 56.79 -17.53
N GLY L 21 26.53 55.47 -17.55
CA GLY L 21 25.50 54.67 -18.21
C GLY L 21 26.02 53.99 -19.46
N ASN L 22 25.10 53.28 -20.12
CA ASN L 22 25.47 52.37 -21.20
C ASN L 22 24.80 52.66 -22.55
N ASP L 23 23.73 53.45 -22.61
CA ASP L 23 23.15 53.73 -23.92
C ASP L 23 23.10 55.24 -24.17
N CYS L 24 24.22 55.91 -23.90
CA CYS L 24 24.35 57.33 -24.22
C CYS L 24 24.03 57.62 -25.68
N ASP L 25 24.42 56.73 -26.58
CA ASP L 25 24.28 56.95 -28.01
C ASP L 25 23.07 56.24 -28.59
N GLN L 26 22.19 55.71 -27.75
CA GLN L 26 20.94 55.14 -28.21
C GLN L 26 19.88 56.23 -28.35
N ARG L 27 19.09 56.14 -29.42
CA ARG L 27 18.04 57.12 -29.68
C ARG L 27 16.72 56.69 -29.05
N TYR L 28 15.97 57.67 -28.55
CA TYR L 28 14.60 57.47 -28.05
C TYR L 28 13.74 58.65 -28.46
N SER L 29 12.43 58.47 -28.33
CA SER L 29 11.51 59.59 -28.54
C SER L 29 11.83 60.72 -27.57
N PRO L 30 11.86 61.98 -28.04
CA PRO L 30 12.18 63.08 -27.13
C PRO L 30 11.07 63.32 -26.13
N ALA L 31 9.86 62.83 -26.39
CA ALA L 31 8.68 63.18 -25.62
C ALA L 31 8.65 64.70 -25.42
N SER L 32 8.32 65.17 -24.21
CA SER L 32 8.11 66.60 -24.01
C SER L 32 9.40 67.42 -24.07
N THR L 33 10.59 66.81 -24.02
CA THR L 33 11.81 67.58 -24.24
C THR L 33 11.85 68.22 -25.62
N PHE L 34 11.00 67.78 -26.55
CA PHE L 34 10.89 68.39 -27.88
C PHE L 34 10.29 69.81 -27.77
N KCX L 35 9.73 70.13 -26.61
CA KCX L 35 9.15 71.45 -26.40
CB KCX L 35 8.35 71.50 -25.10
CG KCX L 35 6.92 70.94 -25.23
CD KCX L 35 6.18 71.01 -23.91
CE KCX L 35 4.80 70.34 -23.95
NZ KCX L 35 4.86 68.85 -23.94
C KCX L 35 10.23 72.52 -26.42
O KCX L 35 9.95 73.70 -26.68
CX KCX L 35 4.60 68.16 -25.04
OQ1 KCX L 35 4.30 68.75 -26.09
OQ2 KCX L 35 4.66 66.91 -25.03
N ILE L 36 11.47 72.12 -26.17
CA ILE L 36 12.60 73.03 -26.30
C ILE L 36 12.71 73.42 -27.78
N ALA L 37 12.56 72.44 -28.66
CA ALA L 37 12.62 72.74 -30.10
C ALA L 37 11.41 73.55 -30.55
N LEU L 38 10.20 73.13 -30.12
CA LEU L 38 8.98 73.88 -30.46
C LEU L 38 9.04 75.33 -29.98
N SER L 39 9.69 75.58 -28.85
CA SER L 39 9.79 76.95 -28.35
C SER L 39 10.68 77.79 -29.26
N LEU L 40 11.80 77.24 -29.72
CA LEU L 40 12.66 78.00 -30.62
C LEU L 40 11.94 78.30 -31.93
N MSE L 41 11.24 77.31 -32.49
CA MSE L 41 10.43 77.55 -33.70
C MSE L 41 9.32 78.59 -33.47
O MSE L 41 9.11 79.45 -34.32
CB MSE L 41 9.73 76.27 -34.18
CG MSE L 41 10.59 75.06 -34.34
SE MSE L 41 9.43 73.59 -34.90
CE MSE L 41 10.76 72.17 -34.68
N GLY L 42 8.62 78.48 -32.35
CA GLY L 42 7.47 79.35 -32.14
C GLY L 42 7.84 80.81 -32.01
N PHE L 43 8.92 81.08 -31.28
CA PHE L 43 9.37 82.47 -31.17
C PHE L 43 10.05 82.93 -32.46
N ASP L 44 10.73 82.04 -33.17
CA ASP L 44 11.36 82.44 -34.42
C ASP L 44 10.33 82.69 -35.50
N SER L 45 9.31 81.83 -35.59
CA SER L 45 8.26 82.02 -36.58
C SER L 45 7.39 83.24 -36.30
N GLY L 46 7.44 83.78 -35.08
CA GLY L 46 6.58 84.88 -34.69
C GLY L 46 5.26 84.46 -34.10
N ILE L 47 4.95 83.16 -34.08
CA ILE L 47 3.67 82.70 -33.56
C ILE L 47 3.59 82.93 -32.05
N LEU L 48 4.66 82.59 -31.32
CA LEU L 48 4.78 82.96 -29.92
C LEU L 48 5.45 84.33 -29.80
N LYS L 49 4.91 85.19 -28.93
CA LYS L 49 5.33 86.59 -28.81
C LYS L 49 6.32 86.78 -27.67
N ASP L 50 5.93 86.45 -26.45
CA ASP L 50 6.83 86.53 -25.30
C ASP L 50 6.36 85.50 -24.28
N GLU L 51 6.79 85.66 -23.02
CA GLU L 51 6.53 84.63 -22.02
C GLU L 51 5.05 84.48 -21.72
N LEU L 52 4.25 85.52 -21.92
CA LEU L 52 2.85 85.45 -21.54
C LEU L 52 1.90 85.50 -22.73
N HIS L 53 2.41 85.52 -23.96
CA HIS L 53 1.58 85.70 -25.15
C HIS L 53 2.10 84.84 -26.29
N PRO L 54 1.20 84.21 -27.05
CA PRO L 54 -0.24 84.37 -26.87
C PRO L 54 -0.81 83.41 -25.83
N GLU L 55 -1.94 83.78 -25.25
CA GLU L 55 -2.67 82.92 -24.34
C GLU L 55 -3.79 82.24 -25.10
N TRP L 56 -3.79 80.91 -25.11
CA TRP L 56 -4.78 80.16 -25.87
C TRP L 56 -5.74 79.45 -24.94
N PRO L 57 -7.04 79.44 -25.25
CA PRO L 57 -8.02 78.86 -24.34
C PRO L 57 -8.14 77.35 -24.50
N TYR L 58 -8.50 76.70 -23.39
CA TYR L 58 -8.76 75.27 -23.40
C TYR L 58 -10.07 74.98 -24.13
N LYS L 59 -10.09 73.86 -24.86
CA LYS L 59 -11.25 73.42 -25.62
C LYS L 59 -11.60 71.99 -25.24
N LYS L 60 -12.91 71.71 -25.12
CA LYS L 60 -13.38 70.39 -24.70
C LYS L 60 -12.89 69.28 -25.63
N GLU L 61 -12.53 69.63 -26.88
CA GLU L 61 -11.91 68.66 -27.78
C GLU L 61 -10.57 68.16 -27.25
N TYR L 62 -9.86 69.00 -26.49
CA TYR L 62 -8.56 68.63 -25.96
C TYR L 62 -8.71 67.63 -24.83
N GLU L 63 -7.96 66.52 -24.90
CA GLU L 63 -7.98 65.52 -23.84
C GLU L 63 -7.33 66.07 -22.58
N LEU L 64 -7.98 65.85 -21.43
CA LEU L 64 -7.52 66.40 -20.16
C LEU L 64 -6.76 65.29 -19.43
N TYR L 65 -5.51 65.09 -19.85
CA TYR L 65 -4.68 64.04 -19.27
C TYR L 65 -4.13 64.47 -17.91
N LEU L 66 -3.80 65.75 -17.76
CA LEU L 66 -3.53 66.37 -16.48
C LEU L 66 -4.54 67.48 -16.27
N ASN L 67 -5.03 67.62 -15.05
CA ASN L 67 -6.11 68.58 -14.83
C ASN L 67 -5.64 70.03 -14.92
N VAL L 68 -4.35 70.32 -14.72
CA VAL L 68 -3.90 71.70 -14.90
C VAL L 68 -4.02 72.18 -16.34
N TRP L 69 -4.23 71.26 -17.29
CA TRP L 69 -4.37 71.66 -18.69
C TRP L 69 -5.74 72.27 -18.98
N LYS L 70 -6.67 72.27 -18.02
CA LYS L 70 -7.97 72.90 -18.24
C LYS L 70 -7.90 74.41 -18.21
N TYR L 71 -6.81 74.97 -17.71
CA TYR L 71 -6.61 76.41 -17.64
C TYR L 71 -6.12 76.97 -18.98
N PRO L 72 -6.34 78.27 -19.22
CA PRO L 72 -5.72 78.89 -20.39
C PRO L 72 -4.21 78.75 -20.29
N GLN L 73 -3.56 78.63 -21.44
CA GLN L 73 -2.12 78.39 -21.49
C GLN L 73 -1.43 79.46 -22.31
N ASN L 74 -0.23 79.84 -21.85
CA ASN L 74 0.63 80.77 -22.56
C ASN L 74 2.01 80.12 -22.60
N PRO L 75 3.02 80.72 -23.24
CA PRO L 75 4.32 80.01 -23.33
C PRO L 75 4.90 79.65 -21.98
N HIS L 76 4.73 80.51 -20.98
CA HIS L 76 5.27 80.20 -19.66
C HIS L 76 4.63 78.96 -19.06
N THR L 77 3.29 78.93 -19.01
CA THR L 77 2.58 77.80 -18.42
C THR L 77 2.70 76.56 -19.28
N TRP L 78 2.82 76.74 -20.60
CA TRP L 78 3.05 75.63 -21.53
C TRP L 78 4.21 74.76 -21.07
N ILE L 79 5.38 75.37 -20.86
CA ILE L 79 6.54 74.61 -20.38
C ILE L 79 6.32 74.09 -18.97
N ARG L 80 5.78 74.95 -18.09
CA ARG L 80 5.64 74.58 -16.69
C ARG L 80 4.71 73.38 -16.51
N ASP L 81 3.58 73.38 -17.21
CA ASP L 81 2.60 72.31 -17.08
C ASP L 81 2.85 71.17 -18.07
N SER L 82 3.85 71.32 -18.96
CA SER L 82 4.13 70.38 -20.03
C SER L 82 2.88 70.13 -20.88
N CYS L 83 2.21 71.22 -21.26
CA CYS L 83 0.86 71.14 -21.81
C CYS L 83 0.87 70.70 -23.27
N VAL L 84 0.34 69.50 -23.54
CA VAL L 84 0.49 68.90 -24.86
C VAL L 84 -0.35 69.64 -25.90
N TRP L 85 -1.56 70.07 -25.54
CA TRP L 85 -2.43 70.63 -26.56
C TRP L 85 -1.92 71.97 -27.08
N TYR L 86 -1.25 72.75 -26.21
CA TYR L 86 -0.60 73.98 -26.65
C TYR L 86 0.41 73.69 -27.75
N SER L 87 1.31 72.73 -27.52
CA SER L 87 2.24 72.28 -28.56
C SER L 87 1.51 72.00 -29.86
N GLN L 88 0.40 71.28 -29.78
CA GLN L 88 -0.30 70.85 -30.99
C GLN L 88 -1.07 71.99 -31.63
N ALA L 89 -1.54 72.96 -30.84
CA ALA L 89 -2.09 74.15 -31.46
C ALA L 89 -1.01 74.95 -32.18
N LEU L 90 0.21 74.93 -31.63
CA LEU L 90 1.33 75.64 -32.24
C LEU L 90 1.78 74.98 -33.54
N THR L 91 1.89 73.65 -33.57
CA THR L 91 2.35 73.02 -34.80
C THR L 91 1.29 73.07 -35.90
N ARG L 92 0.01 72.91 -35.54
CA ARG L 92 -1.05 73.11 -36.52
C ARG L 92 -0.97 74.49 -37.18
N GLN L 93 -0.53 75.50 -36.43
CA GLN L 93 -0.39 76.81 -37.04
C GLN L 93 0.93 76.93 -37.81
N LEU L 94 1.96 76.20 -37.40
CA LEU L 94 3.21 76.18 -38.16
C LEU L 94 3.02 75.54 -39.53
N GLY L 95 2.09 74.61 -39.64
CA GLY L 95 1.96 73.85 -40.86
C GLY L 95 3.12 72.89 -41.05
N MSE L 96 2.88 71.84 -41.83
CA MSE L 96 3.86 70.76 -41.93
C MSE L 96 5.12 71.22 -42.68
O MSE L 96 6.23 70.79 -42.36
CB MSE L 96 3.25 69.53 -42.62
CG MSE L 96 4.25 68.39 -42.96
SE MSE L 96 5.25 67.61 -41.45
CE MSE L 96 3.97 66.26 -40.84
N LYS L 97 4.95 72.11 -43.66
CA LYS L 97 6.12 72.58 -44.41
C LYS L 97 7.11 73.26 -43.48
N ARG L 98 6.66 74.29 -42.75
CA ARG L 98 7.55 74.98 -41.82
C ARG L 98 8.02 74.06 -40.69
N PHE L 99 7.13 73.18 -40.21
CA PHE L 99 7.52 72.25 -39.17
C PHE L 99 8.64 71.33 -39.63
N LYS L 100 8.45 70.66 -40.77
CA LYS L 100 9.51 69.85 -41.35
C LYS L 100 10.76 70.69 -41.61
N GLY L 101 10.59 71.90 -42.13
CA GLY L 101 11.73 72.75 -42.39
C GLY L 101 12.58 73.00 -41.16
N TYR L 102 11.93 73.22 -40.01
CA TYR L 102 12.67 73.53 -38.78
C TYR L 102 13.40 72.30 -38.23
N VAL L 103 12.75 71.14 -38.18
CA VAL L 103 13.44 69.95 -37.66
C VAL L 103 14.65 69.61 -38.52
N ASP L 104 14.60 69.93 -39.82
CA ASP L 104 15.76 69.75 -40.71
C ASP L 104 16.83 70.79 -40.46
N ALA L 105 16.44 72.07 -40.37
CA ALA L 105 17.42 73.12 -40.09
C ALA L 105 18.10 72.91 -38.74
N PHE L 106 17.38 72.29 -37.79
CA PHE L 106 17.93 72.06 -36.45
C PHE L 106 18.83 70.84 -36.40
N HIS L 107 18.73 69.92 -37.37
CA HIS L 107 19.40 68.62 -37.32
C HIS L 107 19.03 67.87 -36.05
N TYR L 108 17.72 67.86 -35.75
CA TYR L 108 17.21 67.26 -34.52
C TYR L 108 17.02 65.76 -34.75
N GLY L 109 17.91 64.95 -34.16
CA GLY L 109 17.75 63.49 -34.16
C GLY L 109 17.63 62.90 -35.55
N ASN L 110 16.79 61.87 -35.66
CA ASN L 110 16.51 61.22 -36.93
C ASN L 110 15.68 62.08 -37.88
N GLN L 111 15.21 63.25 -37.42
CA GLN L 111 14.50 64.23 -38.25
C GLN L 111 13.25 63.63 -38.91
N ASP L 112 12.65 62.60 -38.30
CA ASP L 112 11.54 61.85 -38.87
C ASP L 112 10.24 62.31 -38.23
N VAL L 113 9.44 63.08 -38.98
CA VAL L 113 8.21 63.63 -38.42
C VAL L 113 6.98 63.06 -39.12
N SER L 114 7.07 61.83 -39.63
CA SER L 114 5.93 61.24 -40.33
C SER L 114 4.84 60.79 -39.36
N GLY L 115 5.20 60.49 -38.11
CA GLY L 115 4.22 60.20 -37.08
C GLY L 115 4.02 58.71 -36.84
N ASP L 116 2.85 58.39 -36.29
CA ASP L 116 2.53 57.03 -35.91
C ASP L 116 2.41 56.15 -37.15
N LYS L 117 3.16 55.04 -37.16
CA LYS L 117 3.17 54.09 -38.26
C LYS L 117 1.74 53.71 -38.63
N GLY L 118 1.27 54.23 -39.77
CA GLY L 118 -0.13 54.08 -40.11
C GLY L 118 -0.78 55.38 -40.53
N GLN L 119 -1.38 56.10 -39.58
CA GLN L 119 -2.08 57.35 -39.90
C GLN L 119 -1.09 58.51 -40.06
N ASN L 120 -1.54 59.51 -40.81
CA ASN L 120 -0.72 60.68 -41.13
C ASN L 120 -0.97 61.76 -40.08
N ASN L 121 -0.27 61.63 -38.94
CA ASN L 121 -0.43 62.57 -37.84
C ASN L 121 0.93 63.06 -37.34
N GLY L 122 1.89 63.21 -38.25
CA GLY L 122 3.22 63.64 -37.84
C GLY L 122 3.25 65.05 -37.29
N LEU L 123 2.44 65.96 -37.84
CA LEU L 123 2.49 67.35 -37.42
C LEU L 123 2.10 67.51 -35.95
N THR L 124 1.26 66.62 -35.44
CA THR L 124 0.69 66.81 -34.11
C THR L 124 1.07 65.69 -33.14
N HIS L 125 1.82 64.68 -33.59
CA HIS L 125 2.18 63.55 -32.73
C HIS L 125 3.61 63.07 -32.87
N ALA L 126 4.44 63.66 -33.74
CA ALA L 126 5.73 63.06 -34.08
C ALA L 126 6.64 62.91 -32.87
N TRP L 127 6.50 63.76 -31.87
CA TRP L 127 7.38 63.72 -30.71
C TRP L 127 6.79 62.94 -29.54
N LEU L 128 5.54 62.46 -29.66
CA LEU L 128 4.84 61.75 -28.59
C LEU L 128 4.93 60.25 -28.83
N SER L 129 6.02 59.64 -28.37
CA SER L 129 6.24 58.19 -28.44
C SER L 129 6.00 57.68 -29.85
N SER L 130 6.76 58.22 -30.80
CA SER L 130 6.44 58.04 -32.20
C SER L 130 7.70 58.01 -33.07
N SER L 131 7.65 58.68 -34.22
CA SER L 131 8.67 58.50 -35.25
C SER L 131 9.92 59.31 -34.97
N LEU L 132 9.78 60.51 -34.42
CA LEU L 132 10.94 61.31 -34.08
C LEU L 132 11.73 60.65 -32.96
N SER L 133 13.05 60.65 -33.09
CA SER L 133 13.92 60.02 -32.11
C SER L 133 15.22 60.78 -32.01
N ILE L 134 15.84 60.72 -30.84
CA ILE L 134 17.08 61.48 -30.58
C ILE L 134 17.80 60.81 -29.43
N SER L 135 19.11 61.00 -29.38
CA SER L 135 20.03 60.35 -28.46
C SER L 135 20.49 61.33 -27.37
N PRO L 136 20.78 60.83 -26.17
CA PRO L 136 21.37 61.72 -25.14
C PRO L 136 22.56 62.51 -25.65
N THR L 137 23.47 61.86 -26.36
CA THR L 137 24.60 62.56 -26.98
C THR L 137 24.12 63.66 -27.93
N GLU L 138 23.04 63.39 -28.67
CA GLU L 138 22.50 64.39 -29.58
C GLU L 138 21.71 65.49 -28.85
N GLN L 139 21.16 65.20 -27.66
CA GLN L 139 20.54 66.25 -26.86
C GLN L 139 21.58 67.23 -26.36
N ILE L 140 22.69 66.72 -25.80
CA ILE L 140 23.79 67.60 -25.43
C ILE L 140 24.22 68.45 -26.61
N GLN L 141 24.28 67.84 -27.80
CA GLN L 141 24.61 68.58 -29.01
C GLN L 141 23.61 69.71 -29.28
N PHE L 142 22.32 69.40 -29.20
CA PHE L 142 21.30 70.38 -29.55
C PHE L 142 21.27 71.54 -28.56
N LEU L 143 21.45 71.26 -27.27
CA LEU L 143 21.46 72.33 -26.28
C LEU L 143 22.68 73.22 -26.44
N GLN L 144 23.83 72.65 -26.78
CA GLN L 144 25.02 73.48 -26.95
C GLN L 144 24.86 74.44 -28.12
N LYS L 145 24.08 74.06 -29.14
CA LYS L 145 23.74 75.01 -30.20
C LYS L 145 22.80 76.09 -29.73
N ILE L 146 22.11 75.90 -28.60
CA ILE L 146 21.34 76.98 -28.00
C ILE L 146 22.26 77.90 -27.21
N ILE L 147 23.12 77.33 -26.38
CA ILE L 147 24.02 78.12 -25.53
C ILE L 147 24.94 78.99 -26.38
N TYR L 148 25.45 78.45 -27.48
CA TYR L 148 26.40 79.16 -28.33
C TYR L 148 25.76 79.68 -29.61
N LYS L 149 24.43 79.72 -29.66
CA LYS L 149 23.67 80.42 -30.70
C LYS L 149 24.06 79.97 -32.09
N LYS L 150 24.26 78.67 -32.25
CA LYS L 150 24.60 78.06 -33.52
C LYS L 150 23.38 77.62 -34.31
N LEU L 151 22.22 78.18 -34.02
CA LEU L 151 21.00 77.75 -34.70
C LEU L 151 20.47 78.88 -35.57
N PRO L 152 19.83 78.55 -36.71
CA PRO L 152 19.32 79.62 -37.59
C PRO L 152 18.00 80.20 -37.08
N VAL L 153 18.08 80.90 -35.94
CA VAL L 153 16.92 81.51 -35.32
C VAL L 153 17.32 82.89 -34.78
N SER L 154 16.30 83.72 -34.58
CA SER L 154 16.49 85.10 -34.15
C SER L 154 17.05 85.15 -32.72
N GLN L 155 17.60 86.32 -32.38
CA GLN L 155 18.08 86.53 -31.01
C GLN L 155 16.95 86.39 -30.00
N LYS L 156 15.76 86.85 -30.37
CA LYS L 156 14.62 86.77 -29.47
C LYS L 156 14.24 85.33 -29.18
N ALA L 157 14.49 84.43 -30.13
CA ALA L 157 14.15 83.02 -29.92
C ALA L 157 15.03 82.40 -28.85
N TYR L 158 16.32 82.76 -28.80
CA TYR L 158 17.17 82.27 -27.74
C TYR L 158 16.70 82.77 -26.38
N THR L 159 16.40 84.06 -26.29
CA THR L 159 16.11 84.67 -25.00
C THR L 159 14.81 84.15 -24.40
N MSE L 160 13.73 84.10 -25.18
CA MSE L 160 12.43 83.68 -24.65
C MSE L 160 12.37 82.19 -24.30
O MSE L 160 11.72 81.80 -23.32
CB MSE L 160 11.32 83.99 -25.66
CG MSE L 160 11.09 85.47 -25.88
SE MSE L 160 10.45 86.39 -24.30
CE MSE L 160 12.11 87.25 -23.72
N THR L 161 13.03 81.35 -25.11
CA THR L 161 13.12 79.93 -24.80
C THR L 161 13.87 79.72 -23.49
N LYS L 162 15.01 80.40 -23.33
CA LYS L 162 15.73 80.30 -22.06
C LYS L 162 14.87 80.77 -20.88
N ASN L 163 14.17 81.89 -21.04
CA ASN L 163 13.38 82.43 -19.92
C ASN L 163 12.30 81.45 -19.47
N ILE L 164 11.63 80.78 -20.42
CA ILE L 164 10.53 79.90 -20.05
C ILE L 164 11.00 78.52 -19.64
N MSE L 165 12.30 78.24 -19.69
CA MSE L 165 12.83 76.94 -19.28
C MSE L 165 13.43 77.00 -17.88
O MSE L 165 13.86 75.99 -17.34
CB MSE L 165 13.90 76.44 -20.26
CG MSE L 165 13.38 75.97 -21.57
SE MSE L 165 14.87 75.54 -22.74
CE MSE L 165 15.72 74.23 -21.59
N TYR L 166 13.45 78.21 -17.32
CA TYR L 166 13.99 78.40 -15.99
C TYR L 166 13.18 77.59 -14.97
N ILE L 167 13.88 76.99 -14.01
CA ILE L 167 13.24 76.14 -13.01
C ILE L 167 13.48 76.66 -11.61
N GLN L 168 14.73 76.68 -11.17
CA GLN L 168 15.03 77.08 -9.80
C GLN L 168 16.49 77.45 -9.68
N GLU L 169 16.86 77.95 -8.50
CA GLU L 169 18.23 78.24 -8.16
C GLU L 169 18.78 77.10 -7.30
N LEU L 170 19.99 76.64 -7.62
CA LEU L 170 20.64 75.52 -6.94
C LEU L 170 21.65 76.03 -5.92
N PRO L 171 22.16 75.16 -5.06
CA PRO L 171 23.19 75.60 -4.10
C PRO L 171 24.38 76.24 -4.79
N GLY L 172 24.87 77.33 -4.21
CA GLY L 172 25.98 78.08 -4.77
C GLY L 172 25.61 79.14 -5.78
N GLY L 173 24.32 79.33 -6.05
CA GLY L 173 23.91 80.30 -7.05
C GLY L 173 23.75 79.76 -8.45
N TRP L 174 24.01 78.47 -8.67
CA TRP L 174 23.82 77.89 -9.99
C TRP L 174 22.35 77.85 -10.33
N LYS L 175 22.00 78.37 -11.50
CA LYS L 175 20.62 78.42 -11.93
C LYS L 175 20.33 77.27 -12.88
N LEU L 176 19.17 76.66 -12.72
CA LEU L 176 18.82 75.43 -13.41
C LEU L 176 17.79 75.73 -14.49
N TYR L 177 18.13 75.40 -15.72
CA TYR L 177 17.18 75.42 -16.83
C TYR L 177 17.06 73.98 -17.33
N GLY L 178 15.88 73.61 -17.80
CA GLY L 178 15.72 72.28 -18.32
C GLY L 178 14.27 71.94 -18.56
N LYS L 179 14.04 70.67 -18.86
CA LYS L 179 12.74 70.21 -19.30
C LYS L 179 12.67 68.69 -19.17
N THR L 180 11.56 68.18 -18.64
CA THR L 180 11.32 66.76 -18.52
C THR L 180 10.52 66.22 -19.70
N GLY L 181 10.51 64.90 -19.82
CA GLY L 181 9.77 64.19 -20.85
C GLY L 181 9.58 62.73 -20.53
N THR L 182 8.35 62.22 -20.59
CA THR L 182 8.05 60.81 -20.45
C THR L 182 7.35 60.30 -21.70
N GLY L 183 7.77 59.12 -22.16
CA GLY L 183 7.09 58.43 -23.22
C GLY L 183 6.97 56.95 -22.94
N ARG L 184 6.55 56.18 -23.94
CA ARG L 184 6.47 54.73 -23.83
C ARG L 184 7.21 54.10 -24.99
N GLN L 185 8.01 53.08 -24.69
CA GLN L 185 8.74 52.39 -25.75
C GLN L 185 7.79 51.64 -26.67
N LEU L 186 8.24 51.42 -27.89
CA LEU L 186 7.42 50.81 -28.92
C LEU L 186 7.90 49.40 -29.19
N THR L 187 6.96 48.54 -29.60
CA THR L 187 7.29 47.20 -30.06
C THR L 187 8.29 47.27 -31.22
N LYS L 188 8.83 46.11 -31.60
CA LYS L 188 9.67 46.05 -32.79
C LYS L 188 8.91 46.54 -34.02
N ASP L 189 7.63 46.18 -34.11
CA ASP L 189 6.78 46.66 -35.19
C ASP L 189 6.69 48.17 -35.25
N LYS L 190 6.98 48.87 -34.13
CA LYS L 190 6.75 50.31 -34.00
C LYS L 190 5.31 50.67 -34.36
N SER L 191 4.39 49.75 -34.05
CA SER L 191 2.98 49.86 -34.38
C SER L 191 2.06 49.90 -33.16
N GLN L 192 2.56 49.55 -31.98
CA GLN L 192 1.78 49.65 -30.76
C GLN L 192 2.67 50.13 -29.63
N LYS L 193 2.09 50.93 -28.74
CA LYS L 193 2.82 51.42 -27.59
C LYS L 193 2.79 50.40 -26.46
N LEU L 194 3.96 50.16 -25.85
CA LEU L 194 4.16 49.24 -24.73
C LEU L 194 3.84 49.92 -23.39
N PRO L 195 3.64 49.14 -22.33
CA PRO L 195 3.51 49.75 -21.00
C PRO L 195 4.82 50.31 -20.46
N LEU L 196 5.97 49.83 -20.96
CA LEU L 196 7.25 50.19 -20.37
C LEU L 196 7.62 51.64 -20.71
N GLN L 197 7.98 52.40 -19.67
CA GLN L 197 8.26 53.82 -19.81
C GLN L 197 9.74 54.08 -20.08
N HIS L 198 10.00 55.27 -20.63
CA HIS L 198 11.32 55.88 -20.65
C HIS L 198 11.13 57.37 -20.42
N GLY L 199 12.11 58.00 -19.77
CA GLY L 199 11.97 59.38 -19.35
C GLY L 199 13.26 60.15 -19.48
N TRP L 200 13.10 61.47 -19.61
CA TRP L 200 14.19 62.41 -19.83
C TRP L 200 14.21 63.52 -18.79
N PHE L 201 15.40 64.05 -18.52
CA PHE L 201 15.57 65.40 -17.98
C PHE L 201 16.81 65.99 -18.65
N VAL L 202 16.63 67.05 -19.45
CA VAL L 202 17.72 67.70 -20.16
C VAL L 202 17.65 69.19 -19.92
N GLY L 203 18.82 69.84 -19.95
CA GLY L 203 18.89 71.26 -19.67
C GLY L 203 20.32 71.69 -19.44
N TRP L 204 20.48 72.78 -18.68
CA TRP L 204 21.81 73.24 -18.32
C TRP L 204 21.76 73.98 -16.99
N ILE L 205 22.93 74.09 -16.36
CA ILE L 205 23.08 74.91 -15.16
C ILE L 205 24.06 76.01 -15.50
N GLU L 206 24.07 77.05 -14.66
CA GLU L 206 24.56 78.35 -15.11
C GLU L 206 24.94 79.17 -13.89
N LYS L 207 26.17 79.69 -13.89
CA LYS L 207 26.60 80.63 -12.87
C LYS L 207 27.68 81.52 -13.46
N ASP L 208 27.50 82.83 -13.32
CA ASP L 208 28.35 83.84 -13.98
C ASP L 208 28.49 83.48 -15.44
N GLU L 209 29.70 83.13 -15.89
CA GLU L 209 29.90 82.88 -17.31
C GLU L 209 30.15 81.41 -17.63
N ARG L 210 29.81 80.51 -16.71
CA ARG L 210 29.97 79.07 -16.90
C ARG L 210 28.62 78.43 -17.16
N VAL L 211 28.52 77.67 -18.25
CA VAL L 211 27.31 76.93 -18.59
C VAL L 211 27.68 75.46 -18.73
N ILE L 212 26.87 74.59 -18.12
CA ILE L 212 27.08 73.15 -18.19
C ILE L 212 25.78 72.53 -18.66
N THR L 213 25.78 72.00 -19.89
CA THR L 213 24.62 71.27 -20.38
C THR L 213 24.64 69.85 -19.83
N PHE L 214 23.45 69.34 -19.52
CA PHE L 214 23.32 67.98 -19.02
C PHE L 214 22.20 67.25 -19.75
N ALA L 215 22.24 65.93 -19.68
CA ALA L 215 21.17 65.12 -20.25
C ALA L 215 21.10 63.84 -19.45
N LYS L 216 19.94 63.54 -18.91
CA LYS L 216 19.67 62.31 -18.20
C LYS L 216 18.56 61.59 -18.94
N HIS L 217 18.78 60.31 -19.23
CA HIS L 217 17.74 59.45 -19.77
C HIS L 217 17.72 58.14 -18.99
N ILE L 218 16.53 57.60 -18.78
CA ILE L 218 16.38 56.29 -18.16
C ILE L 218 15.36 55.50 -18.95
N ALA L 219 15.57 54.19 -19.04
CA ALA L 219 14.67 53.28 -19.73
C ALA L 219 14.28 52.16 -18.77
N ASP L 220 12.98 51.94 -18.60
CA ASP L 220 12.47 50.93 -17.70
C ASP L 220 12.44 49.56 -18.37
N SER L 221 12.99 48.56 -17.68
CA SER L 221 12.84 47.17 -18.08
C SER L 221 11.47 46.61 -17.70
N LYS L 222 11.01 46.89 -16.48
CA LYS L 222 9.69 46.46 -16.02
C LYS L 222 8.85 47.67 -15.65
N GLU L 223 7.54 47.45 -15.57
CA GLU L 223 6.60 48.54 -15.33
C GLU L 223 6.88 49.22 -13.99
N ASN L 224 6.45 50.48 -13.91
CA ASN L 224 6.72 51.31 -12.75
C ASN L 224 5.52 52.24 -12.55
N THR L 225 5.19 52.52 -11.29
CA THR L 225 4.04 53.34 -10.92
C THR L 225 4.31 54.85 -10.99
N THR L 226 5.56 55.27 -11.19
CA THR L 226 5.91 56.67 -11.20
C THR L 226 6.40 57.06 -12.59
N PHE L 227 6.08 58.28 -13.01
CA PHE L 227 6.56 58.78 -14.30
C PHE L 227 8.08 58.68 -14.35
N ALA L 228 8.59 58.14 -15.45
CA ALA L 228 10.03 58.03 -15.63
C ALA L 228 10.72 59.41 -15.67
N SER L 229 10.00 60.47 -16.05
CA SER L 229 10.62 61.80 -16.07
C SER L 229 10.90 62.31 -14.65
N PHE L 230 9.99 62.06 -13.71
CA PHE L 230 10.25 62.47 -12.33
C PHE L 230 11.46 61.74 -11.78
N ARG L 231 11.51 60.42 -11.99
CA ARG L 231 12.67 59.66 -11.56
C ARG L 231 13.95 60.14 -12.25
N ALA L 232 13.88 60.40 -13.55
CA ALA L 232 15.03 60.97 -14.25
C ALA L 232 15.41 62.34 -13.66
N LYS L 233 14.43 63.22 -13.46
CA LYS L 233 14.76 64.53 -12.90
C LYS L 233 15.29 64.40 -11.47
N ASN L 234 14.63 63.57 -10.65
CA ASN L 234 15.02 63.43 -9.25
C ASN L 234 16.45 62.91 -9.11
N ASP L 235 16.83 61.94 -9.95
CA ASP L 235 18.23 61.51 -9.93
C ASP L 235 19.16 62.63 -10.37
N THR L 236 18.75 63.40 -11.38
CA THR L 236 19.64 64.40 -11.95
C THR L 236 19.99 65.48 -10.93
N LEU L 237 19.01 65.95 -10.18
CA LEU L 237 19.25 66.99 -9.19
C LEU L 237 20.29 66.54 -8.16
N ILE L 238 20.33 65.25 -7.84
CA ILE L 238 21.31 64.74 -6.89
C ILE L 238 22.70 64.70 -7.51
N GLN L 239 22.80 64.38 -8.81
CA GLN L 239 24.09 64.43 -9.48
C GLN L 239 24.58 65.86 -9.61
N LEU L 240 23.69 66.78 -9.98
CA LEU L 240 24.05 68.18 -10.08
C LEU L 240 24.54 68.72 -8.74
N PHE L 241 23.84 68.38 -7.65
CA PHE L 241 24.29 68.81 -6.33
C PHE L 241 25.71 68.34 -6.05
N ASN L 242 26.02 67.09 -6.41
CA ASN L 242 27.36 66.57 -6.19
C ASN L 242 28.37 67.21 -7.15
N LEU L 243 27.98 67.39 -8.42
CA LEU L 243 28.87 68.07 -9.36
C LEU L 243 29.15 69.51 -8.91
N ILE L 244 28.11 70.22 -8.46
CA ILE L 244 28.32 71.58 -7.95
C ILE L 244 29.34 71.56 -6.83
N ASN L 245 29.24 70.57 -5.93
CA ASN L 245 30.22 70.46 -4.86
C ASN L 245 31.62 70.27 -5.42
N GLU L 246 31.78 69.39 -6.40
CA GLU L 246 33.09 69.18 -7.03
C GLU L 246 33.58 70.47 -7.68
N LEU L 247 32.72 71.14 -8.45
CA LEU L 247 33.14 72.33 -9.19
C LEU L 247 33.55 73.47 -8.28
N GLU L 248 32.96 73.54 -7.08
CA GLU L 248 33.22 74.62 -6.15
C GLU L 248 34.37 74.33 -5.21
N LYS L 249 35.15 73.29 -5.46
CA LYS L 249 36.29 72.96 -4.59
C LYS L 249 37.51 73.80 -4.95
C1 GOL M . 8.54 -58.12 26.29
O1 GOL M . 8.46 -57.49 27.54
C2 GOL M . 8.05 -59.59 26.48
O2 GOL M . 8.47 -60.41 25.44
C3 GOL M . 8.61 -60.06 27.84
O3 GOL M . 8.46 -61.45 27.90
C1 GOL N . 14.99 -55.92 34.25
O1 GOL N . 14.54 -54.93 33.37
C2 GOL N . 14.77 -55.32 35.66
O2 GOL N . 15.16 -53.99 35.72
C3 GOL N . 15.57 -56.21 36.63
O3 GOL N . 14.80 -56.27 37.79
C1 GOL O . 16.73 -33.40 -0.79
O1 GOL O . 15.90 -33.29 -1.91
C2 GOL O . 16.18 -34.58 0.06
O2 GOL O . 16.83 -34.71 1.30
C3 GOL O . 14.66 -34.31 0.22
O3 GOL O . 14.22 -35.11 1.29
C1 GOL P . 8.41 -38.01 -10.22
O1 GOL P . 7.05 -37.96 -9.86
C2 GOL P . 9.21 -38.51 -8.98
O2 GOL P . 10.51 -37.98 -8.95
C3 GOL P . 8.33 -38.12 -7.74
O3 GOL P . 9.12 -38.32 -6.58
C1 GOL Q . -32.95 -33.57 -4.19
O1 GOL Q . -33.06 -32.24 -4.60
C2 GOL Q . -31.55 -33.79 -3.51
O2 GOL Q . -30.91 -34.91 -4.00
C3 GOL Q . -30.71 -32.48 -3.72
O3 GOL Q . -29.43 -32.75 -3.19
C1 GOL R . -24.97 -30.00 3.92
O1 GOL R . -23.81 -30.72 3.62
C2 GOL R . -24.75 -28.51 3.52
O2 GOL R . -25.86 -27.72 3.79
C3 GOL R . -23.51 -28.04 4.31
O3 GOL R . -23.75 -26.70 4.67
C1 GOL S . -2.22 15.45 -30.39
O1 GOL S . -2.55 14.24 -29.75
C2 GOL S . -3.30 16.50 -30.01
O2 GOL S . -3.62 17.32 -31.08
C3 GOL S . -2.68 17.31 -28.82
O3 GOL S . -3.37 18.52 -28.69
C1 GOL T . 4.84 18.86 -24.28
O1 GOL T . 3.94 19.92 -24.39
C2 GOL T . 4.83 18.44 -22.81
O2 GOL T . 4.98 19.53 -21.97
C3 GOL T . 5.99 17.46 -22.67
O3 GOL T . 6.14 17.30 -21.30
C1 GOL U . -6.15 39.39 8.31
O1 GOL U . -5.33 39.10 7.19
C2 GOL U . -5.20 39.82 9.47
O2 GOL U . -4.47 40.96 9.18
C3 GOL U . -6.11 40.05 10.70
O3 GOL U . -5.48 41.06 11.44
C1 GOL V . -12.90 37.15 1.67
O1 GOL V . -12.19 38.33 1.99
C2 GOL V . -14.12 37.05 2.65
O2 GOL V . -14.76 35.80 2.61
C3 GOL V . -13.54 37.41 4.06
O3 GOL V . -14.57 37.26 4.99
C1 GOL W . 9.46 67.42 -10.31
O1 GOL W . 9.49 66.02 -10.17
C2 GOL W . 8.06 67.84 -10.85
O2 GOL W . 7.06 67.79 -9.87
C3 GOL W . 8.22 69.28 -11.44
O3 GOL W . 8.67 70.12 -10.41
C1 GOL X . 18.43 71.14 -3.83
O1 GOL X . 19.11 71.37 -2.64
C2 GOL X . 18.88 69.74 -4.34
O2 GOL X . 19.43 69.81 -5.61
C3 GOL X . 17.60 68.86 -4.33
O3 GOL X . 18.02 67.54 -4.61
#